data_2L1U
#
_entry.id   2L1U
#
loop_
_entity.id
_entity.type
_entity.pdbx_description
1 polymer 'Methionine-R-sulfoxide reductase B2, mitochondrial'
2 non-polymer 'ZINC ION'
#
_entity_poly.entity_id   1
_entity_poly.type   'polypeptide(L)'
_entity_poly.pdbx_seq_one_letter_code
;MADWQKKLTPEQFYVTREKGTEAPFSGMYLNNKETGMYHCVCCDSPLFSSEKKYCSGTGWPSFSEAYGSKGSDESHTGIL
RRLDTSLGCPRMEVVCKQCEAHLGHVFPDGPKPTGQRFCINSVALKFKPSKPAAALEHHHHHH
;
_entity_poly.pdbx_strand_id   A
#
loop_
_chem_comp.id
_chem_comp.type
_chem_comp.name
_chem_comp.formula
ZN non-polymer 'ZINC ION' 'Zn 2'
#
# COMPACT_ATOMS: atom_id res chain seq x y z
N MET A 1 26.07 0.63 -3.17
CA MET A 1 27.53 0.55 -2.96
C MET A 1 28.16 -0.35 -4.00
N ALA A 2 29.42 -0.06 -4.38
CA ALA A 2 30.21 -0.75 -5.40
C ALA A 2 29.58 -0.78 -6.80
N ASP A 3 28.67 0.17 -7.08
CA ASP A 3 27.71 0.12 -8.18
C ASP A 3 27.59 1.44 -8.98
N TRP A 4 26.79 1.38 -10.05
CA TRP A 4 26.06 2.52 -10.63
C TRP A 4 24.53 2.32 -10.68
N GLN A 5 24.10 1.06 -10.74
CA GLN A 5 22.73 0.58 -10.93
C GLN A 5 21.78 1.11 -9.86
N LYS A 6 22.05 0.68 -8.64
CA LYS A 6 21.30 1.01 -7.43
C LYS A 6 21.35 2.50 -7.07
N LYS A 7 22.39 3.18 -7.51
CA LYS A 7 22.55 4.64 -7.43
C LYS A 7 21.67 5.39 -8.43
N LEU A 8 21.47 4.82 -9.62
CA LEU A 8 20.59 5.36 -10.67
C LEU A 8 19.12 4.90 -10.53
N THR A 9 18.86 3.73 -9.93
CA THR A 9 17.51 3.20 -9.65
C THR A 9 17.45 2.56 -8.25
N PRO A 10 17.53 3.35 -7.17
CA PRO A 10 17.39 2.87 -5.80
C PRO A 10 16.00 2.29 -5.51
N GLU A 11 15.92 1.43 -4.48
CA GLU A 11 14.69 0.74 -4.09
C GLU A 11 14.31 1.08 -2.65
N GLN A 12 14.97 0.46 -1.67
CA GLN A 12 14.73 0.74 -0.25
C GLN A 12 15.01 2.21 0.13
N PHE A 13 15.93 2.84 -0.61
CA PHE A 13 16.28 4.26 -0.49
C PHE A 13 15.37 5.20 -1.33
N TYR A 14 14.62 4.65 -2.30
CA TYR A 14 13.69 5.47 -3.09
C TYR A 14 12.29 5.53 -2.46
N VAL A 15 11.71 4.37 -2.13
CA VAL A 15 10.34 4.30 -1.56
C VAL A 15 10.24 5.11 -0.26
N THR A 16 11.31 5.15 0.53
CA THR A 16 11.47 5.96 1.75
C THR A 16 11.51 7.48 1.54
N ARG A 17 11.77 7.93 0.30
CA ARG A 17 11.54 9.31 -0.15
C ARG A 17 10.12 9.52 -0.70
N GLU A 18 9.57 8.53 -1.40
CA GLU A 18 8.18 8.56 -1.90
C GLU A 18 7.15 8.46 -0.77
N LYS A 19 7.56 8.08 0.46
CA LYS A 19 6.80 8.20 1.73
C LYS A 19 6.55 9.66 2.16
N GLY A 20 5.97 10.44 1.26
CA GLY A 20 5.45 11.78 1.54
C GLY A 20 5.02 12.61 0.33
N THR A 21 5.24 12.11 -0.89
CA THR A 21 5.10 12.88 -2.11
C THR A 21 4.45 12.10 -3.25
N GLU A 22 3.95 12.88 -4.19
CA GLU A 22 3.69 12.53 -5.59
C GLU A 22 4.81 13.11 -6.48
N ALA A 23 4.94 12.62 -7.72
CA ALA A 23 5.85 13.23 -8.72
C ALA A 23 5.27 13.25 -10.16
N PRO A 24 5.56 14.32 -10.93
CA PRO A 24 5.30 14.39 -12.37
C PRO A 24 6.30 13.54 -13.17
N PHE A 25 6.17 13.49 -14.50
CA PHE A 25 6.91 12.54 -15.37
C PHE A 25 6.72 11.06 -14.98
N SER A 26 5.58 10.83 -14.34
CA SER A 26 5.01 9.61 -13.75
C SER A 26 5.04 8.40 -14.68
N GLY A 27 5.10 8.58 -16.01
CA GLY A 27 5.46 7.57 -17.00
C GLY A 27 4.53 6.37 -17.00
N MET A 28 4.98 5.27 -16.39
CA MET A 28 4.15 4.09 -16.11
C MET A 28 2.92 4.40 -15.22
N TYR A 29 2.92 5.54 -14.51
CA TYR A 29 1.76 6.04 -13.76
C TYR A 29 0.84 6.97 -14.59
N LEU A 30 1.15 7.30 -15.85
CA LEU A 30 0.30 8.19 -16.67
C LEU A 30 -0.87 7.50 -17.41
N ASN A 31 -0.88 6.17 -17.49
CA ASN A 31 -1.93 5.37 -18.15
C ASN A 31 -3.07 4.94 -17.19
N ASN A 32 -3.88 3.95 -17.58
CA ASN A 32 -4.86 3.34 -16.67
C ASN A 32 -4.17 2.53 -15.55
N LYS A 33 -4.88 2.25 -14.45
CA LYS A 33 -4.50 1.30 -13.40
C LYS A 33 -5.68 0.42 -13.01
N GLU A 34 -5.58 -0.86 -13.34
CA GLU A 34 -6.56 -1.91 -13.05
C GLU A 34 -6.93 -2.12 -11.57
N THR A 35 -7.86 -3.04 -11.39
CA THR A 35 -8.23 -3.63 -10.09
C THR A 35 -7.28 -4.80 -9.82
N GLY A 36 -7.24 -5.26 -8.57
CA GLY A 36 -6.38 -6.37 -8.16
C GLY A 36 -6.14 -6.38 -6.65
N MET A 37 -4.99 -6.88 -6.20
CA MET A 37 -4.57 -6.89 -4.79
C MET A 37 -3.03 -6.82 -4.63
N TYR A 38 -2.62 -6.61 -3.38
CA TYR A 38 -1.24 -6.45 -2.91
C TYR A 38 -0.95 -7.43 -1.77
N HIS A 39 0.29 -7.91 -1.75
CA HIS A 39 0.82 -8.92 -0.83
C HIS A 39 2.30 -8.66 -0.52
N CYS A 40 2.83 -9.23 0.56
CA CYS A 40 4.24 -9.22 0.86
C CYS A 40 5.07 -9.99 -0.19
N VAL A 41 6.32 -9.58 -0.30
CA VAL A 41 7.44 -10.45 -0.75
C VAL A 41 8.46 -10.70 0.38
N CYS A 42 7.97 -10.65 1.62
CA CYS A 42 8.73 -10.86 2.84
C CYS A 42 8.26 -12.10 3.62
N CYS A 43 6.94 -12.32 3.73
CA CYS A 43 6.33 -13.48 4.36
C CYS A 43 5.66 -14.44 3.34
N ASP A 44 4.33 -14.36 3.28
CA ASP A 44 3.41 -15.33 2.68
C ASP A 44 2.12 -14.68 2.13
N SER A 45 1.57 -13.71 2.84
CA SER A 45 0.14 -13.38 2.81
C SER A 45 -0.26 -12.20 1.90
N PRO A 46 -1.37 -12.32 1.13
CA PRO A 46 -2.07 -11.18 0.54
C PRO A 46 -2.95 -10.48 1.58
N LEU A 47 -2.95 -9.15 1.53
CA LEU A 47 -3.49 -8.32 2.62
C LEU A 47 -4.35 -7.12 2.19
N PHE A 48 -4.12 -6.52 1.02
CA PHE A 48 -4.81 -5.29 0.62
C PHE A 48 -5.37 -5.39 -0.80
N SER A 49 -6.67 -5.12 -1.01
CA SER A 49 -7.25 -5.09 -2.35
C SER A 49 -7.09 -3.70 -2.97
N SER A 50 -6.63 -3.68 -4.22
CA SER A 50 -6.57 -2.48 -5.08
C SER A 50 -7.94 -1.89 -5.37
N GLU A 51 -8.99 -2.63 -5.04
CA GLU A 51 -10.36 -2.18 -5.15
C GLU A 51 -10.63 -0.91 -4.33
N LYS A 52 -9.98 -0.83 -3.16
CA LYS A 52 -10.04 0.33 -2.27
C LYS A 52 -9.02 1.41 -2.64
N LYS A 53 -8.31 1.27 -3.76
CA LYS A 53 -7.31 2.28 -4.16
C LYS A 53 -8.00 3.64 -4.38
N TYR A 54 -7.44 4.69 -3.79
CA TYR A 54 -7.89 6.09 -3.96
C TYR A 54 -7.68 6.61 -5.42
N CYS A 55 -8.46 6.06 -6.36
CA CYS A 55 -8.61 6.56 -7.72
C CYS A 55 -9.46 7.84 -7.74
N SER A 56 -9.56 8.50 -8.90
CA SER A 56 -10.34 9.73 -9.17
C SER A 56 -10.14 10.94 -8.22
N GLY A 57 -9.12 10.87 -7.35
CA GLY A 57 -8.51 11.99 -6.63
C GLY A 57 -7.06 12.18 -7.07
N THR A 58 -6.18 11.24 -6.71
CA THR A 58 -4.75 11.27 -7.07
C THR A 58 -4.26 9.96 -7.70
N GLY A 59 -4.98 8.84 -7.52
CA GLY A 59 -4.52 7.50 -7.95
C GLY A 59 -3.35 6.94 -7.12
N TRP A 60 -2.86 7.71 -6.15
CA TRP A 60 -1.66 7.50 -5.32
C TRP A 60 -1.80 6.25 -4.40
N PRO A 61 -0.73 5.66 -3.82
CA PRO A 61 -0.86 4.45 -2.98
C PRO A 61 -1.42 4.66 -1.56
N SER A 62 -2.74 4.74 -1.58
CA SER A 62 -3.66 4.80 -0.45
C SER A 62 -4.84 3.85 -0.66
N PHE A 63 -5.47 3.38 0.43
CA PHE A 63 -6.50 2.33 0.45
C PHE A 63 -7.63 2.70 1.41
N SER A 64 -8.79 3.07 0.87
CA SER A 64 -9.94 3.60 1.62
C SER A 64 -10.56 2.63 2.63
N GLU A 65 -10.24 1.33 2.53
CA GLU A 65 -9.96 0.47 3.68
C GLU A 65 -8.84 -0.52 3.32
N ALA A 66 -8.18 -1.10 4.34
CA ALA A 66 -7.31 -2.27 4.19
C ALA A 66 -8.16 -3.52 3.95
N TYR A 67 -8.72 -3.62 2.74
CA TYR A 67 -9.94 -4.39 2.48
C TYR A 67 -9.69 -5.82 2.00
N GLY A 68 -10.33 -6.77 2.68
CA GLY A 68 -10.37 -8.20 2.35
C GLY A 68 -10.91 -9.09 3.48
N SER A 69 -10.79 -8.64 4.74
CA SER A 69 -11.00 -9.44 5.95
C SER A 69 -11.68 -8.64 7.08
N LYS A 70 -12.40 -9.35 7.98
CA LYS A 70 -13.26 -8.77 9.01
C LYS A 70 -13.28 -9.59 10.30
N GLY A 71 -13.13 -8.93 11.43
CA GLY A 71 -13.59 -9.33 12.77
C GLY A 71 -12.92 -10.58 13.30
N SER A 72 -13.43 -11.72 12.85
CA SER A 72 -12.83 -13.04 13.03
C SER A 72 -11.39 -13.07 12.52
N ASP A 73 -11.11 -12.27 11.49
CA ASP A 73 -9.86 -12.35 10.74
C ASP A 73 -8.71 -11.51 11.35
N GLU A 74 -8.99 -10.79 12.42
CA GLU A 74 -8.05 -9.86 13.07
C GLU A 74 -6.97 -10.58 13.88
N SER A 75 -7.16 -11.87 14.14
CA SER A 75 -6.12 -12.80 14.59
C SER A 75 -5.51 -13.58 13.41
N HIS A 76 -6.31 -13.92 12.40
CA HIS A 76 -5.86 -14.78 11.29
C HIS A 76 -4.84 -14.11 10.39
N THR A 77 -5.04 -12.82 10.15
CA THR A 77 -4.27 -11.94 9.25
C THR A 77 -2.78 -11.91 9.57
N GLY A 78 -2.45 -12.01 10.85
CA GLY A 78 -1.08 -11.85 11.33
C GLY A 78 -0.63 -10.38 11.28
N ILE A 79 -1.57 -9.43 11.15
CA ILE A 79 -1.28 -8.00 11.25
C ILE A 79 -1.55 -7.47 12.66
N LEU A 80 -0.76 -6.47 13.04
CA LEU A 80 -0.74 -5.75 14.31
C LEU A 80 -0.88 -4.24 14.06
N ARG A 81 -0.99 -3.47 15.15
CA ARG A 81 -1.38 -2.06 15.14
C ARG A 81 -0.90 -1.33 16.39
N ARG A 82 -0.79 -0.01 16.25
CA ARG A 82 -0.25 0.93 17.25
C ARG A 82 -0.73 2.34 16.94
N LEU A 83 -1.42 2.93 17.90
CA LEU A 83 -1.91 4.30 17.89
C LEU A 83 -0.96 5.26 18.65
N ASP A 84 -1.02 6.54 18.27
CA ASP A 84 -0.21 7.60 18.86
C ASP A 84 -0.98 8.94 18.82
N THR A 85 -1.40 9.45 19.98
CA THR A 85 -2.08 10.77 20.12
C THR A 85 -1.29 11.74 21.02
N SER A 86 0.00 11.44 21.17
CA SER A 86 0.82 11.83 22.32
C SER A 86 1.56 13.15 22.14
N LEU A 87 1.61 13.58 20.89
CA LEU A 87 2.00 14.92 20.46
C LEU A 87 0.83 15.92 20.49
N GLY A 88 -0.28 15.52 21.10
CA GLY A 88 -1.52 16.28 21.23
C GLY A 88 -2.52 16.06 20.11
N CYS A 89 -2.14 15.29 19.09
CA CYS A 89 -2.96 15.04 17.89
C CYS A 89 -2.91 13.55 17.47
N PRO A 90 -4.05 12.88 17.23
CA PRO A 90 -4.11 11.42 17.03
C PRO A 90 -3.67 10.97 15.63
N ARG A 91 -2.85 9.91 15.60
CA ARG A 91 -2.37 9.12 14.46
C ARG A 91 -2.61 7.63 14.73
N MET A 92 -2.70 6.84 13.66
CA MET A 92 -2.90 5.40 13.67
C MET A 92 -1.89 4.76 12.73
N GLU A 93 -1.23 3.70 13.17
CA GLU A 93 -0.26 2.97 12.32
C GLU A 93 -0.37 1.45 12.50
N VAL A 94 -0.07 0.69 11.45
CA VAL A 94 -0.27 -0.76 11.35
C VAL A 94 0.94 -1.48 10.79
N VAL A 95 1.12 -2.73 11.20
CA VAL A 95 2.25 -3.59 10.78
C VAL A 95 1.74 -4.98 10.40
N CYS A 96 2.46 -5.69 9.56
CA CYS A 96 2.37 -7.11 9.45
C CYS A 96 3.45 -7.67 10.39
N LYS A 97 3.01 -8.58 11.23
CA LYS A 97 3.85 -9.36 12.15
C LYS A 97 4.48 -10.58 11.48
N GLN A 98 3.87 -11.11 10.41
CA GLN A 98 4.38 -12.26 9.67
C GLN A 98 5.73 -11.97 9.00
N CYS A 99 5.83 -10.81 8.38
CA CYS A 99 6.98 -10.26 7.69
C CYS A 99 7.77 -9.24 8.53
N GLU A 100 7.16 -8.75 9.62
CA GLU A 100 7.60 -7.60 10.43
C GLU A 100 7.58 -6.26 9.64
N ALA A 101 6.73 -6.21 8.61
CA ALA A 101 6.56 -5.10 7.67
C ALA A 101 5.65 -3.99 8.22
N HIS A 102 6.26 -2.94 8.75
CA HIS A 102 5.61 -1.78 9.36
C HIS A 102 5.33 -0.67 8.32
N LEU A 103 4.39 -0.92 7.41
CA LEU A 103 4.29 -0.22 6.11
C LEU A 103 2.97 0.50 5.79
N GLY A 104 1.98 0.34 6.65
CA GLY A 104 0.64 0.87 6.54
C GLY A 104 0.32 1.86 7.66
N HIS A 105 -0.30 2.98 7.32
CA HIS A 105 -0.55 4.09 8.22
C HIS A 105 -1.80 4.87 7.82
N VAL A 106 -2.44 5.49 8.80
CA VAL A 106 -3.67 6.28 8.55
C VAL A 106 -3.76 7.52 9.44
N PHE A 107 -3.94 8.67 8.78
CA PHE A 107 -3.86 10.00 9.38
C PHE A 107 -5.10 10.87 9.04
N PRO A 108 -5.56 11.73 9.96
CA PRO A 108 -6.67 12.66 9.71
C PRO A 108 -6.27 13.80 8.76
N ASP A 109 -7.26 14.54 8.27
CA ASP A 109 -7.13 15.64 7.30
C ASP A 109 -7.40 17.06 7.88
N GLY A 110 -7.87 17.10 9.11
CA GLY A 110 -8.29 18.34 9.81
C GLY A 110 -9.62 18.20 10.58
N PRO A 111 -10.74 17.83 9.93
CA PRO A 111 -12.03 17.56 10.57
C PRO A 111 -12.04 16.23 11.38
N LYS A 112 -13.24 15.67 11.60
CA LYS A 112 -13.47 14.37 12.27
C LYS A 112 -12.70 13.23 11.57
N PRO A 113 -12.37 12.13 12.28
CA PRO A 113 -11.64 10.99 11.72
C PRO A 113 -12.36 10.28 10.56
N THR A 114 -13.62 10.64 10.28
CA THR A 114 -14.35 10.29 9.06
C THR A 114 -13.65 10.75 7.77
N GLY A 115 -12.84 11.81 7.81
CA GLY A 115 -12.06 12.33 6.67
C GLY A 115 -10.68 11.70 6.45
N GLN A 116 -10.32 10.67 7.23
CA GLN A 116 -9.00 10.03 7.23
C GLN A 116 -8.52 9.55 5.85
N ARG A 117 -7.19 9.56 5.66
CA ARG A 117 -6.49 8.97 4.51
C ARG A 117 -5.47 7.92 4.97
N PHE A 118 -5.59 6.73 4.38
CA PHE A 118 -4.79 5.55 4.72
C PHE A 118 -3.77 5.28 3.62
N CYS A 119 -2.52 5.64 3.87
CA CYS A 119 -1.35 5.49 3.00
C CYS A 119 -0.62 4.17 3.29
N ILE A 120 -0.19 3.44 2.24
CA ILE A 120 0.58 2.18 2.39
C ILE A 120 1.76 2.21 1.42
N ASN A 121 2.97 1.85 1.88
CA ASN A 121 4.20 1.98 1.09
C ASN A 121 4.80 0.64 0.65
N SER A 122 5.17 0.54 -0.63
CA SER A 122 5.44 -0.74 -1.31
C SER A 122 6.86 -1.32 -1.09
N VAL A 123 7.62 -0.85 -0.09
CA VAL A 123 9.09 -1.09 0.00
C VAL A 123 9.49 -2.57 0.08
N ALA A 124 8.57 -3.41 0.52
CA ALA A 124 8.69 -4.87 0.57
C ALA A 124 7.44 -5.62 0.04
N LEU A 125 6.62 -4.96 -0.80
CA LEU A 125 5.31 -5.46 -1.23
C LEU A 125 5.19 -5.60 -2.76
N LYS A 126 4.53 -6.68 -3.19
CA LYS A 126 4.15 -7.03 -4.56
C LYS A 126 2.64 -7.07 -4.75
N PHE A 127 2.20 -7.34 -5.98
CA PHE A 127 0.82 -7.17 -6.43
C PHE A 127 0.44 -8.16 -7.54
N LYS A 128 -0.84 -8.56 -7.56
CA LYS A 128 -1.44 -9.40 -8.61
C LYS A 128 -2.76 -8.76 -9.10
N PRO A 129 -3.02 -8.67 -10.42
CA PRO A 129 -4.18 -7.96 -10.96
C PRO A 129 -5.48 -8.77 -10.88
N SER A 130 -6.61 -8.14 -11.19
CA SER A 130 -7.94 -8.75 -11.15
C SER A 130 -8.25 -9.55 -12.42
N LYS A 131 -7.90 -8.99 -13.58
CA LYS A 131 -8.34 -9.48 -14.89
C LYS A 131 -7.36 -10.49 -15.53
N PRO A 132 -7.86 -11.46 -16.34
CA PRO A 132 -7.04 -12.53 -16.93
C PRO A 132 -6.02 -12.07 -17.99
N ALA A 133 -5.21 -13.02 -18.45
CA ALA A 133 -3.96 -12.82 -19.23
C ALA A 133 -2.82 -12.11 -18.48
N ALA A 134 -3.06 -11.79 -17.20
CA ALA A 134 -2.06 -11.48 -16.19
C ALA A 134 -2.45 -12.11 -14.83
N ALA A 135 -3.73 -12.15 -14.49
CA ALA A 135 -4.24 -13.15 -13.54
C ALA A 135 -4.32 -14.54 -14.20
N LEU A 136 -3.80 -15.57 -13.51
CA LEU A 136 -3.73 -16.98 -13.96
C LEU A 136 -3.53 -17.90 -12.73
N GLU A 137 -4.33 -17.68 -11.69
CA GLU A 137 -4.03 -18.15 -10.32
C GLU A 137 -4.20 -19.67 -10.10
N HIS A 138 -5.31 -20.25 -10.55
CA HIS A 138 -5.57 -21.70 -10.45
C HIS A 138 -5.12 -22.43 -11.72
N HIS A 139 -4.99 -23.76 -11.63
CA HIS A 139 -4.63 -24.58 -12.79
C HIS A 139 -5.69 -24.53 -13.90
N HIS A 140 -5.28 -24.74 -15.16
CA HIS A 140 -6.18 -24.75 -16.32
C HIS A 140 -6.10 -26.05 -17.14
N HIS A 141 -5.63 -27.13 -16.52
CA HIS A 141 -5.10 -28.32 -17.17
C HIS A 141 -6.07 -29.51 -17.14
N HIS A 142 -5.74 -30.60 -17.84
CA HIS A 142 -6.58 -31.80 -17.95
C HIS A 142 -5.75 -33.09 -17.93
N HIS A 143 -6.41 -34.22 -18.20
CA HIS A 143 -5.85 -35.58 -18.17
C HIS A 143 -4.63 -35.81 -19.08
ZN ZN B . 2.83 -10.15 5.56
N MET A 1 23.87 -1.81 -9.37
CA MET A 1 24.41 -3.07 -9.92
C MET A 1 25.88 -3.16 -9.57
N ALA A 2 26.28 -4.15 -8.76
CA ALA A 2 27.65 -4.34 -8.27
C ALA A 2 28.25 -3.09 -7.58
N ASP A 3 27.39 -2.33 -6.91
CA ASP A 3 27.69 -1.18 -6.04
C ASP A 3 27.69 -1.60 -4.56
N TRP A 4 27.86 -0.63 -3.66
CA TRP A 4 27.47 -0.72 -2.25
C TRP A 4 26.32 0.23 -1.89
N GLN A 5 26.18 1.32 -2.63
CA GLN A 5 25.29 2.46 -2.33
C GLN A 5 23.84 2.07 -2.22
N LYS A 6 23.32 1.42 -3.25
CA LYS A 6 21.91 0.98 -3.31
C LYS A 6 21.63 -0.24 -2.44
N LYS A 7 22.67 -1.02 -2.18
CA LYS A 7 22.67 -2.05 -1.14
C LYS A 7 22.53 -1.46 0.27
N LEU A 8 23.14 -0.29 0.51
CA LEU A 8 23.08 0.47 1.77
C LEU A 8 21.90 1.47 1.85
N THR A 9 21.32 1.87 0.73
CA THR A 9 20.03 2.61 0.67
C THR A 9 19.11 2.09 -0.46
N PRO A 10 18.44 0.94 -0.23
CA PRO A 10 17.45 0.37 -1.17
C PRO A 10 16.08 1.05 -1.13
N GLU A 11 15.13 0.62 -1.97
CA GLU A 11 13.74 1.13 -2.02
C GLU A 11 13.07 1.17 -0.65
N GLN A 12 13.20 0.07 0.11
CA GLN A 12 12.71 -0.04 1.49
C GLN A 12 13.32 1.01 2.44
N PHE A 13 14.53 1.46 2.16
CA PHE A 13 15.21 2.55 2.87
C PHE A 13 14.85 3.95 2.35
N TYR A 14 14.43 4.10 1.08
CA TYR A 14 13.95 5.34 0.49
C TYR A 14 12.50 5.64 0.94
N VAL A 15 11.63 4.63 0.88
CA VAL A 15 10.20 4.71 1.26
C VAL A 15 10.01 4.95 2.77
N THR A 16 11.03 4.67 3.59
CA THR A 16 11.13 5.00 5.03
C THR A 16 11.83 6.35 5.28
N ARG A 17 12.78 6.78 4.43
CA ARG A 17 13.45 8.09 4.48
C ARG A 17 12.47 9.24 4.22
N GLU A 18 11.67 9.13 3.16
CA GLU A 18 10.73 10.16 2.71
C GLU A 18 9.32 9.92 3.28
N LYS A 19 9.11 8.81 4.00
CA LYS A 19 7.87 8.26 4.59
C LYS A 19 6.79 9.28 4.95
N GLY A 20 6.06 9.58 3.90
CA GLY A 20 4.92 10.52 3.91
C GLY A 20 5.16 11.68 2.95
N THR A 21 5.40 11.34 1.70
CA THR A 21 5.61 12.24 0.58
C THR A 21 4.44 12.20 -0.41
N GLU A 22 3.93 13.39 -0.70
CA GLU A 22 3.08 13.77 -1.82
C GLU A 22 3.94 14.59 -2.79
N ALA A 23 3.82 14.38 -4.11
CA ALA A 23 4.73 15.00 -5.06
C ALA A 23 4.21 15.05 -6.51
N PRO A 24 4.63 16.06 -7.31
CA PRO A 24 4.53 16.05 -8.76
C PRO A 24 5.61 15.12 -9.39
N PHE A 25 5.61 15.04 -10.71
CA PHE A 25 6.55 14.26 -11.53
C PHE A 25 6.50 12.73 -11.31
N SER A 26 5.31 12.29 -10.92
CA SER A 26 4.80 10.91 -10.92
C SER A 26 5.06 10.13 -12.22
N GLY A 27 5.11 10.78 -13.39
CA GLY A 27 5.48 10.16 -14.67
C GLY A 27 4.65 8.94 -15.04
N MET A 28 5.24 7.76 -14.91
CA MET A 28 4.56 6.46 -15.07
C MET A 28 3.35 6.29 -14.15
N TYR A 29 3.33 7.03 -13.05
CA TYR A 29 2.21 7.07 -12.12
C TYR A 29 1.10 8.06 -12.52
N LEU A 30 1.26 8.90 -13.56
CA LEU A 30 0.26 9.91 -13.98
C LEU A 30 -0.90 9.32 -14.81
N ASN A 31 -1.51 8.23 -14.35
CA ASN A 31 -2.57 7.47 -15.02
C ASN A 31 -3.68 6.98 -14.05
N ASN A 32 -4.77 6.42 -14.58
CA ASN A 32 -5.90 5.91 -13.78
C ASN A 32 -5.52 4.66 -12.97
N LYS A 33 -6.25 4.35 -11.89
CA LYS A 33 -5.77 3.48 -10.80
C LYS A 33 -6.67 2.28 -10.60
N GLU A 34 -6.19 1.19 -11.19
CA GLU A 34 -6.92 -0.05 -11.40
C GLU A 34 -7.15 -0.95 -10.17
N THR A 35 -7.99 -1.95 -10.41
CA THR A 35 -8.30 -3.03 -9.47
C THR A 35 -7.15 -4.03 -9.43
N GLY A 36 -7.16 -4.87 -8.41
CA GLY A 36 -6.12 -5.86 -8.12
C GLY A 36 -5.92 -6.06 -6.62
N MET A 37 -4.73 -6.49 -6.20
CA MET A 37 -4.42 -6.72 -4.78
C MET A 37 -2.93 -6.70 -4.43
N TYR A 38 -2.71 -6.55 -3.13
CA TYR A 38 -1.43 -6.36 -2.44
C TYR A 38 -1.25 -7.42 -1.34
N HIS A 39 -0.01 -7.86 -1.20
CA HIS A 39 0.42 -8.96 -0.35
C HIS A 39 1.91 -8.79 0.04
N CYS A 40 2.38 -9.54 1.03
CA CYS A 40 3.74 -9.47 1.51
C CYS A 40 4.74 -10.26 0.63
N VAL A 41 6.02 -10.09 0.97
CA VAL A 41 7.16 -10.94 0.58
C VAL A 41 7.89 -11.55 1.79
N CYS A 42 7.57 -11.11 3.01
CA CYS A 42 8.25 -11.48 4.25
C CYS A 42 7.50 -12.50 5.11
N CYS A 43 6.16 -12.46 5.11
CA CYS A 43 5.30 -13.38 5.84
C CYS A 43 4.76 -14.50 4.92
N ASP A 44 3.51 -14.33 4.49
CA ASP A 44 2.73 -15.39 3.83
C ASP A 44 1.48 -14.89 3.11
N SER A 45 0.54 -14.31 3.86
CA SER A 45 -0.85 -14.13 3.45
C SER A 45 -1.16 -12.76 2.82
N PRO A 46 -2.07 -12.71 1.83
CA PRO A 46 -2.57 -11.45 1.27
C PRO A 46 -3.45 -10.72 2.28
N LEU A 47 -3.50 -9.39 2.19
CA LEU A 47 -4.08 -8.56 3.25
C LEU A 47 -4.97 -7.39 2.76
N PHE A 48 -4.68 -6.76 1.62
CA PHE A 48 -5.53 -5.68 1.10
C PHE A 48 -5.65 -5.64 -0.43
N SER A 49 -6.85 -5.36 -0.94
CA SER A 49 -7.13 -5.27 -2.39
C SER A 49 -7.14 -3.83 -2.90
N SER A 50 -6.67 -3.64 -4.13
CA SER A 50 -6.73 -2.37 -4.89
C SER A 50 -8.14 -1.92 -5.20
N GLU A 51 -9.10 -2.82 -5.01
CA GLU A 51 -10.52 -2.49 -5.12
C GLU A 51 -11.00 -1.44 -4.10
N LYS A 52 -10.29 -1.33 -2.98
CA LYS A 52 -10.43 -0.33 -1.93
C LYS A 52 -9.60 0.94 -2.19
N LYS A 53 -8.82 1.00 -3.28
CA LYS A 53 -7.84 2.06 -3.55
C LYS A 53 -8.53 3.36 -3.98
N TYR A 54 -8.20 4.46 -3.31
CA TYR A 54 -8.96 5.71 -3.37
C TYR A 54 -8.89 6.44 -4.73
N CYS A 55 -10.02 6.60 -5.43
CA CYS A 55 -10.09 7.17 -6.78
C CYS A 55 -10.15 8.71 -6.80
N SER A 56 -9.16 9.38 -6.18
CA SER A 56 -8.95 10.83 -6.32
C SER A 56 -8.43 11.19 -7.72
N GLY A 57 -8.50 12.48 -8.09
CA GLY A 57 -7.89 13.01 -9.32
C GLY A 57 -6.36 13.02 -9.34
N THR A 58 -5.69 12.60 -8.25
CA THR A 58 -4.26 12.35 -8.16
C THR A 58 -3.92 10.87 -8.23
N GLY A 59 -4.87 10.02 -7.84
CA GLY A 59 -4.72 8.57 -7.74
C GLY A 59 -3.84 8.12 -6.56
N TRP A 60 -3.41 9.07 -5.72
CA TRP A 60 -2.35 8.91 -4.70
C TRP A 60 -2.53 7.67 -3.79
N PRO A 61 -1.46 6.98 -3.36
CA PRO A 61 -1.56 5.69 -2.65
C PRO A 61 -2.23 5.79 -1.27
N SER A 62 -3.50 5.40 -1.31
CA SER A 62 -4.48 5.45 -0.25
C SER A 62 -5.61 4.45 -0.53
N PHE A 63 -6.33 4.01 0.50
CA PHE A 63 -7.46 3.12 0.45
C PHE A 63 -8.51 3.63 1.45
N SER A 64 -9.72 3.19 1.20
CA SER A 64 -10.92 3.37 2.04
C SER A 64 -11.12 2.20 3.02
N GLU A 65 -10.51 1.04 2.73
CA GLU A 65 -10.65 -0.18 3.54
C GLU A 65 -9.40 -1.08 3.46
N ALA A 66 -9.16 -1.86 4.50
CA ALA A 66 -8.21 -2.97 4.52
C ALA A 66 -8.99 -4.30 4.54
N TYR A 67 -9.25 -4.85 3.36
CA TYR A 67 -9.88 -6.16 3.15
C TYR A 67 -9.09 -6.92 2.08
N GLY A 68 -8.73 -8.17 2.39
CA GLY A 68 -7.91 -9.03 1.53
C GLY A 68 -7.44 -10.31 2.21
N SER A 69 -7.28 -10.33 3.54
CA SER A 69 -7.19 -11.56 4.33
C SER A 69 -8.58 -12.07 4.72
N LYS A 70 -8.69 -13.40 4.85
CA LYS A 70 -9.87 -14.20 5.12
C LYS A 70 -9.52 -15.50 5.86
N GLY A 71 -10.38 -15.91 6.79
CA GLY A 71 -10.58 -17.29 7.28
C GLY A 71 -9.38 -17.89 8.00
N SER A 72 -8.40 -18.34 7.23
CA SER A 72 -7.08 -18.72 7.72
C SER A 72 -6.37 -17.56 8.43
N ASP A 73 -6.69 -16.33 8.05
CA ASP A 73 -6.51 -15.15 8.88
C ASP A 73 -7.86 -14.46 9.08
N GLU A 74 -8.38 -14.58 10.30
CA GLU A 74 -9.51 -13.83 10.84
C GLU A 74 -9.71 -14.11 12.35
N SER A 75 -8.72 -14.70 13.02
CA SER A 75 -8.83 -15.21 14.39
C SER A 75 -8.82 -14.04 15.37
N HIS A 76 -8.03 -13.01 15.02
CA HIS A 76 -7.93 -11.76 15.77
C HIS A 76 -8.14 -10.51 14.90
N THR A 77 -7.28 -10.36 13.90
CA THR A 77 -7.04 -9.06 13.21
C THR A 77 -6.26 -9.18 11.91
N GLY A 78 -5.28 -10.08 11.87
CA GLY A 78 -4.21 -10.14 10.86
C GLY A 78 -3.06 -9.18 11.17
N ILE A 79 -3.41 -8.04 11.77
CA ILE A 79 -2.54 -6.89 12.01
C ILE A 79 -2.45 -6.53 13.49
N LEU A 80 -1.45 -5.71 13.81
CA LEU A 80 -1.39 -4.88 15.01
C LEU A 80 -1.37 -3.40 14.61
N ARG A 81 -1.35 -2.51 15.59
CA ARG A 81 -1.45 -1.05 15.40
C ARG A 81 -0.76 -0.27 16.51
N ARG A 82 -0.38 0.95 16.18
CA ARG A 82 0.28 1.93 17.05
C ARG A 82 -0.07 3.33 16.57
N LEU A 83 -0.67 4.10 17.44
CA LEU A 83 -0.92 5.52 17.20
C LEU A 83 0.36 6.31 17.42
N ASP A 84 0.66 7.23 16.51
CA ASP A 84 1.86 8.10 16.58
C ASP A 84 1.54 9.45 17.27
N THR A 85 0.52 9.43 18.13
CA THR A 85 -0.05 10.58 18.86
C THR A 85 0.86 11.01 20.05
N SER A 86 2.15 11.09 19.75
CA SER A 86 3.28 11.26 20.70
C SER A 86 4.18 12.44 20.36
N LEU A 87 4.01 12.95 19.14
CA LEU A 87 4.80 14.00 18.48
C LEU A 87 4.09 15.36 18.46
N GLY A 88 3.10 15.52 19.35
CA GLY A 88 2.25 16.73 19.45
C GLY A 88 1.14 16.81 18.40
N CYS A 89 1.13 15.88 17.43
CA CYS A 89 0.11 15.73 16.40
C CYS A 89 -0.32 14.25 16.27
N PRO A 90 -1.62 13.93 16.20
CA PRO A 90 -2.11 12.54 16.11
C PRO A 90 -1.85 11.87 14.76
N ARG A 91 -1.74 10.54 14.81
CA ARG A 91 -1.76 9.56 13.70
C ARG A 91 -2.42 8.26 14.17
N MET A 92 -2.82 7.39 13.23
CA MET A 92 -2.89 5.95 13.46
C MET A 92 -1.94 5.26 12.47
N GLU A 93 -1.15 4.30 12.93
CA GLU A 93 -0.32 3.44 12.08
C GLU A 93 -0.63 1.96 12.34
N VAL A 94 -0.39 1.11 11.32
CA VAL A 94 -0.64 -0.33 11.39
C VAL A 94 0.58 -1.17 11.02
N VAL A 95 0.68 -2.34 11.64
CA VAL A 95 1.76 -3.30 11.43
C VAL A 95 1.24 -4.69 11.01
N CYS A 96 2.05 -5.37 10.21
CA CYS A 96 1.92 -6.74 9.82
C CYS A 96 2.42 -7.54 11.02
N LYS A 97 1.49 -8.18 11.72
CA LYS A 97 1.81 -9.18 12.76
C LYS A 97 2.28 -10.52 12.17
N GLN A 98 2.05 -10.69 10.88
CA GLN A 98 2.39 -11.87 10.09
C GLN A 98 3.91 -12.12 10.07
N CYS A 99 4.69 -11.04 9.95
CA CYS A 99 6.15 -11.01 10.12
C CYS A 99 6.68 -10.00 11.17
N GLU A 100 5.82 -9.17 11.76
CA GLU A 100 6.11 -8.18 12.82
C GLU A 100 6.88 -6.92 12.38
N ALA A 101 6.36 -6.23 11.35
CA ALA A 101 6.85 -4.93 10.88
C ALA A 101 5.74 -3.98 10.38
N HIS A 102 5.98 -2.67 10.45
CA HIS A 102 5.05 -1.61 10.06
C HIS A 102 4.72 -1.63 8.55
N LEU A 103 3.43 -1.48 8.21
CA LEU A 103 2.91 -1.77 6.87
C LEU A 103 2.17 -0.65 6.15
N GLY A 104 1.76 0.38 6.87
CA GLY A 104 1.00 1.51 6.39
C GLY A 104 0.30 2.25 7.52
N HIS A 105 -0.43 3.33 7.21
CA HIS A 105 -0.93 4.28 8.20
C HIS A 105 -2.29 4.89 7.83
N VAL A 106 -2.79 5.77 8.71
CA VAL A 106 -4.12 6.40 8.66
C VAL A 106 -4.02 7.83 9.20
N PHE A 107 -4.69 8.75 8.52
CA PHE A 107 -4.62 10.20 8.74
C PHE A 107 -5.99 10.88 8.53
N PRO A 108 -6.29 11.98 9.24
CA PRO A 108 -7.35 12.92 8.84
C PRO A 108 -6.81 13.86 7.74
N ASP A 109 -7.65 14.23 6.77
CA ASP A 109 -7.28 15.17 5.69
C ASP A 109 -7.42 16.65 6.08
N GLY A 110 -7.38 16.89 7.38
CA GLY A 110 -7.51 18.20 8.05
C GLY A 110 -8.70 18.33 9.01
N PRO A 111 -9.93 17.91 8.65
CA PRO A 111 -11.11 18.05 9.51
C PRO A 111 -11.22 16.89 10.52
N LYS A 112 -12.40 16.71 11.12
CA LYS A 112 -12.66 15.75 12.22
C LYS A 112 -12.37 14.30 11.83
N PRO A 113 -12.01 13.43 12.80
CA PRO A 113 -11.54 12.07 12.54
C PRO A 113 -12.59 11.18 11.87
N THR A 114 -13.85 11.60 11.91
CA THR A 114 -14.96 11.00 11.15
C THR A 114 -14.71 10.97 9.63
N GLY A 115 -13.84 11.86 9.13
CA GLY A 115 -13.37 11.98 7.76
C GLY A 115 -12.02 11.32 7.43
N GLN A 116 -11.45 10.53 8.34
CA GLN A 116 -10.15 9.85 8.16
C GLN A 116 -10.04 9.02 6.86
N ARG A 117 -8.82 8.87 6.35
CA ARG A 117 -8.45 8.07 5.18
C ARG A 117 -7.16 7.30 5.48
N PHE A 118 -6.97 6.19 4.81
CA PHE A 118 -5.77 5.35 4.94
C PHE A 118 -4.72 5.74 3.90
N CYS A 119 -3.45 5.70 4.29
CA CYS A 119 -2.28 5.92 3.43
C CYS A 119 -1.32 4.72 3.42
N ILE A 120 -0.71 4.41 2.26
CA ILE A 120 0.03 3.16 2.03
C ILE A 120 1.35 3.37 1.26
N ASN A 121 2.22 2.37 1.27
CA ASN A 121 3.63 2.47 0.88
C ASN A 121 4.15 1.25 0.08
N SER A 122 4.74 1.50 -1.09
CA SER A 122 5.40 0.51 -1.96
C SER A 122 6.83 0.13 -1.46
N VAL A 123 6.95 -0.14 -0.15
CA VAL A 123 8.23 -0.24 0.58
C VAL A 123 9.08 -1.44 0.15
N ALA A 124 8.45 -2.61 0.06
CA ALA A 124 9.06 -3.87 -0.39
C ALA A 124 8.02 -4.95 -0.80
N LEU A 125 6.74 -4.59 -0.81
CA LEU A 125 5.60 -5.50 -0.86
C LEU A 125 5.28 -5.86 -2.31
N LYS A 126 4.58 -6.97 -2.47
CA LYS A 126 4.18 -7.51 -3.79
C LYS A 126 2.72 -7.25 -4.12
N PHE A 127 2.45 -6.80 -5.35
CA PHE A 127 1.12 -6.40 -5.79
C PHE A 127 0.98 -6.46 -7.30
N LYS A 128 -0.17 -6.95 -7.79
CA LYS A 128 -0.51 -6.97 -9.22
C LYS A 128 -1.99 -6.59 -9.46
N PRO A 129 -2.33 -6.05 -10.64
CA PRO A 129 -3.69 -5.66 -10.98
C PRO A 129 -4.60 -6.85 -11.29
N SER A 130 -5.91 -6.60 -11.41
CA SER A 130 -6.93 -7.64 -11.63
C SER A 130 -7.19 -7.88 -13.12
N LYS A 131 -7.28 -6.79 -13.89
CA LYS A 131 -7.50 -6.78 -15.34
C LYS A 131 -6.33 -7.37 -16.16
N PRO A 132 -6.61 -7.97 -17.35
CA PRO A 132 -5.58 -8.35 -18.32
C PRO A 132 -4.87 -7.14 -18.95
N ALA A 133 -3.89 -7.45 -19.81
CA ALA A 133 -2.97 -6.50 -20.47
C ALA A 133 -2.10 -5.67 -19.51
N ALA A 134 -1.99 -6.13 -18.26
CA ALA A 134 -1.32 -5.45 -17.16
C ALA A 134 -0.50 -6.35 -16.21
N ALA A 135 -0.43 -7.66 -16.47
CA ALA A 135 0.29 -8.64 -15.64
C ALA A 135 0.91 -9.76 -16.51
N LEU A 136 1.88 -10.50 -15.94
CA LEU A 136 2.66 -11.55 -16.60
C LEU A 136 3.22 -12.49 -15.52
N GLU A 137 2.29 -13.10 -14.80
CA GLU A 137 2.54 -14.17 -13.83
C GLU A 137 2.90 -15.53 -14.46
N HIS A 138 2.08 -16.09 -15.36
CA HIS A 138 2.31 -17.41 -15.96
C HIS A 138 3.54 -17.47 -16.90
N HIS A 139 4.04 -18.68 -17.20
CA HIS A 139 4.90 -18.87 -18.38
C HIS A 139 4.08 -18.65 -19.67
N HIS A 140 4.64 -17.93 -20.64
CA HIS A 140 3.86 -17.23 -21.67
C HIS A 140 3.71 -18.03 -22.99
N HIS A 141 3.58 -17.33 -24.12
CA HIS A 141 3.56 -17.88 -25.50
C HIS A 141 2.48 -18.94 -25.76
N HIS A 142 1.31 -18.83 -25.12
CA HIS A 142 0.10 -19.59 -25.43
C HIS A 142 -1.15 -18.70 -25.28
N HIS A 143 -2.33 -19.23 -25.59
CA HIS A 143 -3.63 -18.58 -25.36
C HIS A 143 -4.73 -19.64 -25.19
ZN ZN B . 4.77 -8.95 6.33
N MET A 1 6.76 -5.47 -18.98
CA MET A 1 7.88 -4.50 -18.88
C MET A 1 8.81 -4.73 -20.05
N ALA A 2 9.30 -3.66 -20.69
CA ALA A 2 10.15 -3.74 -21.89
C ALA A 2 11.32 -2.74 -21.86
N ASP A 3 11.81 -2.39 -20.67
CA ASP A 3 12.97 -1.53 -20.44
C ASP A 3 13.80 -2.01 -19.24
N TRP A 4 15.05 -1.55 -19.15
CA TRP A 4 15.97 -1.92 -18.07
C TRP A 4 15.83 -0.99 -16.86
N GLN A 5 15.39 0.24 -17.07
CA GLN A 5 15.20 1.27 -16.04
C GLN A 5 14.24 0.76 -14.94
N LYS A 6 13.18 0.08 -15.36
CA LYS A 6 12.22 -0.60 -14.47
C LYS A 6 12.79 -1.80 -13.73
N LYS A 7 13.71 -2.51 -14.37
CA LYS A 7 14.39 -3.69 -13.80
C LYS A 7 15.46 -3.29 -12.77
N LEU A 8 16.21 -2.23 -13.05
CA LEU A 8 17.30 -1.75 -12.19
C LEU A 8 16.83 -0.82 -11.07
N THR A 9 15.64 -0.21 -11.24
CA THR A 9 14.91 0.53 -10.21
C THR A 9 13.46 0.02 -10.16
N PRO A 10 13.22 -1.15 -9.51
CA PRO A 10 11.88 -1.79 -9.44
C PRO A 10 10.94 -1.14 -8.42
N GLU A 11 9.76 -1.72 -8.17
CA GLU A 11 8.64 -1.16 -7.37
C GLU A 11 9.05 -0.67 -5.99
N GLN A 12 9.78 -1.49 -5.25
CA GLN A 12 10.36 -1.11 -3.95
C GLN A 12 11.28 0.10 -4.07
N PHE A 13 12.05 0.17 -5.16
CA PHE A 13 12.92 1.30 -5.46
C PHE A 13 12.12 2.53 -5.90
N TYR A 14 11.07 2.40 -6.71
CA TYR A 14 10.14 3.46 -7.07
C TYR A 14 9.49 4.08 -5.83
N VAL A 15 9.03 3.22 -4.90
CA VAL A 15 8.45 3.65 -3.62
C VAL A 15 9.46 4.37 -2.73
N THR A 16 10.73 3.94 -2.68
CA THR A 16 11.78 4.52 -1.80
C THR A 16 12.46 5.75 -2.39
N ARG A 17 12.40 5.88 -3.71
CA ARG A 17 12.95 6.97 -4.52
C ARG A 17 12.22 8.26 -4.25
N GLU A 18 10.89 8.16 -4.11
CA GLU A 18 10.05 9.28 -3.71
C GLU A 18 9.81 9.29 -2.19
N LYS A 19 9.30 8.17 -1.63
CA LYS A 19 8.93 7.90 -0.21
C LYS A 19 8.21 8.93 0.64
N GLY A 20 7.82 10.00 0.01
CA GLY A 20 7.12 11.17 0.56
C GLY A 20 5.94 11.66 -0.29
N THR A 21 5.88 11.24 -1.55
CA THR A 21 4.83 11.56 -2.51
C THR A 21 4.63 10.40 -3.49
N GLU A 22 3.57 10.50 -4.26
CA GLU A 22 3.47 9.97 -5.62
C GLU A 22 3.37 11.13 -6.63
N ALA A 23 3.42 10.83 -7.93
CA ALA A 23 3.34 11.83 -9.00
C ALA A 23 2.46 11.30 -10.16
N PRO A 24 1.78 12.16 -10.93
CA PRO A 24 0.91 11.73 -12.00
C PRO A 24 1.71 11.34 -13.25
N PHE A 25 1.95 10.04 -13.38
CA PHE A 25 2.81 9.44 -14.42
C PHE A 25 2.15 9.33 -15.82
N SER A 26 1.06 10.07 -16.00
CA SER A 26 0.13 10.07 -17.14
C SER A 26 -1.05 11.04 -16.94
N GLY A 27 -1.42 11.37 -15.70
CA GLY A 27 -2.42 12.42 -15.38
C GLY A 27 -3.78 12.21 -16.01
N MET A 28 -4.04 12.91 -17.12
CA MET A 28 -5.20 12.68 -18.00
C MET A 28 -5.31 11.25 -18.55
N TYR A 29 -4.22 10.49 -18.50
CA TYR A 29 -4.15 9.07 -18.83
C TYR A 29 -4.18 8.13 -17.59
N LEU A 30 -4.40 8.65 -16.37
CA LEU A 30 -4.41 7.88 -15.10
C LEU A 30 -5.76 7.84 -14.34
N ASN A 31 -6.80 8.52 -14.79
CA ASN A 31 -8.06 8.69 -14.03
C ASN A 31 -9.01 7.46 -14.03
N ASN A 32 -8.73 6.43 -14.83
CA ASN A 32 -9.69 5.37 -15.20
C ASN A 32 -10.02 4.33 -14.09
N LYS A 33 -9.37 4.42 -12.92
CA LYS A 33 -9.45 3.54 -11.73
C LYS A 33 -9.21 2.04 -11.97
N GLU A 34 -8.16 1.54 -11.34
CA GLU A 34 -7.86 0.11 -11.24
C GLU A 34 -8.72 -0.68 -10.24
N THR A 35 -8.61 -1.99 -10.45
CA THR A 35 -9.07 -3.08 -9.58
C THR A 35 -8.05 -4.24 -9.67
N GLY A 36 -8.01 -5.11 -8.66
CA GLY A 36 -7.10 -6.24 -8.56
C GLY A 36 -6.92 -6.68 -7.11
N MET A 37 -5.72 -7.11 -6.73
CA MET A 37 -5.32 -7.47 -5.37
C MET A 37 -3.97 -6.83 -4.98
N TYR A 38 -3.76 -6.84 -3.67
CA TYR A 38 -2.54 -6.51 -2.94
C TYR A 38 -2.21 -7.65 -1.97
N HIS A 39 -0.93 -7.95 -1.88
CA HIS A 39 -0.35 -9.02 -1.07
C HIS A 39 1.05 -8.62 -0.61
N CYS A 40 1.62 -9.35 0.32
CA CYS A 40 2.97 -9.13 0.79
C CYS A 40 4.03 -9.34 -0.31
N VAL A 41 5.26 -9.01 0.05
CA VAL A 41 6.47 -9.64 -0.51
C VAL A 41 7.35 -10.29 0.57
N CYS A 42 7.04 -10.08 1.85
CA CYS A 42 7.92 -10.43 2.97
C CYS A 42 7.43 -11.63 3.78
N CYS A 43 6.12 -11.90 3.84
CA CYS A 43 5.52 -13.07 4.45
C CYS A 43 4.94 -14.05 3.39
N ASP A 44 3.64 -13.93 3.11
CA ASP A 44 2.89 -14.94 2.35
C ASP A 44 1.62 -14.42 1.68
N SER A 45 0.76 -13.83 2.50
CA SER A 45 -0.68 -13.74 2.27
C SER A 45 -1.16 -12.50 1.48
N PRO A 46 -2.31 -12.61 0.80
CA PRO A 46 -3.06 -11.44 0.35
C PRO A 46 -3.60 -10.64 1.53
N LEU A 47 -3.60 -9.31 1.39
CA LEU A 47 -3.93 -8.36 2.45
C LEU A 47 -5.20 -7.56 2.13
N PHE A 48 -5.26 -6.95 0.94
CA PHE A 48 -6.42 -6.19 0.51
C PHE A 48 -6.65 -6.30 -1.00
N SER A 49 -7.87 -6.04 -1.45
CA SER A 49 -8.23 -5.97 -2.86
C SER A 49 -7.95 -4.55 -3.36
N SER A 50 -7.33 -4.43 -4.53
CA SER A 50 -7.04 -3.13 -5.17
C SER A 50 -8.32 -2.38 -5.59
N GLU A 51 -9.47 -3.02 -5.46
CA GLU A 51 -10.76 -2.34 -5.42
C GLU A 51 -10.86 -1.28 -4.33
N LYS A 52 -10.39 -1.60 -3.13
CA LYS A 52 -10.30 -0.70 -1.98
C LYS A 52 -9.28 0.43 -2.18
N LYS A 53 -8.46 0.37 -3.24
CA LYS A 53 -7.40 1.34 -3.60
C LYS A 53 -8.01 2.58 -4.26
N TYR A 54 -7.64 3.73 -3.72
CA TYR A 54 -7.89 5.07 -4.25
C TYR A 54 -6.53 5.61 -4.71
N CYS A 55 -6.37 5.89 -6.00
CA CYS A 55 -5.15 6.50 -6.55
C CYS A 55 -5.33 6.91 -8.02
N SER A 56 -4.58 7.92 -8.46
CA SER A 56 -4.30 8.25 -9.87
C SER A 56 -2.92 8.93 -10.04
N GLY A 57 -1.97 8.64 -9.15
CA GLY A 57 -0.76 9.44 -8.93
C GLY A 57 -1.06 10.70 -8.14
N THR A 58 -1.85 11.63 -8.70
CA THR A 58 -2.40 12.80 -7.99
C THR A 58 -3.54 12.41 -7.05
N GLY A 59 -4.32 11.39 -7.42
CA GLY A 59 -5.26 10.72 -6.52
C GLY A 59 -4.58 10.03 -5.33
N TRP A 60 -3.27 9.76 -5.43
CA TRP A 60 -2.34 9.38 -4.35
C TRP A 60 -2.65 8.09 -3.53
N PRO A 61 -1.65 7.21 -3.27
CA PRO A 61 -1.91 5.83 -2.83
C PRO A 61 -2.52 5.72 -1.44
N SER A 62 -3.79 5.37 -1.44
CA SER A 62 -4.65 5.21 -0.28
C SER A 62 -5.58 4.02 -0.44
N PHE A 63 -6.08 3.48 0.67
CA PHE A 63 -6.94 2.31 0.70
C PHE A 63 -7.94 2.43 1.85
N SER A 64 -9.23 2.54 1.54
CA SER A 64 -10.28 2.77 2.55
C SER A 64 -10.55 1.52 3.42
N GLU A 65 -10.20 0.33 2.92
CA GLU A 65 -10.51 -0.94 3.58
C GLU A 65 -9.41 -1.98 3.40
N ALA A 66 -9.25 -2.84 4.40
CA ALA A 66 -8.34 -3.98 4.40
C ALA A 66 -9.16 -5.29 4.32
N TYR A 67 -9.51 -5.69 3.09
CA TYR A 67 -10.23 -6.95 2.82
C TYR A 67 -9.60 -7.69 1.63
N GLY A 68 -9.02 -8.86 1.91
CA GLY A 68 -8.18 -9.64 0.99
C GLY A 68 -7.45 -10.77 1.73
N SER A 69 -7.00 -10.50 2.95
CA SER A 69 -7.03 -11.51 4.01
C SER A 69 -8.50 -11.74 4.40
N LYS A 70 -8.83 -12.97 4.81
CA LYS A 70 -10.00 -13.33 5.64
C LYS A 70 -9.90 -14.76 6.21
N GLY A 71 -10.43 -14.92 7.42
CA GLY A 71 -10.40 -16.14 8.21
C GLY A 71 -9.34 -16.07 9.31
N SER A 72 -8.13 -16.55 9.00
CA SER A 72 -6.97 -16.62 9.89
C SER A 72 -6.69 -15.36 10.71
N ASP A 73 -6.87 -14.20 10.10
CA ASP A 73 -6.66 -12.87 10.65
C ASP A 73 -7.70 -12.41 11.67
N GLU A 74 -8.91 -12.89 11.48
CA GLU A 74 -10.11 -12.57 12.25
C GLU A 74 -10.44 -13.66 13.27
N SER A 75 -9.39 -14.43 13.58
CA SER A 75 -9.23 -15.11 14.86
C SER A 75 -8.79 -14.09 15.91
N HIS A 76 -7.97 -13.11 15.50
CA HIS A 76 -7.34 -12.19 16.45
C HIS A 76 -7.33 -10.72 16.04
N THR A 77 -6.59 -10.42 14.98
CA THR A 77 -6.30 -9.10 14.39
C THR A 77 -5.73 -9.23 12.97
N GLY A 78 -4.80 -10.16 12.78
CA GLY A 78 -3.93 -10.32 11.60
C GLY A 78 -2.71 -9.38 11.60
N ILE A 79 -2.74 -8.36 12.47
CA ILE A 79 -1.80 -7.22 12.52
C ILE A 79 -1.47 -6.87 13.99
N LEU A 80 -0.61 -5.88 14.14
CA LEU A 80 -0.44 -5.08 15.35
C LEU A 80 -0.56 -3.59 14.97
N ARG A 81 -0.53 -2.68 15.94
CA ARG A 81 -0.82 -1.25 15.73
C ARG A 81 -0.01 -0.32 16.62
N ARG A 82 0.45 0.81 16.09
CA ARG A 82 1.10 1.89 16.83
C ARG A 82 0.44 3.24 16.60
N LEU A 83 -0.49 3.58 17.47
CA LEU A 83 -0.83 4.97 17.72
C LEU A 83 0.40 5.68 18.30
N ASP A 84 0.57 6.94 17.92
CA ASP A 84 1.74 7.75 18.30
C ASP A 84 1.38 9.24 18.50
N THR A 85 0.36 9.51 19.32
CA THR A 85 -0.19 10.84 19.64
C THR A 85 0.69 11.71 20.56
N SER A 86 2.01 11.51 20.47
CA SER A 86 3.01 12.09 21.38
C SER A 86 3.88 13.15 20.73
N LEU A 87 3.63 13.42 19.44
CA LEU A 87 4.20 14.57 18.71
C LEU A 87 3.46 15.89 19.00
N GLY A 88 2.53 15.83 19.95
CA GLY A 88 1.48 16.83 20.18
C GLY A 88 0.30 16.72 19.20
N CYS A 89 0.41 15.85 18.21
CA CYS A 89 -0.57 15.61 17.15
C CYS A 89 -0.85 14.10 17.01
N PRO A 90 -2.12 13.65 16.96
CA PRO A 90 -2.45 12.24 16.84
C PRO A 90 -2.21 11.68 15.44
N ARG A 91 -1.52 10.52 15.40
CA ARG A 91 -1.39 9.62 14.24
C ARG A 91 -1.66 8.18 14.68
N MET A 92 -2.02 7.37 13.70
CA MET A 92 -2.35 5.97 13.82
C MET A 92 -1.60 5.18 12.75
N GLU A 93 -1.04 4.06 13.16
CA GLU A 93 -0.32 3.12 12.28
C GLU A 93 -0.76 1.68 12.56
N VAL A 94 -0.65 0.82 11.53
CA VAL A 94 -0.65 -0.64 11.66
C VAL A 94 0.64 -1.27 11.14
N VAL A 95 1.07 -2.34 11.81
CA VAL A 95 2.20 -3.18 11.40
C VAL A 95 1.72 -4.57 10.99
N CYS A 96 2.42 -5.14 10.02
CA CYS A 96 2.28 -6.51 9.63
C CYS A 96 2.95 -7.37 10.71
N LYS A 97 2.08 -8.08 11.39
CA LYS A 97 2.42 -9.11 12.40
C LYS A 97 3.19 -10.29 11.78
N GLN A 98 3.03 -10.52 10.47
CA GLN A 98 3.64 -11.63 9.74
C GLN A 98 5.10 -11.41 9.35
N CYS A 99 5.43 -10.23 8.83
CA CYS A 99 6.75 -9.84 8.35
C CYS A 99 7.45 -8.71 9.17
N GLU A 100 6.76 -8.16 10.18
CA GLU A 100 7.30 -7.29 11.24
C GLU A 100 7.71 -5.87 10.78
N ALA A 101 6.84 -5.21 10.00
CA ALA A 101 7.03 -3.83 9.54
C ALA A 101 5.75 -2.98 9.56
N HIS A 102 5.91 -1.69 9.88
CA HIS A 102 4.87 -0.67 9.75
C HIS A 102 4.69 -0.26 8.29
N LEU A 103 3.49 -0.47 7.73
CA LEU A 103 3.28 -0.37 6.28
C LEU A 103 2.07 0.44 5.82
N GLY A 104 1.05 0.46 6.65
CA GLY A 104 -0.22 1.14 6.48
C GLY A 104 -0.50 2.08 7.63
N HIS A 105 -0.80 3.34 7.34
CA HIS A 105 -0.93 4.38 8.36
C HIS A 105 -2.08 5.34 8.02
N VAL A 106 -2.78 5.87 9.02
CA VAL A 106 -4.03 6.62 8.88
C VAL A 106 -4.00 7.90 9.72
N PHE A 107 -4.59 8.95 9.14
CA PHE A 107 -4.63 10.29 9.74
C PHE A 107 -5.93 11.09 9.45
N PRO A 108 -6.29 12.09 10.28
CA PRO A 108 -7.43 12.98 10.05
C PRO A 108 -7.09 14.16 9.12
N ASP A 109 -8.06 14.61 8.33
CA ASP A 109 -7.90 15.66 7.30
C ASP A 109 -8.33 17.08 7.74
N GLY A 110 -8.81 17.20 8.98
CA GLY A 110 -9.26 18.44 9.62
C GLY A 110 -10.64 18.38 10.32
N PRO A 111 -11.74 17.97 9.66
CA PRO A 111 -13.07 17.82 10.26
C PRO A 111 -13.19 16.59 11.21
N LYS A 112 -14.42 16.09 11.41
CA LYS A 112 -14.73 14.87 12.20
C LYS A 112 -13.91 13.65 11.74
N PRO A 113 -13.75 12.60 12.57
CA PRO A 113 -13.07 11.36 12.20
C PRO A 113 -13.71 10.61 10.99
N THR A 114 -14.89 11.04 10.54
CA THR A 114 -15.49 10.68 9.25
C THR A 114 -14.57 10.96 8.06
N GLY A 115 -13.75 12.03 8.10
CA GLY A 115 -12.86 12.45 7.02
C GLY A 115 -11.47 11.77 6.96
N GLN A 116 -11.20 10.80 7.83
CA GLN A 116 -9.89 10.14 7.94
C GLN A 116 -9.41 9.51 6.63
N ARG A 117 -8.11 9.66 6.32
CA ARG A 117 -7.45 9.22 5.09
C ARG A 117 -6.42 8.15 5.45
N PHE A 118 -6.50 7.03 4.76
CA PHE A 118 -5.78 5.80 5.07
C PHE A 118 -4.72 5.54 3.98
N CYS A 119 -3.45 5.70 4.33
CA CYS A 119 -2.27 5.65 3.47
C CYS A 119 -1.63 4.25 3.49
N ILE A 120 -1.03 3.84 2.38
CA ILE A 120 -0.28 2.58 2.27
C ILE A 120 1.07 2.83 1.56
N ASN A 121 2.13 2.13 1.95
CA ASN A 121 3.43 2.25 1.29
C ASN A 121 4.02 0.89 0.85
N SER A 122 4.01 0.64 -0.47
CA SER A 122 4.29 -0.66 -1.09
C SER A 122 5.79 -1.01 -1.20
N VAL A 123 6.59 -0.65 -0.20
CA VAL A 123 8.03 -0.97 -0.13
C VAL A 123 8.28 -2.48 0.13
N ALA A 124 7.31 -3.10 0.80
CA ALA A 124 7.32 -4.48 1.26
C ALA A 124 6.08 -5.29 0.79
N LEU A 125 5.33 -4.79 -0.21
CA LEU A 125 4.12 -5.39 -0.74
C LEU A 125 4.15 -5.45 -2.28
N LYS A 126 3.45 -6.44 -2.86
CA LYS A 126 3.22 -6.59 -4.30
C LYS A 126 1.75 -6.38 -4.66
N PHE A 127 1.46 -6.09 -5.92
CA PHE A 127 0.11 -6.01 -6.45
C PHE A 127 -0.05 -6.73 -7.79
N LYS A 128 -1.26 -7.25 -8.04
CA LYS A 128 -1.64 -7.97 -9.28
C LYS A 128 -3.03 -7.48 -9.73
N PRO A 129 -3.27 -7.16 -11.01
CA PRO A 129 -4.52 -6.55 -11.46
C PRO A 129 -5.65 -7.56 -11.67
N SER A 130 -6.87 -7.05 -11.88
CA SER A 130 -8.07 -7.88 -12.13
C SER A 130 -8.09 -8.44 -13.55
N LYS A 131 -7.68 -7.62 -14.50
CA LYS A 131 -7.79 -7.86 -15.94
C LYS A 131 -6.78 -8.91 -16.45
N PRO A 132 -7.13 -9.76 -17.44
CA PRO A 132 -6.22 -10.72 -18.06
C PRO A 132 -5.12 -10.07 -18.91
N ALA A 133 -4.22 -10.92 -19.41
CA ALA A 133 -2.97 -10.64 -20.15
C ALA A 133 -1.86 -9.97 -19.31
N ALA A 134 -2.25 -9.53 -18.11
CA ALA A 134 -1.40 -9.04 -17.04
C ALA A 134 -1.11 -10.09 -15.95
N ALA A 135 -1.77 -11.24 -16.04
CA ALA A 135 -1.36 -12.53 -15.48
C ALA A 135 -1.21 -13.52 -16.65
N LEU A 136 -0.21 -14.40 -16.58
CA LEU A 136 0.25 -15.21 -17.73
C LEU A 136 0.93 -16.51 -17.26
N GLU A 137 0.34 -17.15 -16.24
CA GLU A 137 0.83 -18.35 -15.56
C GLU A 137 0.57 -19.64 -16.36
N HIS A 138 0.53 -19.52 -17.69
CA HIS A 138 0.33 -20.59 -18.66
C HIS A 138 1.29 -21.78 -18.47
N HIS A 139 0.79 -23.02 -18.62
CA HIS A 139 1.53 -24.24 -18.25
C HIS A 139 1.60 -25.29 -19.38
N HIS A 140 1.67 -24.84 -20.65
CA HIS A 140 1.70 -25.72 -21.84
C HIS A 140 2.79 -25.34 -22.86
N HIS A 141 3.14 -24.05 -22.99
CA HIS A 141 4.07 -23.49 -23.97
C HIS A 141 3.79 -23.90 -25.44
N HIS A 142 4.76 -23.70 -26.32
CA HIS A 142 4.89 -24.38 -27.61
C HIS A 142 5.92 -25.52 -27.50
N HIS A 143 5.77 -26.57 -28.30
CA HIS A 143 6.49 -27.84 -28.16
C HIS A 143 6.97 -28.37 -29.52
ZN ZN B . 3.26 -9.06 5.47
N MET A 1 31.64 -8.47 -9.95
CA MET A 1 30.71 -7.42 -10.43
C MET A 1 29.28 -7.91 -10.43
N ALA A 2 28.34 -7.01 -10.12
CA ALA A 2 26.90 -7.26 -10.09
C ALA A 2 26.12 -6.07 -10.68
N ASP A 3 26.10 -4.92 -10.00
CA ASP A 3 25.77 -3.60 -10.55
C ASP A 3 26.49 -2.46 -9.80
N TRP A 4 26.29 -1.21 -10.24
CA TRP A 4 26.58 -0.03 -9.41
C TRP A 4 25.30 0.65 -8.91
N GLN A 5 24.26 0.66 -9.73
CA GLN A 5 23.07 1.49 -9.56
C GLN A 5 22.38 1.19 -8.25
N LYS A 6 21.97 -0.06 -8.11
CA LYS A 6 21.27 -0.59 -6.92
C LYS A 6 22.14 -0.62 -5.68
N LYS A 7 23.45 -0.81 -5.86
CA LYS A 7 24.43 -0.76 -4.77
C LYS A 7 24.63 0.65 -4.22
N LEU A 8 24.56 1.64 -5.10
CA LEU A 8 24.55 3.07 -4.75
C LEU A 8 23.17 3.60 -4.33
N THR A 9 22.06 3.01 -4.77
CA THR A 9 20.70 3.36 -4.38
C THR A 9 19.91 2.18 -3.76
N PRO A 10 20.32 1.66 -2.58
CA PRO A 10 19.74 0.46 -1.99
C PRO A 10 18.39 0.66 -1.29
N GLU A 11 17.92 -0.34 -0.54
CA GLU A 11 16.57 -0.45 0.03
C GLU A 11 16.11 0.79 0.80
N GLN A 12 16.95 1.30 1.68
CA GLN A 12 16.66 2.54 2.41
C GLN A 12 16.47 3.77 1.50
N PHE A 13 17.12 3.77 0.34
CA PHE A 13 16.95 4.79 -0.71
C PHE A 13 15.67 4.56 -1.53
N TYR A 14 15.28 3.30 -1.79
CA TYR A 14 13.99 2.96 -2.40
C TYR A 14 12.81 3.39 -1.50
N VAL A 15 12.83 2.92 -0.26
CA VAL A 15 11.74 3.14 0.72
C VAL A 15 11.57 4.63 1.01
N THR A 16 12.65 5.41 1.11
CA THR A 16 12.58 6.86 1.35
C THR A 16 12.02 7.65 0.16
N ARG A 17 12.17 7.12 -1.05
CA ARG A 17 11.59 7.68 -2.28
C ARG A 17 10.07 7.51 -2.29
N GLU A 18 9.58 6.36 -1.82
CA GLU A 18 8.13 6.14 -1.59
C GLU A 18 7.64 6.94 -0.36
N LYS A 19 8.49 7.14 0.65
CA LYS A 19 8.33 8.10 1.76
C LYS A 19 8.54 9.58 1.35
N GLY A 20 8.15 9.86 0.12
CA GLY A 20 8.34 11.11 -0.62
C GLY A 20 7.28 11.34 -1.71
N THR A 21 6.10 10.73 -1.54
CA THR A 21 4.96 10.81 -2.47
C THR A 21 3.84 11.68 -1.88
N GLU A 22 3.65 12.84 -2.50
CA GLU A 22 2.60 13.84 -2.29
C GLU A 22 2.26 14.51 -3.66
N ALA A 23 1.57 15.65 -3.67
CA ALA A 23 1.19 16.46 -4.84
C ALA A 23 0.12 15.83 -5.78
N PRO A 24 -0.59 16.66 -6.58
CA PRO A 24 -1.55 16.17 -7.57
C PRO A 24 -0.84 15.74 -8.87
N PHE A 25 -1.14 14.52 -9.32
CA PHE A 25 -0.57 13.92 -10.53
C PHE A 25 -1.46 14.22 -11.75
N SER A 26 -2.33 13.26 -12.08
CA SER A 26 -3.06 13.07 -13.34
C SER A 26 -4.09 11.94 -13.18
N GLY A 27 -3.83 10.96 -12.30
CA GLY A 27 -4.77 9.88 -12.01
C GLY A 27 -4.96 8.99 -13.20
N MET A 28 -6.20 8.94 -13.67
CA MET A 28 -6.55 8.32 -14.95
C MET A 28 -5.75 8.91 -16.12
N TYR A 29 -5.38 10.19 -16.03
CA TYR A 29 -4.63 10.86 -17.08
C TYR A 29 -3.15 10.44 -17.11
N LEU A 30 -2.66 9.66 -16.13
CA LEU A 30 -1.28 9.17 -16.14
C LEU A 30 -1.01 8.14 -17.25
N ASN A 31 -2.01 7.34 -17.62
CA ASN A 31 -1.90 6.37 -18.74
C ASN A 31 -3.27 5.89 -19.24
N ASN A 32 -4.04 5.29 -18.33
CA ASN A 32 -5.36 4.66 -18.51
C ASN A 32 -5.94 4.30 -17.12
N LYS A 33 -5.06 3.91 -16.18
CA LYS A 33 -5.31 3.39 -14.82
C LYS A 33 -5.98 2.02 -14.73
N GLU A 34 -5.35 1.15 -13.94
CA GLU A 34 -5.58 -0.29 -13.85
C GLU A 34 -5.89 -0.74 -12.41
N THR A 35 -6.29 -2.00 -12.25
CA THR A 35 -6.79 -2.56 -10.99
C THR A 35 -6.01 -3.83 -10.65
N GLY A 36 -5.94 -4.16 -9.36
CA GLY A 36 -5.17 -5.30 -8.84
C GLY A 36 -5.20 -5.41 -7.32
N MET A 37 -4.18 -6.02 -6.74
CA MET A 37 -4.02 -6.23 -5.30
C MET A 37 -2.56 -6.40 -4.89
N TYR A 38 -2.32 -6.26 -3.59
CA TYR A 38 -1.03 -6.35 -2.91
C TYR A 38 -0.98 -7.58 -2.00
N HIS A 39 0.20 -8.17 -1.93
CA HIS A 39 0.57 -9.26 -1.02
C HIS A 39 2.01 -9.09 -0.52
N CYS A 40 2.35 -9.76 0.58
CA CYS A 40 3.71 -9.83 1.09
C CYS A 40 4.68 -10.57 0.16
N VAL A 41 5.95 -10.34 0.42
CA VAL A 41 7.10 -11.08 -0.16
C VAL A 41 7.74 -12.08 0.83
N CYS A 42 7.20 -12.19 2.05
CA CYS A 42 7.83 -12.88 3.17
C CYS A 42 6.95 -13.91 3.91
N CYS A 43 5.65 -13.65 4.11
CA CYS A 43 4.74 -14.55 4.82
C CYS A 43 3.97 -15.48 3.86
N ASP A 44 2.84 -15.02 3.31
CA ASP A 44 1.92 -15.86 2.55
C ASP A 44 1.02 -15.13 1.54
N SER A 45 0.01 -14.43 2.04
CA SER A 45 -1.25 -14.16 1.34
C SER A 45 -1.45 -12.70 0.94
N PRO A 46 -2.28 -12.42 -0.10
CA PRO A 46 -2.78 -11.08 -0.37
C PRO A 46 -3.81 -10.64 0.68
N LEU A 47 -3.68 -9.38 1.10
CA LEU A 47 -4.52 -8.76 2.14
C LEU A 47 -5.04 -7.35 1.80
N PHE A 48 -4.53 -6.71 0.74
CA PHE A 48 -5.02 -5.37 0.35
C PHE A 48 -5.35 -5.31 -1.14
N SER A 49 -6.59 -5.00 -1.53
CA SER A 49 -6.96 -4.84 -2.93
C SER A 49 -6.85 -3.40 -3.39
N SER A 50 -6.19 -3.24 -4.53
CA SER A 50 -6.14 -1.98 -5.28
C SER A 50 -7.48 -1.58 -5.86
N GLU A 51 -8.47 -2.46 -5.78
CA GLU A 51 -9.87 -2.17 -6.05
C GLU A 51 -10.45 -1.05 -5.20
N LYS A 52 -9.92 -0.84 -3.99
CA LYS A 52 -10.29 0.33 -3.17
C LYS A 52 -9.32 1.50 -3.33
N LYS A 53 -8.34 1.40 -4.25
CA LYS A 53 -7.34 2.46 -4.46
C LYS A 53 -7.96 3.59 -5.28
N TYR A 54 -7.70 4.82 -4.87
CA TYR A 54 -8.14 6.02 -5.60
C TYR A 54 -7.30 6.30 -6.85
N CYS A 55 -7.23 5.33 -7.78
CA CYS A 55 -6.54 5.42 -9.08
C CYS A 55 -7.06 6.57 -9.95
N SER A 56 -8.38 6.82 -9.86
CA SER A 56 -9.14 7.86 -10.55
C SER A 56 -9.15 9.21 -9.83
N GLY A 57 -8.58 9.29 -8.62
CA GLY A 57 -8.48 10.51 -7.82
C GLY A 57 -7.21 11.32 -8.14
N THR A 58 -6.42 11.62 -7.11
CA THR A 58 -5.20 12.45 -7.18
C THR A 58 -4.06 11.80 -7.98
N GLY A 59 -4.11 10.47 -8.17
CA GLY A 59 -2.98 9.65 -8.64
C GLY A 59 -1.97 9.33 -7.51
N TRP A 60 -2.30 9.69 -6.27
CA TRP A 60 -1.49 9.54 -5.07
C TRP A 60 -1.96 8.32 -4.23
N PRO A 61 -1.04 7.49 -3.68
CA PRO A 61 -1.38 6.13 -3.26
C PRO A 61 -2.10 6.06 -1.91
N SER A 62 -3.37 5.67 -1.99
CA SER A 62 -4.34 5.62 -0.89
C SER A 62 -5.49 4.67 -1.24
N PHE A 63 -6.09 4.01 -0.24
CA PHE A 63 -7.12 2.97 -0.36
C PHE A 63 -8.05 3.04 0.84
N SER A 64 -9.35 3.11 0.56
CA SER A 64 -10.40 3.23 1.58
C SER A 64 -10.65 1.96 2.38
N GLU A 65 -10.27 0.78 1.87
CA GLU A 65 -10.46 -0.49 2.59
C GLU A 65 -9.19 -1.31 2.74
N ALA A 66 -9.16 -1.93 3.91
CA ALA A 66 -8.12 -2.77 4.45
C ALA A 66 -8.80 -3.97 5.13
N TYR A 67 -8.60 -5.14 4.53
CA TYR A 67 -9.00 -6.49 4.99
C TYR A 67 -8.32 -6.94 6.32
N GLY A 68 -7.98 -5.98 7.19
CA GLY A 68 -7.14 -6.14 8.38
C GLY A 68 -7.94 -6.26 9.68
N SER A 69 -9.08 -6.95 9.64
CA SER A 69 -9.93 -7.22 10.79
C SER A 69 -9.16 -7.84 11.97
N LYS A 70 -9.73 -7.65 13.15
CA LYS A 70 -9.12 -7.77 14.47
C LYS A 70 -9.85 -8.80 15.34
N GLY A 71 -9.06 -9.63 16.00
CA GLY A 71 -9.47 -10.53 17.08
C GLY A 71 -10.24 -11.77 16.62
N SER A 72 -11.47 -11.51 16.16
CA SER A 72 -12.41 -12.44 15.54
C SER A 72 -11.78 -13.24 14.40
N ASP A 73 -10.86 -12.61 13.68
CA ASP A 73 -9.77 -13.28 12.98
C ASP A 73 -8.50 -12.47 13.19
N GLU A 74 -7.47 -13.14 13.66
CA GLU A 74 -6.11 -12.62 13.79
C GLU A 74 -5.04 -13.64 13.38
N SER A 75 -5.46 -14.64 12.62
CA SER A 75 -4.69 -15.80 12.20
C SER A 75 -4.56 -15.90 10.68
N HIS A 76 -5.61 -15.53 9.96
CA HIS A 76 -5.67 -15.48 8.49
C HIS A 76 -5.09 -14.19 7.92
N THR A 77 -5.20 -13.13 8.73
CA THR A 77 -4.48 -11.88 8.52
C THR A 77 -3.10 -12.00 9.15
N GLY A 78 -3.08 -12.32 10.45
CA GLY A 78 -1.90 -12.23 11.30
C GLY A 78 -1.34 -10.81 11.38
N ILE A 79 -2.16 -9.79 11.09
CA ILE A 79 -1.77 -8.38 11.10
C ILE A 79 -2.17 -7.69 12.41
N LEU A 80 -1.57 -6.54 12.67
CA LEU A 80 -1.60 -5.79 13.93
C LEU A 80 -1.66 -4.27 13.71
N ARG A 81 -1.76 -3.52 14.81
CA ARG A 81 -2.02 -2.08 14.83
C ARG A 81 -1.32 -1.38 15.99
N ARG A 82 -0.99 -0.11 15.78
CA ARG A 82 -0.38 0.81 16.75
C ARG A 82 -0.86 2.24 16.45
N LEU A 83 -1.65 2.79 17.36
CA LEU A 83 -2.12 4.16 17.30
C LEU A 83 -1.16 5.07 18.06
N ASP A 84 -0.77 6.16 17.41
CA ASP A 84 0.32 7.05 17.83
C ASP A 84 -0.20 8.30 18.58
N THR A 85 -1.45 8.21 19.05
CA THR A 85 -2.25 9.25 19.73
C THR A 85 -1.79 9.61 21.16
N SER A 86 -0.48 9.51 21.38
CA SER A 86 0.19 9.79 22.64
C SER A 86 1.33 10.82 22.53
N LEU A 87 1.56 11.33 21.32
CA LEU A 87 2.52 12.38 20.99
C LEU A 87 1.86 13.78 20.84
N GLY A 88 0.63 13.93 21.32
CA GLY A 88 -0.20 15.14 21.18
C GLY A 88 -0.92 15.27 19.83
N CYS A 89 -0.57 14.41 18.87
CA CYS A 89 -1.22 14.30 17.57
C CYS A 89 -1.82 12.89 17.40
N PRO A 90 -3.14 12.75 17.17
CA PRO A 90 -3.75 11.44 16.91
C PRO A 90 -3.49 10.96 15.48
N ARG A 91 -2.92 9.77 15.39
CA ARG A 91 -2.62 9.03 14.15
C ARG A 91 -2.83 7.53 14.37
N MET A 92 -2.99 6.80 13.28
CA MET A 92 -3.28 5.37 13.23
C MET A 92 -2.26 4.72 12.27
N GLU A 93 -1.58 3.69 12.73
CA GLU A 93 -0.62 2.91 11.91
C GLU A 93 -0.83 1.40 12.12
N VAL A 94 -0.50 0.60 11.10
CA VAL A 94 -0.76 -0.84 11.04
C VAL A 94 0.48 -1.60 10.57
N VAL A 95 0.63 -2.83 11.06
CA VAL A 95 1.78 -3.70 10.70
C VAL A 95 1.34 -5.12 10.41
N CYS A 96 2.12 -5.84 9.64
CA CYS A 96 2.05 -7.27 9.51
C CYS A 96 3.02 -7.85 10.53
N LYS A 97 2.42 -8.62 11.43
CA LYS A 97 3.11 -9.45 12.42
C LYS A 97 3.53 -10.81 11.84
N GLN A 98 2.99 -11.20 10.68
CA GLN A 98 3.46 -12.37 9.92
C GLN A 98 4.83 -12.15 9.28
N CYS A 99 5.00 -11.04 8.57
CA CYS A 99 6.18 -10.69 7.79
C CYS A 99 7.06 -9.56 8.39
N GLU A 100 6.59 -8.89 9.46
CA GLU A 100 7.25 -7.79 10.18
C GLU A 100 7.51 -6.53 9.31
N ALA A 101 6.44 -5.99 8.71
CA ALA A 101 6.46 -4.76 7.93
C ALA A 101 5.24 -3.88 8.24
N HIS A 102 5.42 -2.56 8.21
CA HIS A 102 4.28 -1.63 8.33
C HIS A 102 3.44 -1.61 7.04
N LEU A 103 2.14 -1.83 7.22
CA LEU A 103 1.13 -1.94 6.15
C LEU A 103 0.52 -0.59 5.76
N GLY A 104 1.06 0.48 6.33
CA GLY A 104 0.72 1.86 6.10
C GLY A 104 0.05 2.50 7.31
N HIS A 105 -0.48 3.69 7.05
CA HIS A 105 -0.91 4.63 8.07
C HIS A 105 -2.08 5.51 7.64
N VAL A 106 -2.70 6.13 8.63
CA VAL A 106 -4.02 6.77 8.57
C VAL A 106 -4.00 8.07 9.37
N PHE A 107 -4.58 9.10 8.76
CA PHE A 107 -4.72 10.45 9.33
C PHE A 107 -6.00 11.17 8.87
N PRO A 108 -6.54 12.13 9.66
CA PRO A 108 -7.51 13.12 9.18
C PRO A 108 -6.77 14.27 8.47
N ASP A 109 -7.21 14.62 7.26
CA ASP A 109 -6.48 15.63 6.46
C ASP A 109 -6.79 17.10 6.78
N GLY A 110 -7.71 17.32 7.71
CA GLY A 110 -8.28 18.62 8.04
C GLY A 110 -9.65 18.57 8.74
N PRO A 111 -10.67 17.91 8.16
CA PRO A 111 -12.04 17.91 8.71
C PRO A 111 -12.21 16.95 9.91
N LYS A 112 -13.46 16.64 10.28
CA LYS A 112 -13.84 15.64 11.30
C LYS A 112 -13.16 14.28 11.05
N PRO A 113 -13.02 13.41 12.07
CA PRO A 113 -12.48 12.05 11.90
C PRO A 113 -13.27 11.20 10.89
N THR A 114 -14.51 11.60 10.57
CA THR A 114 -15.34 11.06 9.48
C THR A 114 -14.66 11.13 8.10
N GLY A 115 -13.70 12.05 7.94
CA GLY A 115 -12.88 12.29 6.75
C GLY A 115 -11.46 11.74 6.82
N GLN A 116 -11.17 10.82 7.73
CA GLN A 116 -9.89 10.12 7.77
C GLN A 116 -9.58 9.36 6.47
N ARG A 117 -8.31 9.41 6.04
CA ARG A 117 -7.77 8.76 4.85
C ARG A 117 -6.58 7.87 5.23
N PHE A 118 -6.45 6.78 4.50
CA PHE A 118 -5.32 5.86 4.55
C PHE A 118 -4.31 6.22 3.46
N CYS A 119 -3.05 6.36 3.83
CA CYS A 119 -1.92 6.56 2.91
C CYS A 119 -0.88 5.43 3.07
N ILE A 120 -0.25 5.03 1.97
CA ILE A 120 0.76 3.96 1.94
C ILE A 120 2.08 4.47 1.34
N ASN A 121 3.18 3.81 1.70
CA ASN A 121 4.46 3.84 1.00
C ASN A 121 4.87 2.36 0.72
N SER A 122 5.32 2.03 -0.49
CA SER A 122 5.42 0.65 -0.99
C SER A 122 6.68 -0.11 -0.52
N VAL A 123 6.93 -0.09 0.78
CA VAL A 123 8.19 -0.44 1.48
C VAL A 123 8.80 -1.81 1.09
N ALA A 124 8.04 -2.88 1.31
CA ALA A 124 8.53 -4.27 1.24
C ALA A 124 7.46 -5.29 0.81
N LEU A 125 6.46 -4.87 0.04
CA LEU A 125 5.35 -5.70 -0.44
C LEU A 125 5.35 -5.79 -1.96
N LYS A 126 4.75 -6.84 -2.50
CA LYS A 126 4.51 -7.06 -3.93
C LYS A 126 3.05 -6.80 -4.32
N PHE A 127 2.80 -6.69 -5.63
CA PHE A 127 1.48 -6.49 -6.21
C PHE A 127 1.31 -7.23 -7.54
N LYS A 128 0.07 -7.59 -7.87
CA LYS A 128 -0.36 -8.22 -9.12
C LYS A 128 -1.70 -7.61 -9.60
N PRO A 129 -2.01 -7.58 -10.91
CA PRO A 129 -3.25 -6.99 -11.41
C PRO A 129 -4.48 -7.88 -11.16
N SER A 130 -5.66 -7.34 -11.41
CA SER A 130 -6.94 -7.96 -11.04
C SER A 130 -7.48 -8.86 -12.15
N LYS A 131 -7.44 -8.33 -13.38
CA LYS A 131 -7.87 -8.98 -14.62
C LYS A 131 -6.83 -9.98 -15.15
N PRO A 132 -7.22 -10.95 -16.01
CA PRO A 132 -6.29 -11.69 -16.85
C PRO A 132 -5.69 -10.82 -17.97
N ALA A 133 -4.87 -11.45 -18.80
CA ALA A 133 -4.34 -10.91 -20.07
C ALA A 133 -3.45 -9.66 -19.90
N ALA A 134 -2.89 -9.49 -18.71
CA ALA A 134 -2.08 -8.34 -18.30
C ALA A 134 -0.60 -8.43 -18.77
N ALA A 135 -0.19 -9.62 -19.21
CA ALA A 135 1.18 -10.04 -19.55
C ALA A 135 2.09 -10.24 -18.33
N LEU A 136 3.01 -11.23 -18.45
CA LEU A 136 3.97 -11.58 -17.40
C LEU A 136 5.34 -10.91 -17.54
N GLU A 137 5.36 -9.92 -18.40
CA GLU A 137 6.46 -9.00 -18.69
C GLU A 137 6.82 -8.14 -17.47
N HIS A 138 5.87 -7.90 -16.57
CA HIS A 138 6.06 -7.09 -15.36
C HIS A 138 7.08 -7.65 -14.35
N HIS A 139 7.45 -8.91 -14.52
CA HIS A 139 8.53 -9.59 -13.80
C HIS A 139 9.95 -9.21 -14.27
N HIS A 140 10.09 -8.53 -15.42
CA HIS A 140 11.35 -8.21 -16.09
C HIS A 140 12.24 -7.21 -15.31
N HIS A 141 13.44 -7.00 -15.84
CA HIS A 141 14.46 -6.04 -15.39
C HIS A 141 14.04 -4.58 -15.67
N HIS A 142 12.94 -4.16 -15.01
CA HIS A 142 12.38 -2.81 -14.96
C HIS A 142 12.01 -2.55 -13.48
N HIS A 143 12.99 -2.71 -12.60
CA HIS A 143 12.85 -2.87 -11.15
C HIS A 143 13.93 -2.11 -10.38
ZN ZN B . 2.06 -10.44 5.76
N MET A 1 20.84 -10.19 -7.66
CA MET A 1 20.63 -9.47 -8.93
C MET A 1 20.18 -10.44 -10.03
N ALA A 2 18.96 -11.00 -9.93
CA ALA A 2 18.37 -11.78 -11.03
C ALA A 2 18.11 -10.91 -12.28
N ASP A 3 17.93 -9.60 -12.06
CA ASP A 3 18.08 -8.52 -13.02
C ASP A 3 18.81 -7.32 -12.39
N TRP A 4 19.13 -6.31 -13.21
CA TRP A 4 19.75 -5.06 -12.80
C TRP A 4 18.71 -3.97 -12.54
N GLN A 5 17.58 -3.97 -13.26
CA GLN A 5 16.54 -2.93 -13.17
C GLN A 5 16.02 -2.79 -11.73
N LYS A 6 15.73 -3.94 -11.10
CA LYS A 6 15.28 -4.02 -9.70
C LYS A 6 16.29 -3.45 -8.69
N LYS A 7 17.57 -3.55 -9.05
CA LYS A 7 18.74 -3.21 -8.24
C LYS A 7 19.19 -1.76 -8.41
N LEU A 8 19.00 -1.24 -9.62
CA LEU A 8 19.23 0.16 -10.00
C LEU A 8 18.22 1.10 -9.32
N THR A 9 16.96 0.67 -9.23
CA THR A 9 15.86 1.38 -8.59
C THR A 9 15.23 0.54 -7.47
N PRO A 10 15.90 0.40 -6.30
CA PRO A 10 15.35 -0.35 -5.17
C PRO A 10 14.10 0.30 -4.57
N GLU A 11 13.20 -0.54 -4.07
CA GLU A 11 11.79 -0.18 -3.84
C GLU A 11 11.57 0.58 -2.54
N GLN A 12 12.11 0.03 -1.45
CA GLN A 12 12.14 0.72 -0.16
C GLN A 12 12.91 2.03 -0.24
N PHE A 13 13.95 2.05 -1.07
CA PHE A 13 14.70 3.27 -1.37
C PHE A 13 13.81 4.27 -2.10
N TYR A 14 13.15 3.85 -3.19
CA TYR A 14 12.30 4.74 -4.00
C TYR A 14 11.14 5.32 -3.16
N VAL A 15 10.54 4.48 -2.32
CA VAL A 15 9.54 4.89 -1.31
C VAL A 15 10.11 5.91 -0.30
N THR A 16 11.26 5.66 0.34
CA THR A 16 11.87 6.51 1.40
C THR A 16 12.56 7.77 0.91
N ARG A 17 12.77 7.82 -0.40
CA ARG A 17 13.37 8.90 -1.21
C ARG A 17 12.34 10.01 -1.45
N GLU A 18 11.09 9.77 -1.06
CA GLU A 18 10.10 10.83 -0.86
C GLU A 18 9.30 10.64 0.44
N LYS A 19 8.66 9.48 0.61
CA LYS A 19 7.61 9.20 1.61
C LYS A 19 6.50 10.26 1.84
N GLY A 20 6.38 11.15 0.87
CA GLY A 20 5.55 12.37 0.89
C GLY A 20 4.95 12.78 -0.47
N THR A 21 4.96 11.89 -1.45
CA THR A 21 4.73 12.19 -2.88
C THR A 21 3.24 12.25 -3.26
N GLU A 22 2.59 13.38 -2.96
CA GLU A 22 1.27 13.69 -3.51
C GLU A 22 1.41 14.16 -4.96
N ALA A 23 0.52 13.66 -5.82
CA ALA A 23 0.58 13.87 -7.28
C ALA A 23 -0.49 14.88 -7.76
N PRO A 24 -0.19 15.71 -8.78
CA PRO A 24 -0.92 16.97 -9.00
C PRO A 24 -2.15 16.88 -9.92
N PHE A 25 -2.69 18.08 -10.16
CA PHE A 25 -3.80 18.57 -11.01
C PHE A 25 -3.90 18.07 -12.45
N SER A 26 -3.06 17.13 -12.87
CA SER A 26 -3.23 16.38 -14.09
C SER A 26 -2.94 14.88 -14.09
N GLY A 27 -2.90 14.25 -12.93
CA GLY A 27 -2.92 12.79 -12.84
C GLY A 27 -3.90 12.28 -11.81
N MET A 28 -3.60 12.57 -10.55
CA MET A 28 -4.49 12.26 -9.45
C MET A 28 -5.76 13.11 -9.41
N TYR A 29 -5.81 14.13 -10.27
CA TYR A 29 -7.03 14.89 -10.51
C TYR A 29 -7.90 14.32 -11.63
N LEU A 30 -7.37 13.48 -12.52
CA LEU A 30 -8.01 13.16 -13.80
C LEU A 30 -8.37 11.67 -13.87
N ASN A 31 -9.06 11.18 -12.84
CA ASN A 31 -9.13 9.75 -12.53
C ASN A 31 -10.52 9.13 -12.30
N ASN A 32 -10.62 7.86 -12.70
CA ASN A 32 -11.66 6.89 -12.31
C ASN A 32 -11.06 5.90 -11.27
N LYS A 33 -11.34 4.59 -11.38
CA LYS A 33 -10.93 3.53 -10.45
C LYS A 33 -10.73 2.20 -11.17
N GLU A 34 -9.49 1.73 -11.15
CA GLU A 34 -9.12 0.33 -11.43
C GLU A 34 -9.64 -0.62 -10.34
N THR A 35 -9.35 -1.90 -10.51
CA THR A 35 -9.67 -3.00 -9.60
C THR A 35 -8.45 -3.93 -9.51
N GLY A 36 -8.24 -4.61 -8.38
CA GLY A 36 -7.07 -5.47 -8.16
C GLY A 36 -6.92 -5.91 -6.70
N MET A 37 -5.77 -6.46 -6.33
CA MET A 37 -5.48 -6.91 -4.98
C MET A 37 -3.98 -6.96 -4.66
N TYR A 38 -3.69 -6.95 -3.36
CA TYR A 38 -2.39 -6.79 -2.72
C TYR A 38 -2.12 -7.96 -1.75
N HIS A 39 -0.85 -8.34 -1.70
CA HIS A 39 -0.34 -9.55 -1.06
C HIS A 39 1.12 -9.30 -0.63
N CYS A 40 1.59 -10.05 0.37
CA CYS A 40 2.92 -9.83 0.91
C CYS A 40 4.05 -10.42 0.01
N VAL A 41 5.25 -9.99 0.37
CA VAL A 41 6.55 -10.56 -0.07
C VAL A 41 7.55 -10.66 1.09
N CYS A 42 7.11 -10.37 2.32
CA CYS A 42 7.90 -10.39 3.55
C CYS A 42 7.34 -11.39 4.58
N CYS A 43 6.03 -11.61 4.62
CA CYS A 43 5.39 -12.78 5.19
C CYS A 43 5.00 -13.73 4.03
N ASP A 44 3.72 -13.78 3.66
CA ASP A 44 3.25 -14.68 2.59
C ASP A 44 1.82 -14.41 2.05
N SER A 45 0.91 -13.92 2.88
CA SER A 45 -0.52 -13.99 2.63
C SER A 45 -1.09 -12.91 1.68
N PRO A 46 -2.23 -13.18 1.02
CA PRO A 46 -3.11 -12.14 0.53
C PRO A 46 -3.73 -11.38 1.70
N LEU A 47 -3.77 -10.05 1.56
CA LEU A 47 -3.87 -9.17 2.72
C LEU A 47 -4.90 -8.05 2.57
N PHE A 48 -5.03 -7.43 1.40
CA PHE A 48 -6.05 -6.39 1.14
C PHE A 48 -6.35 -6.25 -0.36
N SER A 49 -7.56 -5.81 -0.72
CA SER A 49 -7.97 -5.60 -2.10
C SER A 49 -7.84 -4.14 -2.52
N SER A 50 -7.44 -3.94 -3.78
CA SER A 50 -7.46 -2.62 -4.45
C SER A 50 -8.86 -2.07 -4.68
N GLU A 51 -9.85 -2.92 -4.46
CA GLU A 51 -11.25 -2.58 -4.32
C GLU A 51 -11.53 -1.49 -3.29
N LYS A 52 -10.86 -1.56 -2.14
CA LYS A 52 -10.87 -0.56 -1.07
C LYS A 52 -10.01 0.67 -1.39
N LYS A 53 -9.33 0.68 -2.54
CA LYS A 53 -8.41 1.76 -2.93
C LYS A 53 -9.16 3.00 -3.40
N TYR A 54 -8.64 4.16 -3.02
CA TYR A 54 -9.13 5.47 -3.46
C TYR A 54 -8.58 5.86 -4.84
N CYS A 55 -9.49 6.25 -5.73
CA CYS A 55 -9.23 6.89 -7.04
C CYS A 55 -8.15 6.17 -7.88
N SER A 56 -7.35 6.91 -8.66
CA SER A 56 -6.14 6.34 -9.31
C SER A 56 -5.01 6.06 -8.32
N GLY A 57 -4.84 6.89 -7.28
CA GLY A 57 -3.69 6.84 -6.36
C GLY A 57 -2.33 6.97 -7.08
N THR A 58 -2.23 7.86 -8.09
CA THR A 58 -1.14 7.93 -9.09
C THR A 58 0.28 8.00 -8.52
N GLY A 59 0.47 8.74 -7.43
CA GLY A 59 1.66 8.64 -6.55
C GLY A 59 1.31 8.20 -5.13
N TRP A 60 0.02 8.07 -4.82
CA TRP A 60 -0.50 8.17 -3.46
C TRP A 60 -1.52 7.05 -3.14
N PRO A 61 -1.05 5.80 -2.93
CA PRO A 61 -1.92 4.68 -2.63
C PRO A 61 -2.60 4.86 -1.27
N SER A 62 -3.92 4.65 -1.24
CA SER A 62 -4.82 5.07 -0.16
C SER A 62 -6.04 4.14 -0.12
N PHE A 63 -6.51 3.74 1.07
CA PHE A 63 -7.28 2.49 1.26
C PHE A 63 -8.17 2.61 2.51
N SER A 64 -9.49 2.61 2.33
CA SER A 64 -10.45 2.75 3.44
C SER A 64 -10.64 1.49 4.31
N GLU A 65 -10.28 0.30 3.80
CA GLU A 65 -10.27 -0.95 4.57
C GLU A 65 -9.15 -1.89 4.10
N ALA A 66 -8.74 -2.81 4.98
CA ALA A 66 -7.83 -3.91 4.66
C ALA A 66 -8.60 -5.19 4.25
N TYR A 67 -9.67 -5.03 3.47
CA TYR A 67 -10.57 -6.13 3.11
C TYR A 67 -9.92 -7.00 2.04
N GLY A 68 -9.43 -8.17 2.43
CA GLY A 68 -8.75 -9.14 1.55
C GLY A 68 -7.94 -10.22 2.27
N SER A 69 -7.72 -10.08 3.58
CA SER A 69 -7.06 -11.08 4.43
C SER A 69 -7.98 -12.26 4.72
N LYS A 70 -7.37 -13.43 4.89
CA LYS A 70 -8.00 -14.75 4.74
C LYS A 70 -7.50 -15.79 5.73
N GLY A 71 -8.46 -16.42 6.41
CA GLY A 71 -8.39 -17.72 7.10
C GLY A 71 -7.54 -17.73 8.37
N SER A 72 -6.23 -17.62 8.14
CA SER A 72 -5.22 -17.36 9.16
C SER A 72 -5.26 -15.89 9.58
N ASP A 73 -5.62 -15.02 8.64
CA ASP A 73 -5.49 -13.56 8.74
C ASP A 73 -6.87 -12.90 8.92
N GLU A 74 -7.77 -13.70 9.47
CA GLU A 74 -9.21 -13.54 9.59
C GLU A 74 -9.70 -14.15 10.93
N SER A 75 -8.77 -14.74 11.71
CA SER A 75 -9.05 -15.23 13.07
C SER A 75 -9.29 -14.04 14.00
N HIS A 76 -8.54 -12.95 13.77
CA HIS A 76 -8.80 -11.64 14.36
C HIS A 76 -8.49 -10.48 13.40
N THR A 77 -7.32 -10.54 12.77
CA THR A 77 -6.74 -9.48 11.93
C THR A 77 -5.64 -9.96 10.99
N GLY A 78 -4.77 -10.84 11.48
CA GLY A 78 -3.44 -11.11 10.90
C GLY A 78 -2.42 -9.97 11.11
N ILE A 79 -2.91 -8.75 11.35
CA ILE A 79 -2.13 -7.50 11.52
C ILE A 79 -2.34 -6.87 12.91
N LEU A 80 -1.58 -5.81 13.19
CA LEU A 80 -1.56 -5.05 14.43
C LEU A 80 -1.82 -3.56 14.14
N ARG A 81 -1.82 -2.74 15.19
CA ARG A 81 -2.23 -1.33 15.18
C ARG A 81 -1.31 -0.51 16.08
N ARG A 82 -1.05 0.74 15.72
CA ARG A 82 -0.10 1.65 16.40
C ARG A 82 -0.61 3.09 16.38
N LEU A 83 -1.17 3.58 17.48
CA LEU A 83 -1.40 5.00 17.67
C LEU A 83 -0.10 5.73 18.05
N ASP A 84 -0.03 7.01 17.66
CA ASP A 84 1.20 7.83 17.72
C ASP A 84 0.93 9.24 18.30
N THR A 85 -0.08 9.35 19.17
CA THR A 85 -0.57 10.61 19.80
C THR A 85 0.37 11.17 20.89
N SER A 86 1.67 11.02 20.68
CA SER A 86 2.77 11.49 21.56
C SER A 86 3.84 12.28 20.80
N LEU A 87 3.64 12.49 19.49
CA LEU A 87 4.47 13.32 18.59
C LEU A 87 4.08 14.80 18.60
N GLY A 88 3.29 15.19 19.60
CA GLY A 88 2.69 16.52 19.73
C GLY A 88 1.44 16.74 18.86
N CYS A 89 1.09 15.74 18.05
CA CYS A 89 -0.09 15.64 17.19
C CYS A 89 -0.64 14.20 17.22
N PRO A 90 -1.97 13.98 17.23
CA PRO A 90 -2.56 12.65 17.06
C PRO A 90 -2.40 12.12 15.61
N ARG A 91 -1.89 10.89 15.51
CA ARG A 91 -1.82 10.03 14.30
C ARG A 91 -2.14 8.59 14.72
N MET A 92 -2.55 7.77 13.77
CA MET A 92 -2.97 6.39 13.96
C MET A 92 -2.52 5.52 12.80
N GLU A 93 -1.97 4.34 13.09
CA GLU A 93 -1.31 3.49 12.09
C GLU A 93 -1.62 1.99 12.26
N VAL A 94 -1.30 1.20 11.23
CA VAL A 94 -1.46 -0.26 11.19
C VAL A 94 -0.15 -0.95 10.78
N VAL A 95 0.19 -2.05 11.44
CA VAL A 95 1.47 -2.75 11.19
C VAL A 95 1.28 -4.23 10.92
N CYS A 96 2.12 -4.80 10.07
CA CYS A 96 2.16 -6.20 9.75
C CYS A 96 2.88 -6.92 10.89
N LYS A 97 2.08 -7.57 11.72
CA LYS A 97 2.50 -8.54 12.75
C LYS A 97 3.29 -9.73 12.16
N GLN A 98 3.19 -9.94 10.86
CA GLN A 98 3.65 -11.13 10.16
C GLN A 98 5.08 -11.02 9.65
N CYS A 99 5.45 -9.82 9.19
CA CYS A 99 6.77 -9.43 8.72
C CYS A 99 7.41 -8.24 9.49
N GLU A 100 6.71 -7.75 10.52
CA GLU A 100 7.11 -6.68 11.45
C GLU A 100 7.40 -5.34 10.74
N ALA A 101 6.40 -4.83 10.02
CA ALA A 101 6.49 -3.61 9.21
C ALA A 101 5.30 -2.66 9.40
N HIS A 102 5.56 -1.38 9.66
CA HIS A 102 4.58 -0.31 9.53
C HIS A 102 4.35 0.04 8.06
N LEU A 103 3.13 -0.17 7.56
CA LEU A 103 2.83 -0.11 6.11
C LEU A 103 1.78 0.92 5.73
N GLY A 104 0.81 1.05 6.60
CA GLY A 104 -0.47 1.71 6.43
C GLY A 104 -0.82 2.58 7.64
N HIS A 105 -1.49 3.68 7.35
CA HIS A 105 -1.65 4.77 8.28
C HIS A 105 -2.90 5.60 7.99
N VAL A 106 -3.38 6.33 8.99
CA VAL A 106 -4.58 7.16 8.91
C VAL A 106 -4.41 8.47 9.70
N PHE A 107 -4.91 9.54 9.11
CA PHE A 107 -4.88 10.90 9.67
C PHE A 107 -6.11 11.76 9.30
N PRO A 108 -6.55 12.71 10.13
CA PRO A 108 -7.56 13.71 9.75
C PRO A 108 -6.96 14.75 8.80
N ASP A 109 -7.66 15.09 7.72
CA ASP A 109 -7.13 15.98 6.67
C ASP A 109 -7.38 17.49 6.91
N GLY A 110 -7.88 17.83 8.10
CA GLY A 110 -8.25 19.18 8.53
C GLY A 110 -9.40 19.25 9.54
N PRO A 111 -10.56 18.59 9.29
CA PRO A 111 -11.77 18.68 10.12
C PRO A 111 -11.84 17.56 11.18
N LYS A 112 -13.08 17.24 11.61
CA LYS A 112 -13.43 16.08 12.46
C LYS A 112 -12.92 14.74 11.87
N PRO A 113 -12.75 13.69 12.70
CA PRO A 113 -12.23 12.39 12.25
C PRO A 113 -13.13 11.69 11.21
N THR A 114 -14.33 12.19 10.94
CA THR A 114 -15.11 11.73 9.76
C THR A 114 -14.41 12.06 8.44
N GLY A 115 -13.55 13.09 8.43
CA GLY A 115 -12.62 13.46 7.36
C GLY A 115 -11.23 12.81 7.44
N GLN A 116 -11.09 11.69 8.14
CA GLN A 116 -9.87 10.89 8.10
C GLN A 116 -9.60 10.31 6.70
N ARG A 117 -8.34 10.42 6.25
CA ARG A 117 -7.78 9.82 5.04
C ARG A 117 -6.78 8.75 5.45
N PHE A 118 -6.82 7.65 4.74
CA PHE A 118 -5.95 6.51 4.94
C PHE A 118 -4.91 6.45 3.82
N CYS A 119 -3.63 6.35 4.15
CA CYS A 119 -2.51 6.30 3.22
C CYS A 119 -1.70 5.01 3.44
N ILE A 120 -1.07 4.45 2.40
CA ILE A 120 -0.19 3.27 2.54
C ILE A 120 1.13 3.53 1.80
N ASN A 121 2.16 2.73 2.06
CA ASN A 121 3.45 2.85 1.38
C ASN A 121 4.01 1.49 0.94
N SER A 122 4.31 1.36 -0.36
CA SER A 122 4.67 0.09 -1.03
C SER A 122 6.12 -0.35 -0.80
N VAL A 123 6.66 -0.12 0.40
CA VAL A 123 8.08 -0.25 0.76
C VAL A 123 8.67 -1.64 0.45
N ALA A 124 7.87 -2.69 0.65
CA ALA A 124 8.26 -4.09 0.47
C ALA A 124 7.04 -5.06 0.39
N LEU A 125 6.15 -4.87 -0.59
CA LEU A 125 4.95 -5.68 -0.81
C LEU A 125 4.63 -5.92 -2.30
N LYS A 126 3.66 -6.78 -2.60
CA LYS A 126 3.23 -7.18 -3.94
C LYS A 126 1.75 -6.88 -4.25
N PHE A 127 1.47 -6.77 -5.54
CA PHE A 127 0.16 -6.41 -6.10
C PHE A 127 0.01 -6.87 -7.55
N LYS A 128 -1.23 -7.16 -7.97
CA LYS A 128 -1.70 -7.24 -9.35
C LYS A 128 -3.07 -6.56 -9.52
N PRO A 129 -3.35 -5.94 -10.68
CA PRO A 129 -4.70 -5.54 -11.05
C PRO A 129 -5.58 -6.77 -11.38
N SER A 130 -6.87 -6.54 -11.51
CA SER A 130 -7.90 -7.52 -11.83
C SER A 130 -8.35 -7.44 -13.29
N LYS A 131 -8.46 -6.20 -13.80
CA LYS A 131 -8.50 -5.85 -15.22
C LYS A 131 -7.42 -6.59 -16.04
N PRO A 132 -7.68 -6.92 -17.32
CA PRO A 132 -6.65 -7.43 -18.23
C PRO A 132 -5.53 -6.42 -18.52
N ALA A 133 -4.50 -6.93 -19.21
CA ALA A 133 -3.25 -6.24 -19.49
C ALA A 133 -2.57 -5.78 -18.19
N ALA A 134 -2.34 -6.74 -17.29
CA ALA A 134 -1.70 -6.50 -16.00
C ALA A 134 -0.21 -6.14 -16.17
N ALA A 135 0.41 -6.73 -17.21
CA ALA A 135 1.85 -6.67 -17.50
C ALA A 135 2.74 -7.32 -16.40
N LEU A 136 3.97 -7.68 -16.78
CA LEU A 136 4.78 -8.67 -16.05
C LEU A 136 4.00 -10.00 -15.91
N GLU A 137 3.29 -10.34 -16.99
CA GLU A 137 2.21 -11.31 -17.04
C GLU A 137 2.71 -12.75 -16.84
N HIS A 138 3.63 -13.20 -17.71
CA HIS A 138 4.46 -14.40 -17.56
C HIS A 138 5.78 -14.23 -18.35
N HIS A 139 6.76 -15.10 -18.10
CA HIS A 139 8.10 -15.05 -18.73
C HIS A 139 8.13 -15.64 -20.15
N HIS A 140 9.25 -15.51 -20.88
CA HIS A 140 9.45 -16.19 -22.17
C HIS A 140 9.27 -17.71 -22.04
N HIS A 141 8.63 -18.34 -23.04
CA HIS A 141 8.43 -19.78 -23.08
C HIS A 141 8.29 -20.29 -24.53
N HIS A 142 8.54 -21.60 -24.71
CA HIS A 142 8.30 -22.29 -25.99
C HIS A 142 6.81 -22.33 -26.35
N HIS A 143 6.46 -21.99 -27.59
CA HIS A 143 5.09 -22.02 -28.13
C HIS A 143 5.12 -22.43 -29.60
ZN ZN B . 3.36 -8.74 5.61
N MET A 1 23.42 6.25 -15.70
CA MET A 1 24.64 5.81 -15.00
C MET A 1 25.74 6.88 -15.03
N ALA A 2 25.39 8.18 -14.97
CA ALA A 2 26.33 9.31 -15.11
C ALA A 2 25.75 10.65 -14.59
N ASP A 3 25.14 10.68 -13.40
CA ASP A 3 24.66 11.92 -12.76
C ASP A 3 24.87 11.94 -11.24
N TRP A 4 24.92 13.15 -10.66
CA TRP A 4 25.23 13.38 -9.25
C TRP A 4 24.01 13.23 -8.35
N GLN A 5 22.82 13.57 -8.85
CA GLN A 5 21.56 13.49 -8.09
C GLN A 5 21.26 12.06 -7.69
N LYS A 6 21.53 11.11 -8.59
CA LYS A 6 21.44 9.66 -8.32
C LYS A 6 22.25 9.20 -7.11
N LYS A 7 23.34 9.93 -6.84
CA LYS A 7 24.23 9.71 -5.70
C LYS A 7 23.67 10.34 -4.43
N LEU A 8 23.20 11.58 -4.55
CA LEU A 8 22.63 12.35 -3.45
C LEU A 8 21.31 11.76 -2.94
N THR A 9 20.41 11.41 -3.86
CA THR A 9 19.04 10.93 -3.65
C THR A 9 18.88 9.55 -4.28
N PRO A 10 19.36 8.47 -3.63
CA PRO A 10 19.31 7.10 -4.16
C PRO A 10 17.88 6.53 -4.25
N GLU A 11 17.70 5.31 -4.77
CA GLU A 11 16.38 4.70 -4.99
C GLU A 11 15.49 4.69 -3.75
N GLN A 12 16.04 4.32 -2.61
CA GLN A 12 15.34 4.34 -1.31
C GLN A 12 14.94 5.75 -0.82
N PHE A 13 15.61 6.79 -1.34
CA PHE A 13 15.19 8.20 -1.22
C PHE A 13 14.16 8.57 -2.30
N TYR A 14 14.28 8.10 -3.54
CA TYR A 14 13.30 8.35 -4.60
C TYR A 14 11.93 7.74 -4.27
N VAL A 15 11.94 6.52 -3.72
CA VAL A 15 10.78 5.76 -3.22
C VAL A 15 10.22 6.31 -1.90
N THR A 16 10.79 7.37 -1.35
CA THR A 16 10.12 8.21 -0.34
C THR A 16 9.71 9.58 -0.88
N ARG A 17 10.50 10.18 -1.77
CA ARG A 17 10.28 11.53 -2.32
C ARG A 17 9.11 11.56 -3.31
N GLU A 18 9.07 10.61 -4.23
CA GLU A 18 7.92 10.42 -5.14
C GLU A 18 6.63 10.15 -4.37
N LYS A 19 6.76 9.47 -3.20
CA LYS A 19 5.64 8.97 -2.41
C LYS A 19 5.13 9.99 -1.38
N GLY A 20 5.26 11.27 -1.72
CA GLY A 20 5.05 12.40 -0.81
C GLY A 20 4.89 13.77 -1.47
N THR A 21 4.49 13.84 -2.73
CA THR A 21 4.27 15.08 -3.49
C THR A 21 2.93 15.04 -4.23
N GLU A 22 2.19 16.14 -4.17
CA GLU A 22 0.84 16.30 -4.74
C GLU A 22 0.80 17.37 -5.85
N ALA A 23 0.06 17.08 -6.93
CA ALA A 23 -0.02 17.89 -8.16
C ALA A 23 -1.31 17.64 -8.99
N PRO A 24 -1.82 18.64 -9.74
CA PRO A 24 -3.06 18.54 -10.52
C PRO A 24 -2.84 18.02 -11.96
N PHE A 25 -3.71 17.11 -12.41
CA PHE A 25 -3.61 16.47 -13.73
C PHE A 25 -4.99 16.13 -14.34
N SER A 26 -5.53 14.98 -13.93
CA SER A 26 -6.55 14.14 -14.59
C SER A 26 -6.70 12.82 -13.81
N GLY A 27 -5.60 12.31 -13.23
CA GLY A 27 -5.60 11.13 -12.36
C GLY A 27 -6.03 9.85 -13.06
N MET A 28 -7.27 9.43 -12.82
CA MET A 28 -7.91 8.39 -13.62
C MET A 28 -7.85 8.70 -15.11
N TYR A 29 -8.00 9.99 -15.44
CA TYR A 29 -8.01 10.49 -16.81
C TYR A 29 -6.61 10.66 -17.41
N LEU A 30 -5.53 10.30 -16.69
CA LEU A 30 -4.20 10.25 -17.31
C LEU A 30 -4.05 8.99 -18.17
N ASN A 31 -4.41 7.82 -17.62
CA ASN A 31 -4.33 6.50 -18.27
C ASN A 31 -5.04 5.33 -17.53
N ASN A 32 -5.69 5.57 -16.39
CA ASN A 32 -6.27 4.56 -15.47
C ASN A 32 -5.31 3.49 -14.90
N LYS A 33 -5.70 2.79 -13.82
CA LYS A 33 -4.94 1.78 -13.06
C LYS A 33 -5.94 0.83 -12.39
N GLU A 34 -5.83 -0.45 -12.70
CA GLU A 34 -6.83 -1.50 -12.42
C GLU A 34 -7.19 -1.82 -10.95
N THR A 35 -8.24 -2.65 -10.85
CA THR A 35 -8.67 -3.43 -9.69
C THR A 35 -7.69 -4.59 -9.54
N GLY A 36 -7.70 -5.24 -8.39
CA GLY A 36 -6.71 -6.28 -8.07
C GLY A 36 -6.38 -6.29 -6.58
N MET A 37 -5.12 -6.54 -6.24
CA MET A 37 -4.64 -6.53 -4.86
C MET A 37 -3.14 -6.25 -4.72
N TYR A 38 -2.79 -5.78 -3.54
CA TYR A 38 -1.44 -5.55 -3.02
C TYR A 38 -1.20 -6.55 -1.88
N HIS A 39 -0.08 -7.23 -1.94
CA HIS A 39 0.18 -8.48 -1.21
C HIS A 39 1.67 -8.67 -0.90
N CYS A 40 1.99 -9.63 -0.04
CA CYS A 40 3.35 -9.91 0.36
C CYS A 40 4.19 -10.65 -0.71
N VAL A 41 5.46 -10.74 -0.36
CA VAL A 41 6.45 -11.71 -0.86
C VAL A 41 7.26 -12.37 0.29
N CYS A 42 6.96 -11.99 1.54
CA CYS A 42 7.75 -12.32 2.72
C CYS A 42 7.01 -13.26 3.69
N CYS A 43 5.74 -12.96 4.01
CA CYS A 43 4.90 -13.77 4.87
C CYS A 43 4.16 -14.87 4.07
N ASP A 44 3.05 -14.51 3.41
CA ASP A 44 2.39 -15.30 2.35
C ASP A 44 1.20 -14.59 1.67
N SER A 45 0.43 -13.78 2.39
CA SER A 45 -0.94 -13.41 2.03
C SER A 45 -1.14 -12.01 1.40
N PRO A 46 -2.26 -11.81 0.67
CA PRO A 46 -2.76 -10.48 0.30
C PRO A 46 -3.39 -9.75 1.49
N LEU A 47 -3.43 -8.42 1.42
CA LEU A 47 -3.85 -7.58 2.56
C LEU A 47 -4.69 -6.35 2.17
N PHE A 48 -4.47 -5.75 1.00
CA PHE A 48 -5.21 -4.55 0.54
C PHE A 48 -5.69 -4.79 -0.90
N SER A 49 -6.99 -4.72 -1.20
CA SER A 49 -7.46 -4.86 -2.56
C SER A 49 -7.33 -3.52 -3.29
N SER A 50 -6.84 -3.56 -4.52
CA SER A 50 -6.69 -2.38 -5.41
C SER A 50 -8.00 -1.67 -5.66
N GLU A 51 -9.10 -2.37 -5.42
CA GLU A 51 -10.44 -1.85 -5.49
C GLU A 51 -10.71 -0.70 -4.52
N LYS A 52 -10.21 -0.84 -3.30
CA LYS A 52 -10.26 0.19 -2.26
C LYS A 52 -9.27 1.34 -2.53
N LYS A 53 -8.44 1.23 -3.56
CA LYS A 53 -7.36 2.19 -3.86
C LYS A 53 -7.97 3.46 -4.44
N TYR A 54 -7.49 4.60 -3.96
CA TYR A 54 -8.19 5.88 -4.13
C TYR A 54 -8.16 6.35 -5.60
N CYS A 55 -9.35 6.52 -6.19
CA CYS A 55 -9.61 6.76 -7.63
C CYS A 55 -9.08 5.63 -8.55
N SER A 56 -7.76 5.50 -8.61
CA SER A 56 -7.01 4.46 -9.31
C SER A 56 -5.56 4.31 -8.80
N GLY A 57 -5.07 5.23 -7.95
CA GLY A 57 -3.69 5.32 -7.47
C GLY A 57 -2.69 5.73 -8.56
N THR A 58 -2.33 7.01 -8.61
CA THR A 58 -1.47 7.66 -9.62
C THR A 58 0.01 7.20 -9.61
N GLY A 59 0.38 6.44 -8.58
CA GLY A 59 1.75 6.30 -8.06
C GLY A 59 1.85 6.82 -6.63
N TRP A 60 0.98 7.79 -6.29
CA TRP A 60 0.65 8.14 -4.90
C TRP A 60 -0.27 7.03 -4.34
N PRO A 61 0.09 6.33 -3.24
CA PRO A 61 -0.67 5.19 -2.76
C PRO A 61 -1.52 5.47 -1.50
N SER A 62 -2.83 5.50 -1.72
CA SER A 62 -3.87 5.62 -0.70
C SER A 62 -5.03 4.68 -1.01
N PHE A 63 -5.74 4.25 0.02
CA PHE A 63 -6.88 3.36 -0.05
C PHE A 63 -7.89 3.87 0.98
N SER A 64 -9.15 4.03 0.57
CA SER A 64 -10.25 4.45 1.45
C SER A 64 -10.81 3.34 2.34
N GLU A 65 -10.45 2.09 2.07
CA GLU A 65 -10.54 0.96 3.02
C GLU A 65 -9.29 0.10 3.01
N ALA A 66 -9.04 -0.49 4.17
CA ALA A 66 -7.95 -1.38 4.48
C ALA A 66 -8.51 -2.55 5.28
N TYR A 67 -8.66 -3.68 4.58
CA TYR A 67 -9.06 -4.99 5.11
C TYR A 67 -8.17 -5.45 6.28
N GLY A 68 -8.53 -4.99 7.48
CA GLY A 68 -7.73 -5.12 8.70
C GLY A 68 -8.32 -6.05 9.76
N SER A 69 -9.02 -7.10 9.33
CA SER A 69 -9.66 -8.09 10.21
C SER A 69 -8.73 -8.62 11.31
N LYS A 70 -9.37 -8.78 12.47
CA LYS A 70 -8.93 -9.42 13.71
C LYS A 70 -10.04 -10.37 14.17
N GLY A 71 -9.65 -11.45 14.82
CA GLY A 71 -10.53 -12.37 15.56
C GLY A 71 -11.36 -13.26 14.64
N SER A 72 -12.52 -12.75 14.23
CA SER A 72 -13.43 -13.32 13.23
C SER A 72 -12.71 -13.78 11.95
N ASP A 73 -11.64 -13.08 11.60
CA ASP A 73 -10.58 -13.52 10.70
C ASP A 73 -9.32 -12.85 11.22
N GLU A 74 -8.30 -13.66 11.46
CA GLU A 74 -6.96 -13.22 11.84
C GLU A 74 -5.88 -13.93 11.02
N SER A 75 -6.30 -14.81 10.11
CA SER A 75 -5.42 -15.73 9.38
C SER A 75 -5.07 -15.17 8.00
N HIS A 76 -5.91 -14.29 7.44
CA HIS A 76 -5.64 -13.55 6.20
C HIS A 76 -4.63 -12.42 6.36
N THR A 77 -4.66 -11.79 7.53
CA THR A 77 -4.04 -10.51 7.86
C THR A 77 -2.87 -10.71 8.82
N GLY A 78 -3.13 -11.45 9.90
CA GLY A 78 -2.30 -11.50 11.11
C GLY A 78 -2.22 -10.19 11.88
N ILE A 79 -2.58 -9.05 11.27
CA ILE A 79 -1.93 -7.74 11.51
C ILE A 79 -2.00 -7.24 12.96
N LEU A 80 -1.13 -6.28 13.23
CA LEU A 80 -1.09 -5.49 14.45
C LEU A 80 -1.24 -4.02 14.09
N ARG A 81 -1.67 -3.22 15.06
CA ARG A 81 -1.86 -1.79 14.93
C ARG A 81 -1.81 -1.09 16.28
N ARG A 82 -1.43 0.19 16.26
CA ARG A 82 -1.30 1.06 17.41
C ARG A 82 -1.49 2.50 16.96
N LEU A 83 -2.30 3.21 17.71
CA LEU A 83 -2.40 4.65 17.72
C LEU A 83 -1.19 5.33 18.39
N ASP A 84 -0.95 6.58 18.02
CA ASP A 84 -0.08 7.50 18.73
C ASP A 84 -0.82 8.83 18.85
N THR A 85 -1.09 9.26 20.09
CA THR A 85 -1.53 10.64 20.39
C THR A 85 -0.50 11.40 21.23
N SER A 86 0.74 10.93 21.20
CA SER A 86 1.88 11.31 22.07
C SER A 86 2.62 12.55 21.60
N LEU A 87 2.22 13.03 20.41
CA LEU A 87 2.50 14.35 19.85
C LEU A 87 1.49 15.42 20.30
N GLY A 88 0.64 15.08 21.26
CA GLY A 88 -0.50 15.90 21.69
C GLY A 88 -1.69 15.89 20.73
N CYS A 89 -1.57 15.17 19.63
CA CYS A 89 -2.54 15.07 18.54
C CYS A 89 -2.62 13.63 18.02
N PRO A 90 -3.80 13.01 17.90
CA PRO A 90 -3.92 11.59 17.60
C PRO A 90 -3.67 11.24 16.12
N ARG A 91 -2.96 10.13 15.91
CA ARG A 91 -2.66 9.42 14.65
C ARG A 91 -2.87 7.90 14.85
N MET A 92 -2.94 7.14 13.76
CA MET A 92 -3.18 5.70 13.70
C MET A 92 -2.15 5.04 12.77
N GLU A 93 -1.57 3.93 13.21
CA GLU A 93 -0.64 3.10 12.40
C GLU A 93 -0.96 1.60 12.46
N VAL A 94 -0.74 0.89 11.35
CA VAL A 94 -0.97 -0.55 11.18
C VAL A 94 0.26 -1.24 10.55
N VAL A 95 0.52 -2.50 10.94
CA VAL A 95 1.76 -3.22 10.60
C VAL A 95 1.50 -4.69 10.29
N CYS A 96 2.30 -5.25 9.38
CA CYS A 96 2.33 -6.67 9.11
C CYS A 96 3.07 -7.38 10.26
N LYS A 97 2.24 -7.91 11.15
CA LYS A 97 2.59 -8.90 12.19
C LYS A 97 3.34 -10.11 11.62
N GLN A 98 3.15 -10.39 10.33
CA GLN A 98 3.65 -11.57 9.64
C GLN A 98 5.11 -11.46 9.16
N CYS A 99 5.48 -10.30 8.63
CA CYS A 99 6.79 -10.04 8.03
C CYS A 99 7.54 -8.78 8.59
N GLU A 100 6.96 -8.10 9.58
CA GLU A 100 7.45 -6.86 10.24
C GLU A 100 7.35 -5.58 9.39
N ALA A 101 6.48 -5.56 8.38
CA ALA A 101 6.31 -4.44 7.47
C ALA A 101 5.31 -3.37 7.98
N HIS A 102 5.82 -2.32 8.64
CA HIS A 102 5.03 -1.23 9.25
C HIS A 102 4.68 -0.08 8.29
N LEU A 103 4.08 -0.41 7.14
CA LEU A 103 4.05 0.48 5.96
C LEU A 103 2.81 1.36 5.80
N GLY A 104 1.81 1.12 6.65
CA GLY A 104 0.45 1.62 6.55
C GLY A 104 0.04 2.46 7.75
N HIS A 105 -0.51 3.64 7.47
CA HIS A 105 -0.88 4.61 8.48
C HIS A 105 -2.07 5.44 8.03
N VAL A 106 -2.84 5.95 8.98
CA VAL A 106 -4.08 6.71 8.71
C VAL A 106 -4.19 7.93 9.62
N PHE A 107 -4.44 9.08 8.98
CA PHE A 107 -4.39 10.40 9.60
C PHE A 107 -5.68 11.22 9.36
N PRO A 108 -6.16 12.00 10.36
CA PRO A 108 -7.27 12.92 10.19
C PRO A 108 -6.85 14.17 9.40
N ASP A 109 -7.83 14.91 8.88
CA ASP A 109 -7.63 16.14 8.10
C ASP A 109 -8.22 17.42 8.74
N GLY A 110 -8.85 17.28 9.90
CA GLY A 110 -9.57 18.35 10.62
C GLY A 110 -10.97 17.92 11.17
N PRO A 111 -11.93 17.54 10.31
CA PRO A 111 -13.25 17.02 10.68
C PRO A 111 -13.23 15.62 11.34
N LYS A 112 -14.40 14.95 11.38
CA LYS A 112 -14.61 13.60 11.95
C LYS A 112 -13.70 12.54 11.34
N PRO A 113 -13.53 11.37 11.99
CA PRO A 113 -12.77 10.25 11.43
C PRO A 113 -13.31 9.73 10.08
N THR A 114 -14.51 10.15 9.67
CA THR A 114 -15.05 9.97 8.30
C THR A 114 -14.18 10.62 7.21
N GLY A 115 -13.37 11.63 7.55
CA GLY A 115 -12.43 12.32 6.65
C GLY A 115 -10.99 11.81 6.66
N GLN A 116 -10.66 10.83 7.52
CA GLN A 116 -9.30 10.30 7.61
C GLN A 116 -8.81 9.70 6.27
N ARG A 117 -7.52 9.84 6.00
CA ARG A 117 -6.86 9.29 4.80
C ARG A 117 -5.82 8.27 5.22
N PHE A 118 -5.88 7.10 4.61
CA PHE A 118 -4.95 5.98 4.84
C PHE A 118 -3.91 5.94 3.72
N CYS A 119 -2.67 6.28 4.10
CA CYS A 119 -1.52 6.52 3.24
C CYS A 119 -0.48 5.42 3.49
N ILE A 120 -0.26 4.57 2.49
CA ILE A 120 0.49 3.31 2.64
C ILE A 120 1.47 3.07 1.49
N ASN A 121 2.77 3.00 1.80
CA ASN A 121 3.79 3.05 0.74
C ASN A 121 4.04 1.73 -0.02
N SER A 122 3.49 0.59 0.41
CA SER A 122 3.72 -0.79 -0.09
C SER A 122 4.39 -0.91 -1.47
N VAL A 123 5.72 -0.92 -1.45
CA VAL A 123 6.63 -0.88 -2.63
C VAL A 123 7.73 -1.92 -2.53
N ALA A 124 8.19 -2.20 -1.31
CA ALA A 124 9.02 -3.35 -0.95
C ALA A 124 8.28 -4.71 -0.95
N LEU A 125 7.00 -4.70 -1.33
CA LEU A 125 6.04 -5.81 -1.40
C LEU A 125 5.53 -6.00 -2.85
N LYS A 126 4.56 -6.90 -3.09
CA LYS A 126 4.02 -7.21 -4.43
C LYS A 126 2.62 -6.66 -4.71
N PHE A 127 2.23 -6.61 -5.98
CA PHE A 127 0.86 -6.34 -6.43
C PHE A 127 0.51 -7.09 -7.72
N LYS A 128 -0.79 -7.33 -7.94
CA LYS A 128 -1.36 -7.98 -9.12
C LYS A 128 -2.77 -7.46 -9.45
N PRO A 129 -3.20 -7.44 -10.73
CA PRO A 129 -4.55 -7.03 -11.12
C PRO A 129 -5.60 -8.12 -10.88
N SER A 130 -6.88 -7.77 -11.08
CA SER A 130 -8.03 -8.67 -10.86
C SER A 130 -8.65 -9.26 -12.13
N LYS A 131 -8.76 -8.47 -13.19
CA LYS A 131 -9.46 -8.83 -14.43
C LYS A 131 -8.78 -9.96 -15.23
N PRO A 132 -9.56 -10.72 -16.03
CA PRO A 132 -9.04 -11.63 -17.05
C PRO A 132 -8.28 -10.92 -18.17
N ALA A 133 -7.72 -11.72 -19.08
CA ALA A 133 -7.02 -11.27 -20.31
C ALA A 133 -5.81 -10.37 -20.05
N ALA A 134 -5.22 -10.51 -18.86
CA ALA A 134 -4.22 -9.65 -18.25
C ALA A 134 -2.78 -10.23 -18.30
N ALA A 135 -2.62 -11.35 -18.99
CA ALA A 135 -1.37 -12.11 -19.13
C ALA A 135 -0.24 -11.28 -19.80
N LEU A 136 0.54 -10.58 -18.99
CA LEU A 136 1.54 -9.57 -19.37
C LEU A 136 2.77 -9.65 -18.44
N GLU A 137 3.11 -10.88 -18.05
CA GLU A 137 4.23 -11.26 -17.17
C GLU A 137 5.53 -10.57 -17.59
N HIS A 138 5.94 -10.80 -18.84
CA HIS A 138 6.77 -9.94 -19.68
C HIS A 138 6.59 -10.40 -21.15
N HIS A 139 7.42 -9.90 -22.08
CA HIS A 139 7.41 -10.30 -23.49
C HIS A 139 8.84 -10.42 -24.04
N HIS A 140 9.03 -11.10 -25.18
CA HIS A 140 10.31 -11.25 -25.88
C HIS A 140 10.75 -9.95 -26.58
N HIS A 141 11.03 -8.90 -25.79
CA HIS A 141 11.38 -7.55 -26.24
C HIS A 141 12.62 -6.99 -25.53
N HIS A 142 13.21 -5.95 -26.11
CA HIS A 142 14.45 -5.27 -25.68
C HIS A 142 15.73 -6.14 -25.72
N HIS A 143 16.88 -5.46 -25.86
CA HIS A 143 18.22 -6.06 -25.86
C HIS A 143 19.25 -5.04 -25.34
ZN ZN B . 3.36 -9.23 4.94
N MET A 1 17.24 -7.95 -19.96
CA MET A 1 16.55 -6.82 -20.61
C MET A 1 15.19 -7.29 -21.13
N ALA A 2 14.17 -6.43 -21.16
CA ALA A 2 12.82 -6.82 -21.61
C ALA A 2 11.98 -5.67 -22.20
N ASP A 3 12.09 -4.47 -21.62
CA ASP A 3 11.18 -3.34 -21.86
C ASP A 3 11.86 -1.97 -21.83
N TRP A 4 11.09 -0.92 -22.14
CA TRP A 4 11.39 0.47 -21.75
C TRP A 4 10.47 0.99 -20.65
N GLN A 5 9.19 0.62 -20.68
CA GLN A 5 8.10 1.26 -19.92
C GLN A 5 8.30 1.11 -18.42
N LYS A 6 8.35 -0.13 -17.98
CA LYS A 6 8.65 -0.52 -16.59
C LYS A 6 10.00 0.02 -16.10
N LYS A 7 10.97 0.14 -17.01
CA LYS A 7 12.32 0.64 -16.74
C LYS A 7 12.33 2.15 -16.50
N LEU A 8 11.49 2.89 -17.21
CA LEU A 8 11.37 4.35 -17.09
C LEU A 8 10.27 4.81 -16.10
N THR A 9 9.27 3.98 -15.81
CA THR A 9 8.21 4.26 -14.79
C THR A 9 8.04 3.14 -13.75
N PRO A 10 9.06 2.85 -12.92
CA PRO A 10 8.94 2.01 -11.72
C PRO A 10 8.10 2.63 -10.59
N GLU A 11 7.50 1.79 -9.75
CA GLU A 11 6.96 2.22 -8.44
C GLU A 11 7.98 2.06 -7.34
N GLN A 12 8.33 0.82 -7.02
CA GLN A 12 9.21 0.50 -5.88
C GLN A 12 10.56 1.24 -5.93
N PHE A 13 11.08 1.48 -7.14
CA PHE A 13 12.28 2.27 -7.41
C PHE A 13 12.09 3.79 -7.32
N TYR A 14 10.84 4.29 -7.36
CA TYR A 14 10.50 5.71 -7.19
C TYR A 14 10.03 6.05 -5.77
N VAL A 15 9.19 5.18 -5.20
CA VAL A 15 8.68 5.26 -3.82
C VAL A 15 9.82 5.16 -2.79
N THR A 16 10.96 4.58 -3.12
CA THR A 16 12.21 4.57 -2.32
C THR A 16 12.89 5.94 -2.28
N ARG A 17 12.68 6.79 -3.29
CA ARG A 17 13.34 8.10 -3.43
C ARG A 17 12.70 9.19 -2.57
N GLU A 18 11.44 8.99 -2.19
CA GLU A 18 10.66 9.97 -1.42
C GLU A 18 9.97 9.40 -0.18
N LYS A 19 9.66 8.09 -0.18
CA LYS A 19 9.24 7.27 0.97
C LYS A 19 8.48 8.01 2.07
N GLY A 20 7.20 8.28 1.77
CA GLY A 20 6.24 8.86 2.72
C GLY A 20 5.86 10.32 2.45
N THR A 21 5.99 10.75 1.19
CA THR A 21 5.64 12.10 0.73
C THR A 21 4.19 12.20 0.29
N GLU A 22 3.80 13.43 -0.01
CA GLU A 22 2.46 13.87 -0.42
C GLU A 22 2.45 14.42 -1.86
N ALA A 23 1.26 14.50 -2.45
CA ALA A 23 0.95 14.80 -3.85
C ALA A 23 1.40 13.73 -4.88
N PRO A 24 0.73 13.62 -6.04
CA PRO A 24 1.10 12.70 -7.13
C PRO A 24 1.98 13.41 -8.17
N PHE A 25 3.14 12.86 -8.52
CA PHE A 25 4.13 13.57 -9.36
C PHE A 25 3.78 13.77 -10.86
N SER A 26 2.62 13.28 -11.30
CA SER A 26 2.11 13.25 -12.69
C SER A 26 0.74 12.57 -12.80
N GLY A 27 0.37 11.69 -11.85
CA GLY A 27 -0.95 11.06 -11.77
C GLY A 27 -1.26 10.23 -13.01
N MET A 28 -2.13 10.76 -13.87
CA MET A 28 -2.41 10.19 -15.20
C MET A 28 -1.15 10.01 -16.06
N TYR A 29 -0.12 10.80 -15.78
CA TYR A 29 1.18 10.73 -16.45
C TYR A 29 2.21 9.84 -15.73
N LEU A 30 1.79 9.14 -14.68
CA LEU A 30 2.50 8.07 -13.97
C LEU A 30 1.73 6.73 -13.97
N ASN A 31 0.39 6.74 -14.10
CA ASN A 31 -0.44 5.54 -13.90
C ASN A 31 -1.84 5.61 -14.57
N ASN A 32 -2.43 4.44 -14.77
CA ASN A 32 -3.84 4.24 -15.15
C ASN A 32 -4.69 3.88 -13.89
N LYS A 33 -5.85 3.24 -14.05
CA LYS A 33 -6.71 2.69 -12.99
C LYS A 33 -7.05 1.24 -13.36
N GLU A 34 -6.49 0.33 -12.59
CA GLU A 34 -6.61 -1.11 -12.72
C GLU A 34 -7.29 -1.76 -11.50
N THR A 35 -7.64 -3.03 -11.68
CA THR A 35 -8.17 -3.92 -10.64
C THR A 35 -7.09 -4.95 -10.32
N GLY A 36 -6.96 -5.35 -9.07
CA GLY A 36 -5.86 -6.23 -8.65
C GLY A 36 -5.75 -6.51 -7.16
N MET A 37 -4.57 -6.90 -6.70
CA MET A 37 -4.29 -7.27 -5.31
C MET A 37 -2.88 -6.91 -4.84
N TYR A 38 -2.76 -6.88 -3.52
CA TYR A 38 -1.54 -6.75 -2.72
C TYR A 38 -1.42 -7.91 -1.74
N HIS A 39 -0.24 -8.53 -1.72
CA HIS A 39 0.16 -9.56 -0.77
C HIS A 39 1.59 -9.31 -0.29
N CYS A 40 2.06 -10.09 0.67
CA CYS A 40 3.38 -9.93 1.21
C CYS A 40 4.50 -10.23 0.19
N VAL A 41 5.65 -9.67 0.52
CA VAL A 41 6.97 -9.93 -0.08
C VAL A 41 7.97 -10.55 0.92
N CYS A 42 7.57 -10.70 2.19
CA CYS A 42 8.43 -11.08 3.31
C CYS A 42 7.96 -12.32 4.10
N CYS A 43 6.68 -12.68 4.05
CA CYS A 43 6.09 -13.79 4.78
C CYS A 43 5.41 -14.84 3.84
N ASP A 44 4.13 -14.66 3.52
CA ASP A 44 3.30 -15.65 2.80
C ASP A 44 2.13 -15.10 1.95
N SER A 45 1.34 -14.18 2.51
CA SER A 45 -0.12 -14.16 2.31
C SER A 45 -0.73 -12.83 1.82
N PRO A 46 -1.96 -12.86 1.26
CA PRO A 46 -2.69 -11.66 0.83
C PRO A 46 -3.27 -10.84 1.99
N LEU A 47 -3.39 -9.53 1.79
CA LEU A 47 -3.81 -8.58 2.85
C LEU A 47 -4.81 -7.50 2.39
N PHE A 48 -4.74 -7.01 1.16
CA PHE A 48 -5.74 -6.08 0.60
C PHE A 48 -5.85 -6.17 -0.94
N SER A 49 -7.04 -5.96 -1.50
CA SER A 49 -7.21 -5.82 -2.94
C SER A 49 -6.88 -4.39 -3.39
N SER A 50 -6.31 -4.27 -4.59
CA SER A 50 -6.01 -2.98 -5.25
C SER A 50 -7.24 -2.13 -5.51
N GLU A 51 -8.39 -2.77 -5.49
CA GLU A 51 -9.71 -2.15 -5.60
C GLU A 51 -9.97 -1.08 -4.55
N LYS A 52 -9.42 -1.30 -3.34
CA LYS A 52 -9.46 -0.34 -2.23
C LYS A 52 -8.60 0.89 -2.50
N LYS A 53 -7.78 0.91 -3.57
CA LYS A 53 -6.90 2.05 -3.89
C LYS A 53 -7.73 3.24 -4.35
N TYR A 54 -7.81 4.25 -3.49
CA TYR A 54 -8.90 5.22 -3.41
C TYR A 54 -9.23 5.93 -4.75
N CYS A 55 -10.50 6.31 -4.95
CA CYS A 55 -10.95 7.04 -6.13
C CYS A 55 -10.78 8.56 -5.98
N SER A 56 -9.63 8.99 -5.48
CA SER A 56 -9.32 10.41 -5.27
C SER A 56 -8.92 11.10 -6.57
N GLY A 57 -9.01 12.43 -6.58
CA GLY A 57 -8.48 13.27 -7.68
C GLY A 57 -6.96 13.29 -7.80
N THR A 58 -6.22 12.51 -6.99
CA THR A 58 -4.77 12.41 -7.03
C THR A 58 -4.28 11.05 -7.49
N GLY A 59 -4.99 9.98 -7.12
CA GLY A 59 -4.50 8.59 -7.19
C GLY A 59 -3.41 8.28 -6.15
N TRP A 60 -3.15 9.20 -5.23
CA TRP A 60 -2.12 9.06 -4.18
C TRP A 60 -2.45 7.87 -3.25
N PRO A 61 -1.47 7.02 -2.85
CA PRO A 61 -1.76 5.67 -2.39
C PRO A 61 -2.36 5.59 -0.98
N SER A 62 -3.66 5.33 -0.96
CA SER A 62 -4.47 5.04 0.23
C SER A 62 -5.53 4.01 -0.09
N PHE A 63 -5.88 3.23 0.92
CA PHE A 63 -6.58 1.95 0.83
C PHE A 63 -7.71 1.94 1.86
N SER A 64 -8.92 2.03 1.36
CA SER A 64 -10.12 2.22 2.19
C SER A 64 -10.47 1.04 3.11
N GLU A 65 -9.95 -0.15 2.84
CA GLU A 65 -10.07 -1.33 3.72
C GLU A 65 -8.83 -2.24 3.61
N ALA A 66 -8.54 -3.01 4.65
CA ALA A 66 -7.61 -4.13 4.61
C ALA A 66 -8.35 -5.38 4.10
N TYR A 67 -8.62 -5.40 2.79
CA TYR A 67 -9.51 -6.38 2.16
C TYR A 67 -8.84 -7.76 2.04
N GLY A 68 -8.95 -8.50 3.14
CA GLY A 68 -8.24 -9.73 3.45
C GLY A 68 -8.48 -10.21 4.89
N SER A 69 -8.89 -9.31 5.80
CA SER A 69 -9.53 -9.68 7.07
C SER A 69 -11.03 -9.35 7.09
N LYS A 70 -11.78 -10.24 7.73
CA LYS A 70 -13.24 -10.31 7.72
C LYS A 70 -13.82 -10.85 9.02
N GLY A 71 -14.25 -9.94 9.88
CA GLY A 71 -15.21 -10.10 10.99
C GLY A 71 -14.71 -10.93 12.17
N SER A 72 -14.50 -12.21 11.90
CA SER A 72 -13.75 -13.14 12.75
C SER A 72 -12.24 -13.09 12.49
N ASP A 73 -11.82 -12.73 11.28
CA ASP A 73 -10.45 -13.01 10.80
C ASP A 73 -9.43 -11.94 11.21
N GLU A 74 -9.65 -11.32 12.36
CA GLU A 74 -9.08 -10.04 12.80
C GLU A 74 -7.63 -10.16 13.30
N SER A 75 -7.20 -11.38 13.60
CA SER A 75 -5.80 -11.70 13.92
C SER A 75 -5.22 -12.79 13.02
N HIS A 76 -6.07 -13.49 12.25
CA HIS A 76 -5.66 -14.60 11.36
C HIS A 76 -4.75 -14.16 10.21
N THR A 77 -4.84 -12.88 9.88
CA THR A 77 -3.95 -12.11 9.01
C THR A 77 -2.48 -12.10 9.42
N GLY A 78 -2.21 -12.21 10.72
CA GLY A 78 -0.86 -12.09 11.28
C GLY A 78 -0.32 -10.66 11.28
N ILE A 79 -1.20 -9.67 11.07
CA ILE A 79 -0.88 -8.24 11.19
C ILE A 79 -1.24 -7.70 12.57
N LEU A 80 -0.75 -6.49 12.86
CA LEU A 80 -0.92 -5.78 14.12
C LEU A 80 -1.09 -4.28 13.85
N ARG A 81 -1.32 -3.53 14.93
CA ARG A 81 -1.75 -2.14 14.92
C ARG A 81 -1.41 -1.43 16.22
N ARG A 82 -1.46 -0.10 16.15
CA ARG A 82 -0.81 0.88 16.98
C ARG A 82 -1.56 2.19 16.73
N LEU A 83 -1.46 3.07 17.70
CA LEU A 83 -1.87 4.46 17.65
C LEU A 83 -0.71 5.39 18.03
N ASP A 84 -0.74 6.60 17.49
CA ASP A 84 0.26 7.67 17.69
C ASP A 84 -0.41 9.01 18.08
N THR A 85 -1.64 8.94 18.62
CA THR A 85 -2.47 10.07 19.10
C THR A 85 -1.97 10.75 20.39
N SER A 86 -0.64 10.77 20.54
CA SER A 86 0.17 11.24 21.67
C SER A 86 1.41 12.03 21.18
N LEU A 87 1.41 12.38 19.89
CA LEU A 87 2.40 13.18 19.17
C LEU A 87 1.87 14.58 18.80
N GLY A 88 0.86 15.06 19.53
CA GLY A 88 0.24 16.39 19.36
C GLY A 88 -0.94 16.41 18.39
N CYS A 89 -1.08 15.38 17.58
CA CYS A 89 -2.19 15.20 16.65
C CYS A 89 -2.58 13.71 16.56
N PRO A 90 -3.86 13.34 16.41
CA PRO A 90 -4.28 11.96 16.22
C PRO A 90 -3.69 11.33 14.96
N ARG A 91 -3.17 10.11 15.13
CA ARG A 91 -2.60 9.19 14.13
C ARG A 91 -2.85 7.75 14.56
N MET A 92 -2.90 6.86 13.58
CA MET A 92 -3.09 5.43 13.70
C MET A 92 -2.08 4.73 12.79
N GLU A 93 -1.59 3.58 13.22
CA GLU A 93 -0.45 2.89 12.60
C GLU A 93 -0.70 1.36 12.55
N VAL A 94 -0.34 0.70 11.44
CA VAL A 94 -0.51 -0.74 11.24
C VAL A 94 0.78 -1.40 10.74
N VAL A 95 1.06 -2.59 11.29
CA VAL A 95 2.30 -3.32 11.06
C VAL A 95 2.01 -4.76 10.63
N CYS A 96 2.92 -5.35 9.88
CA CYS A 96 2.98 -6.77 9.66
C CYS A 96 3.86 -7.33 10.76
N LYS A 97 3.27 -8.23 11.53
CA LYS A 97 3.91 -9.06 12.56
C LYS A 97 4.52 -10.36 11.97
N GLN A 98 4.09 -10.77 10.77
CA GLN A 98 4.65 -11.89 10.03
C GLN A 98 6.09 -11.65 9.51
N CYS A 99 6.42 -10.39 9.27
CA CYS A 99 7.74 -9.92 8.83
C CYS A 99 8.32 -8.72 9.66
N GLU A 100 7.55 -8.20 10.62
CA GLU A 100 7.88 -7.10 11.54
C GLU A 100 8.14 -5.75 10.83
N ALA A 101 7.30 -5.45 9.84
CA ALA A 101 7.37 -4.28 8.98
C ALA A 101 6.25 -3.28 9.28
N HIS A 102 6.61 -2.01 9.37
CA HIS A 102 5.67 -0.89 9.34
C HIS A 102 5.24 -0.66 7.88
N LEU A 103 3.97 -0.86 7.53
CA LEU A 103 3.52 -0.86 6.13
C LEU A 103 2.51 0.21 5.76
N GLY A 104 1.65 0.48 6.72
CA GLY A 104 0.41 1.20 6.59
C GLY A 104 0.16 2.13 7.77
N HIS A 105 -0.22 3.37 7.48
CA HIS A 105 -0.34 4.41 8.49
C HIS A 105 -1.42 5.44 8.10
N VAL A 106 -2.07 6.02 9.09
CA VAL A 106 -3.46 6.46 9.01
C VAL A 106 -3.61 7.81 9.69
N PHE A 107 -4.18 8.75 8.95
CA PHE A 107 -4.26 10.16 9.40
C PHE A 107 -5.50 10.95 8.92
N PRO A 108 -5.96 11.94 9.71
CA PRO A 108 -6.74 13.06 9.19
C PRO A 108 -5.88 13.96 8.31
N ASP A 109 -6.37 14.33 7.14
CA ASP A 109 -5.62 15.17 6.17
C ASP A 109 -5.76 16.69 6.40
N GLY A 110 -6.32 17.07 7.55
CA GLY A 110 -6.58 18.45 7.98
C GLY A 110 -7.78 18.54 8.93
N PRO A 111 -9.01 18.27 8.45
CA PRO A 111 -10.23 18.29 9.25
C PRO A 111 -10.33 17.09 10.22
N LYS A 112 -11.52 16.83 10.77
CA LYS A 112 -11.74 15.75 11.75
C LYS A 112 -11.40 14.36 11.19
N PRO A 113 -10.85 13.45 12.00
CA PRO A 113 -10.47 12.10 11.57
C PRO A 113 -11.66 11.20 11.22
N THR A 114 -12.91 11.65 11.37
CA THR A 114 -14.03 11.04 10.63
C THR A 114 -13.72 10.92 9.13
N GLY A 115 -12.98 11.90 8.57
CA GLY A 115 -12.47 11.95 7.20
C GLY A 115 -11.07 11.36 6.96
N GLN A 116 -10.54 10.57 7.89
CA GLN A 116 -9.21 9.94 7.80
C GLN A 116 -8.96 9.11 6.53
N ARG A 117 -7.70 9.06 6.08
CA ARG A 117 -7.22 8.20 5.00
C ARG A 117 -6.18 7.22 5.54
N PHE A 118 -6.26 5.98 5.07
CA PHE A 118 -5.26 4.95 5.39
C PHE A 118 -4.20 4.86 4.27
N CYS A 119 -3.03 5.47 4.47
CA CYS A 119 -1.90 5.35 3.55
C CYS A 119 -1.23 3.99 3.68
N ILE A 120 -0.75 3.42 2.58
CA ILE A 120 0.11 2.23 2.59
C ILE A 120 1.21 2.35 1.53
N ASN A 121 2.47 2.07 1.89
CA ASN A 121 3.63 2.28 1.01
C ASN A 121 3.98 1.04 0.17
N SER A 122 3.55 1.02 -1.09
CA SER A 122 3.64 -0.14 -2.01
C SER A 122 5.02 -0.78 -2.16
N VAL A 123 6.09 0.01 -2.04
CA VAL A 123 7.52 -0.40 -2.04
C VAL A 123 7.84 -1.61 -1.15
N ALA A 124 7.08 -1.78 -0.07
CA ALA A 124 7.30 -2.82 0.94
C ALA A 124 6.39 -4.06 0.83
N LEU A 125 5.65 -4.21 -0.27
CA LEU A 125 4.74 -5.32 -0.55
C LEU A 125 4.91 -5.85 -1.99
N LYS A 126 4.28 -6.98 -2.30
CA LYS A 126 4.15 -7.52 -3.66
C LYS A 126 2.75 -7.28 -4.20
N PHE A 127 2.64 -6.74 -5.42
CA PHE A 127 1.37 -6.30 -5.98
C PHE A 127 1.27 -6.56 -7.48
N LYS A 128 0.05 -6.87 -7.94
CA LYS A 128 -0.27 -7.26 -9.31
C LYS A 128 -1.73 -6.95 -9.69
N PRO A 129 -2.02 -6.68 -10.98
CA PRO A 129 -3.40 -6.59 -11.45
C PRO A 129 -4.05 -7.97 -11.52
N SER A 130 -5.37 -7.96 -11.72
CA SER A 130 -6.20 -9.17 -11.89
C SER A 130 -6.36 -9.55 -13.36
N LYS A 131 -6.58 -8.52 -14.16
CA LYS A 131 -6.80 -8.55 -15.62
C LYS A 131 -5.64 -9.22 -16.39
N PRO A 132 -5.91 -9.83 -17.57
CA PRO A 132 -4.88 -10.39 -18.45
C PRO A 132 -3.95 -9.32 -19.06
N ALA A 133 -3.01 -9.78 -19.89
CA ALA A 133 -1.98 -8.98 -20.58
C ALA A 133 -0.99 -8.26 -19.63
N ALA A 134 -0.97 -8.66 -18.35
CA ALA A 134 -0.01 -8.24 -17.34
C ALA A 134 0.27 -9.35 -16.33
N ALA A 135 -0.75 -9.82 -15.60
CA ALA A 135 -0.63 -10.93 -14.64
C ALA A 135 -0.76 -12.33 -15.29
N LEU A 136 -0.24 -12.46 -16.52
CA LEU A 136 -0.39 -13.63 -17.38
C LEU A 136 0.76 -13.80 -18.39
N GLU A 137 1.99 -13.48 -17.96
CA GLU A 137 3.21 -13.47 -18.75
C GLU A 137 3.87 -14.88 -18.86
N HIS A 138 2.98 -15.86 -18.98
CA HIS A 138 3.23 -17.30 -19.08
C HIS A 138 4.12 -17.74 -20.28
N HIS A 139 4.62 -18.97 -20.21
CA HIS A 139 5.37 -19.66 -21.27
C HIS A 139 4.82 -21.09 -21.43
N HIS A 140 3.87 -21.31 -22.34
CA HIS A 140 3.22 -22.62 -22.57
C HIS A 140 3.35 -23.09 -24.04
N HIS A 141 4.55 -22.95 -24.62
CA HIS A 141 4.91 -23.37 -25.97
C HIS A 141 6.40 -23.78 -26.03
N HIS A 142 6.78 -24.69 -26.94
CA HIS A 142 8.15 -25.20 -27.14
C HIS A 142 8.49 -25.30 -28.63
N HIS A 143 9.79 -25.22 -28.93
CA HIS A 143 10.36 -25.32 -30.28
C HIS A 143 10.43 -26.75 -30.85
ZN ZN B . 4.26 -9.61 5.83
N MET A 1 20.43 -5.18 -0.16
CA MET A 1 20.33 -6.66 -0.15
C MET A 1 21.62 -7.28 -0.69
N ALA A 2 22.74 -7.05 0.01
CA ALA A 2 24.12 -7.39 -0.37
C ALA A 2 24.66 -6.65 -1.62
N ASP A 3 23.79 -5.95 -2.33
CA ASP A 3 24.10 -4.93 -3.32
C ASP A 3 24.45 -3.59 -2.64
N TRP A 4 24.95 -2.65 -3.44
CA TRP A 4 25.31 -1.30 -2.99
C TRP A 4 24.23 -0.26 -3.29
N GLN A 5 23.44 -0.46 -4.34
CA GLN A 5 22.32 0.45 -4.73
C GLN A 5 21.37 0.70 -3.57
N LYS A 6 20.95 -0.38 -2.92
CA LYS A 6 20.05 -0.37 -1.74
C LYS A 6 20.76 0.09 -0.47
N LYS A 7 22.06 -0.17 -0.39
CA LYS A 7 22.93 0.21 0.75
C LYS A 7 23.16 1.72 0.83
N LEU A 8 23.36 2.34 -0.34
CA LEU A 8 23.62 3.79 -0.48
C LEU A 8 22.35 4.63 -0.74
N THR A 9 21.30 4.02 -1.30
CA THR A 9 19.98 4.63 -1.56
C THR A 9 18.85 3.77 -0.97
N PRO A 10 18.84 3.50 0.36
CA PRO A 10 17.86 2.61 0.96
C PRO A 10 16.43 3.13 0.84
N GLU A 11 15.57 2.22 0.43
CA GLU A 11 14.41 2.59 -0.38
C GLU A 11 13.19 2.85 0.48
N GLN A 12 12.86 1.90 1.35
CA GLN A 12 11.88 2.14 2.42
C GLN A 12 12.30 3.28 3.38
N PHE A 13 13.61 3.49 3.55
CA PHE A 13 14.24 4.54 4.37
C PHE A 13 14.23 5.93 3.71
N TYR A 14 14.16 5.96 2.37
CA TYR A 14 13.92 7.16 1.56
C TYR A 14 12.41 7.47 1.47
N VAL A 15 11.60 6.44 1.28
CA VAL A 15 10.13 6.52 1.28
C VAL A 15 9.54 7.06 2.61
N THR A 16 10.19 6.83 3.76
CA THR A 16 9.81 7.39 5.07
C THR A 16 10.14 8.88 5.19
N ARG A 17 11.13 9.34 4.42
CA ARG A 17 11.66 10.72 4.38
C ARG A 17 10.61 11.68 3.84
N GLU A 18 9.68 11.19 3.01
CA GLU A 18 8.64 12.04 2.39
C GLU A 18 7.21 11.50 2.52
N LYS A 19 7.06 10.20 2.81
CA LYS A 19 5.85 9.47 3.21
C LYS A 19 4.49 10.19 3.20
N GLY A 20 4.06 10.50 2.00
CA GLY A 20 2.78 11.19 1.72
C GLY A 20 2.85 12.26 0.64
N THR A 21 4.07 12.66 0.24
CA THR A 21 4.36 13.54 -0.88
C THR A 21 3.60 13.12 -2.14
N GLU A 22 3.06 14.13 -2.77
CA GLU A 22 2.43 14.05 -4.09
C GLU A 22 2.92 15.13 -5.06
N ALA A 23 3.08 14.69 -6.30
CA ALA A 23 3.36 15.48 -7.50
C ALA A 23 3.03 14.61 -8.74
N PRO A 24 2.68 15.20 -9.90
CA PRO A 24 2.34 14.43 -11.08
C PRO A 24 3.57 13.76 -11.73
N PHE A 25 3.71 12.46 -11.46
CA PHE A 25 4.82 11.62 -11.94
C PHE A 25 4.43 10.19 -12.32
N SER A 26 3.35 9.64 -11.77
CA SER A 26 2.80 8.30 -12.04
C SER A 26 2.28 8.10 -13.47
N GLY A 27 2.04 9.18 -14.24
CA GLY A 27 1.62 9.13 -15.64
C GLY A 27 0.35 8.31 -15.84
N MET A 28 0.51 7.15 -16.46
CA MET A 28 -0.56 6.14 -16.61
C MET A 28 -1.10 5.57 -15.29
N TYR A 29 -0.39 5.83 -14.18
CA TYR A 29 -0.81 5.55 -12.82
C TYR A 29 -1.37 6.77 -12.05
N LEU A 30 -1.51 7.95 -12.68
CA LEU A 30 -2.25 9.10 -12.10
C LEU A 30 -3.76 9.03 -12.32
N ASN A 31 -4.22 8.63 -13.51
CA ASN A 31 -5.64 8.65 -13.90
C ASN A 31 -6.28 7.25 -13.83
N ASN A 32 -7.61 7.22 -13.58
CA ASN A 32 -8.37 6.01 -13.27
C ASN A 32 -7.74 5.15 -12.13
N LYS A 33 -8.15 3.87 -12.01
CA LYS A 33 -7.27 2.70 -12.14
C LYS A 33 -8.03 1.38 -11.98
N GLU A 34 -7.58 0.40 -12.74
CA GLU A 34 -7.97 -1.02 -12.75
C GLU A 34 -8.08 -1.73 -11.39
N THR A 35 -8.56 -2.96 -11.46
CA THR A 35 -8.81 -3.86 -10.35
C THR A 35 -7.55 -4.70 -10.16
N GLY A 36 -7.20 -5.01 -8.92
CA GLY A 36 -6.02 -5.85 -8.64
C GLY A 36 -5.72 -5.97 -7.16
N MET A 37 -4.47 -6.26 -6.79
CA MET A 37 -4.04 -6.48 -5.40
C MET A 37 -2.54 -6.32 -5.17
N TYR A 38 -2.20 -6.23 -3.88
CA TYR A 38 -0.86 -6.08 -3.30
C TYR A 38 -0.63 -7.17 -2.25
N HIS A 39 0.56 -7.78 -2.28
CA HIS A 39 0.99 -8.83 -1.35
C HIS A 39 2.49 -8.70 -1.05
N CYS A 40 2.92 -9.22 0.09
CA CYS A 40 4.32 -9.25 0.45
C CYS A 40 5.14 -10.22 -0.43
N VAL A 41 6.45 -10.08 -0.29
CA VAL A 41 7.45 -11.16 -0.51
C VAL A 41 8.00 -11.71 0.82
N CYS A 42 7.65 -11.06 1.93
CA CYS A 42 8.29 -11.19 3.24
C CYS A 42 7.57 -12.15 4.21
N CYS A 43 6.30 -12.47 3.97
CA CYS A 43 5.50 -13.49 4.62
C CYS A 43 5.06 -14.53 3.58
N ASP A 44 3.79 -14.49 3.18
CA ASP A 44 3.15 -15.36 2.18
C ASP A 44 1.81 -14.80 1.66
N SER A 45 1.01 -14.22 2.54
CA SER A 45 -0.41 -13.92 2.32
C SER A 45 -0.70 -12.51 1.73
N PRO A 46 -1.66 -12.39 0.80
CA PRO A 46 -2.14 -11.08 0.34
C PRO A 46 -2.93 -10.38 1.44
N LEU A 47 -2.85 -9.05 1.48
CA LEU A 47 -3.45 -8.24 2.55
C LEU A 47 -4.31 -7.08 2.06
N PHE A 48 -4.03 -6.52 0.88
CA PHE A 48 -4.83 -5.42 0.30
C PHE A 48 -5.16 -5.64 -1.17
N SER A 49 -6.45 -5.57 -1.56
CA SER A 49 -6.82 -5.44 -2.96
C SER A 49 -6.77 -3.98 -3.39
N SER A 50 -6.30 -3.73 -4.61
CA SER A 50 -6.35 -2.43 -5.28
C SER A 50 -7.76 -1.87 -5.42
N GLU A 51 -8.73 -2.76 -5.30
CA GLU A 51 -10.13 -2.45 -5.14
C GLU A 51 -10.44 -1.45 -4.02
N LYS A 52 -9.76 -1.60 -2.88
CA LYS A 52 -9.83 -0.71 -1.72
C LYS A 52 -9.16 0.63 -1.95
N LYS A 53 -8.43 0.78 -3.08
CA LYS A 53 -7.51 1.91 -3.28
C LYS A 53 -8.24 3.17 -3.73
N TYR A 54 -7.96 4.26 -3.03
CA TYR A 54 -8.22 5.62 -3.53
C TYR A 54 -7.26 5.90 -4.70
N CYS A 55 -7.72 6.53 -5.79
CA CYS A 55 -6.83 6.73 -6.97
C CYS A 55 -7.24 7.86 -7.92
N SER A 56 -8.55 8.11 -8.04
CA SER A 56 -9.23 8.96 -9.02
C SER A 56 -8.57 10.33 -9.27
N GLY A 57 -7.67 10.37 -10.26
CA GLY A 57 -7.05 11.58 -10.80
C GLY A 57 -5.73 12.01 -10.17
N THR A 58 -5.20 11.31 -9.17
CA THR A 58 -3.96 11.68 -8.47
C THR A 58 -3.03 10.47 -8.27
N GLY A 59 -3.51 9.25 -8.51
CA GLY A 59 -2.75 8.00 -8.33
C GLY A 59 -2.50 7.59 -6.87
N TRP A 60 -2.82 8.47 -5.92
CA TRP A 60 -2.20 8.49 -4.57
C TRP A 60 -2.47 7.21 -3.74
N PRO A 61 -1.52 6.73 -2.91
CA PRO A 61 -1.66 5.43 -2.24
C PRO A 61 -2.33 5.49 -0.86
N SER A 62 -3.57 5.02 -0.81
CA SER A 62 -4.32 4.70 0.42
C SER A 62 -5.39 3.64 0.16
N PHE A 63 -5.77 2.89 1.19
CA PHE A 63 -6.76 1.81 1.19
C PHE A 63 -7.70 2.06 2.37
N SER A 64 -8.99 2.26 2.12
CA SER A 64 -9.96 2.51 3.20
C SER A 64 -10.27 1.31 4.11
N GLU A 65 -9.89 0.09 3.71
CA GLU A 65 -10.01 -1.12 4.54
C GLU A 65 -8.98 -2.21 4.17
N ALA A 66 -8.78 -3.13 5.11
CA ALA A 66 -7.99 -4.36 4.96
C ALA A 66 -8.92 -5.57 4.78
N TYR A 67 -9.60 -5.63 3.62
CA TYR A 67 -10.60 -6.64 3.29
C TYR A 67 -9.97 -8.02 3.16
N GLY A 68 -10.11 -8.82 4.21
CA GLY A 68 -9.25 -9.97 4.52
C GLY A 68 -9.03 -10.15 6.03
N SER A 69 -9.40 -9.13 6.83
CA SER A 69 -9.94 -9.27 8.17
C SER A 69 -11.44 -8.96 8.19
N LYS A 70 -12.18 -9.64 9.06
CA LYS A 70 -13.62 -9.46 9.29
C LYS A 70 -14.10 -9.70 10.71
N GLY A 71 -13.50 -8.91 11.59
CA GLY A 71 -13.87 -8.71 13.01
C GLY A 71 -13.74 -9.95 13.90
N SER A 72 -14.51 -10.98 13.57
CA SER A 72 -14.32 -12.39 13.96
C SER A 72 -12.89 -12.84 13.68
N ASP A 73 -12.38 -12.44 12.51
CA ASP A 73 -11.00 -12.65 12.09
C ASP A 73 -10.31 -11.29 11.99
N GLU A 74 -9.63 -10.96 13.07
CA GLU A 74 -8.80 -9.76 13.21
C GLU A 74 -7.44 -10.12 13.84
N SER A 75 -7.44 -11.04 14.81
CA SER A 75 -6.24 -11.67 15.39
C SER A 75 -5.64 -12.69 14.41
N HIS A 76 -6.50 -13.38 13.64
CA HIS A 76 -6.08 -14.34 12.61
C HIS A 76 -5.26 -13.72 11.49
N THR A 77 -5.50 -12.44 11.21
CA THR A 77 -4.91 -11.70 10.10
C THR A 77 -3.40 -11.62 10.17
N GLY A 78 -2.82 -11.81 11.36
CA GLY A 78 -1.39 -11.69 11.59
C GLY A 78 -0.87 -10.27 11.41
N ILE A 79 -1.75 -9.27 11.33
CA ILE A 79 -1.40 -7.84 11.36
C ILE A 79 -1.56 -7.30 12.79
N LEU A 80 -0.89 -6.18 13.06
CA LEU A 80 -0.87 -5.50 14.35
C LEU A 80 -0.84 -3.98 14.18
N ARG A 81 -1.13 -3.23 15.25
CA ARG A 81 -1.14 -1.77 15.26
C ARG A 81 -0.65 -1.15 16.56
N ARG A 82 -0.23 0.10 16.47
CA ARG A 82 0.26 0.98 17.54
C ARG A 82 -0.21 2.39 17.22
N LEU A 83 -1.11 2.90 18.06
CA LEU A 83 -1.63 4.26 17.99
C LEU A 83 -0.64 5.25 18.60
N ASP A 84 -0.70 6.50 18.18
CA ASP A 84 0.17 7.57 18.71
C ASP A 84 -0.57 8.91 18.86
N THR A 85 -1.86 8.85 19.22
CA THR A 85 -2.60 9.94 19.87
C THR A 85 -2.13 10.10 21.34
N SER A 86 -0.81 10.29 21.44
CA SER A 86 0.02 10.23 22.67
C SER A 86 1.12 11.29 22.67
N LEU A 87 1.09 12.21 21.69
CA LEU A 87 2.02 13.34 21.51
C LEU A 87 1.29 14.69 21.35
N GLY A 88 0.03 14.77 21.79
CA GLY A 88 -0.81 15.96 21.67
C GLY A 88 -1.40 16.22 20.27
N CYS A 89 -1.11 15.32 19.33
CA CYS A 89 -1.72 15.21 18.01
C CYS A 89 -2.06 13.73 17.70
N PRO A 90 -3.21 13.41 17.09
CA PRO A 90 -3.60 12.03 16.78
C PRO A 90 -2.88 11.41 15.57
N ARG A 91 -2.43 10.16 15.73
CA ARG A 91 -1.93 9.22 14.71
C ARG A 91 -2.33 7.78 15.04
N MET A 92 -2.34 6.94 14.02
CA MET A 92 -2.66 5.53 14.03
C MET A 92 -1.71 4.82 13.05
N GLU A 93 -0.98 3.79 13.47
CA GLU A 93 -0.06 3.07 12.56
C GLU A 93 -0.22 1.55 12.69
N VAL A 94 -0.03 0.83 11.57
CA VAL A 94 -0.19 -0.61 11.46
C VAL A 94 1.07 -1.26 10.86
N VAL A 95 1.28 -2.52 11.20
CA VAL A 95 2.35 -3.36 10.69
C VAL A 95 1.78 -4.71 10.26
N CYS A 96 2.28 -5.25 9.15
CA CYS A 96 2.11 -6.65 8.88
C CYS A 96 3.13 -7.39 9.77
N LYS A 97 2.62 -7.85 10.90
CA LYS A 97 3.33 -8.65 11.90
C LYS A 97 3.71 -10.04 11.36
N GLN A 98 3.14 -10.47 10.22
CA GLN A 98 3.53 -11.67 9.49
C GLN A 98 4.93 -11.55 8.87
N CYS A 99 5.15 -10.44 8.16
CA CYS A 99 6.33 -10.14 7.37
C CYS A 99 7.32 -9.17 8.06
N GLU A 100 6.89 -8.55 9.15
CA GLU A 100 7.48 -7.34 9.75
C GLU A 100 7.31 -6.07 8.88
N ALA A 101 6.39 -6.05 7.92
CA ALA A 101 6.20 -4.92 7.01
C ALA A 101 5.47 -3.74 7.68
N HIS A 102 6.25 -2.88 8.35
CA HIS A 102 5.77 -1.73 9.13
C HIS A 102 5.67 -0.43 8.29
N LEU A 103 4.73 -0.40 7.35
CA LEU A 103 4.66 0.69 6.34
C LEU A 103 3.29 1.30 6.03
N GLY A 104 2.22 0.94 6.74
CA GLY A 104 0.89 1.53 6.60
C GLY A 104 0.47 2.34 7.82
N HIS A 105 0.02 3.58 7.60
CA HIS A 105 -0.49 4.43 8.67
C HIS A 105 -1.60 5.38 8.24
N VAL A 106 -2.31 5.85 9.25
CA VAL A 106 -3.54 6.63 9.11
C VAL A 106 -3.62 7.78 10.11
N PHE A 107 -4.17 8.86 9.59
CA PHE A 107 -4.47 10.12 10.27
C PHE A 107 -5.71 10.78 9.64
N PRO A 108 -6.43 11.66 10.37
CA PRO A 108 -7.41 12.55 9.76
C PRO A 108 -6.68 13.60 8.91
N ASP A 109 -7.25 13.98 7.77
CA ASP A 109 -6.66 14.99 6.88
C ASP A 109 -7.00 16.43 7.29
N GLY A 110 -7.44 16.60 8.54
CA GLY A 110 -7.91 17.84 9.17
C GLY A 110 -9.22 17.65 9.95
N PRO A 111 -10.34 17.31 9.27
CA PRO A 111 -11.69 17.22 9.84
C PRO A 111 -12.00 15.83 10.46
N LYS A 112 -13.29 15.47 10.51
CA LYS A 112 -13.86 14.21 11.02
C LYS A 112 -13.13 12.95 10.51
N PRO A 113 -13.09 11.85 11.30
CA PRO A 113 -12.37 10.63 10.95
C PRO A 113 -12.96 9.86 9.75
N THR A 114 -14.13 10.26 9.25
CA THR A 114 -14.61 9.81 7.93
C THR A 114 -13.64 10.16 6.80
N GLY A 115 -12.85 11.23 6.97
CA GLY A 115 -11.76 11.65 6.08
C GLY A 115 -10.39 11.05 6.36
N GLN A 116 -10.27 10.10 7.31
CA GLN A 116 -9.00 9.45 7.60
C GLN A 116 -8.42 8.74 6.36
N ARG A 117 -7.16 9.05 6.05
CA ARG A 117 -6.43 8.49 4.90
C ARG A 117 -5.35 7.54 5.39
N PHE A 118 -5.44 6.29 4.97
CA PHE A 118 -4.48 5.23 5.32
C PHE A 118 -3.36 5.17 4.29
N CYS A 119 -2.47 6.15 4.42
CA CYS A 119 -1.29 6.30 3.59
C CYS A 119 -0.30 5.16 3.81
N ILE A 120 0.13 4.61 2.69
CA ILE A 120 0.90 3.37 2.61
C ILE A 120 1.85 3.44 1.39
N ASN A 121 2.83 2.54 1.26
CA ASN A 121 3.78 2.55 0.15
C ASN A 121 3.97 1.18 -0.53
N SER A 122 3.96 1.15 -1.86
CA SER A 122 3.95 -0.08 -2.66
C SER A 122 5.33 -0.75 -2.85
N VAL A 123 6.43 0.02 -2.92
CA VAL A 123 7.76 -0.49 -3.34
C VAL A 123 8.29 -1.67 -2.50
N ALA A 124 7.97 -1.68 -1.20
CA ALA A 124 8.38 -2.71 -0.26
C ALA A 124 7.60 -4.04 -0.37
N LEU A 125 6.66 -4.12 -1.32
CA LEU A 125 5.73 -5.22 -1.58
C LEU A 125 5.67 -5.52 -3.09
N LYS A 126 5.00 -6.60 -3.49
CA LYS A 126 4.65 -6.89 -4.91
C LYS A 126 3.15 -6.76 -5.17
N PHE A 127 2.78 -6.58 -6.45
CA PHE A 127 1.40 -6.33 -6.85
C PHE A 127 1.07 -6.88 -8.24
N LYS A 128 -0.21 -7.20 -8.45
CA LYS A 128 -0.76 -7.85 -9.65
C LYS A 128 -2.18 -7.35 -9.97
N PRO A 129 -2.57 -7.25 -11.25
CA PRO A 129 -3.93 -6.89 -11.63
C PRO A 129 -4.91 -8.06 -11.43
N SER A 130 -6.21 -7.78 -11.61
CA SER A 130 -7.28 -8.79 -11.62
C SER A 130 -7.68 -9.17 -13.05
N LYS A 131 -8.04 -8.14 -13.82
CA LYS A 131 -8.58 -8.22 -15.18
C LYS A 131 -7.75 -9.09 -16.15
N PRO A 132 -8.42 -9.88 -17.01
CA PRO A 132 -7.73 -10.76 -17.97
C PRO A 132 -7.11 -10.02 -19.16
N ALA A 133 -6.34 -10.80 -19.92
CA ALA A 133 -5.62 -10.41 -21.14
C ALA A 133 -4.56 -9.31 -20.93
N ALA A 134 -4.08 -9.17 -19.69
CA ALA A 134 -3.18 -8.10 -19.25
C ALA A 134 -1.70 -8.39 -19.54
N ALA A 135 -1.37 -9.67 -19.80
CA ALA A 135 -0.03 -10.24 -20.01
C ALA A 135 0.89 -10.26 -18.76
N LEU A 136 2.07 -10.91 -18.91
CA LEU A 136 3.09 -11.15 -17.88
C LEU A 136 4.40 -11.55 -18.59
N GLU A 137 4.87 -10.66 -19.47
CA GLU A 137 5.94 -10.84 -20.45
C GLU A 137 7.22 -11.51 -19.88
N HIS A 138 7.56 -11.17 -18.64
CA HIS A 138 8.43 -11.95 -17.76
C HIS A 138 8.14 -11.60 -16.28
N HIS A 139 8.29 -12.57 -15.36
CA HIS A 139 7.75 -12.42 -14.00
C HIS A 139 8.59 -11.61 -13.00
N HIS A 140 9.85 -11.26 -13.31
CA HIS A 140 10.74 -10.59 -12.36
C HIS A 140 11.79 -9.68 -13.02
N HIS A 141 11.86 -8.42 -12.57
CA HIS A 141 13.00 -7.52 -12.79
C HIS A 141 13.08 -6.40 -11.73
N HIS A 142 14.28 -5.81 -11.59
CA HIS A 142 14.56 -4.49 -11.01
C HIS A 142 15.92 -4.02 -11.55
N HIS A 143 16.18 -2.71 -11.66
CA HIS A 143 17.55 -2.18 -11.88
C HIS A 143 18.11 -1.53 -10.61
ZN ZN B . 2.29 -9.71 5.00
N MET A 1 26.32 -4.55 -1.18
CA MET A 1 26.64 -4.97 0.21
C MET A 1 28.02 -4.51 0.69
N ALA A 2 28.99 -4.25 -0.19
CA ALA A 2 30.27 -3.61 0.12
C ALA A 2 30.40 -2.18 -0.48
N ASP A 3 29.35 -1.70 -1.15
CA ASP A 3 29.30 -0.45 -1.91
C ASP A 3 28.69 0.72 -1.13
N TRP A 4 29.29 1.90 -1.28
CA TRP A 4 28.94 3.15 -0.62
C TRP A 4 27.68 3.76 -1.24
N GLN A 5 27.43 3.48 -2.52
CA GLN A 5 26.21 3.86 -3.23
C GLN A 5 24.98 3.39 -2.45
N LYS A 6 24.94 2.10 -2.10
CA LYS A 6 23.84 1.52 -1.30
C LYS A 6 23.88 1.92 0.17
N LYS A 7 25.07 2.14 0.71
CA LYS A 7 25.28 2.53 2.12
C LYS A 7 24.75 3.93 2.39
N LEU A 8 24.93 4.81 1.41
CA LEU A 8 24.47 6.21 1.43
C LEU A 8 23.05 6.39 0.88
N THR A 9 22.57 5.51 -0.01
CA THR A 9 21.15 5.44 -0.38
C THR A 9 20.60 3.99 -0.44
N PRO A 10 20.15 3.46 0.73
CA PRO A 10 19.56 2.11 0.81
C PRO A 10 18.10 2.02 0.33
N GLU A 11 17.50 0.83 0.40
CA GLU A 11 16.10 0.56 0.02
C GLU A 11 15.11 1.57 0.60
N GLN A 12 15.22 1.83 1.90
CA GLN A 12 14.37 2.79 2.61
C GLN A 12 14.55 4.22 2.06
N PHE A 13 15.75 4.56 1.58
CA PHE A 13 16.05 5.85 0.96
C PHE A 13 15.55 5.91 -0.49
N TYR A 14 15.62 4.83 -1.26
CA TYR A 14 15.08 4.82 -2.63
C TYR A 14 13.54 4.83 -2.61
N VAL A 15 12.92 4.03 -1.74
CA VAL A 15 11.45 3.96 -1.60
C VAL A 15 10.88 5.26 -1.02
N THR A 16 11.55 5.93 -0.06
CA THR A 16 11.08 7.22 0.49
C THR A 16 11.15 8.36 -0.53
N ARG A 17 12.09 8.29 -1.48
CA ARG A 17 12.17 9.26 -2.60
C ARG A 17 10.93 9.17 -3.49
N GLU A 18 10.43 7.95 -3.71
CA GLU A 18 9.14 7.74 -4.40
C GLU A 18 7.94 8.06 -3.46
N LYS A 19 8.12 7.90 -2.14
CA LYS A 19 7.12 8.17 -1.08
C LYS A 19 6.86 9.66 -0.76
N GLY A 20 7.17 10.49 -1.73
CA GLY A 20 7.04 11.95 -1.70
C GLY A 20 6.38 12.56 -2.95
N THR A 21 6.33 11.83 -4.06
CA THR A 21 5.88 12.35 -5.36
C THR A 21 4.37 12.12 -5.55
N GLU A 22 3.61 13.20 -5.42
CA GLU A 22 2.35 13.43 -6.12
C GLU A 22 2.50 14.64 -7.05
N ALA A 23 1.86 14.55 -8.22
CA ALA A 23 2.05 15.50 -9.32
C ALA A 23 0.99 15.41 -10.45
N PRO A 24 0.75 16.52 -11.18
CA PRO A 24 0.06 16.52 -12.47
C PRO A 24 0.93 15.92 -13.60
N PHE A 25 0.42 15.91 -14.84
CA PHE A 25 1.08 15.40 -16.05
C PHE A 25 1.45 13.89 -16.08
N SER A 26 1.29 13.21 -14.93
CA SER A 26 0.72 11.86 -14.79
C SER A 26 -0.34 11.55 -15.87
N GLY A 27 -1.25 12.49 -16.17
CA GLY A 27 -2.03 12.49 -17.41
C GLY A 27 -3.01 11.35 -17.52
N MET A 28 -2.65 10.30 -18.26
CA MET A 28 -3.38 9.02 -18.23
C MET A 28 -3.48 8.48 -16.81
N TYR A 29 -2.45 8.72 -15.99
CA TYR A 29 -2.41 8.27 -14.60
C TYR A 29 -3.39 9.02 -13.67
N LEU A 30 -4.00 10.12 -14.15
CA LEU A 30 -5.06 10.85 -13.47
C LEU A 30 -6.45 10.27 -13.77
N ASN A 31 -6.60 9.43 -14.81
CA ASN A 31 -7.91 8.94 -15.27
C ASN A 31 -7.97 7.44 -15.66
N ASN A 32 -6.89 6.67 -15.49
CA ASN A 32 -6.90 5.23 -15.81
C ASN A 32 -5.95 4.43 -14.92
N LYS A 33 -6.51 3.59 -14.03
CA LYS A 33 -5.86 2.66 -13.10
C LYS A 33 -6.83 1.51 -12.85
N GLU A 34 -6.29 0.32 -12.97
CA GLU A 34 -6.95 -0.98 -12.88
C GLU A 34 -7.46 -1.37 -11.49
N THR A 35 -8.24 -2.45 -11.46
CA THR A 35 -8.59 -3.19 -10.23
C THR A 35 -7.47 -4.20 -9.96
N GLY A 36 -7.26 -4.56 -8.70
CA GLY A 36 -6.26 -5.56 -8.31
C GLY A 36 -6.00 -5.71 -6.80
N MET A 37 -4.78 -6.14 -6.44
CA MET A 37 -4.31 -6.30 -5.06
C MET A 37 -2.78 -6.21 -4.93
N TYR A 38 -2.32 -6.25 -3.69
CA TYR A 38 -0.93 -6.51 -3.30
C TYR A 38 -0.84 -7.57 -2.17
N HIS A 39 0.25 -8.35 -2.20
CA HIS A 39 0.60 -9.40 -1.25
C HIS A 39 2.10 -9.34 -0.88
N CYS A 40 2.52 -10.10 0.14
CA CYS A 40 3.88 -10.12 0.61
C CYS A 40 4.86 -10.91 -0.28
N VAL A 41 6.13 -10.70 0.03
CA VAL A 41 7.29 -11.51 -0.39
C VAL A 41 8.36 -11.58 0.73
N CYS A 42 7.89 -11.44 1.98
CA CYS A 42 8.67 -11.63 3.21
C CYS A 42 7.98 -12.64 4.15
N CYS A 43 6.66 -12.56 4.27
CA CYS A 43 5.81 -13.56 4.88
C CYS A 43 5.18 -14.47 3.80
N ASP A 44 3.93 -14.20 3.42
CA ASP A 44 3.12 -15.02 2.52
C ASP A 44 2.00 -14.25 1.80
N SER A 45 1.22 -13.48 2.56
CA SER A 45 -0.22 -13.35 2.28
C SER A 45 -0.62 -12.07 1.53
N PRO A 46 -1.74 -12.09 0.79
CA PRO A 46 -2.44 -10.86 0.41
C PRO A 46 -2.86 -10.10 1.67
N LEU A 47 -2.76 -8.76 1.60
CA LEU A 47 -3.04 -7.87 2.73
C LEU A 47 -3.99 -6.74 2.32
N PHE A 48 -3.88 -6.24 1.09
CA PHE A 48 -4.79 -5.20 0.58
C PHE A 48 -5.26 -5.49 -0.85
N SER A 49 -6.57 -5.31 -1.07
CA SER A 49 -7.16 -5.20 -2.40
C SER A 49 -7.20 -3.74 -2.83
N SER A 50 -6.65 -3.47 -4.01
CA SER A 50 -6.52 -2.13 -4.59
C SER A 50 -7.87 -1.52 -4.99
N GLU A 51 -8.93 -2.30 -4.90
CA GLU A 51 -10.30 -1.81 -4.99
C GLU A 51 -10.61 -0.78 -3.89
N LYS A 52 -9.99 -0.94 -2.71
CA LYS A 52 -10.18 -0.05 -1.55
C LYS A 52 -9.43 1.28 -1.73
N LYS A 53 -8.87 1.53 -2.92
CA LYS A 53 -8.15 2.78 -3.21
C LYS A 53 -9.02 4.01 -2.89
N TYR A 54 -8.41 4.96 -2.20
CA TYR A 54 -9.02 6.23 -1.79
C TYR A 54 -9.19 7.19 -2.99
N CYS A 55 -10.29 7.97 -3.02
CA CYS A 55 -10.68 8.90 -4.10
C CYS A 55 -10.61 8.29 -5.53
N SER A 56 -10.64 9.14 -6.56
CA SER A 56 -10.40 8.76 -7.97
C SER A 56 -8.98 9.16 -8.43
N GLY A 57 -8.81 10.33 -9.04
CA GLY A 57 -7.70 10.68 -9.93
C GLY A 57 -6.42 11.22 -9.29
N THR A 58 -6.11 10.90 -8.03
CA THR A 58 -4.88 11.38 -7.36
C THR A 58 -3.67 10.50 -7.71
N GLY A 59 -3.93 9.32 -8.30
CA GLY A 59 -2.95 8.26 -8.52
C GLY A 59 -2.37 7.65 -7.24
N TRP A 60 -2.81 8.10 -6.05
CA TRP A 60 -1.95 8.05 -4.86
C TRP A 60 -2.15 6.79 -3.99
N PRO A 61 -1.09 6.10 -3.54
CA PRO A 61 -1.20 4.82 -2.83
C PRO A 61 -1.79 4.95 -1.43
N SER A 62 -3.04 4.55 -1.33
CA SER A 62 -3.92 4.71 -0.18
C SER A 62 -5.05 3.68 -0.23
N PHE A 63 -5.50 3.16 0.92
CA PHE A 63 -6.50 2.08 1.04
C PHE A 63 -7.39 2.33 2.25
N SER A 64 -8.68 2.53 1.98
CA SER A 64 -9.70 2.85 3.01
C SER A 64 -10.02 1.71 3.97
N GLU A 65 -9.76 0.46 3.57
CA GLU A 65 -9.66 -0.70 4.49
C GLU A 65 -8.63 -1.72 4.01
N ALA A 66 -8.14 -2.53 4.95
CA ALA A 66 -7.44 -3.79 4.67
C ALA A 66 -8.47 -4.89 4.34
N TYR A 67 -9.10 -4.79 3.17
CA TYR A 67 -10.18 -5.69 2.77
C TYR A 67 -9.62 -7.02 2.26
N GLY A 68 -9.68 -7.99 3.17
CA GLY A 68 -9.35 -9.41 3.03
C GLY A 68 -9.81 -10.19 4.27
N SER A 69 -9.75 -9.56 5.46
CA SER A 69 -10.25 -10.08 6.73
C SER A 69 -11.23 -9.14 7.43
N LYS A 70 -12.23 -9.73 8.10
CA LYS A 70 -13.19 -9.09 8.99
C LYS A 70 -13.44 -9.96 10.21
N GLY A 71 -13.44 -9.37 11.40
CA GLY A 71 -13.99 -9.86 12.69
C GLY A 71 -13.50 -11.25 13.11
N SER A 72 -14.11 -12.25 12.49
CA SER A 72 -13.68 -13.66 12.45
C SER A 72 -12.21 -13.86 12.06
N ASP A 73 -11.65 -12.93 11.28
CA ASP A 73 -10.37 -13.09 10.59
C ASP A 73 -9.30 -12.04 10.92
N GLU A 74 -9.50 -11.29 12.01
CA GLU A 74 -8.60 -10.18 12.39
C GLU A 74 -7.17 -10.67 12.68
N SER A 75 -7.05 -11.86 13.26
CA SER A 75 -5.75 -12.52 13.48
C SER A 75 -5.26 -13.23 12.23
N HIS A 76 -6.16 -13.61 11.33
CA HIS A 76 -5.82 -14.24 10.03
C HIS A 76 -5.08 -13.28 9.10
N THR A 77 -5.23 -11.98 9.35
CA THR A 77 -4.44 -10.90 8.72
C THR A 77 -2.96 -10.96 9.09
N GLY A 78 -2.61 -11.60 10.21
CA GLY A 78 -1.24 -11.64 10.74
C GLY A 78 -0.74 -10.30 11.29
N ILE A 79 -1.59 -9.27 11.37
CA ILE A 79 -1.16 -7.89 11.71
C ILE A 79 -1.27 -7.54 13.19
N LEU A 80 -0.56 -6.48 13.54
CA LEU A 80 -0.60 -5.73 14.79
C LEU A 80 -0.61 -4.23 14.49
N ARG A 81 -0.62 -3.39 15.52
CA ARG A 81 -0.81 -1.95 15.42
C ARG A 81 -0.13 -1.16 16.54
N ARG A 82 0.04 0.13 16.28
CA ARG A 82 0.72 1.15 17.07
C ARG A 82 -0.07 2.45 16.89
N LEU A 83 -0.62 2.96 17.97
CA LEU A 83 -1.30 4.24 18.04
C LEU A 83 -0.43 5.33 18.69
N ASP A 84 -0.64 6.56 18.25
CA ASP A 84 0.27 7.69 18.45
C ASP A 84 -0.46 8.96 18.95
N THR A 85 -1.46 8.78 19.82
CA THR A 85 -2.36 9.82 20.37
C THR A 85 -1.71 10.84 21.32
N SER A 86 -0.39 11.01 21.22
CA SER A 86 0.47 11.79 22.12
C SER A 86 1.34 12.83 21.40
N LEU A 87 1.24 12.85 20.07
CA LEU A 87 1.99 13.75 19.17
C LEU A 87 1.30 15.12 19.00
N GLY A 88 0.31 15.38 19.86
CA GLY A 88 -0.59 16.54 19.79
C GLY A 88 -1.80 16.34 18.86
N CYS A 89 -1.80 15.25 18.09
CA CYS A 89 -2.87 14.81 17.22
C CYS A 89 -3.03 13.27 17.31
N PRO A 90 -4.24 12.69 17.25
CA PRO A 90 -4.41 11.26 17.07
C PRO A 90 -3.85 10.78 15.72
N ARG A 91 -3.09 9.68 15.77
CA ARG A 91 -2.60 8.92 14.62
C ARG A 91 -2.76 7.42 14.89
N MET A 92 -2.86 6.64 13.83
CA MET A 92 -2.98 5.18 13.84
C MET A 92 -2.01 4.58 12.82
N GLU A 93 -1.29 3.55 13.23
CA GLU A 93 -0.33 2.81 12.40
C GLU A 93 -0.53 1.29 12.59
N VAL A 94 -0.27 0.52 11.53
CA VAL A 94 -0.39 -0.94 11.50
C VAL A 94 0.91 -1.59 11.01
N VAL A 95 1.20 -2.77 11.54
CA VAL A 95 2.39 -3.56 11.19
C VAL A 95 2.02 -4.99 10.79
N CYS A 96 2.75 -5.55 9.82
CA CYS A 96 2.75 -6.95 9.47
C CYS A 96 3.64 -7.62 10.52
N LYS A 97 2.99 -8.32 11.45
CA LYS A 97 3.67 -9.08 12.52
C LYS A 97 4.25 -10.41 12.04
N GLN A 98 3.94 -10.76 10.81
CA GLN A 98 4.47 -11.88 10.06
C GLN A 98 5.96 -11.69 9.71
N CYS A 99 6.26 -10.53 9.11
CA CYS A 99 7.58 -10.15 8.63
C CYS A 99 8.23 -8.97 9.42
N GLU A 100 7.48 -8.37 10.34
CA GLU A 100 7.83 -7.23 11.19
C GLU A 100 8.12 -5.93 10.40
N ALA A 101 7.12 -5.40 9.69
CA ALA A 101 7.21 -4.15 8.96
C ALA A 101 5.95 -3.29 9.00
N HIS A 102 6.10 -1.98 8.86
CA HIS A 102 5.05 -0.96 8.92
C HIS A 102 4.23 -0.89 7.63
N LEU A 103 3.27 -1.81 7.49
CA LEU A 103 2.35 -1.92 6.35
C LEU A 103 1.02 -1.16 6.53
N GLY A 104 1.24 0.07 6.95
CA GLY A 104 0.39 1.21 6.67
C GLY A 104 0.04 2.08 7.87
N HIS A 105 -0.43 3.29 7.58
CA HIS A 105 -0.72 4.31 8.58
C HIS A 105 -1.84 5.25 8.12
N VAL A 106 -2.44 6.01 9.03
CA VAL A 106 -3.56 6.93 8.78
C VAL A 106 -3.46 8.21 9.60
N PHE A 107 -3.83 9.31 8.95
CA PHE A 107 -3.83 10.67 9.47
C PHE A 107 -5.09 11.49 9.10
N PRO A 108 -5.46 12.50 9.93
CA PRO A 108 -6.49 13.48 9.60
C PRO A 108 -5.93 14.63 8.75
N ASP A 109 -6.69 14.99 7.71
CA ASP A 109 -6.20 15.78 6.57
C ASP A 109 -6.90 17.14 6.37
N GLY A 110 -7.79 17.50 7.30
CA GLY A 110 -8.65 18.69 7.23
C GLY A 110 -10.03 18.57 7.90
N PRO A 111 -10.74 17.42 7.83
CA PRO A 111 -12.07 17.23 8.43
C PRO A 111 -12.03 16.47 9.77
N LYS A 112 -13.23 16.13 10.30
CA LYS A 112 -13.44 15.14 11.37
C LYS A 112 -12.78 13.79 11.05
N PRO A 113 -12.48 12.94 12.08
CA PRO A 113 -11.82 11.64 11.90
C PRO A 113 -12.64 10.63 11.06
N THR A 114 -13.86 10.99 10.67
CA THR A 114 -14.67 10.26 9.67
C THR A 114 -14.11 10.33 8.25
N GLY A 115 -13.25 11.32 7.95
CA GLY A 115 -12.59 11.52 6.65
C GLY A 115 -11.38 10.60 6.45
N GLN A 116 -10.24 11.13 6.86
CA GLN A 116 -8.91 10.55 7.01
C GLN A 116 -8.29 9.77 5.84
N ARG A 117 -6.98 9.96 5.63
CA ARG A 117 -6.25 9.31 4.52
C ARG A 117 -5.29 8.28 5.09
N PHE A 118 -5.41 7.06 4.58
CA PHE A 118 -4.51 5.95 4.87
C PHE A 118 -3.36 5.97 3.85
N CYS A 119 -2.12 6.05 4.30
CA CYS A 119 -0.91 5.96 3.49
C CYS A 119 -0.22 4.59 3.70
N ILE A 120 -0.03 3.85 2.60
CA ILE A 120 0.50 2.49 2.58
C ILE A 120 1.84 2.47 1.81
N ASN A 121 2.62 1.40 1.90
CA ASN A 121 3.85 1.18 1.12
C ASN A 121 4.21 -0.30 0.95
N SER A 122 4.06 -0.83 -0.26
CA SER A 122 4.56 -2.16 -0.68
C SER A 122 6.10 -2.12 -0.92
N VAL A 123 6.84 -1.71 0.11
CA VAL A 123 8.26 -1.24 0.10
C VAL A 123 9.19 -2.06 -0.80
N ALA A 124 9.09 -3.38 -0.69
CA ALA A 124 9.65 -4.37 -1.61
C ALA A 124 8.72 -5.58 -1.74
N LEU A 125 7.40 -5.36 -1.76
CA LEU A 125 6.35 -6.39 -1.73
C LEU A 125 5.61 -6.46 -3.08
N LYS A 126 4.85 -7.53 -3.29
CA LYS A 126 4.36 -7.93 -4.62
C LYS A 126 2.95 -7.41 -4.93
N PHE A 127 2.68 -7.09 -6.19
CA PHE A 127 1.37 -6.59 -6.65
C PHE A 127 0.98 -7.15 -8.02
N LYS A 128 -0.33 -7.31 -8.24
CA LYS A 128 -0.93 -7.66 -9.53
C LYS A 128 -2.28 -6.97 -9.74
N PRO A 129 -2.66 -6.64 -10.98
CA PRO A 129 -4.04 -6.31 -11.30
C PRO A 129 -4.91 -7.57 -11.20
N SER A 130 -6.23 -7.39 -11.37
CA SER A 130 -7.21 -8.47 -11.25
C SER A 130 -7.37 -9.25 -12.55
N LYS A 131 -7.33 -8.51 -13.67
CA LYS A 131 -7.40 -8.98 -15.05
C LYS A 131 -6.30 -10.01 -15.46
N PRO A 132 -6.56 -10.85 -16.49
CA PRO A 132 -5.56 -11.74 -17.10
C PRO A 132 -4.41 -10.98 -17.79
N ALA A 133 -3.47 -11.74 -18.34
CA ALA A 133 -2.17 -11.30 -18.89
C ALA A 133 -1.23 -10.67 -17.84
N ALA A 134 -1.66 -10.65 -16.58
CA ALA A 134 -0.89 -10.20 -15.42
C ALA A 134 -1.30 -10.92 -14.12
N ALA A 135 -2.56 -11.32 -13.96
CA ALA A 135 -2.97 -12.41 -13.07
C ALA A 135 -3.11 -13.75 -13.84
N LEU A 136 -2.96 -14.87 -13.13
CA LEU A 136 -3.08 -16.25 -13.66
C LEU A 136 -3.39 -17.24 -12.51
N GLU A 137 -4.33 -16.86 -11.64
CA GLU A 137 -4.52 -17.43 -10.31
C GLU A 137 -4.89 -18.92 -10.28
N HIS A 138 -5.65 -19.41 -11.27
CA HIS A 138 -6.02 -20.83 -11.41
C HIS A 138 -6.25 -21.21 -12.89
N HIS A 139 -6.41 -22.50 -13.17
CA HIS A 139 -7.04 -22.95 -14.41
C HIS A 139 -8.54 -22.64 -14.38
N HIS A 140 -9.12 -22.17 -15.48
CA HIS A 140 -10.54 -21.82 -15.57
C HIS A 140 -11.27 -22.64 -16.65
N HIS A 141 -12.60 -22.81 -16.51
CA HIS A 141 -13.43 -23.69 -17.35
C HIS A 141 -13.19 -23.57 -18.87
N HIS A 142 -13.02 -22.34 -19.39
CA HIS A 142 -12.67 -22.05 -20.80
C HIS A 142 -13.44 -22.87 -21.87
N HIS A 143 -14.76 -22.93 -21.70
CA HIS A 143 -15.79 -23.42 -22.65
C HIS A 143 -15.54 -24.79 -23.32
ZN ZN B . 4.32 -9.22 5.31
N MET A 1 29.61 -5.82 -9.15
CA MET A 1 29.11 -4.43 -9.33
C MET A 1 27.93 -4.41 -10.31
N ALA A 2 27.22 -3.28 -10.42
CA ALA A 2 26.22 -3.06 -11.48
C ALA A 2 26.11 -1.56 -11.84
N ASP A 3 25.93 -0.70 -10.84
CA ASP A 3 25.89 0.76 -10.97
C ASP A 3 26.23 1.45 -9.64
N TRP A 4 26.39 2.77 -9.68
CA TRP A 4 26.69 3.61 -8.52
C TRP A 4 25.41 4.11 -7.85
N GLN A 5 24.36 4.32 -8.63
CA GLN A 5 23.11 4.95 -8.18
C GLN A 5 22.49 4.10 -7.06
N LYS A 6 22.43 2.78 -7.29
CA LYS A 6 21.91 1.79 -6.34
C LYS A 6 22.66 1.78 -5.00
N LYS A 7 23.95 2.09 -5.07
CA LYS A 7 24.89 2.16 -3.95
C LYS A 7 24.81 3.49 -3.19
N LEU A 8 24.59 4.58 -3.92
CA LEU A 8 24.39 5.94 -3.41
C LEU A 8 23.01 6.11 -2.73
N THR A 9 21.97 5.51 -3.30
CA THR A 9 20.59 5.62 -2.85
C THR A 9 19.92 4.23 -2.75
N PRO A 10 20.32 3.39 -1.78
CA PRO A 10 19.74 2.06 -1.56
C PRO A 10 18.29 2.10 -1.05
N GLU A 11 17.66 0.95 -0.78
CA GLU A 11 16.20 0.84 -0.53
C GLU A 11 15.68 1.82 0.51
N GLN A 12 16.34 1.87 1.66
CA GLN A 12 15.99 2.79 2.76
C GLN A 12 16.10 4.27 2.33
N PHE A 13 17.04 4.59 1.43
CA PHE A 13 17.23 5.93 0.87
C PHE A 13 16.18 6.24 -0.21
N TYR A 14 15.81 5.25 -1.02
CA TYR A 14 14.82 5.39 -2.10
C TYR A 14 13.41 5.53 -1.53
N VAL A 15 13.07 4.70 -0.53
CA VAL A 15 11.78 4.70 0.18
C VAL A 15 11.65 5.93 1.09
N THR A 16 12.71 6.46 1.70
CA THR A 16 12.61 7.71 2.51
C THR A 16 12.32 8.95 1.68
N ARG A 17 12.53 8.89 0.36
CA ARG A 17 12.00 9.88 -0.59
C ARG A 17 10.56 9.53 -0.98
N GLU A 18 10.28 8.25 -1.26
CA GLU A 18 8.96 7.80 -1.71
C GLU A 18 7.89 7.86 -0.61
N LYS A 19 8.27 7.89 0.68
CA LYS A 19 7.39 8.25 1.81
C LYS A 19 7.11 9.76 1.91
N GLY A 20 7.13 10.44 0.78
CA GLY A 20 7.16 11.90 0.68
C GLY A 20 6.98 12.43 -0.74
N THR A 21 6.30 11.67 -1.59
CA THR A 21 6.06 11.97 -2.99
C THR A 21 4.59 11.72 -3.38
N GLU A 22 4.26 12.10 -4.60
CA GLU A 22 2.96 11.94 -5.24
C GLU A 22 3.04 11.12 -6.53
N ALA A 23 1.88 10.60 -6.99
CA ALA A 23 1.76 9.79 -8.20
C ALA A 23 1.12 10.61 -9.36
N PRO A 24 1.29 10.21 -10.64
CA PRO A 24 0.88 11.02 -11.79
C PRO A 24 -0.65 11.17 -11.98
N PHE A 25 -1.01 12.27 -12.66
CA PHE A 25 -2.38 12.63 -13.03
C PHE A 25 -2.99 11.68 -14.07
N SER A 26 -2.19 11.17 -15.01
CA SER A 26 -2.45 10.31 -16.17
C SER A 26 -3.37 10.94 -17.23
N GLY A 27 -4.37 11.68 -16.79
CA GLY A 27 -5.37 12.36 -17.60
C GLY A 27 -6.13 11.41 -18.52
N MET A 28 -5.82 11.48 -19.80
CA MET A 28 -6.30 10.51 -20.81
C MET A 28 -5.89 9.07 -20.45
N TYR A 29 -4.78 8.90 -19.72
CA TYR A 29 -4.32 7.62 -19.19
C TYR A 29 -5.04 7.17 -17.90
N LEU A 30 -6.09 7.89 -17.46
CA LEU A 30 -7.14 7.37 -16.59
C LEU A 30 -8.24 6.60 -17.37
N ASN A 31 -8.02 6.28 -18.65
CA ASN A 31 -8.93 5.46 -19.48
C ASN A 31 -8.98 3.97 -19.07
N ASN A 32 -7.93 3.45 -18.43
CA ASN A 32 -7.84 2.04 -18.04
C ASN A 32 -7.10 1.86 -16.70
N LYS A 33 -7.86 1.51 -15.65
CA LYS A 33 -7.38 1.00 -14.37
C LYS A 33 -8.34 -0.09 -13.89
N GLU A 34 -7.82 -1.31 -13.84
CA GLU A 34 -8.53 -2.52 -13.42
C GLU A 34 -8.34 -2.84 -11.92
N THR A 35 -8.95 -3.93 -11.45
CA THR A 35 -8.96 -4.34 -10.05
C THR A 35 -7.71 -5.14 -9.71
N GLY A 36 -7.46 -5.33 -8.42
CA GLY A 36 -6.28 -6.05 -7.89
C GLY A 36 -6.14 -5.99 -6.37
N MET A 37 -4.93 -6.25 -5.87
CA MET A 37 -4.60 -6.26 -4.44
C MET A 37 -3.08 -6.12 -4.15
N TYR A 38 -2.78 -5.78 -2.90
CA TYR A 38 -1.48 -5.79 -2.25
C TYR A 38 -1.28 -7.09 -1.45
N HIS A 39 -0.04 -7.56 -1.43
CA HIS A 39 0.43 -8.68 -0.62
C HIS A 39 1.95 -8.58 -0.31
N CYS A 40 2.44 -9.35 0.66
CA CYS A 40 3.84 -9.53 0.95
C CYS A 40 4.62 -10.28 -0.16
N VAL A 41 5.94 -10.17 -0.03
CA VAL A 41 6.97 -10.96 -0.77
C VAL A 41 8.01 -11.59 0.16
N CYS A 42 7.70 -11.65 1.46
CA CYS A 42 8.62 -12.10 2.51
C CYS A 42 8.01 -13.21 3.38
N CYS A 43 6.79 -13.02 3.88
CA CYS A 43 6.11 -13.90 4.80
C CYS A 43 5.15 -14.90 4.10
N ASP A 44 3.88 -14.52 4.08
CA ASP A 44 2.70 -15.35 3.76
C ASP A 44 1.50 -14.54 3.25
N SER A 45 1.30 -13.33 3.78
CA SER A 45 0.02 -12.62 3.73
C SER A 45 -0.27 -11.83 2.44
N PRO A 46 -1.33 -12.15 1.69
CA PRO A 46 -2.19 -11.12 1.11
C PRO A 46 -2.93 -10.37 2.23
N LEU A 47 -3.31 -9.11 1.99
CA LEU A 47 -3.97 -8.32 3.04
C LEU A 47 -4.94 -7.22 2.56
N PHE A 48 -4.54 -6.38 1.60
CA PHE A 48 -5.30 -5.18 1.26
C PHE A 48 -5.72 -5.21 -0.21
N SER A 49 -7.03 -5.14 -0.49
CA SER A 49 -7.53 -5.07 -1.86
C SER A 49 -7.32 -3.68 -2.45
N SER A 50 -7.05 -3.67 -3.75
CA SER A 50 -7.04 -2.46 -4.57
C SER A 50 -8.45 -1.99 -4.88
N GLU A 51 -9.42 -2.82 -4.56
CA GLU A 51 -10.83 -2.60 -4.77
C GLU A 51 -11.37 -1.35 -4.11
N LYS A 52 -10.90 -1.10 -2.89
CA LYS A 52 -11.17 0.15 -2.17
C LYS A 52 -10.20 1.28 -2.51
N LYS A 53 -9.24 1.04 -3.40
CA LYS A 53 -8.02 1.86 -3.50
C LYS A 53 -8.07 2.90 -4.62
N TYR A 54 -7.78 4.15 -4.26
CA TYR A 54 -7.54 5.22 -5.23
C TYR A 54 -6.38 4.88 -6.18
N CYS A 55 -6.64 5.06 -7.48
CA CYS A 55 -5.70 4.75 -8.56
C CYS A 55 -5.44 5.94 -9.52
N SER A 56 -6.06 7.09 -9.29
CA SER A 56 -5.59 8.39 -9.76
C SER A 56 -4.46 8.86 -8.83
N GLY A 57 -3.32 9.31 -9.36
CA GLY A 57 -2.18 9.69 -8.52
C GLY A 57 -2.38 10.97 -7.70
N THR A 58 -3.31 11.81 -8.14
CA THR A 58 -3.84 13.00 -7.46
C THR A 58 -4.77 12.68 -6.29
N GLY A 59 -5.59 11.62 -6.42
CA GLY A 59 -6.31 11.00 -5.31
C GLY A 59 -5.38 10.29 -4.32
N TRP A 60 -4.22 9.84 -4.83
CA TRP A 60 -3.04 9.31 -4.14
C TRP A 60 -3.30 7.96 -3.40
N PRO A 61 -2.37 6.99 -3.40
CA PRO A 61 -2.67 5.60 -3.03
C PRO A 61 -3.12 5.37 -1.58
N SER A 62 -4.43 5.27 -1.47
CA SER A 62 -5.20 5.18 -0.24
C SER A 62 -6.48 4.36 -0.46
N PHE A 63 -7.04 3.77 0.59
CA PHE A 63 -8.11 2.77 0.56
C PHE A 63 -9.02 3.00 1.76
N SER A 64 -10.30 3.23 1.47
CA SER A 64 -11.27 3.64 2.48
C SER A 64 -11.75 2.52 3.42
N GLU A 65 -11.38 1.25 3.15
CA GLU A 65 -11.36 0.19 4.16
C GLU A 65 -10.57 -1.07 3.75
N ALA A 66 -10.07 -1.80 4.76
CA ALA A 66 -9.36 -3.09 4.63
C ALA A 66 -10.30 -4.27 4.31
N TYR A 67 -11.02 -4.17 3.20
CA TYR A 67 -11.93 -5.20 2.71
C TYR A 67 -11.18 -6.34 2.01
N GLY A 68 -11.33 -7.55 2.54
CA GLY A 68 -10.69 -8.78 2.08
C GLY A 68 -11.03 -9.98 2.98
N SER A 69 -11.17 -9.72 4.28
CA SER A 69 -11.71 -10.61 5.29
C SER A 69 -12.49 -9.81 6.34
N LYS A 70 -13.52 -10.43 6.93
CA LYS A 70 -14.42 -9.87 7.95
C LYS A 70 -14.75 -10.88 9.04
N GLY A 71 -14.60 -10.48 10.30
CA GLY A 71 -15.15 -11.16 11.49
C GLY A 71 -14.46 -12.49 11.83
N SER A 72 -14.71 -13.49 10.99
CA SER A 72 -14.06 -14.80 10.92
C SER A 72 -12.53 -14.70 10.96
N ASP A 73 -11.96 -13.66 10.35
CA ASP A 73 -10.55 -13.32 10.49
C ASP A 73 -10.32 -11.83 10.24
N GLU A 74 -9.89 -11.11 11.29
CA GLU A 74 -9.25 -9.79 11.21
C GLU A 74 -8.03 -9.68 12.15
N SER A 75 -7.37 -10.83 12.40
CA SER A 75 -6.18 -10.96 13.27
C SER A 75 -5.30 -12.20 13.02
N HIS A 76 -5.84 -13.26 12.40
CA HIS A 76 -5.17 -14.54 12.11
C HIS A 76 -4.12 -14.46 10.98
N THR A 77 -4.10 -13.30 10.34
CA THR A 77 -3.01 -12.70 9.55
C THR A 77 -1.67 -12.71 10.27
N GLY A 78 -1.70 -12.47 11.58
CA GLY A 78 -0.52 -12.33 12.43
C GLY A 78 0.12 -10.94 12.34
N ILE A 79 -0.59 -9.95 11.78
CA ILE A 79 -0.14 -8.55 11.81
C ILE A 79 -0.31 -7.90 13.20
N LEU A 80 0.10 -6.63 13.30
CA LEU A 80 0.06 -5.80 14.50
C LEU A 80 -0.25 -4.33 14.17
N ARG A 81 -0.43 -3.52 15.21
CA ARG A 81 -0.80 -2.10 15.11
C ARG A 81 -0.18 -1.24 16.22
N ARG A 82 0.11 0.02 15.88
CA ARG A 82 0.60 1.08 16.78
C ARG A 82 -0.13 2.38 16.44
N LEU A 83 -1.00 2.76 17.37
CA LEU A 83 -1.77 3.98 17.36
C LEU A 83 -1.04 5.06 18.15
N ASP A 84 -1.20 6.34 17.82
CA ASP A 84 -0.56 7.44 18.54
C ASP A 84 -1.35 8.73 18.37
N THR A 85 -1.81 9.31 19.48
CA THR A 85 -2.29 10.70 19.53
C THR A 85 -1.48 11.50 20.56
N SER A 86 -0.20 11.17 20.71
CA SER A 86 0.70 11.46 21.81
C SER A 86 1.76 12.51 21.47
N LEU A 87 1.88 12.77 20.18
CA LEU A 87 2.64 13.85 19.55
C LEU A 87 1.80 15.13 19.40
N GLY A 88 0.69 15.22 20.12
CA GLY A 88 -0.26 16.34 20.10
C GLY A 88 -1.22 16.35 18.90
N CYS A 89 -1.01 15.43 17.97
CA CYS A 89 -1.72 15.27 16.69
C CYS A 89 -1.98 13.76 16.45
N PRO A 90 -3.20 13.34 16.09
CA PRO A 90 -3.55 11.92 15.99
C PRO A 90 -3.01 11.23 14.72
N ARG A 91 -2.63 9.96 14.89
CA ARG A 91 -2.12 9.00 13.89
C ARG A 91 -2.51 7.55 14.23
N MET A 92 -2.45 6.70 13.21
CA MET A 92 -2.71 5.27 13.28
C MET A 92 -1.74 4.55 12.32
N GLU A 93 -1.08 3.48 12.75
CA GLU A 93 -0.21 2.67 11.88
C GLU A 93 -0.36 1.16 12.11
N VAL A 94 -0.15 0.35 11.07
CA VAL A 94 -0.17 -1.12 11.10
C VAL A 94 1.14 -1.68 10.58
N VAL A 95 1.61 -2.76 11.21
CA VAL A 95 2.89 -3.41 10.87
C VAL A 95 2.72 -4.91 10.80
N CYS A 96 3.59 -5.55 10.04
CA CYS A 96 3.64 -6.97 9.92
C CYS A 96 4.72 -7.48 10.87
N LYS A 97 4.27 -8.20 11.87
CA LYS A 97 5.10 -9.07 12.72
C LYS A 97 5.65 -10.28 11.95
N GLN A 98 5.07 -10.62 10.78
CA GLN A 98 5.38 -11.84 10.04
C GLN A 98 6.59 -11.68 9.10
N CYS A 99 6.71 -10.51 8.47
CA CYS A 99 7.80 -10.06 7.60
C CYS A 99 8.65 -8.89 8.20
N GLU A 100 8.17 -8.23 9.26
CA GLU A 100 8.85 -7.20 10.06
C GLU A 100 9.06 -5.83 9.38
N ALA A 101 7.97 -5.25 8.87
CA ALA A 101 7.91 -3.85 8.42
C ALA A 101 6.50 -3.23 8.58
N HIS A 102 6.44 -1.90 8.65
CA HIS A 102 5.17 -1.16 8.58
C HIS A 102 4.55 -1.24 7.17
N LEU A 103 3.28 -1.60 7.09
CA LEU A 103 2.59 -1.83 5.81
C LEU A 103 1.92 -0.59 5.24
N GLY A 104 1.57 0.31 6.15
CA GLY A 104 0.95 1.58 5.91
C GLY A 104 0.27 2.16 7.14
N HIS A 105 -0.23 3.37 6.95
CA HIS A 105 -0.57 4.30 8.02
C HIS A 105 -1.66 5.28 7.65
N VAL A 106 -2.17 5.96 8.67
CA VAL A 106 -3.44 6.67 8.65
C VAL A 106 -3.26 8.02 9.34
N PHE A 107 -3.81 9.03 8.68
CA PHE A 107 -3.84 10.42 9.16
C PHE A 107 -5.23 11.07 8.97
N PRO A 108 -5.56 12.15 9.71
CA PRO A 108 -6.68 13.02 9.35
C PRO A 108 -6.39 13.78 8.05
N ASP A 109 -7.42 14.04 7.24
CA ASP A 109 -7.30 14.61 5.89
C ASP A 109 -7.93 16.02 5.75
N GLY A 110 -8.17 16.65 6.90
CA GLY A 110 -8.76 18.00 7.04
C GLY A 110 -9.79 18.08 8.17
N PRO A 111 -10.98 17.47 7.99
CA PRO A 111 -11.98 17.33 9.06
C PRO A 111 -11.51 16.40 10.19
N LYS A 112 -12.38 16.24 11.20
CA LYS A 112 -12.12 15.48 12.44
C LYS A 112 -11.75 14.02 12.18
N PRO A 113 -10.96 13.38 13.07
CA PRO A 113 -10.39 12.04 12.86
C PRO A 113 -11.42 10.91 12.72
N THR A 114 -12.71 11.20 12.87
CA THR A 114 -13.79 10.29 12.41
C THR A 114 -13.68 9.97 10.91
N GLY A 115 -13.13 10.91 10.13
CA GLY A 115 -12.89 10.84 8.69
C GLY A 115 -11.46 10.47 8.26
N GLN A 116 -10.65 9.92 9.17
CA GLN A 116 -9.25 9.52 8.91
C GLN A 116 -9.08 8.69 7.61
N ARG A 117 -8.00 8.96 6.88
CA ARG A 117 -7.67 8.39 5.57
C ARG A 117 -6.41 7.54 5.67
N PHE A 118 -6.49 6.39 5.03
CA PHE A 118 -5.53 5.28 5.15
C PHE A 118 -4.64 5.18 3.90
N CYS A 119 -3.36 5.42 4.10
CA CYS A 119 -2.26 5.41 3.12
C CYS A 119 -1.47 4.09 3.17
N ILE A 120 -1.02 3.58 2.02
CA ILE A 120 -0.08 2.46 1.95
C ILE A 120 1.31 2.97 1.51
N ASN A 121 2.37 2.24 1.89
CA ASN A 121 3.74 2.56 1.53
C ASN A 121 4.42 1.40 0.77
N SER A 122 4.92 1.67 -0.46
CA SER A 122 5.59 0.69 -1.32
C SER A 122 7.03 0.38 -0.89
N VAL A 123 7.28 0.09 0.39
CA VAL A 123 8.64 -0.11 0.93
C VAL A 123 9.36 -1.31 0.29
N ALA A 124 8.74 -2.49 0.33
CA ALA A 124 9.19 -3.70 -0.36
C ALA A 124 8.08 -4.67 -0.77
N LEU A 125 6.82 -4.34 -0.47
CA LEU A 125 5.65 -5.18 -0.67
C LEU A 125 5.31 -5.28 -2.16
N LYS A 126 4.51 -6.27 -2.49
CA LYS A 126 4.04 -6.57 -3.86
C LYS A 126 2.56 -6.25 -4.07
N PHE A 127 2.19 -6.12 -5.33
CA PHE A 127 0.82 -5.93 -5.79
C PHE A 127 0.63 -6.55 -7.18
N LYS A 128 -0.54 -7.14 -7.41
CA LYS A 128 -0.97 -7.67 -8.72
C LYS A 128 -2.42 -7.27 -9.03
N PRO A 129 -2.81 -7.22 -10.32
CA PRO A 129 -4.22 -7.09 -10.69
C PRO A 129 -4.98 -8.40 -10.48
N SER A 130 -6.32 -8.29 -10.56
CA SER A 130 -7.27 -9.40 -10.36
C SER A 130 -7.70 -10.06 -11.67
N LYS A 131 -7.81 -9.23 -12.71
CA LYS A 131 -8.28 -9.57 -14.05
C LYS A 131 -7.34 -10.51 -14.84
N PRO A 132 -7.87 -11.43 -15.67
CA PRO A 132 -7.13 -12.05 -16.76
C PRO A 132 -6.66 -11.02 -17.81
N ALA A 133 -5.82 -11.52 -18.73
CA ALA A 133 -5.06 -10.73 -19.72
C ALA A 133 -4.10 -9.70 -19.09
N ALA A 134 -3.80 -9.85 -17.81
CA ALA A 134 -2.97 -8.99 -16.98
C ALA A 134 -2.16 -9.82 -15.96
N ALA A 135 -1.69 -11.00 -16.40
CA ALA A 135 -0.96 -11.98 -15.59
C ALA A 135 -1.75 -12.56 -14.39
N LEU A 136 -3.04 -12.86 -14.64
CA LEU A 136 -3.88 -13.73 -13.81
C LEU A 136 -4.88 -14.54 -14.67
N GLU A 137 -4.40 -15.08 -15.80
CA GLU A 137 -5.22 -15.82 -16.77
C GLU A 137 -5.38 -17.33 -16.51
N HIS A 138 -5.02 -17.76 -15.31
CA HIS A 138 -4.88 -19.16 -14.89
C HIS A 138 -6.09 -20.07 -15.25
N HIS A 139 -5.80 -21.33 -15.58
CA HIS A 139 -6.79 -22.33 -15.98
C HIS A 139 -6.27 -23.76 -15.75
N HIS A 140 -7.16 -24.76 -15.76
CA HIS A 140 -6.78 -26.16 -15.95
C HIS A 140 -6.65 -26.50 -17.45
N HIS A 141 -6.77 -27.77 -17.85
CA HIS A 141 -6.79 -28.16 -19.26
C HIS A 141 -7.82 -27.35 -20.08
N HIS A 142 -7.52 -27.15 -21.36
CA HIS A 142 -8.21 -26.26 -22.29
C HIS A 142 -8.25 -26.92 -23.69
N HIS A 143 -8.99 -26.34 -24.65
CA HIS A 143 -8.96 -26.73 -26.07
C HIS A 143 -7.93 -25.92 -26.86
ZN ZN B . 3.46 -9.85 5.95
N MET A 1 31.03 -5.80 -4.39
CA MET A 1 31.29 -4.53 -3.68
C MET A 1 31.33 -3.42 -4.74
N ALA A 2 30.45 -2.43 -4.63
CA ALA A 2 30.23 -1.38 -5.64
C ALA A 2 29.66 -1.93 -6.97
N ASP A 3 28.43 -2.43 -6.90
CA ASP A 3 27.57 -2.53 -8.08
C ASP A 3 27.01 -1.15 -8.49
N TRP A 4 26.47 -1.07 -9.70
CA TRP A 4 25.92 0.15 -10.28
C TRP A 4 24.41 0.11 -10.48
N GLN A 5 23.86 -1.09 -10.67
CA GLN A 5 22.48 -1.43 -10.88
C GLN A 5 21.59 -0.91 -9.75
N LYS A 6 21.92 -1.26 -8.50
CA LYS A 6 21.14 -0.83 -7.33
C LYS A 6 21.12 0.68 -7.13
N LYS A 7 22.18 1.34 -7.60
CA LYS A 7 22.34 2.80 -7.65
C LYS A 7 21.55 3.46 -8.80
N LEU A 8 21.46 2.80 -9.95
CA LEU A 8 20.74 3.25 -11.14
C LEU A 8 19.22 2.95 -11.09
N THR A 9 18.75 2.01 -10.28
CA THR A 9 17.29 1.75 -10.11
C THR A 9 16.82 1.42 -8.67
N PRO A 10 17.17 2.23 -7.64
CA PRO A 10 16.80 1.99 -6.24
C PRO A 10 15.30 2.14 -5.93
N GLU A 11 14.81 1.33 -5.00
CA GLU A 11 13.38 1.06 -4.78
C GLU A 11 12.78 1.94 -3.71
N GLN A 12 13.36 1.87 -2.50
CA GLN A 12 12.98 2.74 -1.39
C GLN A 12 13.21 4.21 -1.78
N PHE A 13 14.22 4.47 -2.61
CA PHE A 13 14.50 5.79 -3.18
C PHE A 13 13.43 6.20 -4.19
N TYR A 14 13.00 5.32 -5.10
CA TYR A 14 11.93 5.69 -6.04
C TYR A 14 10.59 5.93 -5.34
N VAL A 15 10.29 5.06 -4.38
CA VAL A 15 9.08 5.17 -3.56
C VAL A 15 9.04 6.46 -2.74
N THR A 16 10.17 6.93 -2.20
CA THR A 16 10.30 8.19 -1.44
C THR A 16 10.42 9.41 -2.35
N ARG A 17 11.04 9.27 -3.54
CA ARG A 17 11.05 10.29 -4.60
C ARG A 17 9.61 10.65 -4.98
N GLU A 18 8.80 9.64 -5.29
CA GLU A 18 7.39 9.86 -5.63
C GLU A 18 6.53 10.09 -4.36
N LYS A 19 7.06 9.86 -3.15
CA LYS A 19 6.54 10.38 -1.87
C LYS A 19 6.87 11.85 -1.62
N GLY A 20 6.41 12.68 -2.55
CA GLY A 20 6.79 14.08 -2.66
C GLY A 20 5.75 15.06 -3.20
N THR A 21 4.60 14.56 -3.66
CA THR A 21 3.51 15.38 -4.20
C THR A 21 2.14 14.81 -3.84
N GLU A 22 1.25 15.67 -3.38
CA GLU A 22 -0.18 15.41 -3.14
C GLU A 22 -1.05 16.39 -3.95
N ALA A 23 -2.21 15.94 -4.42
CA ALA A 23 -3.02 16.62 -5.45
C ALA A 23 -4.52 16.71 -5.10
N PRO A 24 -5.27 17.70 -5.65
CA PRO A 24 -6.72 17.82 -5.51
C PRO A 24 -7.49 16.80 -6.39
N PHE A 25 -8.83 16.83 -6.32
CA PHE A 25 -9.74 15.83 -6.90
C PHE A 25 -9.49 15.44 -8.37
N SER A 26 -8.94 16.33 -9.21
CA SER A 26 -8.51 16.11 -10.59
C SER A 26 -9.64 15.82 -11.59
N GLY A 27 -10.74 15.24 -11.15
CA GLY A 27 -11.98 15.05 -11.90
C GLY A 27 -11.81 14.39 -13.26
N MET A 28 -11.84 15.18 -14.33
CA MET A 28 -11.50 14.75 -15.70
C MET A 28 -10.10 14.12 -15.82
N TYR A 29 -9.19 14.50 -14.91
CA TYR A 29 -7.84 13.97 -14.82
C TYR A 29 -7.76 12.67 -14.00
N LEU A 30 -8.88 12.19 -13.44
CA LEU A 30 -9.08 10.82 -13.00
C LEU A 30 -10.00 10.08 -13.98
N ASN A 31 -9.41 9.46 -15.01
CA ASN A 31 -10.10 8.45 -15.82
C ASN A 31 -10.69 7.30 -14.96
N ASN A 32 -11.67 6.57 -15.51
CA ASN A 32 -12.25 5.38 -14.85
C ASN A 32 -11.17 4.31 -14.51
N LYS A 33 -11.51 3.39 -13.60
CA LYS A 33 -10.58 2.42 -13.04
C LYS A 33 -11.26 1.10 -12.71
N GLU A 34 -10.79 0.06 -13.40
CA GLU A 34 -10.86 -1.35 -13.04
C GLU A 34 -10.11 -1.68 -11.73
N THR A 35 -10.20 -2.94 -11.30
CA THR A 35 -9.84 -3.36 -9.92
C THR A 35 -8.61 -4.26 -9.85
N GLY A 36 -8.28 -4.74 -8.65
CA GLY A 36 -7.15 -5.65 -8.42
C GLY A 36 -6.81 -5.96 -6.96
N MET A 37 -5.52 -6.19 -6.68
CA MET A 37 -4.99 -6.63 -5.39
C MET A 37 -3.72 -5.85 -4.94
N TYR A 38 -3.25 -6.25 -3.77
CA TYR A 38 -1.90 -6.08 -3.20
C TYR A 38 -1.46 -7.43 -2.60
N HIS A 39 -0.16 -7.72 -2.70
CA HIS A 39 0.48 -8.80 -1.97
C HIS A 39 1.92 -8.42 -1.58
N CYS A 40 2.43 -8.96 -0.47
CA CYS A 40 3.80 -8.75 -0.05
C CYS A 40 4.79 -9.49 -0.97
N VAL A 41 6.04 -9.04 -0.87
CA VAL A 41 7.25 -9.75 -1.35
C VAL A 41 8.05 -10.35 -0.16
N CYS A 42 7.51 -10.25 1.05
CA CYS A 42 8.22 -10.48 2.30
C CYS A 42 7.68 -11.69 3.07
N CYS A 43 6.39 -11.72 3.39
CA CYS A 43 5.75 -12.78 4.15
C CYS A 43 5.40 -13.99 3.25
N ASP A 44 4.28 -13.91 2.53
CA ASP A 44 3.86 -14.88 1.50
C ASP A 44 2.74 -14.35 0.58
N SER A 45 1.59 -14.01 1.19
CA SER A 45 0.29 -14.00 0.53
C SER A 45 -0.17 -12.62 0.02
N PRO A 46 -1.21 -12.58 -0.84
CA PRO A 46 -2.10 -11.42 -0.88
C PRO A 46 -2.77 -11.18 0.48
N LEU A 47 -3.10 -9.92 0.75
CA LEU A 47 -3.74 -9.50 2.00
C LEU A 47 -4.78 -8.39 1.82
N PHE A 48 -4.60 -7.49 0.84
CA PHE A 48 -5.52 -6.36 0.62
C PHE A 48 -5.99 -6.30 -0.83
N SER A 49 -7.29 -6.14 -1.06
CA SER A 49 -7.81 -5.87 -2.39
C SER A 49 -7.54 -4.41 -2.76
N SER A 50 -7.18 -4.17 -4.02
CA SER A 50 -7.10 -2.84 -4.62
C SER A 50 -8.45 -2.15 -4.70
N GLU A 51 -9.50 -2.91 -4.45
CA GLU A 51 -10.86 -2.43 -4.35
C GLU A 51 -11.07 -1.37 -3.26
N LYS A 52 -10.32 -1.52 -2.16
CA LYS A 52 -10.21 -0.53 -1.08
C LYS A 52 -9.11 0.52 -1.31
N LYS A 53 -8.37 0.41 -2.41
CA LYS A 53 -7.17 1.21 -2.69
C LYS A 53 -7.55 2.41 -3.56
N TYR A 54 -7.12 3.60 -3.14
CA TYR A 54 -7.50 4.85 -3.82
C TYR A 54 -6.88 4.90 -5.23
N CYS A 55 -7.73 4.95 -6.26
CA CYS A 55 -7.43 5.00 -7.70
C CYS A 55 -6.56 3.85 -8.27
N SER A 56 -5.30 3.71 -7.82
CA SER A 56 -4.20 3.02 -8.52
C SER A 56 -3.84 3.64 -9.88
N GLY A 57 -2.66 3.33 -10.41
CA GLY A 57 -2.11 3.97 -11.63
C GLY A 57 -1.66 5.42 -11.46
N THR A 58 -1.75 5.98 -10.24
CA THR A 58 -1.46 7.39 -9.90
C THR A 58 -0.05 7.57 -9.31
N GLY A 59 0.65 6.46 -9.05
CA GLY A 59 1.91 6.42 -8.29
C GLY A 59 1.75 6.59 -6.77
N TRP A 60 0.55 6.96 -6.29
CA TRP A 60 0.25 7.27 -4.88
C TRP A 60 -0.58 6.14 -4.23
N PRO A 61 -0.18 5.57 -3.08
CA PRO A 61 -0.88 4.45 -2.45
C PRO A 61 -1.60 4.79 -1.12
N SER A 62 -2.89 4.50 -1.05
CA SER A 62 -3.80 4.68 0.09
C SER A 62 -4.86 3.57 0.11
N PHE A 63 -5.48 3.26 1.25
CA PHE A 63 -6.35 2.08 1.47
C PHE A 63 -7.38 2.39 2.57
N SER A 64 -8.67 2.40 2.25
CA SER A 64 -9.70 2.70 3.27
C SER A 64 -9.91 1.57 4.30
N GLU A 65 -9.58 0.33 3.95
CA GLU A 65 -9.57 -0.82 4.85
C GLU A 65 -8.78 -2.03 4.30
N ALA A 66 -8.52 -2.99 5.17
CA ALA A 66 -8.12 -4.35 4.82
C ALA A 66 -9.37 -5.22 4.60
N TYR A 67 -10.01 -5.11 3.42
CA TYR A 67 -11.20 -5.90 3.11
C TYR A 67 -10.86 -7.38 2.83
N GLY A 68 -11.71 -8.26 3.33
CA GLY A 68 -11.67 -9.71 3.15
C GLY A 68 -11.98 -10.46 4.45
N SER A 69 -11.60 -9.87 5.57
CA SER A 69 -11.66 -10.39 6.94
C SER A 69 -12.59 -9.56 7.84
N LYS A 70 -13.46 -10.24 8.60
CA LYS A 70 -14.45 -9.66 9.51
C LYS A 70 -14.50 -10.41 10.85
N GLY A 71 -14.45 -9.65 11.94
CA GLY A 71 -14.90 -10.04 13.29
C GLY A 71 -14.11 -11.17 13.93
N SER A 72 -14.40 -12.39 13.50
CA SER A 72 -13.63 -13.60 13.78
C SER A 72 -12.19 -13.48 13.26
N ASP A 73 -12.00 -12.70 12.19
CA ASP A 73 -10.76 -12.74 11.40
C ASP A 73 -9.67 -11.77 11.88
N GLU A 74 -9.86 -11.14 13.04
CA GLU A 74 -9.02 -10.02 13.53
C GLU A 74 -7.71 -10.45 14.23
N SER A 75 -7.45 -11.77 14.27
CA SER A 75 -6.09 -12.36 14.37
C SER A 75 -5.63 -12.91 13.02
N HIS A 76 -6.57 -13.36 12.18
CA HIS A 76 -6.32 -14.13 10.94
C HIS A 76 -5.66 -13.30 9.83
N THR A 77 -5.84 -11.99 9.90
CA THR A 77 -5.15 -10.97 9.10
C THR A 77 -3.64 -11.12 9.12
N GLY A 78 -3.10 -11.47 10.27
CA GLY A 78 -1.66 -11.46 10.54
C GLY A 78 -1.08 -10.05 10.63
N ILE A 79 -1.91 -9.01 10.76
CA ILE A 79 -1.47 -7.61 10.89
C ILE A 79 -1.88 -7.02 12.25
N LEU A 80 -1.20 -5.95 12.66
CA LEU A 80 -1.30 -5.32 13.97
C LEU A 80 -1.30 -3.79 13.88
N ARG A 81 -1.45 -3.12 15.03
CA ARG A 81 -1.67 -1.68 15.15
C ARG A 81 -1.13 -1.11 16.45
N ARG A 82 -0.83 0.19 16.43
CA ARG A 82 -0.27 1.02 17.50
C ARG A 82 -0.72 2.45 17.25
N LEU A 83 -1.48 3.02 18.17
CA LEU A 83 -1.92 4.42 18.10
C LEU A 83 -0.78 5.38 18.43
N ASP A 84 -0.83 6.55 17.83
CA ASP A 84 0.24 7.56 17.94
C ASP A 84 -0.33 8.96 18.17
N THR A 85 -0.40 9.39 19.43
CA THR A 85 -0.86 10.73 19.83
C THR A 85 0.28 11.59 20.38
N SER A 86 1.52 11.25 20.02
CA SER A 86 2.72 11.71 20.75
C SER A 86 3.27 13.05 20.27
N LEU A 87 2.66 13.55 19.20
CA LEU A 87 2.75 14.93 18.70
C LEU A 87 1.54 15.77 19.16
N GLY A 88 0.77 15.26 20.13
CA GLY A 88 -0.46 15.86 20.66
C GLY A 88 -1.71 15.66 19.81
N CYS A 89 -1.55 15.05 18.64
CA CYS A 89 -2.61 14.85 17.64
C CYS A 89 -2.75 13.35 17.33
N PRO A 90 -3.84 12.68 17.74
CA PRO A 90 -3.94 11.23 17.76
C PRO A 90 -4.14 10.64 16.36
N ARG A 91 -3.25 9.71 16.02
CA ARG A 91 -3.20 8.94 14.77
C ARG A 91 -3.37 7.45 15.08
N MET A 92 -3.64 6.67 14.05
CA MET A 92 -3.62 5.20 14.07
C MET A 92 -2.54 4.73 13.10
N GLU A 93 -1.59 3.95 13.60
CA GLU A 93 -0.46 3.44 12.81
C GLU A 93 -0.47 1.91 12.82
N VAL A 94 -0.22 1.29 11.66
CA VAL A 94 -0.47 -0.14 11.42
C VAL A 94 0.76 -0.84 10.88
N VAL A 95 0.92 -2.11 11.27
CA VAL A 95 2.08 -2.92 10.89
C VAL A 95 1.65 -4.27 10.33
N CYS A 96 2.30 -4.73 9.27
CA CYS A 96 2.27 -6.13 8.90
C CYS A 96 3.12 -6.90 9.90
N LYS A 97 2.43 -7.50 10.87
CA LYS A 97 2.97 -8.49 11.79
C LYS A 97 3.45 -9.76 11.07
N GLN A 98 3.04 -9.99 9.81
CA GLN A 98 3.57 -11.09 9.02
C GLN A 98 5.02 -10.89 8.58
N CYS A 99 5.33 -9.69 8.08
CA CYS A 99 6.56 -9.31 7.40
C CYS A 99 7.35 -8.13 8.02
N GLU A 100 6.95 -7.66 9.20
CA GLU A 100 7.51 -6.51 9.93
C GLU A 100 7.31 -5.13 9.23
N ALA A 101 6.42 -5.04 8.23
CA ALA A 101 6.22 -3.83 7.43
C ALA A 101 5.45 -2.73 8.19
N HIS A 102 6.17 -1.94 9.00
CA HIS A 102 5.65 -0.85 9.83
C HIS A 102 5.48 0.49 9.08
N LEU A 103 4.68 0.46 8.00
CA LEU A 103 4.68 1.51 6.96
C LEU A 103 3.31 1.96 6.43
N GLY A 104 2.22 1.51 7.05
CA GLY A 104 0.86 1.98 6.86
C GLY A 104 0.40 2.82 8.06
N HIS A 105 -0.24 3.94 7.79
CA HIS A 105 -0.71 4.87 8.82
C HIS A 105 -1.97 5.63 8.38
N VAL A 106 -2.75 6.11 9.33
CA VAL A 106 -4.01 6.85 9.12
C VAL A 106 -4.19 7.96 10.15
N PHE A 107 -4.65 9.10 9.65
CA PHE A 107 -4.73 10.37 10.39
C PHE A 107 -6.01 11.17 10.06
N PRO A 108 -6.54 11.96 11.02
CA PRO A 108 -7.42 13.08 10.71
C PRO A 108 -6.60 14.26 10.18
N ASP A 109 -7.16 15.05 9.27
CA ASP A 109 -6.56 16.32 8.80
C ASP A 109 -7.37 17.58 9.17
N GLY A 110 -8.34 17.41 10.07
CA GLY A 110 -9.14 18.49 10.66
C GLY A 110 -10.39 18.04 11.41
N PRO A 111 -11.39 17.42 10.75
CA PRO A 111 -12.69 17.08 11.35
C PRO A 111 -12.62 15.84 12.27
N LYS A 112 -13.79 15.37 12.74
CA LYS A 112 -13.96 14.10 13.48
C LYS A 112 -13.30 12.91 12.77
N PRO A 113 -13.04 11.77 13.46
CA PRO A 113 -12.53 10.56 12.83
C PRO A 113 -13.44 9.97 11.72
N THR A 114 -14.63 10.53 11.52
CA THR A 114 -15.49 10.37 10.32
C THR A 114 -14.92 11.05 9.06
N GLY A 115 -13.60 11.36 9.07
CA GLY A 115 -12.90 12.15 8.07
C GLY A 115 -11.39 11.89 7.92
N GLN A 116 -10.91 10.75 8.39
CA GLN A 116 -9.50 10.35 8.30
C GLN A 116 -9.06 9.89 6.89
N ARG A 117 -7.75 9.89 6.62
CA ARG A 117 -7.12 9.41 5.38
C ARG A 117 -6.01 8.42 5.72
N PHE A 118 -5.97 7.27 5.05
CA PHE A 118 -4.94 6.25 5.23
C PHE A 118 -3.91 6.35 4.10
N CYS A 119 -2.63 6.37 4.46
CA CYS A 119 -1.48 6.47 3.56
C CYS A 119 -0.49 5.33 3.85
N ILE A 120 0.09 4.74 2.81
CA ILE A 120 1.14 3.72 2.94
C ILE A 120 2.37 4.13 2.11
N ASN A 121 3.49 3.43 2.24
CA ASN A 121 4.59 3.51 1.28
C ASN A 121 4.97 2.11 0.74
N SER A 122 5.06 1.98 -0.60
CA SER A 122 5.15 0.69 -1.30
C SER A 122 6.57 0.12 -1.39
N VAL A 123 7.37 0.23 -0.33
CA VAL A 123 8.86 0.31 -0.34
C VAL A 123 9.59 -0.68 -1.27
N ALA A 124 9.08 -1.90 -1.38
CA ALA A 124 9.47 -2.91 -2.37
C ALA A 124 8.30 -3.85 -2.75
N LEU A 125 7.05 -3.40 -2.55
CA LEU A 125 5.88 -4.24 -2.36
C LEU A 125 5.08 -4.40 -3.65
N LYS A 126 4.29 -5.48 -3.71
CA LYS A 126 3.74 -6.04 -4.96
C LYS A 126 2.23 -5.80 -5.13
N PHE A 127 1.81 -5.54 -6.37
CA PHE A 127 0.41 -5.27 -6.71
C PHE A 127 0.12 -5.66 -8.16
N LYS A 128 -1.10 -6.17 -8.41
CA LYS A 128 -1.59 -6.65 -9.71
C LYS A 128 -3.05 -6.24 -9.93
N PRO A 129 -3.52 -6.10 -11.18
CA PRO A 129 -4.94 -5.92 -11.48
C PRO A 129 -5.74 -7.21 -11.31
N SER A 130 -7.07 -7.09 -11.40
CA SER A 130 -8.03 -8.20 -11.47
C SER A 130 -8.27 -8.61 -12.92
N LYS A 131 -8.32 -7.57 -13.75
CA LYS A 131 -8.69 -7.56 -15.15
C LYS A 131 -7.50 -7.82 -16.09
N PRO A 132 -7.70 -8.52 -17.23
CA PRO A 132 -6.65 -8.82 -18.21
C PRO A 132 -6.31 -7.62 -19.12
N ALA A 133 -5.61 -7.89 -20.23
CA ALA A 133 -5.20 -6.91 -21.24
C ALA A 133 -4.26 -5.81 -20.69
N ALA A 134 -3.36 -6.21 -19.79
CA ALA A 134 -2.48 -5.33 -19.02
C ALA A 134 -1.17 -5.00 -19.75
N ALA A 135 -0.89 -5.70 -20.86
CA ALA A 135 0.28 -5.49 -21.72
C ALA A 135 -0.06 -4.57 -22.91
N LEU A 136 0.72 -3.49 -23.08
CA LEU A 136 0.52 -2.44 -24.09
C LEU A 136 1.82 -1.63 -24.27
N GLU A 137 2.93 -2.33 -24.57
CA GLU A 137 4.23 -1.76 -24.88
C GLU A 137 4.19 -0.63 -25.94
N HIS A 138 3.35 -0.81 -26.96
CA HIS A 138 3.17 0.07 -28.12
C HIS A 138 1.72 -0.02 -28.63
N HIS A 139 1.21 1.04 -29.27
CA HIS A 139 -0.16 1.03 -29.81
C HIS A 139 -0.30 0.21 -31.11
N HIS A 140 -1.55 -0.05 -31.54
CA HIS A 140 -1.82 -0.61 -32.87
C HIS A 140 -1.91 0.49 -33.94
N HIS A 141 -1.86 0.10 -35.22
CA HIS A 141 -1.91 1.03 -36.35
C HIS A 141 -2.82 0.55 -37.51
N HIS A 142 -2.93 1.38 -38.55
CA HIS A 142 -3.72 1.18 -39.76
C HIS A 142 -3.00 1.82 -40.96
N HIS A 143 -3.27 1.32 -42.17
CA HIS A 143 -2.54 1.64 -43.42
C HIS A 143 -3.50 1.88 -44.60
ZN ZN B . 2.66 -8.99 4.87
N MET A 1 25.20 -4.04 13.46
CA MET A 1 26.47 -3.29 13.58
C MET A 1 27.34 -3.54 12.35
N ALA A 2 27.19 -2.69 11.34
CA ALA A 2 28.08 -2.62 10.17
C ALA A 2 28.11 -1.20 9.59
N ASP A 3 26.95 -0.54 9.61
CA ASP A 3 26.67 0.79 9.07
C ASP A 3 26.55 1.87 10.15
N TRP A 4 26.50 3.12 9.71
CA TRP A 4 25.72 4.18 10.40
C TRP A 4 24.51 4.67 9.61
N GLN A 5 24.55 4.53 8.28
CA GLN A 5 23.60 5.15 7.35
C GLN A 5 22.16 4.64 7.52
N LYS A 6 22.00 3.32 7.56
CA LYS A 6 20.73 2.62 7.83
C LYS A 6 20.24 2.82 9.26
N LYS A 7 21.18 2.99 10.19
CA LYS A 7 20.92 3.19 11.62
C LYS A 7 20.40 4.59 11.92
N LEU A 8 20.95 5.58 11.23
CA LEU A 8 20.52 6.99 11.32
C LEU A 8 19.31 7.33 10.44
N THR A 9 19.06 6.56 9.37
CA THR A 9 17.79 6.60 8.61
C THR A 9 17.28 5.19 8.28
N PRO A 10 16.53 4.55 9.20
CA PRO A 10 15.96 3.22 8.96
C PRO A 10 14.93 3.20 7.84
N GLU A 11 14.55 2.01 7.36
CA GLU A 11 13.70 1.86 6.19
C GLU A 11 12.31 2.46 6.34
N GLN A 12 11.75 2.31 7.54
CA GLN A 12 10.56 3.05 7.98
C GLN A 12 10.73 4.57 7.91
N PHE A 13 11.89 5.12 8.29
CA PHE A 13 12.22 6.55 8.14
C PHE A 13 12.38 6.95 6.66
N TYR A 14 12.98 6.08 5.85
CA TYR A 14 13.18 6.27 4.41
C TYR A 14 11.84 6.31 3.66
N VAL A 15 10.93 5.39 4.00
CA VAL A 15 9.54 5.37 3.48
C VAL A 15 8.78 6.61 3.94
N THR A 16 8.72 6.90 5.25
CA THR A 16 7.93 8.00 5.82
C THR A 16 8.36 9.36 5.30
N ARG A 17 9.65 9.51 4.98
CA ARG A 17 10.22 10.73 4.39
C ARG A 17 9.62 11.03 3.01
N GLU A 18 9.21 10.00 2.27
CA GLU A 18 8.52 10.16 0.97
C GLU A 18 7.01 9.86 1.06
N LYS A 19 6.53 9.29 2.17
CA LYS A 19 5.13 8.78 2.31
C LYS A 19 3.99 9.79 2.25
N GLY A 20 4.38 11.03 2.16
CA GLY A 20 3.58 12.26 2.14
C GLY A 20 3.74 13.15 0.91
N THR A 21 4.40 12.68 -0.15
CA THR A 21 4.56 13.44 -1.40
C THR A 21 3.29 13.31 -2.26
N GLU A 22 2.54 14.39 -2.33
CA GLU A 22 1.35 14.59 -3.17
C GLU A 22 1.58 15.69 -4.22
N ALA A 23 0.94 15.51 -5.37
CA ALA A 23 1.04 16.39 -6.54
C ALA A 23 -0.31 16.50 -7.29
N PRO A 24 -0.63 17.67 -7.88
CA PRO A 24 -1.85 17.88 -8.67
C PRO A 24 -1.73 17.35 -10.12
N PHE A 25 -2.80 17.50 -10.89
CA PHE A 25 -2.97 17.20 -12.33
C PHE A 25 -2.89 15.72 -12.71
N SER A 26 -2.03 14.92 -12.09
CA SER A 26 -1.78 13.48 -12.32
C SER A 26 -1.14 13.19 -13.69
N GLY A 27 -1.60 13.86 -14.73
CA GLY A 27 -1.13 13.78 -16.11
C GLY A 27 -0.98 12.35 -16.64
N MET A 28 0.26 11.86 -16.66
CA MET A 28 0.61 10.47 -17.01
C MET A 28 -0.02 9.40 -16.12
N TYR A 29 -0.51 9.82 -14.96
CA TYR A 29 -1.23 9.02 -13.98
C TYR A 29 -2.76 9.20 -14.06
N LEU A 30 -3.31 9.99 -15.01
CA LEU A 30 -4.76 10.13 -15.20
C LEU A 30 -5.46 8.90 -15.82
N ASN A 31 -4.75 8.15 -16.65
CA ASN A 31 -5.12 6.79 -17.08
C ASN A 31 -4.43 5.76 -16.15
N ASN A 32 -4.41 4.48 -16.55
CA ASN A 32 -3.56 3.46 -15.90
C ASN A 32 -3.91 3.28 -14.40
N LYS A 33 -3.01 2.67 -13.61
CA LYS A 33 -3.06 2.58 -12.12
C LYS A 33 -4.35 1.98 -11.56
N GLU A 34 -4.81 1.03 -12.35
CA GLU A 34 -6.06 0.28 -12.30
C GLU A 34 -6.24 -0.61 -11.05
N THR A 35 -7.32 -1.37 -11.06
CA THR A 35 -7.78 -2.19 -9.95
C THR A 35 -6.77 -3.31 -9.75
N GLY A 36 -6.71 -3.87 -8.55
CA GLY A 36 -5.78 -4.94 -8.22
C GLY A 36 -5.65 -5.23 -6.73
N MET A 37 -4.47 -5.69 -6.31
CA MET A 37 -4.15 -5.96 -4.91
C MET A 37 -2.64 -5.89 -4.62
N TYR A 38 -2.35 -5.88 -3.32
CA TYR A 38 -1.04 -5.81 -2.68
C TYR A 38 -0.83 -7.03 -1.77
N HIS A 39 0.38 -7.57 -1.80
CA HIS A 39 0.76 -8.82 -1.16
C HIS A 39 2.24 -8.79 -0.73
N CYS A 40 2.61 -9.62 0.24
CA CYS A 40 3.95 -9.64 0.79
C CYS A 40 4.98 -10.40 -0.08
N VAL A 41 6.24 -10.23 0.34
CA VAL A 41 7.39 -11.08 -0.01
C VAL A 41 8.24 -11.42 1.24
N CYS A 42 7.70 -11.16 2.44
CA CYS A 42 8.40 -11.30 3.71
C CYS A 42 7.70 -12.28 4.69
N CYS A 43 6.37 -12.36 4.64
CA CYS A 43 5.57 -13.40 5.28
C CYS A 43 5.08 -14.45 4.26
N ASP A 44 3.95 -14.19 3.60
CA ASP A 44 3.35 -15.08 2.59
C ASP A 44 2.27 -14.44 1.70
N SER A 45 1.40 -13.62 2.29
CA SER A 45 0.00 -13.50 1.85
C SER A 45 -0.42 -12.16 1.20
N PRO A 46 -1.54 -12.15 0.45
CA PRO A 46 -2.29 -10.93 0.15
C PRO A 46 -3.04 -10.40 1.37
N LEU A 47 -3.03 -9.09 1.52
CA LEU A 47 -3.61 -8.39 2.69
C LEU A 47 -4.41 -7.12 2.32
N PHE A 48 -4.15 -6.49 1.16
CA PHE A 48 -4.87 -5.27 0.76
C PHE A 48 -5.29 -5.32 -0.71
N SER A 49 -6.47 -4.81 -1.03
CA SER A 49 -7.01 -4.73 -2.39
C SER A 49 -7.21 -3.30 -2.85
N SER A 50 -6.73 -3.02 -4.06
CA SER A 50 -6.88 -1.74 -4.76
C SER A 50 -8.32 -1.46 -5.21
N GLU A 51 -9.24 -2.41 -5.04
CA GLU A 51 -10.67 -2.14 -5.21
C GLU A 51 -11.18 -1.07 -4.23
N LYS A 52 -10.54 -0.94 -3.07
CA LYS A 52 -10.80 0.12 -2.09
C LYS A 52 -9.93 1.38 -2.28
N LYS A 53 -9.14 1.46 -3.36
CA LYS A 53 -8.22 2.58 -3.62
C LYS A 53 -9.00 3.90 -3.72
N TYR A 54 -8.52 4.92 -3.01
CA TYR A 54 -9.11 6.26 -2.96
C TYR A 54 -8.67 7.14 -4.15
N CYS A 55 -9.47 8.15 -4.47
CA CYS A 55 -9.31 9.07 -5.61
C CYS A 55 -9.40 8.38 -6.99
N SER A 56 -8.98 9.09 -8.04
CA SER A 56 -9.14 8.76 -9.46
C SER A 56 -7.90 8.04 -10.02
N GLY A 57 -7.64 8.20 -11.33
CA GLY A 57 -6.28 8.12 -11.85
C GLY A 57 -5.40 9.17 -11.18
N THR A 58 -4.80 8.81 -10.03
CA THR A 58 -3.83 9.61 -9.28
C THR A 58 -2.58 8.78 -8.95
N GLY A 59 -2.64 7.47 -9.21
CA GLY A 59 -1.60 6.49 -8.93
C GLY A 59 -1.23 6.30 -7.46
N TRP A 60 -1.91 6.99 -6.54
CA TRP A 60 -1.42 7.18 -5.18
C TRP A 60 -1.88 6.06 -4.21
N PRO A 61 -0.97 5.30 -3.59
CA PRO A 61 -1.30 4.07 -2.86
C PRO A 61 -2.04 4.33 -1.55
N SER A 62 -3.33 3.98 -1.55
CA SER A 62 -4.34 4.34 -0.56
C SER A 62 -5.43 3.26 -0.48
N PHE A 63 -6.26 3.30 0.57
CA PHE A 63 -7.41 2.44 0.76
C PHE A 63 -8.43 3.14 1.65
N SER A 64 -9.69 2.83 1.41
CA SER A 64 -10.86 3.18 2.23
C SER A 64 -11.28 2.06 3.20
N GLU A 65 -11.00 0.80 2.86
CA GLU A 65 -10.89 -0.34 3.79
C GLU A 65 -9.82 -1.31 3.29
N ALA A 66 -9.24 -2.10 4.20
CA ALA A 66 -8.38 -3.22 3.83
C ALA A 66 -9.25 -4.44 3.50
N TYR A 67 -9.86 -4.49 2.32
CA TYR A 67 -10.69 -5.64 1.94
C TYR A 67 -9.83 -6.86 1.58
N GLY A 68 -10.25 -8.01 2.12
CA GLY A 68 -9.58 -9.31 2.12
C GLY A 68 -9.83 -10.03 3.44
N SER A 69 -9.82 -9.26 4.53
CA SER A 69 -10.24 -9.61 5.89
C SER A 69 -11.49 -8.84 6.31
N LYS A 70 -12.34 -9.44 7.16
CA LYS A 70 -13.60 -8.87 7.65
C LYS A 70 -13.93 -9.34 9.07
N GLY A 71 -14.10 -8.40 10.00
CA GLY A 71 -14.74 -8.55 11.32
C GLY A 71 -14.04 -9.53 12.25
N SER A 72 -14.35 -10.81 12.05
CA SER A 72 -13.69 -11.94 12.71
C SER A 72 -12.18 -11.97 12.42
N ASP A 73 -11.79 -11.38 11.29
CA ASP A 73 -10.45 -11.52 10.70
C ASP A 73 -9.42 -10.53 11.31
N GLU A 74 -9.84 -9.74 12.29
CA GLU A 74 -9.01 -8.75 13.03
C GLU A 74 -7.93 -9.37 13.93
N SER A 75 -8.10 -10.65 14.25
CA SER A 75 -7.09 -11.52 14.87
C SER A 75 -6.42 -12.43 13.82
N HIS A 76 -7.21 -12.90 12.85
CA HIS A 76 -6.83 -14.00 11.93
C HIS A 76 -5.74 -13.61 10.93
N THR A 77 -5.70 -12.32 10.63
CA THR A 77 -4.67 -11.62 9.85
C THR A 77 -3.28 -11.81 10.43
N GLY A 78 -3.19 -11.95 11.75
CA GLY A 78 -1.94 -12.06 12.49
C GLY A 78 -1.11 -10.77 12.46
N ILE A 79 -1.74 -9.64 12.13
CA ILE A 79 -1.08 -8.32 12.14
C ILE A 79 -0.99 -7.73 13.55
N LEU A 80 -0.46 -6.52 13.66
CA LEU A 80 -0.35 -5.71 14.88
C LEU A 80 -0.55 -4.23 14.51
N ARG A 81 -0.47 -3.35 15.51
CA ARG A 81 -0.78 -1.92 15.42
C ARG A 81 0.25 -1.14 16.24
N ARG A 82 0.46 0.14 15.88
CA ARG A 82 1.16 1.13 16.71
C ARG A 82 0.66 2.54 16.38
N LEU A 83 0.20 3.22 17.40
CA LEU A 83 -0.20 4.62 17.38
C LEU A 83 0.99 5.56 17.65
N ASP A 84 0.84 6.81 17.23
CA ASP A 84 1.64 7.93 17.70
C ASP A 84 0.67 9.05 18.09
N THR A 85 0.57 9.36 19.37
CA THR A 85 -0.34 10.38 19.93
C THR A 85 0.42 11.46 20.72
N SER A 86 1.71 11.56 20.46
CA SER A 86 2.73 11.85 21.48
C SER A 86 3.29 13.27 21.42
N LEU A 87 3.09 13.87 20.25
CA LEU A 87 3.45 15.24 19.90
C LEU A 87 2.28 16.23 20.00
N GLY A 88 1.16 15.74 20.55
CA GLY A 88 -0.13 16.45 20.63
C GLY A 88 -1.10 16.15 19.47
N CYS A 89 -0.61 15.47 18.43
CA CYS A 89 -1.40 15.02 17.27
C CYS A 89 -1.55 13.48 17.29
N PRO A 90 -2.77 12.91 17.22
CA PRO A 90 -2.99 11.48 17.14
C PRO A 90 -2.95 10.93 15.70
N ARG A 91 -2.12 9.92 15.51
CA ARG A 91 -1.81 9.18 14.27
C ARG A 91 -1.85 7.68 14.56
N MET A 92 -2.09 6.86 13.55
CA MET A 92 -2.37 5.44 13.66
C MET A 92 -1.67 4.66 12.53
N GLU A 93 -0.85 3.67 12.86
CA GLU A 93 -0.20 2.77 11.89
C GLU A 93 -0.45 1.28 12.21
N VAL A 94 -0.40 0.43 11.17
CA VAL A 94 -0.53 -1.03 11.28
C VAL A 94 0.74 -1.73 10.81
N VAL A 95 1.15 -2.77 11.54
CA VAL A 95 2.37 -3.51 11.23
C VAL A 95 2.09 -4.99 11.02
N CYS A 96 2.88 -5.60 10.15
CA CYS A 96 2.89 -6.99 9.86
C CYS A 96 3.75 -7.64 10.95
N LYS A 97 3.10 -8.21 11.97
CA LYS A 97 3.77 -9.12 12.91
C LYS A 97 4.23 -10.41 12.22
N GLN A 98 3.67 -10.73 11.06
CA GLN A 98 3.95 -11.96 10.32
C GLN A 98 5.40 -12.02 9.85
N CYS A 99 5.96 -10.85 9.49
CA CYS A 99 7.33 -10.65 8.98
C CYS A 99 8.12 -9.50 9.66
N GLU A 100 7.45 -8.72 10.52
CA GLU A 100 7.94 -7.59 11.32
C GLU A 100 8.31 -6.32 10.52
N ALA A 101 7.33 -5.76 9.79
CA ALA A 101 7.46 -4.46 9.12
C ALA A 101 6.14 -3.66 9.10
N HIS A 102 6.24 -2.33 9.07
CA HIS A 102 5.11 -1.47 8.76
C HIS A 102 4.67 -1.68 7.30
N LEU A 103 3.36 -1.66 7.06
CA LEU A 103 2.81 -1.70 5.69
C LEU A 103 2.21 -0.38 5.24
N GLY A 104 1.64 0.32 6.20
CA GLY A 104 1.05 1.63 6.11
C GLY A 104 0.07 1.95 7.24
N HIS A 105 -0.64 3.05 7.05
CA HIS A 105 -1.18 3.87 8.15
C HIS A 105 -2.42 4.67 7.79
N VAL A 106 -2.91 5.42 8.76
CA VAL A 106 -4.14 6.20 8.71
C VAL A 106 -4.06 7.46 9.59
N PHE A 107 -4.71 8.50 9.10
CA PHE A 107 -4.95 9.77 9.81
C PHE A 107 -6.30 10.42 9.42
N PRO A 108 -6.92 11.23 10.30
CA PRO A 108 -8.05 12.09 9.93
C PRO A 108 -7.58 13.34 9.18
N ASP A 109 -8.28 13.72 8.10
CA ASP A 109 -7.90 14.90 7.30
C ASP A 109 -8.38 16.26 7.85
N GLY A 110 -9.06 16.22 8.99
CA GLY A 110 -9.64 17.37 9.69
C GLY A 110 -10.67 17.01 10.78
N PRO A 111 -11.73 16.24 10.48
CA PRO A 111 -12.88 16.03 11.37
C PRO A 111 -12.71 14.76 12.25
N LYS A 112 -13.85 14.19 12.67
CA LYS A 112 -13.99 12.89 13.37
C LYS A 112 -13.32 11.71 12.63
N PRO A 113 -13.20 10.51 13.25
CA PRO A 113 -12.73 9.31 12.55
C PRO A 113 -13.57 8.89 11.32
N THR A 114 -14.69 9.56 11.06
CA THR A 114 -15.42 9.52 9.77
C THR A 114 -14.58 10.06 8.59
N GLY A 115 -13.62 10.94 8.87
CA GLY A 115 -12.70 11.56 7.90
C GLY A 115 -11.30 10.92 7.82
N GLN A 116 -11.12 9.73 8.40
CA GLN A 116 -9.87 8.98 8.26
C GLN A 116 -9.63 8.54 6.82
N ARG A 117 -8.39 8.76 6.33
CA ARG A 117 -7.90 8.31 5.03
C ARG A 117 -6.61 7.54 5.24
N PHE A 118 -6.51 6.40 4.57
CA PHE A 118 -5.43 5.43 4.76
C PHE A 118 -4.44 5.47 3.59
N CYS A 119 -3.16 5.38 3.94
CA CYS A 119 -2.00 5.48 3.07
C CYS A 119 -1.15 4.21 3.18
N ILE A 120 -0.67 3.65 2.07
CA ILE A 120 0.10 2.39 2.07
C ILE A 120 1.31 2.51 1.11
N ASN A 121 2.24 1.56 1.15
CA ASN A 121 3.52 1.67 0.43
C ASN A 121 3.99 0.37 -0.26
N SER A 122 4.99 0.50 -1.14
CA SER A 122 5.55 -0.60 -1.94
C SER A 122 7.09 -0.61 -1.96
N VAL A 123 7.75 -0.26 -0.85
CA VAL A 123 9.24 -0.21 -0.79
C VAL A 123 9.89 -1.58 -1.00
N ALA A 124 9.36 -2.56 -0.27
CA ALA A 124 9.88 -3.94 -0.18
C ALA A 124 8.77 -5.00 -0.33
N LEU A 125 7.66 -4.64 -0.99
CA LEU A 125 6.39 -5.37 -1.00
C LEU A 125 5.85 -5.48 -2.44
N LYS A 126 5.03 -6.49 -2.72
CA LYS A 126 4.56 -6.81 -4.08
C LYS A 126 3.11 -6.38 -4.34
N PHE A 127 2.75 -6.18 -5.60
CA PHE A 127 1.40 -5.87 -6.05
C PHE A 127 1.16 -6.34 -7.49
N LYS A 128 -0.10 -6.64 -7.83
CA LYS A 128 -0.57 -6.94 -9.20
C LYS A 128 -1.92 -6.28 -9.50
N PRO A 129 -2.22 -5.94 -10.76
CA PRO A 129 -3.55 -5.49 -11.17
C PRO A 129 -4.57 -6.64 -11.24
N SER A 130 -5.85 -6.30 -11.43
CA SER A 130 -6.98 -7.25 -11.43
C SER A 130 -7.43 -7.58 -12.86
N LYS A 131 -7.58 -6.54 -13.68
CA LYS A 131 -7.92 -6.57 -15.10
C LYS A 131 -7.02 -7.48 -15.99
N PRO A 132 -7.49 -7.87 -17.18
CA PRO A 132 -6.67 -8.43 -18.25
C PRO A 132 -5.78 -7.38 -18.93
N ALA A 133 -5.23 -7.74 -20.10
CA ALA A 133 -4.28 -6.95 -20.88
C ALA A 133 -2.94 -6.68 -20.16
N ALA A 134 -2.41 -7.71 -19.49
CA ALA A 134 -1.08 -7.72 -18.90
C ALA A 134 0.05 -7.84 -19.96
N ALA A 135 -0.31 -8.27 -21.18
CA ALA A 135 0.58 -8.25 -22.34
C ALA A 135 1.00 -6.80 -22.70
N LEU A 136 2.31 -6.55 -22.88
CA LEU A 136 2.87 -5.19 -22.97
C LEU A 136 4.08 -5.03 -23.91
N GLU A 137 4.12 -5.87 -24.93
CA GLU A 137 5.21 -6.00 -25.91
C GLU A 137 5.62 -4.68 -26.59
N HIS A 138 4.67 -3.75 -26.76
CA HIS A 138 4.89 -2.40 -27.28
C HIS A 138 4.24 -1.37 -26.36
N HIS A 139 4.98 -0.31 -26.05
CA HIS A 139 4.56 0.73 -25.10
C HIS A 139 5.27 2.06 -25.39
N HIS A 140 4.51 3.12 -25.69
CA HIS A 140 5.06 4.41 -26.12
C HIS A 140 4.11 5.59 -25.79
N HIS A 141 4.62 6.83 -25.83
CA HIS A 141 3.84 8.03 -25.51
C HIS A 141 3.06 8.61 -26.70
N HIS A 142 1.84 9.08 -26.44
CA HIS A 142 0.92 9.74 -27.37
C HIS A 142 0.14 10.86 -26.63
N HIS A 143 -0.57 11.72 -27.37
CA HIS A 143 -1.33 12.90 -26.88
C HIS A 143 -0.46 14.03 -26.28
ZN ZN B . 4.29 -9.11 5.58
N MET A 1 29.95 0.34 0.40
CA MET A 1 28.87 -0.08 -0.51
C MET A 1 28.71 -1.60 -0.46
N ALA A 2 27.61 -2.15 -1.02
CA ALA A 2 27.42 -3.59 -1.20
C ALA A 2 27.31 -3.90 -2.70
N ASP A 3 26.11 -3.76 -3.28
CA ASP A 3 25.80 -3.92 -4.69
C ASP A 3 25.60 -2.58 -5.42
N TRP A 4 25.25 -2.65 -6.71
CA TRP A 4 24.89 -1.49 -7.53
C TRP A 4 23.38 -1.31 -7.69
N GLN A 5 22.62 -2.41 -7.67
CA GLN A 5 21.17 -2.48 -7.94
C GLN A 5 20.40 -1.59 -6.97
N LYS A 6 20.72 -1.71 -5.68
CA LYS A 6 20.07 -0.97 -4.57
C LYS A 6 20.26 0.54 -4.67
N LYS A 7 21.35 0.93 -5.34
CA LYS A 7 21.72 2.32 -5.66
C LYS A 7 21.06 2.84 -6.94
N LEU A 8 21.09 2.02 -7.99
CA LEU A 8 20.64 2.38 -9.34
C LEU A 8 19.11 2.29 -9.54
N THR A 9 18.47 1.35 -8.85
CA THR A 9 17.00 1.16 -8.83
C THR A 9 16.52 1.03 -7.37
N PRO A 10 16.67 2.10 -6.56
CA PRO A 10 16.41 2.05 -5.13
C PRO A 10 14.94 1.78 -4.77
N GLU A 11 14.72 1.32 -3.54
CA GLU A 11 13.40 1.11 -2.97
C GLU A 11 13.16 2.11 -1.86
N GLN A 12 13.87 1.98 -0.73
CA GLN A 12 13.76 2.92 0.40
C GLN A 12 14.12 4.37 -0.01
N PHE A 13 15.08 4.51 -0.93
CA PHE A 13 15.49 5.80 -1.48
C PHE A 13 14.54 6.34 -2.56
N TYR A 14 13.77 5.48 -3.25
CA TYR A 14 12.74 5.96 -4.18
C TYR A 14 11.45 6.34 -3.44
N VAL A 15 10.99 5.48 -2.54
CA VAL A 15 9.80 5.67 -1.69
C VAL A 15 9.87 6.99 -0.91
N THR A 16 11.03 7.37 -0.39
CA THR A 16 11.23 8.68 0.28
C THR A 16 10.99 9.90 -0.61
N ARG A 17 11.01 9.74 -1.93
CA ARG A 17 10.62 10.79 -2.90
C ARG A 17 9.11 10.81 -3.13
N GLU A 18 8.43 9.68 -2.95
CA GLU A 18 6.99 9.51 -3.21
C GLU A 18 6.10 9.57 -1.96
N LYS A 19 6.68 9.62 -0.74
CA LYS A 19 5.96 9.84 0.54
C LYS A 19 5.38 11.28 0.69
N GLY A 20 4.61 11.73 -0.31
CA GLY A 20 3.95 13.03 -0.43
C GLY A 20 3.44 13.41 -1.84
N THR A 21 3.28 12.45 -2.75
CA THR A 21 3.23 12.68 -4.21
C THR A 21 1.83 12.97 -4.78
N GLU A 22 1.35 14.22 -4.59
CA GLU A 22 0.09 14.71 -5.18
C GLU A 22 0.20 15.10 -6.68
N ALA A 23 -0.94 15.50 -7.25
CA ALA A 23 -1.14 16.10 -8.58
C ALA A 23 -1.00 15.17 -9.82
N PRO A 24 -1.64 15.51 -10.96
CA PRO A 24 -1.53 14.74 -12.20
C PRO A 24 -0.29 15.12 -13.01
N PHE A 25 0.78 14.37 -12.76
CA PHE A 25 2.13 14.66 -13.29
C PHE A 25 2.63 13.71 -14.39
N SER A 26 2.02 12.54 -14.52
CA SER A 26 2.21 11.56 -15.63
C SER A 26 2.14 12.18 -17.03
N GLY A 27 1.50 13.34 -17.22
CA GLY A 27 1.45 14.08 -18.48
C GLY A 27 0.99 13.24 -19.66
N MET A 28 1.94 12.91 -20.53
CA MET A 28 1.74 12.01 -21.67
C MET A 28 1.34 10.57 -21.28
N TYR A 29 1.48 10.22 -20.00
CA TYR A 29 1.01 8.97 -19.39
C TYR A 29 -0.31 9.12 -18.58
N LEU A 30 -1.00 10.28 -18.61
CA LEU A 30 -2.35 10.45 -18.06
C LEU A 30 -3.44 9.82 -18.96
N ASN A 31 -3.25 8.57 -19.40
CA ASN A 31 -4.04 7.91 -20.44
C ASN A 31 -4.32 6.41 -20.21
N ASN A 32 -4.19 5.89 -18.98
CA ASN A 32 -4.73 4.57 -18.59
C ASN A 32 -5.14 4.53 -17.09
N LYS A 33 -6.12 3.70 -16.75
CA LYS A 33 -6.62 3.42 -15.39
C LYS A 33 -7.15 1.99 -15.28
N GLU A 34 -6.48 1.15 -14.50
CA GLU A 34 -6.82 -0.24 -14.28
C GLU A 34 -6.89 -0.64 -12.79
N THR A 35 -7.26 -1.89 -12.51
CA THR A 35 -7.74 -2.39 -11.21
C THR A 35 -6.95 -3.62 -10.80
N GLY A 36 -6.88 -3.91 -9.50
CA GLY A 36 -6.11 -5.04 -8.97
C GLY A 36 -6.01 -5.09 -7.45
N MET A 37 -4.96 -5.71 -6.91
CA MET A 37 -4.71 -5.86 -5.48
C MET A 37 -3.23 -5.95 -5.12
N TYR A 38 -2.97 -5.78 -3.82
CA TYR A 38 -1.66 -5.71 -3.17
C TYR A 38 -1.50 -6.80 -2.12
N HIS A 39 -0.26 -7.18 -1.87
CA HIS A 39 0.16 -8.09 -0.80
C HIS A 39 1.51 -7.64 -0.23
N CYS A 40 1.88 -8.10 0.95
CA CYS A 40 3.23 -8.03 1.45
C CYS A 40 4.20 -8.74 0.46
N VAL A 41 5.45 -8.31 0.50
CA VAL A 41 6.59 -9.11 0.04
C VAL A 41 7.14 -10.06 1.13
N CYS A 42 6.69 -9.89 2.38
CA CYS A 42 7.27 -10.52 3.57
C CYS A 42 6.62 -11.86 3.95
N CYS A 43 5.29 -11.96 3.98
CA CYS A 43 4.54 -13.16 4.31
C CYS A 43 4.15 -13.91 3.01
N ASP A 44 2.89 -13.75 2.62
CA ASP A 44 2.25 -14.43 1.48
C ASP A 44 1.00 -13.70 0.96
N SER A 45 0.13 -13.30 1.90
CA SER A 45 -1.28 -13.02 1.69
C SER A 45 -1.63 -11.54 1.50
N PRO A 46 -2.74 -11.23 0.79
CA PRO A 46 -3.12 -9.85 0.50
C PRO A 46 -3.76 -9.13 1.69
N LEU A 47 -3.32 -7.89 1.88
CA LEU A 47 -3.79 -7.00 2.94
C LEU A 47 -4.85 -6.00 2.44
N PHE A 48 -4.78 -5.59 1.17
CA PHE A 48 -5.78 -4.68 0.57
C PHE A 48 -5.84 -4.80 -0.94
N SER A 49 -6.96 -4.39 -1.55
CA SER A 49 -7.13 -4.33 -2.98
C SER A 49 -6.99 -2.91 -3.52
N SER A 50 -6.46 -2.78 -4.73
CA SER A 50 -6.37 -1.51 -5.47
C SER A 50 -7.76 -0.95 -5.82
N GLU A 51 -8.77 -1.79 -5.74
CA GLU A 51 -10.19 -1.46 -5.79
C GLU A 51 -10.62 -0.46 -4.73
N LYS A 52 -10.02 -0.57 -3.55
CA LYS A 52 -10.18 0.29 -2.38
C LYS A 52 -9.42 1.62 -2.52
N LYS A 53 -8.68 1.82 -3.62
CA LYS A 53 -7.78 2.97 -3.74
C LYS A 53 -8.54 4.30 -3.79
N TYR A 54 -8.33 5.14 -2.79
CA TYR A 54 -8.82 6.50 -2.72
C TYR A 54 -7.92 7.45 -3.53
N CYS A 55 -8.54 8.35 -4.29
CA CYS A 55 -7.92 9.17 -5.34
C CYS A 55 -7.35 8.34 -6.51
N SER A 56 -8.03 8.37 -7.65
CA SER A 56 -7.65 7.68 -8.89
C SER A 56 -6.52 8.38 -9.68
N GLY A 57 -5.62 9.09 -8.98
CA GLY A 57 -4.59 9.98 -9.53
C GLY A 57 -3.35 9.26 -10.08
N THR A 58 -2.20 9.50 -9.45
CA THR A 58 -0.86 9.19 -9.94
C THR A 58 -0.10 8.26 -9.00
N GLY A 59 1.01 8.68 -8.39
CA GLY A 59 1.93 7.83 -7.63
C GLY A 59 1.45 7.46 -6.21
N TRP A 60 0.15 7.53 -5.95
CA TRP A 60 -0.43 7.65 -4.60
C TRP A 60 -1.06 6.32 -4.11
N PRO A 61 -0.42 5.55 -3.20
CA PRO A 61 -0.97 4.29 -2.71
C PRO A 61 -1.77 4.46 -1.41
N SER A 62 -3.07 4.16 -1.49
CA SER A 62 -4.05 4.34 -0.43
C SER A 62 -5.04 3.16 -0.39
N PHE A 63 -5.85 3.10 0.67
CA PHE A 63 -7.08 2.34 0.73
C PHE A 63 -8.06 3.05 1.66
N SER A 64 -9.32 3.05 1.29
CA SER A 64 -10.45 3.53 2.12
C SER A 64 -11.01 2.47 3.08
N GLU A 65 -10.70 1.19 2.87
CA GLU A 65 -11.15 0.04 3.65
C GLU A 65 -10.22 -1.16 3.47
N ALA A 66 -10.29 -2.08 4.43
CA ALA A 66 -9.48 -3.29 4.49
C ALA A 66 -10.39 -4.52 4.39
N TYR A 67 -10.67 -4.94 3.15
CA TYR A 67 -11.35 -6.20 2.86
C TYR A 67 -10.37 -7.24 2.29
N GLY A 68 -10.25 -8.36 3.00
CA GLY A 68 -9.37 -9.48 2.68
C GLY A 68 -9.04 -10.37 3.88
N SER A 69 -8.95 -9.79 5.08
CA SER A 69 -8.60 -10.49 6.32
C SER A 69 -9.75 -11.33 6.85
N LYS A 70 -9.55 -12.65 6.89
CA LYS A 70 -10.53 -13.67 7.24
C LYS A 70 -9.91 -14.76 8.10
N GLY A 71 -10.65 -15.18 9.12
CA GLY A 71 -10.43 -16.44 9.86
C GLY A 71 -9.16 -16.48 10.71
N SER A 72 -8.03 -16.74 10.05
CA SER A 72 -6.69 -16.48 10.59
C SER A 72 -6.55 -15.03 11.06
N ASP A 73 -7.24 -14.10 10.39
CA ASP A 73 -7.01 -12.66 10.52
C ASP A 73 -8.27 -11.86 10.90
N GLU A 74 -9.24 -12.57 11.44
CA GLU A 74 -10.51 -12.04 11.96
C GLU A 74 -10.74 -12.52 13.41
N SER A 75 -9.87 -13.40 13.90
CA SER A 75 -9.96 -13.92 15.25
C SER A 75 -9.53 -12.84 16.24
N HIS A 76 -8.47 -12.08 15.88
CA HIS A 76 -8.14 -10.83 16.54
C HIS A 76 -7.99 -9.65 15.56
N THR A 77 -7.09 -9.81 14.59
CA THR A 77 -6.61 -8.71 13.74
C THR A 77 -5.92 -9.15 12.44
N GLY A 78 -4.97 -10.10 12.55
CA GLY A 78 -3.93 -10.36 11.53
C GLY A 78 -2.86 -9.26 11.41
N ILE A 79 -3.07 -8.14 12.10
CA ILE A 79 -2.29 -6.90 12.04
C ILE A 79 -2.02 -6.35 13.45
N LEU A 80 -1.27 -5.24 13.55
CA LEU A 80 -1.07 -4.46 14.76
C LEU A 80 -0.93 -2.99 14.41
N ARG A 81 -0.93 -2.14 15.44
CA ARG A 81 -0.86 -0.70 15.28
C ARG A 81 -0.38 0.05 16.52
N ARG A 82 0.11 1.26 16.28
CA ARG A 82 0.90 2.12 17.18
C ARG A 82 0.59 3.58 16.86
N LEU A 83 -0.14 4.26 17.73
CA LEU A 83 -0.40 5.69 17.57
C LEU A 83 0.87 6.51 17.79
N ASP A 84 1.01 7.59 17.03
CA ASP A 84 2.18 8.50 17.06
C ASP A 84 1.80 9.92 17.50
N THR A 85 0.65 10.05 18.17
CA THR A 85 0.04 11.30 18.68
C THR A 85 0.78 11.92 19.87
N SER A 86 2.11 11.80 19.87
CA SER A 86 3.05 12.29 20.87
C SER A 86 3.92 13.44 20.38
N LEU A 87 4.08 13.51 19.06
CA LEU A 87 5.03 14.37 18.33
C LEU A 87 4.39 15.67 17.81
N GLY A 88 3.21 16.00 18.34
CA GLY A 88 2.37 17.14 17.91
C GLY A 88 1.56 16.89 16.63
N CYS A 89 1.82 15.77 15.97
CA CYS A 89 1.13 15.29 14.76
C CYS A 89 0.30 14.02 15.11
N PRO A 90 -1.03 14.11 15.26
CA PRO A 90 -1.83 12.94 15.62
C PRO A 90 -2.00 11.99 14.43
N ARG A 91 -1.63 10.71 14.65
CA ARG A 91 -1.57 9.61 13.68
C ARG A 91 -1.81 8.25 14.36
N MET A 92 -2.24 7.29 13.55
CA MET A 92 -2.32 5.86 13.82
C MET A 92 -1.36 5.15 12.85
N GLU A 93 -0.16 4.79 13.27
CA GLU A 93 0.72 4.01 12.41
C GLU A 93 0.35 2.52 12.52
N VAL A 94 0.53 1.75 11.45
CA VAL A 94 -0.02 0.39 11.31
C VAL A 94 0.98 -0.59 10.68
N VAL A 95 0.92 -1.84 11.12
CA VAL A 95 1.79 -2.94 10.68
C VAL A 95 1.00 -4.22 10.54
N CYS A 96 1.48 -5.14 9.72
CA CYS A 96 1.08 -6.50 9.67
C CYS A 96 1.76 -7.26 10.81
N LYS A 97 1.07 -8.33 11.14
CA LYS A 97 1.42 -9.40 12.08
C LYS A 97 1.61 -10.75 11.41
N GLN A 98 1.10 -10.93 10.19
CA GLN A 98 1.41 -12.08 9.35
C GLN A 98 2.91 -12.17 9.01
N CYS A 99 3.52 -11.02 8.73
CA CYS A 99 4.88 -10.82 8.30
C CYS A 99 5.76 -10.11 9.36
N GLU A 100 5.12 -9.41 10.31
CA GLU A 100 5.72 -8.40 11.17
C GLU A 100 6.20 -7.17 10.38
N ALA A 101 5.65 -6.04 10.78
CA ALA A 101 6.12 -4.68 10.47
C ALA A 101 5.81 -4.18 9.04
N HIS A 102 4.55 -3.76 8.80
CA HIS A 102 4.11 -3.20 7.52
C HIS A 102 4.31 -1.68 7.29
N LEU A 103 4.45 -0.94 8.37
CA LEU A 103 4.99 0.43 8.48
C LEU A 103 4.34 1.49 7.56
N GLY A 104 3.08 1.23 7.24
CA GLY A 104 2.12 2.20 6.77
C GLY A 104 1.53 2.96 7.95
N HIS A 105 0.64 3.87 7.62
CA HIS A 105 0.06 4.77 8.59
C HIS A 105 -1.30 5.31 8.16
N VAL A 106 -1.98 5.84 9.16
CA VAL A 106 -3.39 6.22 9.09
C VAL A 106 -3.56 7.54 9.80
N PHE A 107 -4.38 8.38 9.19
CA PHE A 107 -4.59 9.77 9.64
C PHE A 107 -6.07 10.20 9.76
N PRO A 108 -6.39 11.05 10.76
CA PRO A 108 -7.63 11.82 10.79
C PRO A 108 -7.61 12.90 9.70
N ASP A 109 -8.76 13.15 9.08
CA ASP A 109 -8.92 14.15 8.02
C ASP A 109 -9.71 15.40 8.44
N GLY A 110 -10.19 15.40 9.68
CA GLY A 110 -11.03 16.46 10.27
C GLY A 110 -12.28 15.94 11.00
N PRO A 111 -13.25 15.30 10.31
CA PRO A 111 -14.49 14.77 10.90
C PRO A 111 -14.27 13.57 11.85
N LYS A 112 -15.40 12.95 12.26
CA LYS A 112 -15.46 11.66 12.97
C LYS A 112 -14.61 10.58 12.29
N PRO A 113 -14.24 9.50 13.00
CA PRO A 113 -13.37 8.45 12.46
C PRO A 113 -13.96 7.70 11.24
N THR A 114 -15.21 7.99 10.88
CA THR A 114 -15.83 7.63 9.59
C THR A 114 -15.21 8.32 8.37
N GLY A 115 -14.34 9.32 8.55
CA GLY A 115 -13.53 9.97 7.50
C GLY A 115 -12.06 9.52 7.39
N GLN A 116 -11.56 8.72 8.35
CA GLN A 116 -10.15 8.35 8.49
C GLN A 116 -9.58 7.67 7.24
N ARG A 117 -8.31 7.98 6.93
CA ARG A 117 -7.69 7.66 5.64
C ARG A 117 -6.36 6.96 5.86
N PHE A 118 -6.17 5.88 5.10
CA PHE A 118 -5.03 4.98 5.21
C PHE A 118 -4.05 5.23 4.05
N CYS A 119 -2.78 5.41 4.39
CA CYS A 119 -1.70 5.67 3.43
C CYS A 119 -0.48 4.76 3.68
N ILE A 120 0.00 4.10 2.62
CA ILE A 120 1.11 3.13 2.70
C ILE A 120 2.37 3.71 2.01
N ASN A 121 3.53 3.14 2.33
CA ASN A 121 4.84 3.54 1.79
C ASN A 121 5.25 2.73 0.54
N SER A 122 4.69 1.52 0.34
CA SER A 122 4.94 0.62 -0.79
C SER A 122 6.38 0.14 -1.02
N VAL A 123 7.27 0.21 -0.01
CA VAL A 123 8.69 -0.20 -0.13
C VAL A 123 8.92 -1.71 -0.21
N ALA A 124 7.89 -2.47 0.18
CA ALA A 124 7.98 -3.90 0.51
C ALA A 124 6.69 -4.68 0.12
N LEU A 125 6.14 -4.42 -1.07
CA LEU A 125 4.90 -5.04 -1.56
C LEU A 125 5.07 -5.89 -2.82
N LYS A 126 4.15 -6.83 -2.98
CA LYS A 126 3.73 -7.47 -4.23
C LYS A 126 2.41 -6.86 -4.72
N PHE A 127 2.17 -6.88 -6.02
CA PHE A 127 0.94 -6.39 -6.63
C PHE A 127 0.55 -7.21 -7.88
N LYS A 128 -0.76 -7.39 -8.10
CA LYS A 128 -1.35 -8.12 -9.23
C LYS A 128 -2.61 -7.41 -9.74
N PRO A 129 -2.99 -7.57 -11.03
CA PRO A 129 -4.21 -6.97 -11.55
C PRO A 129 -5.47 -7.77 -11.20
N SER A 130 -6.64 -7.21 -11.51
CA SER A 130 -7.95 -7.82 -11.23
C SER A 130 -8.39 -8.82 -12.29
N LYS A 131 -8.08 -8.47 -13.55
CA LYS A 131 -8.43 -9.11 -14.80
C LYS A 131 -7.69 -10.44 -15.04
N PRO A 132 -8.20 -11.33 -15.93
CA PRO A 132 -7.43 -12.41 -16.53
C PRO A 132 -6.25 -11.90 -17.39
N ALA A 133 -5.52 -12.85 -17.98
CA ALA A 133 -4.26 -12.63 -18.70
C ALA A 133 -3.14 -12.02 -17.81
N ALA A 134 -3.19 -12.30 -16.51
CA ALA A 134 -2.24 -11.84 -15.51
C ALA A 134 -0.91 -12.61 -15.55
N ALA A 135 -0.89 -13.74 -16.27
CA ALA A 135 0.31 -14.52 -16.64
C ALA A 135 1.24 -14.88 -15.46
N LEU A 136 0.70 -15.57 -14.44
CA LEU A 136 1.39 -16.03 -13.22
C LEU A 136 0.95 -17.46 -12.82
N GLU A 137 0.80 -18.32 -13.83
CA GLU A 137 0.33 -19.71 -13.69
C GLU A 137 1.44 -20.70 -13.25
N HIS A 138 2.69 -20.42 -13.66
CA HIS A 138 3.88 -20.78 -12.91
C HIS A 138 4.97 -19.70 -13.08
N HIS A 139 5.98 -19.68 -12.21
CA HIS A 139 7.12 -18.77 -12.36
C HIS A 139 8.05 -19.19 -13.52
N HIS A 140 8.50 -20.45 -13.51
CA HIS A 140 9.41 -21.04 -14.50
C HIS A 140 9.26 -22.57 -14.59
N HIS A 141 9.73 -23.17 -15.68
CA HIS A 141 9.72 -24.62 -15.91
C HIS A 141 10.96 -25.36 -15.37
N HIS A 142 12.09 -24.64 -15.22
CA HIS A 142 13.37 -25.04 -14.60
C HIS A 142 14.18 -26.22 -15.22
N HIS A 143 13.53 -27.30 -15.65
CA HIS A 143 14.13 -28.63 -15.81
C HIS A 143 14.77 -29.16 -14.51
ZN ZN B . 1.32 -9.66 5.77
N MET A 1 21.62 0.48 -18.71
CA MET A 1 21.21 0.63 -17.31
C MET A 1 22.35 0.22 -16.39
N ALA A 2 23.17 1.18 -15.97
CA ALA A 2 24.39 0.97 -15.19
C ALA A 2 24.74 2.16 -14.26
N ASP A 3 23.80 3.06 -13.98
CA ASP A 3 24.08 4.28 -13.22
C ASP A 3 24.28 4.06 -11.71
N TRP A 4 25.08 4.96 -11.15
CA TRP A 4 25.56 4.91 -9.78
C TRP A 4 24.56 5.53 -8.81
N GLN A 5 23.76 6.50 -9.27
CA GLN A 5 22.71 7.15 -8.47
C GLN A 5 21.67 6.13 -8.02
N LYS A 6 21.27 5.22 -8.92
CA LYS A 6 20.32 4.14 -8.59
C LYS A 6 20.87 3.10 -7.61
N LYS A 7 22.18 2.95 -7.61
CA LYS A 7 22.95 2.13 -6.66
C LYS A 7 23.10 2.80 -5.28
N LEU A 8 23.31 4.11 -5.26
CA LEU A 8 23.31 4.89 -4.01
C LEU A 8 21.90 4.96 -3.40
N THR A 9 20.88 5.19 -4.22
CA THR A 9 19.47 5.34 -3.81
C THR A 9 18.51 4.54 -4.71
N PRO A 10 18.41 3.21 -4.50
CA PRO A 10 17.46 2.36 -5.22
C PRO A 10 16.00 2.67 -4.88
N GLU A 11 15.05 2.02 -5.56
CA GLU A 11 13.59 2.21 -5.37
C GLU A 11 13.12 2.05 -3.93
N GLN A 12 13.63 1.02 -3.24
CA GLN A 12 13.40 0.81 -1.80
C GLN A 12 13.96 1.95 -0.91
N PHE A 13 15.03 2.62 -1.36
CA PHE A 13 15.53 3.87 -0.76
C PHE A 13 14.68 5.09 -1.15
N TYR A 14 14.22 5.17 -2.40
CA TYR A 14 13.34 6.24 -2.90
C TYR A 14 12.03 6.27 -2.10
N VAL A 15 11.43 5.11 -1.84
CA VAL A 15 10.22 4.98 -1.00
C VAL A 15 10.48 5.38 0.47
N THR A 16 11.67 5.19 1.01
CA THR A 16 12.00 5.53 2.42
C THR A 16 12.51 6.96 2.59
N ARG A 17 12.94 7.59 1.49
CA ARG A 17 13.41 8.97 1.40
C ARG A 17 12.32 9.97 1.79
N GLU A 18 11.06 9.60 1.59
CA GLU A 18 9.92 10.34 2.16
C GLU A 18 8.94 9.46 2.94
N LYS A 19 8.74 8.19 2.56
CA LYS A 19 7.78 7.24 3.17
C LYS A 19 6.34 7.71 3.39
N GLY A 20 5.98 8.73 2.64
CA GLY A 20 4.72 9.49 2.76
C GLY A 20 4.28 10.31 1.56
N THR A 21 5.03 10.26 0.45
CA THR A 21 4.70 10.94 -0.80
C THR A 21 4.82 10.02 -2.01
N GLU A 22 3.98 10.34 -2.97
CA GLU A 22 4.02 9.93 -4.38
C GLU A 22 3.63 11.14 -5.24
N ALA A 23 3.99 11.15 -6.53
CA ALA A 23 3.85 12.30 -7.42
C ALA A 23 3.33 11.90 -8.82
N PRO A 24 2.59 12.80 -9.52
CA PRO A 24 1.98 12.47 -10.80
C PRO A 24 3.02 12.41 -11.93
N PHE A 25 3.15 11.25 -12.56
CA PHE A 25 4.05 11.05 -13.71
C PHE A 25 3.52 10.13 -14.83
N SER A 26 2.50 9.31 -14.55
CA SER A 26 1.77 8.51 -15.54
C SER A 26 1.19 9.37 -16.68
N GLY A 27 0.90 10.65 -16.45
CA GLY A 27 0.40 11.60 -17.43
C GLY A 27 -0.90 11.16 -18.09
N MET A 28 -0.79 10.77 -19.35
CA MET A 28 -1.87 10.12 -20.08
C MET A 28 -2.42 8.88 -19.36
N TYR A 29 -1.56 8.23 -18.59
CA TYR A 29 -1.89 7.05 -17.78
C TYR A 29 -2.35 7.38 -16.35
N LEU A 30 -2.58 8.66 -15.99
CA LEU A 30 -3.13 9.04 -14.68
C LEU A 30 -4.64 8.67 -14.60
N ASN A 31 -4.91 7.38 -14.48
CA ASN A 31 -6.25 6.78 -14.37
C ASN A 31 -6.88 6.93 -12.97
N ASN A 32 -6.05 7.11 -11.93
CA ASN A 32 -6.38 7.16 -10.50
C ASN A 32 -7.13 5.94 -9.90
N LYS A 33 -7.46 4.92 -10.70
CA LYS A 33 -8.36 3.81 -10.38
C LYS A 33 -7.99 2.61 -11.26
N GLU A 34 -7.53 1.56 -10.62
CA GLU A 34 -7.25 0.25 -11.18
C GLU A 34 -7.91 -0.87 -10.33
N THR A 35 -7.66 -2.11 -10.72
CA THR A 35 -7.96 -3.33 -10.01
C THR A 35 -6.77 -4.27 -9.97
N GLY A 36 -6.76 -5.13 -8.97
CA GLY A 36 -5.69 -6.10 -8.74
C GLY A 36 -5.45 -6.47 -7.28
N MET A 37 -4.19 -6.71 -6.90
CA MET A 37 -3.79 -7.02 -5.52
C MET A 37 -2.38 -6.57 -5.17
N TYR A 38 -2.17 -6.44 -3.86
CA TYR A 38 -0.87 -6.59 -3.21
C TYR A 38 -0.78 -7.99 -2.57
N HIS A 39 0.45 -8.48 -2.44
CA HIS A 39 0.83 -9.52 -1.50
C HIS A 39 2.28 -9.30 -1.03
N CYS A 40 2.63 -9.81 0.15
CA CYS A 40 4.00 -9.88 0.58
C CYS A 40 4.87 -10.75 -0.35
N VAL A 41 6.17 -10.58 -0.14
CA VAL A 41 7.26 -11.43 -0.66
C VAL A 41 8.20 -11.85 0.49
N CYS A 42 7.63 -11.95 1.69
CA CYS A 42 8.35 -12.24 2.94
C CYS A 42 7.65 -13.28 3.83
N CYS A 43 6.33 -13.15 4.05
CA CYS A 43 5.51 -14.10 4.78
C CYS A 43 5.01 -15.25 3.86
N ASP A 44 3.90 -15.03 3.15
CA ASP A 44 3.32 -15.99 2.17
C ASP A 44 2.48 -15.35 1.05
N SER A 45 1.55 -14.46 1.42
CA SER A 45 0.22 -14.41 0.79
C SER A 45 -0.39 -12.99 0.64
N PRO A 46 -1.46 -12.84 -0.18
CA PRO A 46 -2.22 -11.58 -0.28
C PRO A 46 -3.08 -11.29 0.95
N LEU A 47 -3.18 -10.01 1.29
CA LEU A 47 -4.05 -9.51 2.36
C LEU A 47 -4.69 -8.13 2.08
N PHE A 48 -4.36 -7.47 0.97
CA PHE A 48 -5.09 -6.26 0.50
C PHE A 48 -5.21 -6.27 -1.04
N SER A 49 -6.43 -6.09 -1.58
CA SER A 49 -6.67 -6.02 -3.01
C SER A 49 -6.67 -4.58 -3.51
N SER A 50 -6.14 -4.33 -4.71
CA SER A 50 -6.12 -2.99 -5.34
C SER A 50 -7.52 -2.46 -5.66
N GLU A 51 -8.53 -3.32 -5.57
CA GLU A 51 -9.94 -2.95 -5.50
C GLU A 51 -10.28 -2.00 -4.36
N LYS A 52 -9.66 -2.21 -3.20
CA LYS A 52 -9.79 -1.38 -2.00
C LYS A 52 -9.06 -0.04 -2.13
N LYS A 53 -8.35 0.19 -3.25
CA LYS A 53 -7.47 1.36 -3.45
C LYS A 53 -8.31 2.63 -3.49
N TYR A 54 -7.87 3.62 -2.71
CA TYR A 54 -8.57 4.87 -2.39
C TYR A 54 -7.69 6.11 -2.64
N CYS A 55 -8.27 7.31 -2.57
CA CYS A 55 -7.70 8.58 -3.05
C CYS A 55 -7.54 8.64 -4.59
N SER A 56 -7.53 9.86 -5.14
CA SER A 56 -7.64 10.16 -6.57
C SER A 56 -6.96 11.50 -6.92
N GLY A 57 -7.17 12.04 -8.14
CA GLY A 57 -6.57 13.27 -8.64
C GLY A 57 -5.07 13.14 -8.98
N THR A 58 -4.23 12.99 -7.97
CA THR A 58 -2.75 13.04 -8.05
C THR A 58 -2.10 11.71 -8.46
N GLY A 59 -2.86 10.61 -8.42
CA GLY A 59 -2.33 9.24 -8.49
C GLY A 59 -1.91 8.67 -7.13
N TRP A 60 -2.06 9.45 -6.06
CA TRP A 60 -1.52 9.15 -4.72
C TRP A 60 -2.25 7.98 -4.00
N PRO A 61 -1.55 7.11 -3.24
CA PRO A 61 -2.08 5.83 -2.76
C PRO A 61 -2.75 5.86 -1.38
N SER A 62 -3.82 5.09 -1.25
CA SER A 62 -4.51 4.76 0.01
C SER A 62 -5.36 3.49 -0.17
N PHE A 63 -5.93 2.95 0.91
CA PHE A 63 -6.78 1.76 0.93
C PHE A 63 -7.92 2.04 1.91
N SER A 64 -9.16 1.98 1.45
CA SER A 64 -10.34 2.30 2.29
C SER A 64 -10.84 1.12 3.14
N GLU A 65 -10.36 -0.10 2.92
CA GLU A 65 -10.65 -1.27 3.75
C GLU A 65 -9.64 -2.41 3.56
N ALA A 66 -9.64 -3.35 4.51
CA ALA A 66 -8.88 -4.61 4.46
C ALA A 66 -9.87 -5.80 4.42
N TYR A 67 -10.28 -6.16 3.20
CA TYR A 67 -11.11 -7.33 2.93
C TYR A 67 -10.35 -8.66 3.13
N GLY A 68 -11.05 -9.78 3.28
CA GLY A 68 -10.45 -11.10 3.56
C GLY A 68 -10.29 -11.45 5.06
N SER A 69 -10.72 -10.56 5.95
CA SER A 69 -10.92 -10.78 7.39
C SER A 69 -12.27 -10.24 7.84
N LYS A 70 -12.88 -10.90 8.83
CA LYS A 70 -14.32 -10.85 9.14
C LYS A 70 -14.68 -10.92 10.61
N GLY A 71 -14.40 -9.80 11.29
CA GLY A 71 -14.79 -9.51 12.67
C GLY A 71 -14.09 -10.36 13.72
N SER A 72 -14.38 -11.65 13.73
CA SER A 72 -13.61 -12.66 14.47
C SER A 72 -12.17 -12.73 13.98
N ASP A 73 -11.93 -12.47 12.70
CA ASP A 73 -10.61 -12.73 12.09
C ASP A 73 -9.61 -11.57 12.18
N GLU A 74 -9.94 -10.51 12.92
CA GLU A 74 -9.07 -9.34 13.07
C GLU A 74 -7.73 -9.68 13.75
N SER A 75 -7.75 -10.64 14.67
CA SER A 75 -6.54 -11.18 15.34
C SER A 75 -5.93 -12.37 14.59
N HIS A 76 -6.72 -12.99 13.71
CA HIS A 76 -6.32 -14.11 12.84
C HIS A 76 -5.41 -13.64 11.69
N THR A 77 -5.43 -12.35 11.41
CA THR A 77 -4.61 -11.69 10.37
C THR A 77 -3.12 -11.96 10.54
N GLY A 78 -2.62 -11.77 11.76
CA GLY A 78 -1.20 -11.56 12.01
C GLY A 78 -0.71 -10.16 11.60
N ILE A 79 -1.60 -9.17 11.42
CA ILE A 79 -1.22 -7.77 11.24
C ILE A 79 -1.58 -6.95 12.48
N LEU A 80 -0.80 -5.91 12.75
CA LEU A 80 -0.82 -5.13 13.99
C LEU A 80 -1.01 -3.64 13.71
N ARG A 81 -1.29 -2.91 14.78
CA ARG A 81 -1.55 -1.47 14.78
C ARG A 81 -1.03 -0.81 16.05
N ARG A 82 -0.63 0.46 15.96
CA ARG A 82 -0.08 1.27 17.04
C ARG A 82 -0.37 2.74 16.73
N LEU A 83 -1.14 3.37 17.60
CA LEU A 83 -1.43 4.80 17.56
C LEU A 83 -0.27 5.63 18.11
N ASP A 84 -0.07 6.79 17.51
CA ASP A 84 1.08 7.68 17.75
C ASP A 84 0.61 9.10 18.15
N THR A 85 -0.51 9.14 18.90
CA THR A 85 -1.19 10.30 19.51
C THR A 85 -0.39 10.88 20.70
N SER A 86 0.92 11.00 20.51
CA SER A 86 1.94 11.34 21.50
C SER A 86 2.82 12.53 21.10
N LEU A 87 2.73 12.89 19.82
CA LEU A 87 3.51 13.94 19.14
C LEU A 87 2.78 15.29 19.04
N GLY A 88 1.72 15.46 19.84
CA GLY A 88 0.89 16.68 19.85
C GLY A 88 -0.19 16.73 18.76
N CYS A 89 -0.32 15.65 18.01
CA CYS A 89 -1.34 15.36 17.01
C CYS A 89 -1.75 13.87 17.07
N PRO A 90 -3.04 13.51 17.03
CA PRO A 90 -3.49 12.12 16.94
C PRO A 90 -3.21 11.49 15.57
N ARG A 91 -2.51 10.35 15.59
CA ARG A 91 -2.04 9.56 14.44
C ARG A 91 -2.30 8.07 14.70
N MET A 92 -2.39 7.28 13.63
CA MET A 92 -2.63 5.84 13.61
C MET A 92 -1.65 5.20 12.64
N GLU A 93 -0.96 4.14 13.04
CA GLU A 93 -0.02 3.41 12.16
C GLU A 93 -0.25 1.89 12.24
N VAL A 94 0.02 1.17 11.13
CA VAL A 94 -0.23 -0.28 10.98
C VAL A 94 0.98 -1.02 10.39
N VAL A 95 1.15 -2.28 10.80
CA VAL A 95 2.31 -3.13 10.45
C VAL A 95 1.87 -4.54 10.09
N CYS A 96 2.64 -5.21 9.25
CA CYS A 96 2.56 -6.62 9.03
C CYS A 96 3.52 -7.26 10.06
N LYS A 97 2.93 -8.05 10.94
CA LYS A 97 3.62 -8.96 11.87
C LYS A 97 3.68 -10.41 11.37
N GLN A 98 3.11 -10.66 10.20
CA GLN A 98 3.37 -11.82 9.38
C GLN A 98 4.84 -11.86 8.93
N CYS A 99 5.33 -10.70 8.48
CA CYS A 99 6.60 -10.48 7.80
C CYS A 99 7.52 -9.40 8.45
N GLU A 100 7.00 -8.58 9.36
CA GLU A 100 7.70 -7.55 10.15
C GLU A 100 8.08 -6.26 9.38
N ALA A 101 7.08 -5.56 8.83
CA ALA A 101 7.24 -4.20 8.31
C ALA A 101 6.02 -3.29 8.51
N HIS A 102 6.24 -2.01 8.83
CA HIS A 102 5.18 -1.01 8.88
C HIS A 102 4.63 -0.69 7.48
N LEU A 103 3.36 -1.03 7.27
CA LEU A 103 2.77 -1.21 5.94
C LEU A 103 2.02 -0.01 5.41
N GLY A 104 1.38 0.65 6.34
CA GLY A 104 0.41 1.70 6.16
C GLY A 104 0.32 2.63 7.35
N HIS A 105 -0.13 3.84 7.09
CA HIS A 105 -0.23 4.91 8.08
C HIS A 105 -1.42 5.83 7.81
N VAL A 106 -2.02 6.35 8.87
CA VAL A 106 -3.42 6.80 8.89
C VAL A 106 -3.54 8.10 9.67
N PHE A 107 -4.30 9.02 9.09
CA PHE A 107 -4.49 10.38 9.62
C PHE A 107 -5.88 11.01 9.33
N PRO A 108 -6.36 11.92 10.20
CA PRO A 108 -7.50 12.80 9.93
C PRO A 108 -7.12 14.00 9.04
N ASP A 109 -8.11 14.56 8.35
CA ASP A 109 -7.93 15.48 7.21
C ASP A 109 -8.61 16.86 7.35
N GLY A 110 -9.20 17.12 8.52
CA GLY A 110 -9.91 18.38 8.84
C GLY A 110 -11.29 18.20 9.47
N PRO A 111 -12.27 17.54 8.82
CA PRO A 111 -13.56 17.18 9.42
C PRO A 111 -13.40 16.20 10.61
N LYS A 112 -14.52 15.60 11.04
CA LYS A 112 -14.55 14.49 12.01
C LYS A 112 -13.66 13.33 11.50
N PRO A 113 -13.21 12.41 12.37
CA PRO A 113 -12.43 11.22 11.98
C PRO A 113 -13.15 10.31 10.96
N THR A 114 -14.42 10.56 10.67
CA THR A 114 -15.14 10.02 9.51
C THR A 114 -14.44 10.28 8.16
N GLY A 115 -13.61 11.34 8.07
CA GLY A 115 -12.81 11.70 6.90
C GLY A 115 -11.39 11.12 6.85
N GLN A 116 -10.99 10.29 7.83
CA GLN A 116 -9.64 9.73 7.92
C GLN A 116 -9.18 9.06 6.62
N ARG A 117 -7.91 9.25 6.27
CA ARG A 117 -7.26 8.66 5.10
C ARG A 117 -6.26 7.62 5.57
N PHE A 118 -6.37 6.42 5.03
CA PHE A 118 -5.46 5.31 5.30
C PHE A 118 -4.48 5.16 4.14
N CYS A 119 -3.29 5.72 4.28
CA CYS A 119 -2.20 5.61 3.31
C CYS A 119 -1.53 4.22 3.41
N ILE A 120 -1.03 3.71 2.29
CA ILE A 120 -0.26 2.45 2.22
C ILE A 120 1.08 2.69 1.50
N ASN A 121 2.08 1.85 1.73
CA ASN A 121 3.39 1.92 1.07
C ASN A 121 3.82 0.58 0.44
N SER A 122 4.75 0.62 -0.51
CA SER A 122 5.17 -0.54 -1.31
C SER A 122 6.68 -0.86 -1.25
N VAL A 123 7.41 -0.36 -0.24
CA VAL A 123 8.90 -0.30 -0.18
C VAL A 123 9.64 -1.57 -0.62
N ALA A 124 9.09 -2.72 -0.25
CA ALA A 124 9.68 -4.05 -0.46
C ALA A 124 8.61 -5.16 -0.59
N LEU A 125 7.43 -4.82 -1.11
CA LEU A 125 6.28 -5.70 -1.24
C LEU A 125 6.04 -6.03 -2.73
N LYS A 126 5.11 -6.94 -3.02
CA LYS A 126 4.68 -7.26 -4.38
C LYS A 126 3.22 -6.90 -4.66
N PHE A 127 2.95 -6.56 -5.91
CA PHE A 127 1.70 -5.95 -6.36
C PHE A 127 1.51 -6.17 -7.86
N LYS A 128 0.32 -6.59 -8.29
CA LYS A 128 -0.03 -6.82 -9.70
C LYS A 128 -1.49 -6.46 -9.99
N PRO A 129 -1.83 -6.08 -11.24
CA PRO A 129 -3.20 -5.79 -11.63
C PRO A 129 -4.05 -7.06 -11.78
N SER A 130 -5.36 -6.86 -11.89
CA SER A 130 -6.34 -7.93 -12.11
C SER A 130 -6.54 -8.22 -13.59
N LYS A 131 -6.60 -7.16 -14.40
CA LYS A 131 -6.74 -7.24 -15.85
C LYS A 131 -5.49 -7.87 -16.50
N PRO A 132 -5.63 -8.60 -17.63
CA PRO A 132 -4.52 -9.16 -18.37
C PRO A 132 -3.68 -8.11 -19.12
N ALA A 133 -2.63 -8.61 -19.79
CA ALA A 133 -1.49 -7.85 -20.32
C ALA A 133 -0.60 -7.23 -19.21
N ALA A 134 -0.44 -7.96 -18.10
CA ALA A 134 0.32 -7.54 -16.93
C ALA A 134 1.84 -7.58 -17.17
N ALA A 135 2.27 -8.36 -18.17
CA ALA A 135 3.65 -8.46 -18.63
C ALA A 135 3.74 -8.33 -20.17
N LEU A 136 4.79 -7.68 -20.69
CA LEU A 136 5.01 -7.43 -22.12
C LEU A 136 6.49 -7.12 -22.43
N GLU A 137 7.41 -7.82 -21.74
CA GLU A 137 8.86 -7.79 -21.86
C GLU A 137 9.45 -6.37 -21.97
N HIS A 138 8.93 -5.51 -21.11
CA HIS A 138 9.47 -4.16 -20.87
C HIS A 138 10.83 -4.16 -20.16
N HIS A 139 11.56 -3.05 -20.25
CA HIS A 139 12.81 -2.76 -19.53
C HIS A 139 13.94 -3.78 -19.71
N HIS A 140 14.89 -3.52 -20.62
CA HIS A 140 16.17 -4.24 -20.65
C HIS A 140 16.86 -4.14 -19.28
N HIS A 141 17.13 -5.27 -18.63
CA HIS A 141 17.43 -5.34 -17.19
C HIS A 141 18.82 -4.74 -16.81
N HIS A 142 19.71 -4.60 -17.80
CA HIS A 142 21.06 -4.07 -17.66
C HIS A 142 21.53 -3.42 -18.98
N HIS A 143 21.39 -4.16 -20.09
CA HIS A 143 21.56 -3.75 -21.48
C HIS A 143 20.88 -4.81 -22.37
ZN ZN B . 2.68 -10.00 5.41
N MET A 1 29.45 1.56 4.43
CA MET A 1 29.66 1.38 2.97
C MET A 1 29.37 -0.08 2.62
N ALA A 2 28.77 -0.39 1.46
CA ALA A 2 28.44 -1.77 1.07
C ALA A 2 28.58 -1.99 -0.44
N ASP A 3 27.54 -1.67 -1.22
CA ASP A 3 27.52 -1.81 -2.69
C ASP A 3 27.25 -0.46 -3.37
N TRP A 4 27.19 -0.48 -4.71
CA TRP A 4 26.77 0.66 -5.52
C TRP A 4 25.34 0.53 -6.06
N GLN A 5 24.87 -0.70 -6.20
CA GLN A 5 23.52 -1.06 -6.67
C GLN A 5 22.43 -0.37 -5.86
N LYS A 6 22.50 -0.50 -4.54
CA LYS A 6 21.56 0.16 -3.62
C LYS A 6 21.71 1.67 -3.58
N LYS A 7 22.91 2.15 -3.87
CA LYS A 7 23.23 3.57 -3.98
C LYS A 7 22.61 4.22 -5.22
N LEU A 8 22.58 3.47 -6.32
CA LEU A 8 22.03 3.92 -7.62
C LEU A 8 20.55 3.58 -7.83
N THR A 9 19.97 2.61 -7.10
CA THR A 9 18.51 2.33 -7.11
C THR A 9 17.87 2.05 -5.72
N PRO A 10 17.97 2.99 -4.74
CA PRO A 10 17.41 2.84 -3.39
C PRO A 10 15.88 2.96 -3.28
N GLU A 11 15.33 2.11 -2.43
CA GLU A 11 13.88 1.85 -2.27
C GLU A 11 13.26 2.78 -1.25
N GLN A 12 13.89 2.81 -0.06
CA GLN A 12 13.66 3.75 1.04
C GLN A 12 13.80 5.22 0.63
N PHE A 13 14.49 5.48 -0.48
CA PHE A 13 14.70 6.81 -1.08
C PHE A 13 13.71 7.15 -2.19
N TYR A 14 13.08 6.13 -2.79
CA TYR A 14 12.07 6.24 -3.85
C TYR A 14 10.65 6.36 -3.29
N VAL A 15 10.24 5.42 -2.44
CA VAL A 15 8.87 5.38 -1.85
C VAL A 15 8.60 6.58 -0.94
N THR A 16 9.64 7.18 -0.37
CA THR A 16 9.61 8.44 0.40
C THR A 16 9.29 9.66 -0.46
N ARG A 17 9.58 9.63 -1.77
CA ARG A 17 9.20 10.71 -2.70
C ARG A 17 7.69 10.78 -2.88
N GLU A 18 7.04 9.62 -2.95
CA GLU A 18 5.59 9.53 -3.06
C GLU A 18 4.93 9.73 -1.69
N LYS A 19 5.66 9.45 -0.61
CA LYS A 19 5.31 9.69 0.81
C LYS A 19 5.22 11.18 1.19
N GLY A 20 4.28 11.84 0.57
CA GLY A 20 3.81 13.21 0.88
C GLY A 20 2.96 13.87 -0.20
N THR A 21 3.06 13.40 -1.45
CA THR A 21 2.43 14.04 -2.62
C THR A 21 1.04 13.48 -2.90
N GLU A 22 0.09 13.85 -2.06
CA GLU A 22 -1.31 13.42 -2.17
C GLU A 22 -2.00 14.02 -3.40
N ALA A 23 -2.83 13.19 -4.00
CA ALA A 23 -3.24 13.33 -5.38
C ALA A 23 -4.49 14.23 -5.57
N PRO A 24 -4.56 15.03 -6.65
CA PRO A 24 -5.73 15.85 -6.97
C PRO A 24 -6.89 14.98 -7.52
N PHE A 25 -8.08 15.56 -7.64
CA PHE A 25 -9.31 14.84 -8.05
C PHE A 25 -9.23 14.22 -9.45
N SER A 26 -8.46 14.81 -10.38
CA SER A 26 -8.19 14.37 -11.75
C SER A 26 -9.40 14.48 -12.68
N GLY A 27 -10.60 14.19 -12.19
CA GLY A 27 -11.89 14.30 -12.87
C GLY A 27 -11.95 13.63 -14.25
N MET A 28 -11.83 14.44 -15.30
CA MET A 28 -11.68 13.96 -16.68
C MET A 28 -10.45 13.07 -16.89
N TYR A 29 -9.47 13.21 -16.03
CA TYR A 29 -8.21 12.45 -16.01
C TYR A 29 -8.22 11.30 -14.99
N LEU A 30 -9.38 10.95 -14.42
CA LEU A 30 -9.61 9.65 -13.75
C LEU A 30 -9.64 8.50 -14.77
N ASN A 31 -8.50 8.25 -15.42
CA ASN A 31 -8.31 7.32 -16.55
C ASN A 31 -8.55 5.84 -16.19
N ASN A 32 -8.94 5.02 -17.18
CA ASN A 32 -9.29 3.62 -16.97
C ASN A 32 -8.06 2.80 -16.54
N LYS A 33 -8.14 2.14 -15.37
CA LYS A 33 -6.97 1.61 -14.61
C LYS A 33 -7.16 0.29 -13.88
N GLU A 34 -8.37 -0.21 -13.96
CA GLU A 34 -8.81 -1.52 -13.54
C GLU A 34 -8.43 -1.90 -12.10
N THR A 35 -8.47 -3.19 -11.81
CA THR A 35 -8.42 -3.71 -10.44
C THR A 35 -7.50 -4.91 -10.24
N GLY A 36 -7.38 -5.33 -8.99
CA GLY A 36 -6.51 -6.44 -8.56
C GLY A 36 -6.29 -6.53 -7.06
N MET A 37 -5.06 -6.85 -6.66
CA MET A 37 -4.62 -6.86 -5.26
C MET A 37 -3.11 -6.67 -5.11
N TYR A 38 -2.71 -6.30 -3.91
CA TYR A 38 -1.32 -6.12 -3.50
C TYR A 38 -1.05 -6.79 -2.14
N HIS A 39 0.17 -7.32 -2.00
CA HIS A 39 0.53 -8.31 -1.00
C HIS A 39 2.03 -8.29 -0.71
N CYS A 40 2.47 -8.90 0.39
CA CYS A 40 3.87 -9.02 0.73
C CYS A 40 4.71 -9.78 -0.32
N VAL A 41 6.00 -9.49 -0.26
CA VAL A 41 7.09 -10.34 -0.78
C VAL A 41 8.13 -10.63 0.31
N CYS A 42 7.64 -10.92 1.52
CA CYS A 42 8.43 -11.29 2.69
C CYS A 42 7.85 -12.48 3.46
N CYS A 43 6.55 -12.46 3.77
CA CYS A 43 5.85 -13.47 4.54
C CYS A 43 5.12 -14.55 3.69
N ASP A 44 3.87 -14.29 3.34
CA ASP A 44 2.98 -15.13 2.51
C ASP A 44 1.63 -14.46 2.20
N SER A 45 1.12 -13.62 3.10
CA SER A 45 -0.29 -13.21 3.13
C SER A 45 -0.63 -12.02 2.20
N PRO A 46 -1.63 -12.15 1.31
CA PRO A 46 -2.28 -10.98 0.72
C PRO A 46 -3.20 -10.30 1.72
N LEU A 47 -3.17 -8.96 1.70
CA LEU A 47 -3.68 -8.13 2.79
C LEU A 47 -4.77 -7.14 2.34
N PHE A 48 -4.75 -6.72 1.08
CA PHE A 48 -5.72 -5.75 0.52
C PHE A 48 -5.95 -5.93 -0.98
N SER A 49 -7.22 -5.84 -1.42
CA SER A 49 -7.57 -5.77 -2.83
C SER A 49 -7.47 -4.33 -3.31
N SER A 50 -6.89 -4.15 -4.50
CA SER A 50 -6.70 -2.88 -5.16
C SER A 50 -8.00 -2.16 -5.53
N GLU A 51 -9.13 -2.85 -5.43
CA GLU A 51 -10.46 -2.25 -5.59
C GLU A 51 -10.71 -1.16 -4.54
N LYS A 52 -10.09 -1.29 -3.37
CA LYS A 52 -10.14 -0.29 -2.29
C LYS A 52 -9.28 0.95 -2.56
N LYS A 53 -8.54 0.98 -3.68
CA LYS A 53 -7.71 2.13 -4.06
C LYS A 53 -8.56 3.40 -4.06
N TYR A 54 -8.08 4.42 -3.37
CA TYR A 54 -8.78 5.69 -3.21
C TYR A 54 -8.90 6.48 -4.53
N CYS A 55 -9.79 7.48 -4.55
CA CYS A 55 -10.00 8.37 -5.70
C CYS A 55 -8.68 8.98 -6.20
N SER A 56 -8.52 9.03 -7.53
CA SER A 56 -7.27 9.23 -8.27
C SER A 56 -6.11 8.31 -7.81
N GLY A 57 -5.48 8.57 -6.67
CA GLY A 57 -4.54 7.66 -5.99
C GLY A 57 -3.44 7.14 -6.91
N THR A 58 -2.71 8.06 -7.56
CA THR A 58 -1.89 7.81 -8.75
C THR A 58 -0.54 7.17 -8.42
N GLY A 59 0.45 7.96 -8.03
CA GLY A 59 1.67 7.49 -7.36
C GLY A 59 1.50 7.38 -5.82
N TRP A 60 0.40 7.94 -5.28
CA TRP A 60 0.12 8.01 -3.85
C TRP A 60 -0.81 6.87 -3.41
N PRO A 61 -0.32 5.83 -2.70
CA PRO A 61 -1.09 4.62 -2.42
C PRO A 61 -1.98 4.80 -1.16
N SER A 62 -3.28 4.59 -1.33
CA SER A 62 -4.28 4.66 -0.26
C SER A 62 -5.46 3.73 -0.54
N PHE A 63 -6.14 3.33 0.54
CA PHE A 63 -6.99 2.16 0.61
C PHE A 63 -8.09 2.38 1.63
N SER A 64 -9.36 2.43 1.24
CA SER A 64 -10.44 2.73 2.21
C SER A 64 -10.73 1.57 3.17
N GLU A 65 -10.27 0.35 2.85
CA GLU A 65 -10.22 -0.78 3.78
C GLU A 65 -9.04 -1.71 3.51
N ALA A 66 -8.62 -2.43 4.54
CA ALA A 66 -8.16 -3.80 4.37
C ALA A 66 -9.39 -4.64 4.00
N TYR A 67 -9.46 -5.05 2.74
CA TYR A 67 -10.55 -5.84 2.15
C TYR A 67 -10.09 -7.26 1.77
N GLY A 68 -11.03 -8.19 1.76
CA GLY A 68 -10.78 -9.63 1.90
C GLY A 68 -10.74 -10.06 3.38
N SER A 69 -10.32 -9.16 4.27
CA SER A 69 -10.32 -9.30 5.73
C SER A 69 -11.39 -8.46 6.42
N LYS A 70 -12.11 -9.09 7.34
CA LYS A 70 -13.13 -8.50 8.22
C LYS A 70 -13.18 -9.24 9.55
N GLY A 71 -13.18 -8.50 10.66
CA GLY A 71 -13.66 -8.89 11.99
C GLY A 71 -13.01 -10.14 12.56
N SER A 72 -13.52 -11.29 12.13
CA SER A 72 -12.92 -12.61 12.34
C SER A 72 -11.48 -12.67 11.85
N ASP A 73 -11.13 -11.86 10.85
CA ASP A 73 -9.83 -11.93 10.17
C ASP A 73 -8.78 -10.97 10.75
N GLU A 74 -9.12 -10.26 11.84
CA GLU A 74 -8.26 -9.25 12.49
C GLU A 74 -7.11 -9.87 13.32
N SER A 75 -7.14 -11.18 13.56
CA SER A 75 -5.96 -11.94 14.00
C SER A 75 -5.34 -12.76 12.87
N HIS A 76 -6.14 -13.22 11.90
CA HIS A 76 -5.66 -14.14 10.84
C HIS A 76 -4.79 -13.45 9.77
N THR A 77 -5.00 -12.16 9.62
CA THR A 77 -4.13 -11.23 8.87
C THR A 77 -2.69 -11.27 9.36
N GLY A 78 -2.52 -11.55 10.65
CA GLY A 78 -1.22 -11.57 11.33
C GLY A 78 -0.62 -10.17 11.50
N ILE A 79 -1.42 -9.13 11.33
CA ILE A 79 -1.02 -7.74 11.56
C ILE A 79 -1.06 -7.38 13.05
N LEU A 80 -0.45 -6.25 13.34
CA LEU A 80 -0.53 -5.50 14.60
C LEU A 80 -0.74 -4.02 14.29
N ARG A 81 -0.91 -3.21 15.32
CA ARG A 81 -1.27 -1.80 15.20
C ARG A 81 -0.68 -0.94 16.30
N ARG A 82 -0.34 0.30 15.95
CA ARG A 82 0.33 1.28 16.79
C ARG A 82 -0.33 2.64 16.63
N LEU A 83 -1.03 3.03 17.67
CA LEU A 83 -1.66 4.33 17.81
C LEU A 83 -0.70 5.33 18.45
N ASP A 84 -0.85 6.58 18.07
CA ASP A 84 -0.05 7.70 18.57
C ASP A 84 -0.89 8.97 18.54
N THR A 85 -1.08 9.57 19.70
CA THR A 85 -1.73 10.89 19.85
C THR A 85 -0.88 11.82 20.73
N SER A 86 0.45 11.69 20.61
CA SER A 86 1.49 12.31 21.46
C SER A 86 2.61 13.03 20.68
N LEU A 87 2.59 12.91 19.35
CA LEU A 87 3.43 13.63 18.39
C LEU A 87 2.77 14.96 17.96
N GLY A 88 1.91 15.48 18.84
CA GLY A 88 1.18 16.74 18.71
C GLY A 88 -0.07 16.65 17.83
N CYS A 89 -0.23 15.55 17.11
CA CYS A 89 -1.31 15.35 16.14
C CYS A 89 -1.75 13.86 16.15
N PRO A 90 -3.05 13.53 16.23
CA PRO A 90 -3.51 12.14 16.36
C PRO A 90 -3.31 11.33 15.07
N ARG A 91 -2.76 10.11 15.23
CA ARG A 91 -2.41 9.12 14.19
C ARG A 91 -2.77 7.70 14.63
N MET A 92 -2.92 6.84 13.63
CA MET A 92 -3.20 5.42 13.73
C MET A 92 -2.34 4.70 12.67
N GLU A 93 -1.59 3.69 13.07
CA GLU A 93 -0.71 2.90 12.18
C GLU A 93 -0.96 1.39 12.34
N VAL A 94 -0.67 0.65 11.26
CA VAL A 94 -0.62 -0.81 11.24
C VAL A 94 0.73 -1.33 10.75
N VAL A 95 1.18 -2.42 11.39
CA VAL A 95 2.37 -3.17 11.00
C VAL A 95 1.98 -4.59 10.63
N CYS A 96 2.75 -5.22 9.77
CA CYS A 96 2.70 -6.63 9.55
C CYS A 96 3.74 -7.24 10.47
N LYS A 97 3.29 -8.13 11.34
CA LYS A 97 4.13 -9.00 12.19
C LYS A 97 4.53 -10.32 11.52
N GLN A 98 3.84 -10.66 10.44
CA GLN A 98 4.19 -11.80 9.60
C GLN A 98 5.55 -11.62 8.89
N CYS A 99 5.83 -10.39 8.45
CA CYS A 99 7.04 -9.95 7.76
C CYS A 99 7.88 -8.87 8.53
N GLU A 100 7.31 -8.28 9.59
CA GLU A 100 7.87 -7.21 10.43
C GLU A 100 8.17 -5.88 9.70
N ALA A 101 7.10 -5.23 9.20
CA ALA A 101 7.17 -3.89 8.62
C ALA A 101 5.97 -2.99 8.94
N HIS A 102 6.24 -1.72 9.27
CA HIS A 102 5.24 -0.65 9.31
C HIS A 102 4.92 -0.16 7.90
N LEU A 103 3.72 -0.47 7.38
CA LEU A 103 3.40 -0.18 5.97
C LEU A 103 1.99 0.33 5.63
N GLY A 104 1.12 0.43 6.62
CA GLY A 104 -0.22 0.98 6.52
C GLY A 104 -0.50 1.98 7.64
N HIS A 105 -1.22 3.05 7.32
CA HIS A 105 -1.50 4.11 8.27
C HIS A 105 -2.82 4.83 7.94
N VAL A 106 -3.39 5.52 8.92
CA VAL A 106 -4.65 6.26 8.81
C VAL A 106 -4.65 7.49 9.71
N PHE A 107 -5.18 8.59 9.19
CA PHE A 107 -5.14 9.93 9.80
C PHE A 107 -6.40 10.79 9.53
N PRO A 108 -6.73 11.76 10.41
CA PRO A 108 -7.77 12.75 10.17
C PRO A 108 -7.25 13.94 9.35
N ASP A 109 -8.07 14.44 8.42
CA ASP A 109 -7.71 15.51 7.47
C ASP A 109 -8.24 16.89 7.88
N GLY A 110 -8.36 17.07 9.19
CA GLY A 110 -8.88 18.26 9.87
C GLY A 110 -10.08 18.04 10.81
N PRO A 111 -11.17 17.36 10.36
CA PRO A 111 -12.37 17.12 11.15
C PRO A 111 -12.27 15.83 11.99
N LYS A 112 -13.42 15.37 12.51
CA LYS A 112 -13.55 14.22 13.42
C LYS A 112 -12.95 12.92 12.85
N PRO A 113 -12.43 12.01 13.69
CA PRO A 113 -11.83 10.73 13.29
C PRO A 113 -12.81 9.71 12.66
N THR A 114 -14.05 10.10 12.36
CA THR A 114 -14.92 9.35 11.44
C THR A 114 -14.51 9.53 9.97
N GLY A 115 -13.96 10.69 9.60
CA GLY A 115 -13.71 11.10 8.21
C GLY A 115 -12.34 10.75 7.63
N GLN A 116 -11.59 9.87 8.30
CA GLN A 116 -10.16 9.63 8.09
C GLN A 116 -9.76 9.16 6.68
N ARG A 117 -8.54 9.50 6.28
CA ARG A 117 -7.86 9.01 5.08
C ARG A 117 -6.79 8.01 5.50
N PHE A 118 -6.70 6.94 4.75
CA PHE A 118 -5.63 5.96 4.87
C PHE A 118 -4.48 6.35 3.94
N CYS A 119 -3.29 5.81 4.20
CA CYS A 119 -2.15 5.82 3.28
C CYS A 119 -1.26 4.58 3.50
N ILE A 120 -0.50 4.17 2.49
CA ILE A 120 0.39 2.99 2.50
C ILE A 120 1.85 3.45 2.26
N ASN A 121 2.83 2.58 2.51
CA ASN A 121 4.10 2.61 1.78
C ASN A 121 4.56 1.23 1.28
N SER A 122 4.40 0.98 -0.02
CA SER A 122 4.56 -0.33 -0.68
C SER A 122 6.00 -0.83 -0.87
N VAL A 123 6.96 -0.32 -0.09
CA VAL A 123 8.42 -0.54 -0.26
C VAL A 123 8.87 -2.00 -0.18
N ALA A 124 8.02 -2.84 0.40
CA ALA A 124 8.23 -4.26 0.67
C ALA A 124 7.18 -5.21 0.04
N LEU A 125 6.40 -4.75 -0.95
CA LEU A 125 5.23 -5.45 -1.47
C LEU A 125 5.33 -5.78 -2.98
N LYS A 126 4.57 -6.77 -3.40
CA LYS A 126 4.21 -7.09 -4.79
C LYS A 126 2.75 -6.68 -5.09
N PHE A 127 2.42 -6.57 -6.38
CA PHE A 127 1.09 -6.23 -6.87
C PHE A 127 0.75 -7.02 -8.14
N LYS A 128 -0.53 -7.39 -8.31
CA LYS A 128 -1.03 -8.13 -9.47
C LYS A 128 -2.51 -7.78 -9.79
N PRO A 129 -2.95 -7.87 -11.06
CA PRO A 129 -4.31 -7.50 -11.46
C PRO A 129 -5.35 -8.58 -11.17
N SER A 130 -6.62 -8.21 -11.33
CA SER A 130 -7.79 -9.09 -11.07
C SER A 130 -8.16 -9.93 -12.27
N LYS A 131 -8.14 -9.25 -13.42
CA LYS A 131 -8.48 -9.77 -14.73
C LYS A 131 -7.48 -10.87 -15.18
N PRO A 132 -7.93 -11.87 -15.97
CA PRO A 132 -7.02 -12.80 -16.65
C PRO A 132 -6.19 -12.12 -17.74
N ALA A 133 -5.34 -12.92 -18.40
CA ALA A 133 -4.33 -12.46 -19.37
C ALA A 133 -3.25 -11.55 -18.76
N ALA A 134 -2.91 -11.76 -17.48
CA ALA A 134 -1.90 -10.98 -16.76
C ALA A 134 -0.46 -11.37 -17.14
N ALA A 135 -0.28 -12.56 -17.72
CA ALA A 135 0.95 -12.99 -18.37
C ALA A 135 0.95 -12.56 -19.86
N LEU A 136 2.14 -12.22 -20.40
CA LEU A 136 2.33 -11.54 -21.68
C LEU A 136 3.51 -12.12 -22.47
N GLU A 137 3.71 -13.44 -22.35
CA GLU A 137 4.85 -14.18 -22.91
C GLU A 137 5.00 -14.09 -24.44
N HIS A 138 4.01 -13.51 -25.13
CA HIS A 138 4.08 -13.19 -26.56
C HIS A 138 5.15 -12.14 -26.93
N HIS A 139 5.56 -11.35 -25.95
CA HIS A 139 6.54 -10.27 -26.09
C HIS A 139 7.98 -10.79 -26.32
N HIS A 140 8.92 -9.88 -26.61
CA HIS A 140 10.34 -10.20 -26.68
C HIS A 140 11.20 -9.00 -26.27
N HIS A 141 12.16 -9.26 -25.37
CA HIS A 141 13.23 -8.37 -24.89
C HIS A 141 12.84 -6.94 -24.42
N HIS A 142 13.86 -6.18 -24.01
CA HIS A 142 13.83 -4.73 -23.80
C HIS A 142 14.96 -4.09 -24.61
N HIS A 143 14.93 -2.76 -24.75
CA HIS A 143 15.95 -1.97 -25.48
C HIS A 143 17.25 -1.82 -24.67
ZN ZN B . 2.96 -9.57 5.64
N MET A 1 15.39 -10.49 -8.40
CA MET A 1 16.21 -11.72 -8.34
C MET A 1 16.15 -12.42 -9.69
N ALA A 2 17.30 -12.86 -10.22
CA ALA A 2 17.41 -13.46 -11.55
C ALA A 2 16.84 -12.57 -12.69
N ASP A 3 16.89 -11.25 -12.49
CA ASP A 3 16.46 -10.21 -13.43
C ASP A 3 17.51 -9.09 -13.48
N TRP A 4 17.37 -8.20 -14.46
CA TRP A 4 18.14 -6.95 -14.51
C TRP A 4 17.25 -5.71 -14.45
N GLN A 5 16.11 -5.70 -15.13
CA GLN A 5 15.25 -4.56 -15.30
C GLN A 5 14.68 -4.10 -13.97
N LYS A 6 13.99 -5.01 -13.29
CA LYS A 6 13.33 -4.75 -12.00
C LYS A 6 14.31 -4.40 -10.89
N LYS A 7 15.55 -4.87 -11.00
CA LYS A 7 16.64 -4.47 -10.11
C LYS A 7 17.16 -3.06 -10.40
N LEU A 8 17.26 -2.73 -11.68
CA LEU A 8 17.63 -1.39 -12.19
C LEU A 8 16.51 -0.33 -12.11
N THR A 9 15.24 -0.74 -12.03
CA THR A 9 14.08 0.13 -11.77
C THR A 9 13.23 -0.40 -10.58
N PRO A 10 13.80 -0.43 -9.35
CA PRO A 10 13.19 -1.13 -8.23
C PRO A 10 12.15 -0.33 -7.47
N GLU A 11 11.03 -0.99 -7.26
CA GLU A 11 9.76 -0.30 -6.98
C GLU A 11 9.64 0.12 -5.52
N GLN A 12 9.69 -0.87 -4.62
CA GLN A 12 9.78 -0.69 -3.17
C GLN A 12 10.99 0.16 -2.74
N PHE A 13 12.03 0.13 -3.56
CA PHE A 13 13.32 0.79 -3.35
C PHE A 13 13.38 2.21 -3.96
N TYR A 14 12.41 2.61 -4.80
CA TYR A 14 12.29 3.96 -5.36
C TYR A 14 11.17 4.80 -4.74
N VAL A 15 10.01 4.18 -4.52
CA VAL A 15 8.86 4.80 -3.80
C VAL A 15 9.32 5.39 -2.45
N THR A 16 10.29 4.74 -1.81
CA THR A 16 10.93 5.07 -0.52
C THR A 16 11.97 6.18 -0.60
N ARG A 17 12.50 6.46 -1.80
CA ARG A 17 13.48 7.53 -2.08
C ARG A 17 12.76 8.86 -2.25
N GLU A 18 11.65 8.84 -2.99
CA GLU A 18 10.91 10.05 -3.36
C GLU A 18 9.80 10.39 -2.36
N LYS A 19 9.01 9.38 -1.96
CA LYS A 19 7.98 9.38 -0.90
C LYS A 19 6.99 10.54 -0.70
N GLY A 20 6.75 11.29 -1.77
CA GLY A 20 5.85 12.43 -1.78
C GLY A 20 5.69 13.01 -3.17
N THR A 21 5.46 12.12 -4.14
CA THR A 21 5.65 12.35 -5.56
C THR A 21 4.40 12.13 -6.41
N GLU A 22 3.72 13.21 -6.80
CA GLU A 22 2.75 13.23 -7.90
C GLU A 22 3.37 13.84 -9.17
N ALA A 23 2.98 13.32 -10.32
CA ALA A 23 3.49 13.70 -11.65
C ALA A 23 2.51 13.26 -12.77
N PRO A 24 2.50 13.90 -13.95
CA PRO A 24 1.58 13.55 -15.02
C PRO A 24 2.01 12.27 -15.77
N PHE A 25 1.42 11.17 -15.30
CA PHE A 25 1.53 9.83 -15.86
C PHE A 25 0.18 9.09 -15.75
N SER A 26 -0.11 8.40 -14.62
CA SER A 26 -1.16 7.39 -14.46
C SER A 26 -0.84 6.11 -15.23
N GLY A 27 -0.35 6.24 -16.46
CA GLY A 27 0.24 5.18 -17.28
C GLY A 27 -0.63 3.95 -17.44
N MET A 28 -0.23 2.86 -16.79
CA MET A 28 -1.01 1.62 -16.69
C MET A 28 -2.41 1.83 -16.09
N TYR A 29 -2.60 2.92 -15.35
CA TYR A 29 -3.88 3.34 -14.78
C TYR A 29 -4.66 4.35 -15.64
N LEU A 30 -4.25 4.64 -16.88
CA LEU A 30 -5.03 5.42 -17.88
C LEU A 30 -6.23 4.66 -18.49
N ASN A 31 -6.92 3.89 -17.66
CA ASN A 31 -8.05 3.02 -17.97
C ASN A 31 -9.34 3.48 -17.25
N ASN A 32 -10.47 2.83 -17.55
CA ASN A 32 -11.71 2.91 -16.75
C ASN A 32 -11.64 2.12 -15.42
N LYS A 33 -10.48 2.27 -14.76
CA LYS A 33 -10.10 1.90 -13.39
C LYS A 33 -10.31 0.43 -13.06
N GLU A 34 -9.27 -0.31 -13.40
CA GLU A 34 -9.14 -1.73 -13.16
C GLU A 34 -8.66 -2.06 -11.74
N THR A 35 -8.74 -3.34 -11.41
CA THR A 35 -8.73 -3.87 -10.05
C THR A 35 -7.57 -4.84 -9.87
N GLY A 36 -7.23 -5.14 -8.62
CA GLY A 36 -6.20 -6.12 -8.28
C GLY A 36 -6.01 -6.34 -6.79
N MET A 37 -4.87 -6.89 -6.39
CA MET A 37 -4.50 -7.12 -4.99
C MET A 37 -3.00 -7.08 -4.75
N TYR A 38 -2.64 -6.78 -3.51
CA TYR A 38 -1.32 -6.72 -2.94
C TYR A 38 -1.03 -7.95 -2.07
N HIS A 39 0.20 -8.42 -2.17
CA HIS A 39 0.76 -9.57 -1.47
C HIS A 39 2.23 -9.34 -1.11
N CYS A 40 2.75 -10.07 -0.13
CA CYS A 40 4.08 -9.84 0.40
C CYS A 40 5.23 -10.27 -0.51
N VAL A 41 6.41 -9.83 -0.09
CA VAL A 41 7.74 -10.27 -0.58
C VAL A 41 8.69 -10.59 0.59
N CYS A 42 8.19 -10.51 1.82
CA CYS A 42 8.93 -10.69 3.06
C CYS A 42 8.42 -11.89 3.86
N CYS A 43 7.10 -12.06 4.01
CA CYS A 43 6.43 -13.28 4.39
C CYS A 43 6.10 -14.08 3.13
N ASP A 44 4.84 -14.08 2.72
CA ASP A 44 4.29 -14.83 1.58
C ASP A 44 2.99 -14.25 1.00
N SER A 45 2.02 -13.98 1.87
CA SER A 45 0.60 -14.04 1.54
C SER A 45 -0.06 -12.78 0.95
N PRO A 46 -1.16 -12.93 0.18
CA PRO A 46 -2.06 -11.83 -0.13
C PRO A 46 -2.79 -11.36 1.13
N LEU A 47 -2.85 -10.03 1.28
CA LEU A 47 -3.29 -9.39 2.53
C LEU A 47 -4.18 -8.15 2.33
N PHE A 48 -4.10 -7.51 1.16
CA PHE A 48 -4.88 -6.30 0.87
C PHE A 48 -5.30 -6.26 -0.60
N SER A 49 -6.60 -6.22 -0.90
CA SER A 49 -7.05 -6.01 -2.27
C SER A 49 -7.14 -4.53 -2.64
N SER A 50 -6.63 -4.23 -3.83
CA SER A 50 -6.55 -2.90 -4.46
C SER A 50 -7.92 -2.32 -4.77
N GLU A 51 -8.97 -3.11 -4.56
CA GLU A 51 -10.36 -2.68 -4.61
C GLU A 51 -10.67 -1.55 -3.62
N LYS A 52 -9.88 -1.44 -2.55
CA LYS A 52 -9.92 -0.33 -1.59
C LYS A 52 -9.13 0.91 -2.02
N LYS A 53 -8.45 0.88 -3.18
CA LYS A 53 -7.62 1.99 -3.68
C LYS A 53 -8.49 3.08 -4.33
N TYR A 54 -8.38 4.30 -3.82
CA TYR A 54 -8.98 5.49 -4.46
C TYR A 54 -8.15 5.95 -5.68
N CYS A 55 -8.18 5.16 -6.74
CA CYS A 55 -7.41 5.40 -7.96
C CYS A 55 -8.11 6.35 -8.96
N SER A 56 -9.36 6.74 -8.66
CA SER A 56 -10.27 7.56 -9.47
C SER A 56 -9.88 9.06 -9.55
N GLY A 57 -8.60 9.34 -9.79
CA GLY A 57 -8.08 10.69 -10.02
C GLY A 57 -6.56 10.77 -10.00
N THR A 58 -5.93 10.46 -8.86
CA THR A 58 -4.55 10.85 -8.57
C THR A 58 -3.55 9.69 -8.76
N GLY A 59 -4.07 8.47 -8.96
CA GLY A 59 -3.26 7.24 -9.04
C GLY A 59 -2.53 6.89 -7.72
N TRP A 60 -2.87 7.58 -6.63
CA TRP A 60 -1.99 7.72 -5.46
C TRP A 60 -1.97 6.48 -4.51
N PRO A 61 -0.85 6.15 -3.83
CA PRO A 61 -0.77 4.98 -2.96
C PRO A 61 -1.42 5.16 -1.57
N SER A 62 -2.69 4.81 -1.59
CA SER A 62 -3.65 4.90 -0.49
C SER A 62 -4.71 3.79 -0.59
N PHE A 63 -5.43 3.56 0.51
CA PHE A 63 -6.49 2.58 0.66
C PHE A 63 -7.43 3.04 1.77
N SER A 64 -8.71 2.75 1.60
CA SER A 64 -9.72 2.85 2.67
C SER A 64 -9.59 1.73 3.71
N GLU A 65 -9.19 0.52 3.29
CA GLU A 65 -8.97 -0.64 4.16
C GLU A 65 -7.95 -1.61 3.54
N ALA A 66 -7.43 -2.54 4.35
CA ALA A 66 -7.02 -3.85 3.85
C ALA A 66 -8.27 -4.76 3.74
N TYR A 67 -8.92 -4.80 2.57
CA TYR A 67 -9.90 -5.85 2.26
C TYR A 67 -9.17 -7.20 2.32
N GLY A 68 -9.76 -8.15 3.05
CA GLY A 68 -9.13 -9.40 3.47
C GLY A 68 -9.63 -9.85 4.85
N SER A 69 -10.02 -8.91 5.72
CA SER A 69 -10.61 -9.18 7.04
C SER A 69 -11.85 -8.35 7.36
N LYS A 70 -12.77 -8.96 8.11
CA LYS A 70 -13.99 -8.35 8.66
C LYS A 70 -14.35 -9.00 9.99
N GLY A 71 -14.22 -8.24 11.09
CA GLY A 71 -14.73 -8.56 12.44
C GLY A 71 -14.24 -9.89 13.03
N SER A 72 -14.89 -10.96 12.60
CA SER A 72 -14.44 -12.35 12.73
C SER A 72 -12.98 -12.54 12.35
N ASP A 73 -12.49 -11.79 11.36
CA ASP A 73 -11.18 -12.03 10.74
C ASP A 73 -10.09 -11.02 11.10
N GLU A 74 -10.35 -10.14 12.07
CA GLU A 74 -9.40 -9.10 12.54
C GLU A 74 -8.05 -9.71 12.94
N SER A 75 -8.09 -10.87 13.61
CA SER A 75 -6.91 -11.61 14.08
C SER A 75 -6.49 -12.72 13.10
N HIS A 76 -7.34 -13.05 12.12
CA HIS A 76 -6.98 -13.97 11.01
C HIS A 76 -5.89 -13.38 10.11
N THR A 77 -5.84 -12.05 10.09
CA THR A 77 -4.89 -11.22 9.32
C THR A 77 -3.43 -11.64 9.46
N GLY A 78 -3.01 -11.88 10.69
CA GLY A 78 -1.59 -11.89 11.05
C GLY A 78 -0.99 -10.48 11.06
N ILE A 79 -1.81 -9.44 11.25
CA ILE A 79 -1.34 -8.06 11.39
C ILE A 79 -1.70 -7.46 12.74
N LEU A 80 -0.93 -6.43 13.11
CA LEU A 80 -0.93 -5.71 14.37
C LEU A 80 -1.03 -4.20 14.10
N ARG A 81 -1.08 -3.39 15.15
CA ARG A 81 -1.19 -1.93 15.05
C ARG A 81 -0.26 -1.20 16.01
N ARG A 82 0.07 0.04 15.64
CA ARG A 82 0.87 0.99 16.41
C ARG A 82 0.22 2.36 16.35
N LEU A 83 -0.40 2.76 17.45
CA LEU A 83 -0.95 4.11 17.61
C LEU A 83 0.08 5.05 18.24
N ASP A 84 -0.10 6.33 17.96
CA ASP A 84 0.58 7.42 18.64
C ASP A 84 -0.41 8.59 18.77
N THR A 85 -0.79 8.92 19.99
CA THR A 85 -1.57 10.13 20.29
C THR A 85 -0.91 10.92 21.42
N SER A 86 0.43 10.93 21.40
CA SER A 86 1.31 11.40 22.50
C SER A 86 2.10 12.65 22.16
N LEU A 87 2.20 12.92 20.86
CA LEU A 87 2.85 14.06 20.23
C LEU A 87 1.86 15.22 19.96
N GLY A 88 0.76 15.22 20.72
CA GLY A 88 -0.32 16.22 20.70
C GLY A 88 -1.37 16.02 19.61
N CYS A 89 -1.10 15.13 18.66
CA CYS A 89 -1.98 14.81 17.53
C CYS A 89 -2.16 13.28 17.43
N PRO A 90 -3.41 12.76 17.32
CA PRO A 90 -3.65 11.34 17.18
C PRO A 90 -3.31 10.84 15.77
N ARG A 91 -2.50 9.79 15.72
CA ARG A 91 -2.05 9.06 14.53
C ARG A 91 -2.18 7.54 14.78
N MET A 92 -2.29 6.80 13.69
CA MET A 92 -2.58 5.37 13.66
C MET A 92 -1.75 4.70 12.56
N GLU A 93 -1.07 3.62 12.87
CA GLU A 93 -0.25 2.82 11.94
C GLU A 93 -0.56 1.32 12.11
N VAL A 94 -0.35 0.53 11.05
CA VAL A 94 -0.50 -0.93 11.07
C VAL A 94 0.82 -1.61 10.68
N VAL A 95 1.06 -2.76 11.29
CA VAL A 95 2.26 -3.58 11.04
C VAL A 95 1.90 -5.02 10.68
N CYS A 96 2.60 -5.59 9.71
CA CYS A 96 2.52 -6.94 9.27
C CYS A 96 3.33 -7.74 10.28
N LYS A 97 2.65 -8.51 11.10
CA LYS A 97 3.26 -9.52 12.00
C LYS A 97 3.62 -10.83 11.28
N GLN A 98 3.22 -10.97 10.04
CA GLN A 98 3.65 -12.04 9.15
C GLN A 98 5.16 -11.99 8.87
N CYS A 99 5.70 -10.79 8.69
CA CYS A 99 7.11 -10.52 8.39
C CYS A 99 7.79 -9.38 9.19
N GLU A 100 7.04 -8.65 9.99
CA GLU A 100 7.46 -7.52 10.84
C GLU A 100 7.81 -6.24 10.05
N ALA A 101 6.86 -5.81 9.20
CA ALA A 101 6.95 -4.64 8.34
C ALA A 101 5.79 -3.65 8.52
N HIS A 102 6.09 -2.36 8.62
CA HIS A 102 5.13 -1.26 8.76
C HIS A 102 4.48 -0.88 7.41
N LEU A 103 3.53 -1.70 6.95
CA LEU A 103 2.91 -1.61 5.61
C LEU A 103 1.93 -0.45 5.38
N GLY A 104 1.75 0.42 6.37
CA GLY A 104 1.19 1.75 6.18
C GLY A 104 0.42 2.32 7.36
N HIS A 105 0.06 3.59 7.21
CA HIS A 105 -0.56 4.38 8.27
C HIS A 105 -1.72 5.25 7.79
N VAL A 106 -2.53 5.63 8.77
CA VAL A 106 -3.76 6.42 8.63
C VAL A 106 -3.71 7.64 9.52
N PHE A 107 -3.89 8.80 8.87
CA PHE A 107 -3.79 10.11 9.50
C PHE A 107 -5.06 10.96 9.29
N PRO A 108 -5.41 11.85 10.23
CA PRO A 108 -6.55 12.74 10.10
C PRO A 108 -6.29 13.87 9.10
N ASP A 109 -7.38 14.37 8.50
CA ASP A 109 -7.41 15.39 7.45
C ASP A 109 -7.77 16.81 7.94
N GLY A 110 -8.03 16.95 9.24
CA GLY A 110 -8.43 18.19 9.90
C GLY A 110 -9.64 18.07 10.85
N PRO A 111 -10.84 17.70 10.35
CA PRO A 111 -12.08 17.60 11.14
C PRO A 111 -12.12 16.37 12.06
N LYS A 112 -13.32 15.93 12.47
CA LYS A 112 -13.57 14.66 13.15
C LYS A 112 -13.06 13.46 12.35
N PRO A 113 -12.66 12.35 13.01
CA PRO A 113 -11.94 11.22 12.40
C PRO A 113 -12.78 10.43 11.38
N THR A 114 -14.01 10.85 11.10
CA THR A 114 -14.77 10.35 9.94
C THR A 114 -14.08 10.63 8.60
N GLY A 115 -13.21 11.64 8.52
CA GLY A 115 -12.41 11.97 7.33
C GLY A 115 -11.05 11.25 7.19
N GLN A 116 -10.69 10.38 8.14
CA GLN A 116 -9.42 9.63 8.13
C GLN A 116 -9.26 8.73 6.90
N ARG A 117 -8.00 8.59 6.43
CA ARG A 117 -7.60 7.79 5.28
C ARG A 117 -6.16 7.32 5.42
N PHE A 118 -5.84 6.15 4.85
CA PHE A 118 -4.47 5.65 4.83
C PHE A 118 -3.66 6.27 3.69
N CYS A 119 -2.38 6.49 3.97
CA CYS A 119 -1.30 6.84 3.05
C CYS A 119 -0.12 5.89 3.30
N ILE A 120 0.50 5.35 2.25
CA ILE A 120 1.72 4.53 2.38
C ILE A 120 2.84 5.01 1.47
N ASN A 121 4.02 5.27 2.05
CA ASN A 121 5.23 5.71 1.33
C ASN A 121 6.45 4.78 1.44
N SER A 122 6.31 3.63 2.11
CA SER A 122 7.34 2.60 2.30
C SER A 122 6.79 1.18 2.03
N VAL A 123 5.95 1.02 1.00
CA VAL A 123 5.05 -0.15 0.79
C VAL A 123 5.75 -1.52 0.89
N ALA A 124 6.96 -1.63 0.35
CA ALA A 124 7.92 -2.74 0.47
C ALA A 124 7.57 -4.06 -0.21
N LEU A 125 6.33 -4.18 -0.67
CA LEU A 125 5.68 -5.43 -1.11
C LEU A 125 5.07 -5.35 -2.53
N LYS A 126 4.52 -6.48 -2.99
CA LYS A 126 4.16 -6.78 -4.40
C LYS A 126 2.65 -6.92 -4.65
N PHE A 127 2.26 -7.16 -5.90
CA PHE A 127 0.87 -7.11 -6.36
C PHE A 127 0.60 -7.93 -7.63
N LYS A 128 -0.67 -8.27 -7.88
CA LYS A 128 -1.22 -8.69 -9.19
C LYS A 128 -2.46 -7.84 -9.56
N PRO A 129 -2.78 -7.64 -10.85
CA PRO A 129 -4.12 -7.24 -11.24
C PRO A 129 -5.11 -8.41 -11.13
N SER A 130 -6.41 -8.08 -11.22
CA SER A 130 -7.53 -9.02 -11.13
C SER A 130 -7.93 -9.60 -12.49
N LYS A 131 -8.03 -8.71 -13.48
CA LYS A 131 -8.34 -8.98 -14.89
C LYS A 131 -7.27 -9.82 -15.61
N PRO A 132 -7.62 -10.46 -16.74
CA PRO A 132 -6.67 -11.08 -17.67
C PRO A 132 -5.72 -10.06 -18.33
N ALA A 133 -4.87 -10.56 -19.23
CA ALA A 133 -3.87 -9.79 -19.98
C ALA A 133 -2.87 -9.05 -19.06
N ALA A 134 -2.49 -9.72 -17.96
CA ALA A 134 -1.64 -9.23 -16.89
C ALA A 134 -0.14 -9.31 -17.21
N ALA A 135 0.19 -10.08 -18.25
CA ALA A 135 1.53 -10.11 -18.87
C ALA A 135 1.69 -8.96 -19.89
N LEU A 136 2.84 -8.90 -20.57
CA LEU A 136 3.17 -7.89 -21.59
C LEU A 136 3.33 -6.50 -20.97
N GLU A 137 4.11 -6.45 -19.88
CA GLU A 137 4.56 -5.21 -19.23
C GLU A 137 5.55 -4.40 -20.10
N HIS A 138 6.30 -5.08 -20.98
CA HIS A 138 7.06 -4.46 -22.07
C HIS A 138 6.20 -4.35 -23.34
N HIS A 139 6.73 -3.67 -24.37
CA HIS A 139 6.03 -3.53 -25.65
C HIS A 139 5.80 -4.87 -26.40
N HIS A 140 4.87 -4.83 -27.35
CA HIS A 140 4.63 -5.82 -28.40
C HIS A 140 5.71 -5.68 -29.51
N HIS A 141 5.41 -5.94 -30.78
CA HIS A 141 6.31 -5.66 -31.93
C HIS A 141 7.70 -6.34 -31.86
N HIS A 142 7.81 -7.51 -31.22
CA HIS A 142 9.07 -8.28 -31.11
C HIS A 142 9.42 -9.08 -32.40
N HIS A 143 9.48 -8.36 -33.52
CA HIS A 143 9.75 -8.85 -34.89
C HIS A 143 10.69 -7.89 -35.63
ZN ZN B . 4.12 -9.31 5.16
N MET A 1 29.16 7.59 -11.31
CA MET A 1 29.73 7.31 -9.96
C MET A 1 30.06 5.83 -9.84
N ALA A 2 29.07 4.98 -9.51
CA ALA A 2 29.22 3.52 -9.51
C ALA A 2 27.97 2.87 -10.14
N ASP A 3 26.87 2.73 -9.40
CA ASP A 3 25.65 2.09 -9.88
C ASP A 3 24.94 2.85 -11.02
N TRP A 4 24.20 2.08 -11.81
CA TRP A 4 23.23 2.57 -12.82
C TRP A 4 21.79 2.17 -12.45
N GLN A 5 21.64 1.03 -11.79
CA GLN A 5 20.39 0.35 -11.45
C GLN A 5 19.49 1.25 -10.60
N LYS A 6 19.98 1.53 -9.41
CA LYS A 6 19.31 2.37 -8.39
C LYS A 6 19.21 3.84 -8.79
N LYS A 7 20.11 4.28 -9.66
CA LYS A 7 20.11 5.58 -10.30
C LYS A 7 18.94 5.78 -11.25
N LEU A 8 18.60 4.72 -11.99
CA LEU A 8 17.48 4.73 -12.95
C LEU A 8 16.16 4.20 -12.37
N THR A 9 16.22 3.36 -11.33
CA THR A 9 15.06 2.90 -10.55
C THR A 9 15.39 2.85 -9.04
N PRO A 10 15.26 3.98 -8.32
CA PRO A 10 15.57 4.06 -6.89
C PRO A 10 14.47 3.45 -6.01
N GLU A 11 14.82 3.14 -4.76
CA GLU A 11 13.89 2.56 -3.79
C GLU A 11 13.52 3.59 -2.73
N GLN A 12 14.45 3.92 -1.83
CA GLN A 12 14.23 4.94 -0.80
C GLN A 12 13.98 6.32 -1.43
N PHE A 13 14.58 6.59 -2.59
CA PHE A 13 14.34 7.82 -3.39
C PHE A 13 13.06 7.77 -4.24
N TYR A 14 12.49 6.59 -4.52
CA TYR A 14 11.10 6.48 -5.05
C TYR A 14 10.08 6.67 -3.92
N VAL A 15 10.22 5.88 -2.87
CA VAL A 15 9.35 5.92 -1.68
C VAL A 15 9.19 7.33 -1.12
N THR A 16 10.29 8.06 -0.89
CA THR A 16 10.27 9.45 -0.37
C THR A 16 9.58 10.43 -1.32
N ARG A 17 9.58 10.12 -2.62
CA ARG A 17 8.91 10.88 -3.69
C ARG A 17 7.38 10.84 -3.60
N GLU A 18 6.82 9.90 -2.84
CA GLU A 18 5.38 9.84 -2.48
C GLU A 18 5.13 9.83 -0.95
N LYS A 19 6.18 9.71 -0.13
CA LYS A 19 6.18 9.72 1.36
C LYS A 19 5.85 11.10 1.96
N GLY A 20 4.60 11.46 1.81
CA GLY A 20 4.00 12.69 2.37
C GLY A 20 4.16 13.93 1.49
N THR A 21 4.59 13.73 0.24
CA THR A 21 4.46 14.62 -0.88
C THR A 21 3.72 13.85 -1.98
N GLU A 22 3.18 14.55 -2.96
CA GLU A 22 2.62 13.96 -4.19
C GLU A 22 3.52 14.27 -5.38
N ALA A 23 3.55 13.38 -6.37
CA ALA A 23 4.44 13.47 -7.53
C ALA A 23 3.81 12.91 -8.82
N PRO A 24 4.27 13.32 -10.02
CA PRO A 24 3.67 12.90 -11.28
C PRO A 24 4.09 11.49 -11.71
N PHE A 25 3.36 10.56 -11.12
CA PHE A 25 3.43 9.11 -11.32
C PHE A 25 2.15 8.51 -11.90
N SER A 26 0.99 9.15 -11.75
CA SER A 26 -0.21 8.86 -12.57
C SER A 26 -0.67 7.40 -12.60
N GLY A 27 -0.26 6.56 -11.64
CA GLY A 27 -0.43 5.11 -11.68
C GLY A 27 -1.84 4.60 -12.01
N MET A 28 -2.87 5.18 -11.39
CA MET A 28 -4.29 4.86 -11.67
C MET A 28 -4.79 5.29 -13.06
N TYR A 29 -3.96 6.06 -13.73
CA TYR A 29 -4.09 6.56 -15.11
C TYR A 29 -3.17 5.81 -16.09
N LEU A 30 -2.29 4.93 -15.60
CA LEU A 30 -1.30 4.19 -16.37
C LEU A 30 -1.59 2.67 -16.40
N ASN A 31 -2.45 2.17 -15.53
CA ASN A 31 -2.70 0.72 -15.38
C ASN A 31 -3.93 0.20 -16.15
N ASN A 32 -4.40 0.95 -17.16
CA ASN A 32 -5.81 0.93 -17.56
C ASN A 32 -6.72 1.15 -16.33
N LYS A 33 -7.94 0.61 -16.26
CA LYS A 33 -8.88 0.86 -15.14
C LYS A 33 -9.24 -0.37 -14.29
N GLU A 34 -8.49 -1.42 -14.54
CA GLU A 34 -8.60 -2.76 -13.96
C GLU A 34 -8.40 -2.83 -12.43
N THR A 35 -8.43 -4.05 -11.90
CA THR A 35 -8.61 -4.35 -10.47
C THR A 35 -7.48 -5.27 -10.00
N GLY A 36 -7.14 -5.23 -8.71
CA GLY A 36 -6.03 -6.04 -8.20
C GLY A 36 -5.83 -6.01 -6.69
N MET A 37 -4.67 -6.49 -6.21
CA MET A 37 -4.31 -6.52 -4.78
C MET A 37 -2.79 -6.53 -4.54
N TYR A 38 -2.45 -6.17 -3.31
CA TYR A 38 -1.12 -6.02 -2.73
C TYR A 38 -0.84 -7.10 -1.70
N HIS A 39 0.41 -7.53 -1.68
CA HIS A 39 1.03 -8.42 -0.71
C HIS A 39 2.42 -7.89 -0.33
N CYS A 40 2.99 -8.40 0.76
CA CYS A 40 4.35 -8.18 1.15
C CYS A 40 5.34 -8.67 0.06
N VAL A 41 6.55 -8.12 0.11
CA VAL A 41 7.78 -8.75 -0.43
C VAL A 41 8.53 -9.60 0.61
N CYS A 42 7.89 -9.87 1.75
CA CYS A 42 8.55 -10.35 2.98
C CYS A 42 8.04 -11.71 3.51
N CYS A 43 6.74 -11.99 3.53
CA CYS A 43 6.15 -13.21 4.08
C CYS A 43 5.69 -14.23 3.02
N ASP A 44 4.42 -14.14 2.63
CA ASP A 44 3.69 -15.08 1.76
C ASP A 44 2.42 -14.47 1.13
N SER A 45 1.56 -13.84 1.94
CA SER A 45 0.14 -13.61 1.66
C SER A 45 -0.29 -12.14 1.44
N PRO A 46 -1.41 -11.91 0.73
CA PRO A 46 -1.96 -10.57 0.50
C PRO A 46 -2.79 -10.05 1.68
N LEU A 47 -2.83 -8.73 1.81
CA LEU A 47 -3.50 -8.02 2.90
C LEU A 47 -4.40 -6.86 2.42
N PHE A 48 -4.10 -6.26 1.27
CA PHE A 48 -4.83 -5.07 0.79
C PHE A 48 -5.27 -5.22 -0.66
N SER A 49 -6.57 -5.12 -0.94
CA SER A 49 -7.11 -5.13 -2.29
C SER A 49 -7.06 -3.72 -2.87
N SER A 50 -6.52 -3.60 -4.09
CA SER A 50 -6.48 -2.37 -4.88
C SER A 50 -7.88 -1.89 -5.28
N GLU A 51 -8.86 -2.73 -5.04
CA GLU A 51 -10.26 -2.39 -5.09
C GLU A 51 -10.67 -1.26 -4.14
N LYS A 52 -9.99 -1.21 -2.99
CA LYS A 52 -10.06 -0.13 -2.01
C LYS A 52 -9.14 1.05 -2.35
N LYS A 53 -8.41 1.04 -3.46
CA LYS A 53 -7.34 2.04 -3.73
C LYS A 53 -7.97 3.44 -3.88
N TYR A 54 -7.61 4.36 -2.99
CA TYR A 54 -8.34 5.61 -2.79
C TYR A 54 -8.28 6.57 -4.00
N CYS A 55 -9.43 7.13 -4.35
CA CYS A 55 -9.61 8.13 -5.41
C CYS A 55 -8.76 9.41 -5.21
N SER A 56 -8.62 10.19 -6.29
CA SER A 56 -7.85 11.45 -6.43
C SER A 56 -6.35 11.43 -6.08
N GLY A 57 -5.81 10.35 -5.54
CA GLY A 57 -4.35 10.09 -5.46
C GLY A 57 -3.85 9.42 -6.75
N THR A 58 -3.05 10.13 -7.55
CA THR A 58 -2.78 9.80 -8.96
C THR A 58 -1.90 8.55 -9.15
N GLY A 59 -0.65 8.61 -8.67
CA GLY A 59 0.12 7.44 -8.25
C GLY A 59 -0.18 7.03 -6.80
N TRP A 60 -0.67 7.98 -6.01
CA TRP A 60 -0.54 8.00 -4.55
C TRP A 60 -1.15 6.76 -3.85
N PRO A 61 -0.33 5.87 -3.26
CA PRO A 61 -0.76 4.56 -2.79
C PRO A 61 -1.50 4.66 -1.44
N SER A 62 -2.79 4.32 -1.47
CA SER A 62 -3.76 4.63 -0.42
C SER A 62 -4.97 3.69 -0.50
N PHE A 63 -5.67 3.43 0.60
CA PHE A 63 -6.78 2.48 0.72
C PHE A 63 -7.89 3.11 1.58
N SER A 64 -9.10 2.72 1.25
CA SER A 64 -10.33 2.98 2.02
C SER A 64 -10.57 1.96 3.14
N GLU A 65 -10.04 0.74 3.02
CA GLU A 65 -10.14 -0.32 4.04
C GLU A 65 -8.98 -1.32 3.93
N ALA A 66 -8.78 -2.09 5.01
CA ALA A 66 -7.98 -3.32 5.02
C ALA A 66 -8.81 -4.51 4.51
N TYR A 67 -9.42 -4.35 3.33
CA TYR A 67 -10.42 -5.30 2.82
C TYR A 67 -9.76 -6.59 2.33
N GLY A 68 -10.06 -7.65 3.08
CA GLY A 68 -9.25 -8.85 3.27
C GLY A 68 -9.45 -9.33 4.72
N SER A 69 -9.47 -8.38 5.66
CA SER A 69 -10.11 -8.48 6.97
C SER A 69 -11.56 -7.98 6.96
N LYS A 70 -12.32 -8.39 7.98
CA LYS A 70 -13.66 -7.91 8.35
C LYS A 70 -14.00 -8.18 9.82
N GLY A 71 -13.98 -7.12 10.64
CA GLY A 71 -14.62 -6.98 11.96
C GLY A 71 -14.18 -7.98 13.03
N SER A 72 -14.65 -9.20 12.86
CA SER A 72 -14.24 -10.39 13.62
C SER A 72 -12.79 -10.78 13.32
N ASP A 73 -12.28 -10.39 12.13
CA ASP A 73 -11.04 -10.95 11.57
C ASP A 73 -9.73 -10.53 12.26
N GLU A 74 -9.81 -9.75 13.33
CA GLU A 74 -8.71 -9.01 13.97
C GLU A 74 -7.83 -9.86 14.90
N SER A 75 -8.10 -11.17 14.96
CA SER A 75 -7.17 -12.20 15.46
C SER A 75 -6.59 -13.02 14.30
N HIS A 76 -7.19 -12.95 13.11
CA HIS A 76 -6.92 -13.87 11.99
C HIS A 76 -5.98 -13.31 10.92
N THR A 77 -6.05 -12.01 10.67
CA THR A 77 -5.40 -11.38 9.51
C THR A 77 -3.87 -11.45 9.53
N GLY A 78 -3.27 -11.70 10.70
CA GLY A 78 -1.82 -11.65 10.87
C GLY A 78 -1.26 -10.23 10.80
N ILE A 79 -2.12 -9.21 10.91
CA ILE A 79 -1.74 -7.79 11.00
C ILE A 79 -1.51 -7.34 12.45
N LEU A 80 -0.91 -6.16 12.61
CA LEU A 80 -0.78 -5.42 13.86
C LEU A 80 -0.87 -3.91 13.61
N ARG A 81 -0.89 -3.13 14.68
CA ARG A 81 -0.94 -1.68 14.65
C ARG A 81 -0.46 -1.03 15.93
N ARG A 82 -0.16 0.27 15.84
CA ARG A 82 0.26 1.15 16.93
C ARG A 82 -0.21 2.58 16.62
N LEU A 83 -1.05 3.11 17.50
CA LEU A 83 -1.37 4.53 17.54
C LEU A 83 -0.22 5.33 18.14
N ASP A 84 -0.05 6.56 17.66
CA ASP A 84 1.02 7.48 18.06
C ASP A 84 0.46 8.86 18.45
N THR A 85 -0.52 8.85 19.34
CA THR A 85 -1.27 10.00 19.83
C THR A 85 -0.47 10.76 20.90
N SER A 86 0.80 11.03 20.59
CA SER A 86 1.78 11.65 21.50
C SER A 86 2.67 12.73 20.88
N LEU A 87 2.49 12.98 19.58
CA LEU A 87 3.17 14.05 18.83
C LEU A 87 2.40 15.38 18.85
N GLY A 88 1.36 15.47 19.70
CA GLY A 88 0.33 16.51 19.68
C GLY A 88 -0.66 16.40 18.52
N CYS A 89 -0.37 15.50 17.57
CA CYS A 89 -1.13 15.26 16.35
C CYS A 89 -1.43 13.75 16.27
N PRO A 90 -2.68 13.30 16.43
CA PRO A 90 -3.01 11.89 16.50
C PRO A 90 -2.88 11.18 15.15
N ARG A 91 -2.10 10.10 15.15
CA ARG A 91 -1.90 9.17 14.03
C ARG A 91 -2.27 7.75 14.46
N MET A 92 -2.70 6.94 13.51
CA MET A 92 -2.83 5.50 13.59
C MET A 92 -1.79 4.93 12.61
N GLU A 93 -0.93 4.02 13.03
CA GLU A 93 -0.02 3.33 12.09
C GLU A 93 -0.17 1.81 12.17
N VAL A 94 -0.02 1.13 11.03
CA VAL A 94 -0.57 -0.21 10.80
C VAL A 94 0.33 -1.07 9.92
N VAL A 95 0.48 -2.35 10.26
CA VAL A 95 1.52 -3.25 9.72
C VAL A 95 1.02 -4.68 9.68
N CYS A 96 1.85 -5.53 9.09
CA CYS A 96 1.78 -6.94 9.10
C CYS A 96 2.69 -7.41 10.25
N LYS A 97 2.29 -8.54 10.77
CA LYS A 97 2.99 -9.41 11.72
C LYS A 97 3.45 -10.73 11.08
N GLN A 98 2.89 -11.14 9.95
CA GLN A 98 3.34 -12.28 9.16
C GLN A 98 4.76 -12.09 8.65
N CYS A 99 5.03 -10.90 8.13
CA CYS A 99 6.30 -10.40 7.66
C CYS A 99 7.02 -9.58 8.74
N GLU A 100 6.26 -8.93 9.62
CA GLU A 100 6.67 -7.73 10.34
C GLU A 100 6.83 -6.54 9.38
N ALA A 101 6.10 -5.48 9.72
CA ALA A 101 6.18 -4.14 9.15
C ALA A 101 5.63 -4.01 7.72
N HIS A 102 4.31 -3.81 7.60
CA HIS A 102 3.68 -3.42 6.34
C HIS A 102 3.87 -1.95 5.90
N LEU A 103 4.34 -1.14 6.85
CA LEU A 103 4.49 0.33 6.78
C LEU A 103 3.33 1.02 6.04
N GLY A 104 2.16 0.66 6.54
CA GLY A 104 0.91 1.36 6.34
C GLY A 104 0.67 2.32 7.50
N HIS A 105 -0.13 3.32 7.21
CA HIS A 105 -0.50 4.35 8.15
C HIS A 105 -1.91 4.83 7.85
N VAL A 106 -2.59 5.40 8.84
CA VAL A 106 -3.99 5.82 8.74
C VAL A 106 -4.18 7.16 9.45
N PHE A 107 -4.74 8.12 8.73
CA PHE A 107 -4.95 9.49 9.21
C PHE A 107 -6.37 10.00 8.89
N PRO A 108 -6.95 10.92 9.68
CA PRO A 108 -8.07 11.74 9.24
C PRO A 108 -7.59 12.90 8.36
N ASP A 109 -8.32 13.23 7.29
CA ASP A 109 -7.98 14.42 6.47
C ASP A 109 -8.57 15.74 6.99
N GLY A 110 -9.38 15.63 8.02
CA GLY A 110 -10.35 16.62 8.50
C GLY A 110 -11.51 16.03 9.33
N PRO A 111 -12.18 14.93 8.90
CA PRO A 111 -13.32 14.38 9.63
C PRO A 111 -12.93 13.55 10.87
N LYS A 112 -13.95 13.04 11.58
CA LYS A 112 -13.83 12.06 12.68
C LYS A 112 -13.11 10.77 12.25
N PRO A 113 -12.59 9.93 13.17
CA PRO A 113 -11.88 8.68 12.84
C PRO A 113 -12.66 7.65 11.99
N THR A 114 -13.92 7.94 11.67
CA THR A 114 -14.77 7.20 10.70
C THR A 114 -14.53 7.56 9.23
N GLY A 115 -13.95 8.76 8.98
CA GLY A 115 -13.65 9.35 7.67
C GLY A 115 -12.22 9.20 7.19
N GLN A 116 -11.47 8.29 7.80
CA GLN A 116 -10.02 8.19 7.65
C GLN A 116 -9.56 7.68 6.28
N ARG A 117 -8.30 7.97 5.96
CA ARG A 117 -7.60 7.59 4.74
C ARG A 117 -6.42 6.73 5.15
N PHE A 118 -6.27 5.57 4.54
CA PHE A 118 -5.08 4.74 4.67
C PHE A 118 -4.03 5.24 3.67
N CYS A 119 -2.82 5.46 4.14
CA CYS A 119 -1.63 5.85 3.37
C CYS A 119 -0.60 4.73 3.46
N ILE A 120 -0.03 4.23 2.36
CA ILE A 120 1.04 3.22 2.37
C ILE A 120 2.27 3.76 1.62
N ASN A 121 3.38 3.01 1.61
CA ASN A 121 4.59 3.40 0.90
C ASN A 121 5.26 2.19 0.21
N SER A 122 5.77 2.39 -1.01
CA SER A 122 6.18 1.32 -1.94
C SER A 122 7.51 0.60 -1.64
N VAL A 123 7.91 0.52 -0.36
CA VAL A 123 9.27 0.10 0.05
C VAL A 123 9.52 -1.41 0.03
N ALA A 124 8.47 -2.19 0.28
CA ALA A 124 8.56 -3.61 0.60
C ALA A 124 7.32 -4.44 0.18
N LEU A 125 6.77 -4.19 -1.01
CA LEU A 125 5.49 -4.75 -1.46
C LEU A 125 5.55 -5.33 -2.88
N LYS A 126 4.67 -6.30 -3.14
CA LYS A 126 4.32 -6.80 -4.49
C LYS A 126 2.82 -6.61 -4.77
N PHE A 127 2.45 -6.50 -6.04
CA PHE A 127 1.08 -6.19 -6.46
C PHE A 127 0.73 -6.78 -7.83
N LYS A 128 -0.41 -7.49 -7.94
CA LYS A 128 -0.88 -8.20 -9.14
C LYS A 128 -2.42 -8.08 -9.31
N PRO A 129 -2.98 -8.30 -10.52
CA PRO A 129 -4.40 -8.06 -10.79
C PRO A 129 -5.34 -9.13 -10.19
N SER A 130 -6.62 -8.76 -10.14
CA SER A 130 -7.76 -9.54 -9.61
C SER A 130 -8.55 -10.12 -10.77
N LYS A 131 -9.16 -9.21 -11.51
CA LYS A 131 -9.85 -9.35 -12.76
C LYS A 131 -8.88 -9.56 -13.95
N PRO A 132 -9.40 -9.72 -15.18
CA PRO A 132 -8.62 -9.70 -16.41
C PRO A 132 -8.81 -8.44 -17.24
N ALA A 133 -8.12 -8.45 -18.38
CA ALA A 133 -8.23 -7.50 -19.50
C ALA A 133 -7.56 -6.13 -19.30
N ALA A 134 -6.59 -6.01 -18.38
CA ALA A 134 -5.70 -4.86 -18.28
C ALA A 134 -4.80 -4.71 -19.51
N ALA A 135 -4.45 -5.85 -20.10
CA ALA A 135 -3.63 -6.03 -21.31
C ALA A 135 -2.19 -5.44 -21.24
N LEU A 136 -1.41 -5.61 -22.33
CA LEU A 136 0.01 -5.29 -22.40
C LEU A 136 0.57 -4.98 -23.80
N GLU A 137 -0.26 -4.39 -24.67
CA GLU A 137 0.08 -4.11 -26.06
C GLU A 137 1.23 -3.10 -26.24
N HIS A 138 1.13 -1.92 -25.63
CA HIS A 138 2.03 -0.80 -25.89
C HIS A 138 2.23 0.12 -24.68
N HIS A 139 3.35 0.84 -24.68
CA HIS A 139 3.76 1.77 -23.63
C HIS A 139 2.86 3.00 -23.53
N HIS A 140 2.91 3.68 -22.38
CA HIS A 140 2.24 4.96 -22.12
C HIS A 140 2.46 5.99 -23.26
N HIS A 141 1.39 6.70 -23.62
CA HIS A 141 1.41 7.64 -24.74
C HIS A 141 1.98 9.02 -24.36
N HIS A 142 2.17 9.90 -25.35
CA HIS A 142 2.39 11.33 -25.13
C HIS A 142 1.18 11.95 -24.39
N HIS A 143 1.44 12.76 -23.36
CA HIS A 143 0.40 13.40 -22.55
C HIS A 143 0.90 14.71 -21.91
ZN ZN B . 2.48 -10.09 5.34
N MET A 1 11.72 -0.28 20.94
CA MET A 1 13.19 -0.45 21.01
C MET A 1 13.63 -0.87 22.41
N ALA A 2 13.99 -2.14 22.59
CA ALA A 2 14.54 -2.69 23.85
C ALA A 2 15.39 -3.97 23.62
N ASP A 3 15.94 -4.09 22.42
CA ASP A 3 16.29 -5.36 21.78
C ASP A 3 17.33 -5.15 20.66
N TRP A 4 17.78 -6.26 20.06
CA TRP A 4 18.75 -6.26 18.97
C TRP A 4 18.06 -6.43 17.62
N GLN A 5 16.97 -7.19 17.57
CA GLN A 5 16.29 -7.59 16.33
C GLN A 5 15.76 -6.36 15.58
N LYS A 6 15.02 -5.50 16.28
CA LYS A 6 14.47 -4.25 15.69
C LYS A 6 15.54 -3.23 15.33
N LYS A 7 16.65 -3.34 16.03
CA LYS A 7 17.85 -2.51 15.93
C LYS A 7 18.72 -2.88 14.72
N LEU A 8 18.75 -4.16 14.36
CA LEU A 8 19.42 -4.68 13.17
C LEU A 8 18.56 -4.64 11.89
N THR A 9 17.23 -4.66 12.00
CA THR A 9 16.32 -4.35 10.88
C THR A 9 15.40 -3.14 11.15
N PRO A 10 15.94 -1.92 11.38
CA PRO A 10 15.11 -0.77 11.73
C PRO A 10 14.43 -0.15 10.53
N GLU A 11 13.13 0.04 10.71
CA GLU A 11 12.19 0.08 9.58
C GLU A 11 12.22 1.44 8.87
N GLN A 12 11.95 2.51 9.62
CA GLN A 12 12.04 3.91 9.20
C GLN A 12 13.47 4.37 8.85
N PHE A 13 14.44 3.53 9.17
CA PHE A 13 15.86 3.64 8.86
C PHE A 13 16.34 2.79 7.66
N TYR A 14 15.52 1.86 7.17
CA TYR A 14 15.82 0.98 6.03
C TYR A 14 14.98 1.28 4.78
N VAL A 15 13.67 1.42 4.93
CA VAL A 15 12.77 1.71 3.79
C VAL A 15 13.10 3.08 3.17
N THR A 16 13.63 4.00 3.97
CA THR A 16 14.23 5.32 3.67
C THR A 16 15.44 5.27 2.74
N ARG A 17 15.90 4.06 2.40
CA ARG A 17 16.82 3.79 1.29
C ARG A 17 16.14 3.97 -0.07
N GLU A 18 14.79 3.98 -0.16
CA GLU A 18 14.10 4.34 -1.42
C GLU A 18 12.64 4.85 -1.30
N LYS A 19 12.00 4.80 -0.11
CA LYS A 19 10.64 5.33 0.24
C LYS A 19 9.78 5.75 -0.95
N GLY A 20 9.09 4.76 -1.49
CA GLY A 20 8.33 4.75 -2.76
C GLY A 20 7.03 5.57 -2.78
N THR A 21 7.06 6.76 -2.20
CA THR A 21 5.95 7.72 -2.16
C THR A 21 5.83 8.52 -3.48
N GLU A 22 4.83 8.17 -4.27
CA GLU A 22 4.42 8.84 -5.51
C GLU A 22 4.11 10.34 -5.32
N ALA A 23 4.26 11.08 -6.41
CA ALA A 23 4.14 12.54 -6.51
C ALA A 23 3.26 12.99 -7.71
N PRO A 24 2.65 14.20 -7.66
CA PRO A 24 1.91 14.81 -8.78
C PRO A 24 2.81 15.15 -9.98
N PHE A 25 2.22 15.67 -11.07
CA PHE A 25 2.90 16.05 -12.35
C PHE A 25 3.53 14.89 -13.15
N SER A 26 3.56 13.71 -12.55
CA SER A 26 3.50 12.33 -13.08
C SER A 26 2.33 12.07 -14.03
N GLY A 27 1.81 13.07 -14.72
CA GLY A 27 0.52 13.06 -15.44
C GLY A 27 0.24 11.93 -16.43
N MET A 28 1.29 11.36 -17.04
CA MET A 28 1.22 10.15 -17.87
C MET A 28 1.07 8.84 -17.07
N TYR A 29 1.51 8.93 -15.83
CA TYR A 29 1.48 7.91 -14.77
C TYR A 29 0.21 8.02 -13.92
N LEU A 30 -0.56 9.11 -14.07
CA LEU A 30 -1.77 9.43 -13.31
C LEU A 30 -2.98 9.01 -14.16
N ASN A 31 -3.09 7.69 -14.36
CA ASN A 31 -3.75 7.05 -15.51
C ASN A 31 -4.69 5.89 -15.10
N ASN A 32 -4.89 4.90 -15.97
CA ASN A 32 -5.47 3.60 -15.60
C ASN A 32 -4.52 2.80 -14.68
N LYS A 33 -4.45 3.18 -13.40
CA LYS A 33 -3.66 2.52 -12.31
C LYS A 33 -4.14 1.12 -11.91
N GLU A 34 -5.01 0.58 -12.75
CA GLU A 34 -5.68 -0.70 -12.72
C GLU A 34 -6.28 -1.09 -11.36
N THR A 35 -6.70 -2.35 -11.27
CA THR A 35 -7.41 -2.92 -10.12
C THR A 35 -6.96 -4.36 -9.89
N GLY A 36 -7.14 -4.84 -8.65
CA GLY A 36 -6.65 -6.14 -8.19
C GLY A 36 -6.51 -6.16 -6.67
N MET A 37 -5.46 -6.82 -6.17
CA MET A 37 -5.09 -6.84 -4.76
C MET A 37 -3.57 -6.85 -4.55
N TYR A 38 -3.18 -6.51 -3.34
CA TYR A 38 -1.83 -6.57 -2.80
C TYR A 38 -1.73 -7.67 -1.76
N HIS A 39 -0.66 -8.46 -1.86
CA HIS A 39 -0.30 -9.52 -0.91
C HIS A 39 1.21 -9.47 -0.60
N CYS A 40 1.63 -10.12 0.47
CA CYS A 40 2.97 -9.99 0.98
C CYS A 40 4.07 -10.60 0.09
N VAL A 41 5.30 -10.31 0.51
CA VAL A 41 6.54 -10.97 0.09
C VAL A 41 7.48 -11.29 1.26
N CYS A 42 7.07 -10.97 2.50
CA CYS A 42 7.85 -11.18 3.71
C CYS A 42 7.20 -12.21 4.65
N CYS A 43 5.88 -12.36 4.59
CA CYS A 43 5.09 -13.35 5.29
C CYS A 43 4.39 -14.32 4.29
N ASP A 44 3.12 -14.07 3.99
CA ASP A 44 2.28 -14.91 3.11
C ASP A 44 1.07 -14.18 2.47
N SER A 45 0.27 -13.49 3.27
CA SER A 45 -1.15 -13.30 2.98
C SER A 45 -1.54 -11.99 2.26
N PRO A 46 -2.73 -11.95 1.61
CA PRO A 46 -3.30 -10.71 1.08
C PRO A 46 -3.59 -9.69 2.18
N LEU A 47 -3.16 -8.46 1.92
CA LEU A 47 -3.06 -7.37 2.91
C LEU A 47 -4.05 -6.24 2.60
N PHE A 48 -4.33 -5.96 1.32
CA PHE A 48 -5.43 -5.07 0.92
C PHE A 48 -5.85 -5.28 -0.54
N SER A 49 -7.08 -4.88 -0.88
CA SER A 49 -7.59 -4.87 -2.24
C SER A 49 -7.41 -3.50 -2.90
N SER A 50 -6.89 -3.52 -4.12
CA SER A 50 -6.77 -2.33 -4.98
C SER A 50 -8.12 -1.81 -5.50
N GLU A 51 -9.17 -2.54 -5.19
CA GLU A 51 -10.58 -2.18 -5.40
C GLU A 51 -11.08 -1.08 -4.45
N LYS A 52 -10.52 -1.00 -3.23
CA LYS A 52 -10.77 0.07 -2.26
C LYS A 52 -9.97 1.37 -2.54
N LYS A 53 -9.19 1.41 -3.62
CA LYS A 53 -8.18 2.43 -3.93
C LYS A 53 -8.76 3.81 -4.29
N TYR A 54 -8.37 4.83 -3.52
CA TYR A 54 -8.97 6.18 -3.59
C TYR A 54 -8.36 7.08 -4.69
N CYS A 55 -8.83 6.84 -5.93
CA CYS A 55 -8.61 7.62 -7.16
C CYS A 55 -7.18 7.62 -7.76
N SER A 56 -7.09 7.44 -9.08
CA SER A 56 -5.82 7.47 -9.83
C SER A 56 -5.35 8.87 -10.25
N GLY A 57 -6.14 9.92 -10.04
CA GLY A 57 -5.78 11.30 -10.39
C GLY A 57 -4.57 11.86 -9.61
N THR A 58 -4.30 11.33 -8.41
CA THR A 58 -3.06 11.53 -7.65
C THR A 58 -2.22 10.24 -7.60
N GLY A 59 -2.78 9.15 -8.13
CA GLY A 59 -2.17 7.81 -8.26
C GLY A 59 -2.08 7.03 -6.94
N TRP A 60 -2.41 7.68 -5.83
CA TRP A 60 -1.62 7.51 -4.60
C TRP A 60 -2.12 6.37 -3.69
N PRO A 61 -1.24 5.50 -3.16
CA PRO A 61 -1.66 4.26 -2.47
C PRO A 61 -2.34 4.50 -1.11
N SER A 62 -3.66 4.35 -1.17
CA SER A 62 -4.62 4.64 -0.11
C SER A 62 -5.91 3.84 -0.37
N PHE A 63 -6.56 3.34 0.67
CA PHE A 63 -7.68 2.40 0.64
C PHE A 63 -8.46 2.58 1.95
N SER A 64 -9.77 2.70 1.83
CA SER A 64 -10.68 2.81 2.98
C SER A 64 -10.79 1.53 3.83
N GLU A 65 -10.51 0.36 3.24
CA GLU A 65 -10.50 -0.92 3.97
C GLU A 65 -9.35 -1.83 3.53
N ALA A 66 -8.78 -2.54 4.50
CA ALA A 66 -7.75 -3.56 4.29
C ALA A 66 -8.36 -4.92 3.90
N TYR A 67 -9.41 -4.91 3.06
CA TYR A 67 -10.17 -6.13 2.75
C TYR A 67 -9.41 -6.98 1.73
N GLY A 68 -9.07 -8.21 2.14
CA GLY A 68 -8.36 -9.20 1.32
C GLY A 68 -7.91 -10.40 2.16
N SER A 69 -7.57 -10.17 3.43
CA SER A 69 -7.20 -11.21 4.39
C SER A 69 -8.44 -11.93 4.89
N LYS A 70 -8.45 -13.27 4.75
CA LYS A 70 -9.64 -14.12 4.81
C LYS A 70 -9.45 -15.38 5.64
N GLY A 71 -10.25 -15.49 6.70
CA GLY A 71 -10.34 -16.68 7.55
C GLY A 71 -9.16 -16.80 8.49
N SER A 72 -8.03 -17.27 7.96
CA SER A 72 -6.76 -17.44 8.70
C SER A 72 -6.30 -16.14 9.39
N ASP A 73 -6.64 -14.98 8.82
CA ASP A 73 -6.27 -13.68 9.39
C ASP A 73 -7.44 -12.95 10.04
N GLU A 74 -8.63 -13.49 9.86
CA GLU A 74 -9.92 -12.92 10.22
C GLU A 74 -10.48 -13.57 11.50
N SER A 75 -9.67 -14.45 12.09
CA SER A 75 -9.89 -14.93 13.46
C SER A 75 -9.60 -13.78 14.42
N HIS A 76 -8.65 -12.92 14.02
CA HIS A 76 -8.15 -11.82 14.82
C HIS A 76 -8.12 -10.50 14.06
N THR A 77 -7.17 -10.38 13.14
CA THR A 77 -6.73 -9.14 12.49
C THR A 77 -5.85 -9.36 11.27
N GLY A 78 -4.86 -10.25 11.40
CA GLY A 78 -3.69 -10.34 10.49
C GLY A 78 -2.65 -9.23 10.70
N ILE A 79 -3.01 -8.21 11.49
CA ILE A 79 -2.27 -6.97 11.71
C ILE A 79 -2.24 -6.57 13.19
N LEU A 80 -1.54 -5.47 13.47
CA LEU A 80 -1.56 -4.72 14.72
C LEU A 80 -1.57 -3.20 14.38
N ARG A 81 -1.53 -2.35 15.40
CA ARG A 81 -1.53 -0.88 15.31
C ARG A 81 -0.56 -0.28 16.34
N ARG A 82 -0.07 0.93 16.05
CA ARG A 82 0.67 1.81 16.96
C ARG A 82 0.23 3.24 16.66
N LEU A 83 -0.36 3.90 17.65
CA LEU A 83 -0.71 5.32 17.59
C LEU A 83 0.50 6.20 17.94
N ASP A 84 0.68 7.28 17.20
CA ASP A 84 1.84 8.18 17.29
C ASP A 84 1.45 9.58 17.84
N THR A 85 0.34 9.64 18.58
CA THR A 85 -0.25 10.83 19.25
C THR A 85 0.57 11.32 20.46
N SER A 86 1.89 11.26 20.32
CA SER A 86 2.93 11.54 21.33
C SER A 86 3.98 12.54 20.82
N LEU A 87 3.71 13.18 19.67
CA LEU A 87 4.50 14.27 19.07
C LEU A 87 3.68 15.57 18.95
N GLY A 88 2.54 15.65 19.63
CA GLY A 88 1.53 16.72 19.51
C GLY A 88 0.68 16.62 18.24
N CYS A 89 1.10 15.77 17.30
CA CYS A 89 0.40 15.46 16.07
C CYS A 89 -0.30 14.10 16.22
N PRO A 90 -1.63 14.03 16.36
CA PRO A 90 -2.32 12.76 16.45
C PRO A 90 -2.34 12.05 15.10
N ARG A 91 -1.88 10.80 15.12
CA ARG A 91 -1.70 9.87 13.99
C ARG A 91 -1.93 8.44 14.48
N MET A 92 -2.30 7.58 13.54
CA MET A 92 -2.57 6.17 13.71
C MET A 92 -1.69 5.42 12.69
N GLU A 93 -0.89 4.47 13.13
CA GLU A 93 -0.09 3.58 12.27
C GLU A 93 -0.54 2.12 12.40
N VAL A 94 -0.31 1.35 11.34
CA VAL A 94 -0.59 -0.08 11.26
C VAL A 94 0.69 -0.87 10.99
N VAL A 95 0.84 -2.00 11.69
CA VAL A 95 1.89 -2.98 11.39
C VAL A 95 1.31 -4.27 10.80
N CYS A 96 2.05 -4.84 9.87
CA CYS A 96 1.93 -6.21 9.47
C CYS A 96 2.47 -7.02 10.66
N LYS A 97 1.54 -7.66 11.35
CA LYS A 97 1.82 -8.63 12.42
C LYS A 97 2.57 -9.85 11.86
N GLN A 98 2.46 -10.11 10.57
CA GLN A 98 2.86 -11.35 9.91
C GLN A 98 4.36 -11.38 9.59
N CYS A 99 4.90 -10.25 9.14
CA CYS A 99 6.33 -10.01 8.94
C CYS A 99 6.96 -8.93 9.86
N GLU A 100 6.16 -8.44 10.82
CA GLU A 100 6.52 -7.50 11.89
C GLU A 100 7.15 -6.17 11.40
N ALA A 101 6.40 -5.41 10.60
CA ALA A 101 6.80 -4.06 10.17
C ALA A 101 5.61 -3.13 9.89
N HIS A 102 5.78 -1.82 10.13
CA HIS A 102 4.83 -0.79 9.77
C HIS A 102 4.76 -0.60 8.25
N LEU A 103 3.54 -0.49 7.73
CA LEU A 103 3.30 -0.48 6.28
C LEU A 103 2.30 0.58 5.80
N GLY A 104 1.49 1.03 6.73
CA GLY A 104 0.41 1.96 6.55
C GLY A 104 0.23 2.86 7.77
N HIS A 105 -0.28 4.05 7.51
CA HIS A 105 -0.71 5.04 8.49
C HIS A 105 -2.04 5.67 8.11
N VAL A 106 -2.64 6.36 9.06
CA VAL A 106 -4.00 6.91 9.02
C VAL A 106 -4.00 8.26 9.73
N PHE A 107 -4.67 9.23 9.11
CA PHE A 107 -4.75 10.61 9.58
C PHE A 107 -6.09 11.30 9.21
N PRO A 108 -6.53 12.32 9.98
CA PRO A 108 -7.60 13.22 9.57
C PRO A 108 -7.04 14.32 8.66
N ASP A 109 -7.72 14.62 7.55
CA ASP A 109 -7.34 15.75 6.68
C ASP A 109 -7.85 17.12 7.20
N GLY A 110 -8.58 17.09 8.31
CA GLY A 110 -9.27 18.21 8.92
C GLY A 110 -10.43 17.89 9.87
N PRO A 111 -11.31 16.91 9.60
CA PRO A 111 -12.52 16.66 10.39
C PRO A 111 -12.27 15.77 11.62
N LYS A 112 -13.36 15.28 12.26
CA LYS A 112 -13.36 14.29 13.35
C LYS A 112 -12.62 12.99 12.95
N PRO A 113 -12.19 12.15 13.91
CA PRO A 113 -11.51 10.86 13.62
C PRO A 113 -12.37 9.88 12.81
N THR A 114 -13.65 10.18 12.61
CA THR A 114 -14.57 9.47 11.69
C THR A 114 -14.26 9.73 10.21
N GLY A 115 -13.58 10.84 9.88
CA GLY A 115 -13.29 11.30 8.52
C GLY A 115 -11.87 11.01 8.00
N GLN A 116 -11.18 10.06 8.62
CA GLN A 116 -9.77 9.79 8.36
C GLN A 116 -9.50 9.09 7.01
N ARG A 117 -8.36 9.39 6.38
CA ARG A 117 -7.85 8.70 5.19
C ARG A 117 -6.61 7.90 5.58
N PHE A 118 -6.49 6.75 4.92
CA PHE A 118 -5.38 5.82 5.02
C PHE A 118 -4.32 6.14 3.96
N CYS A 119 -3.05 6.10 4.35
CA CYS A 119 -1.88 6.24 3.49
C CYS A 119 -0.82 5.15 3.72
N ILE A 120 -0.31 4.53 2.67
CA ILE A 120 0.78 3.55 2.70
C ILE A 120 2.14 4.26 2.78
N ASN A 121 3.15 3.57 3.33
CA ASN A 121 4.55 4.06 3.39
C ASN A 121 5.44 3.65 2.20
N SER A 122 4.98 2.71 1.36
CA SER A 122 5.67 2.16 0.19
C SER A 122 7.05 1.54 0.49
N VAL A 123 7.03 0.29 0.95
CA VAL A 123 8.21 -0.58 1.06
C VAL A 123 8.36 -1.46 -0.20
N ALA A 124 7.90 -2.71 -0.19
CA ALA A 124 8.27 -3.71 -1.22
C ALA A 124 7.30 -4.89 -1.46
N LEU A 125 6.02 -4.82 -1.08
CA LEU A 125 5.08 -5.94 -1.21
C LEU A 125 4.70 -6.24 -2.67
N LYS A 126 3.96 -7.32 -2.85
CA LYS A 126 3.49 -7.86 -4.14
C LYS A 126 2.05 -7.44 -4.46
N PHE A 127 1.67 -7.58 -5.73
CA PHE A 127 0.33 -7.30 -6.23
C PHE A 127 -0.01 -8.17 -7.45
N LYS A 128 -1.29 -8.51 -7.61
CA LYS A 128 -1.86 -9.18 -8.80
C LYS A 128 -3.25 -8.60 -9.17
N PRO A 129 -3.63 -8.59 -10.46
CA PRO A 129 -4.77 -7.82 -10.95
C PRO A 129 -6.13 -8.52 -10.79
N SER A 130 -7.21 -7.77 -11.05
CA SER A 130 -8.60 -8.19 -10.83
C SER A 130 -9.24 -8.87 -12.04
N LYS A 131 -8.96 -8.32 -13.22
CA LYS A 131 -9.57 -8.62 -14.51
C LYS A 131 -8.79 -9.66 -15.35
N PRO A 132 -9.45 -10.35 -16.31
CA PRO A 132 -8.76 -11.09 -17.37
C PRO A 132 -7.92 -10.21 -18.30
N ALA A 133 -7.18 -10.88 -19.19
CA ALA A 133 -6.14 -10.36 -20.09
C ALA A 133 -4.89 -9.81 -19.37
N ALA A 134 -4.89 -9.87 -18.05
CA ALA A 134 -3.83 -9.43 -17.16
C ALA A 134 -3.16 -10.58 -16.35
N ALA A 135 -3.52 -11.83 -16.65
CA ALA A 135 -3.00 -13.06 -16.04
C ALA A 135 -2.82 -14.17 -17.09
N LEU A 136 -2.04 -15.21 -16.76
CA LEU A 136 -1.59 -16.24 -17.72
C LEU A 136 -1.39 -17.64 -17.11
N GLU A 137 -2.18 -17.97 -16.09
CA GLU A 137 -2.06 -19.20 -15.28
C GLU A 137 -2.12 -20.51 -16.09
N HIS A 138 -2.80 -20.48 -17.24
CA HIS A 138 -2.89 -21.57 -18.22
C HIS A 138 -1.57 -21.91 -18.92
N HIS A 139 -0.63 -20.97 -18.92
CA HIS A 139 0.69 -21.02 -19.56
C HIS A 139 0.66 -21.27 -21.09
N HIS A 140 1.82 -21.11 -21.73
CA HIS A 140 2.03 -21.19 -23.18
C HIS A 140 1.54 -22.53 -23.76
N HIS A 141 0.54 -22.48 -24.63
CA HIS A 141 -0.16 -23.64 -25.19
C HIS A 141 -0.16 -23.66 -26.74
N HIS A 142 -0.67 -24.75 -27.33
CA HIS A 142 -0.67 -24.92 -28.78
C HIS A 142 -1.48 -23.84 -29.51
N HIS A 143 -1.10 -23.59 -30.75
CA HIS A 143 -1.79 -22.75 -31.72
C HIS A 143 -2.15 -23.61 -32.93
ZN ZN B . 3.46 -8.97 5.64
N MET A 1 27.83 3.17 -7.54
CA MET A 1 28.29 1.79 -7.83
C MET A 1 29.51 1.46 -6.96
N ALA A 2 29.63 0.20 -6.52
CA ALA A 2 30.73 -0.33 -5.69
C ALA A 2 30.89 0.34 -4.30
N ASP A 3 29.95 1.20 -3.93
CA ASP A 3 29.86 1.93 -2.67
C ASP A 3 28.99 1.19 -1.62
N TRP A 4 29.08 1.65 -0.37
CA TRP A 4 28.32 1.12 0.76
C TRP A 4 27.01 1.88 0.95
N GLN A 5 26.96 3.14 0.52
CA GLN A 5 25.82 4.05 0.70
C GLN A 5 24.58 3.46 0.07
N LYS A 6 24.70 2.96 -1.16
CA LYS A 6 23.56 2.32 -1.86
C LYS A 6 23.10 1.04 -1.16
N LYS A 7 24.06 0.28 -0.63
CA LYS A 7 23.81 -0.97 0.12
C LYS A 7 23.10 -0.75 1.44
N LEU A 8 23.47 0.37 2.08
CA LEU A 8 22.89 0.93 3.31
C LEU A 8 21.63 1.79 3.10
N THR A 9 21.27 2.16 1.86
CA THR A 9 19.99 2.78 1.50
C THR A 9 19.10 1.93 0.57
N PRO A 10 18.73 0.69 0.94
CA PRO A 10 17.82 -0.14 0.14
C PRO A 10 16.36 0.33 0.20
N GLU A 11 15.43 -0.38 -0.46
CA GLU A 11 14.00 0.01 -0.61
C GLU A 11 13.34 0.40 0.71
N GLN A 12 13.50 -0.43 1.74
CA GLN A 12 13.00 -0.18 3.11
C GLN A 12 13.54 1.14 3.70
N PHE A 13 14.77 1.49 3.36
CA PHE A 13 15.47 2.69 3.83
C PHE A 13 15.11 3.92 2.97
N TYR A 14 14.89 3.74 1.67
CA TYR A 14 14.39 4.79 0.78
C TYR A 14 12.94 5.18 1.12
N VAL A 15 12.12 4.17 1.43
CA VAL A 15 10.72 4.34 1.89
C VAL A 15 10.62 5.09 3.23
N THR A 16 11.58 4.91 4.14
CA THR A 16 11.60 5.54 5.47
C THR A 16 12.31 6.90 5.50
N ARG A 17 13.20 7.13 4.52
CA ARG A 17 13.91 8.41 4.30
C ARG A 17 12.93 9.54 3.96
N GLU A 18 11.95 9.23 3.09
CA GLU A 18 11.03 10.24 2.57
C GLU A 18 9.60 10.05 3.07
N LYS A 19 9.24 8.83 3.51
CA LYS A 19 8.05 8.46 4.29
C LYS A 19 6.91 9.49 4.35
N GLY A 20 6.25 9.60 3.21
CA GLY A 20 5.17 10.56 2.96
C GLY A 20 5.53 11.62 1.92
N THR A 21 6.07 11.17 0.80
CA THR A 21 6.50 11.99 -0.34
C THR A 21 5.72 11.66 -1.62
N GLU A 22 5.98 12.47 -2.63
CA GLU A 22 5.56 12.33 -4.04
C GLU A 22 6.76 12.27 -5.00
N ALA A 23 6.63 11.56 -6.13
CA ALA A 23 7.64 11.53 -7.20
C ALA A 23 7.04 11.09 -8.55
N PRO A 24 7.51 11.63 -9.70
CA PRO A 24 7.06 11.20 -11.03
C PRO A 24 7.79 9.93 -11.49
N PHE A 25 7.04 8.91 -11.94
CA PHE A 25 7.62 7.63 -12.37
C PHE A 25 7.08 7.00 -13.67
N SER A 26 5.85 7.34 -14.12
CA SER A 26 5.13 6.62 -15.20
C SER A 26 3.75 7.21 -15.54
N GLY A 27 3.15 8.04 -14.68
CA GLY A 27 1.93 8.78 -14.99
C GLY A 27 0.73 7.87 -15.18
N MET A 28 0.28 7.76 -16.42
CA MET A 28 -0.70 6.75 -16.81
C MET A 28 -0.23 5.33 -16.50
N TYR A 29 1.09 5.08 -16.55
CA TYR A 29 1.62 3.74 -16.28
C TYR A 29 1.71 3.42 -14.79
N LEU A 30 1.40 4.39 -13.90
CA LEU A 30 1.24 4.18 -12.46
C LEU A 30 -0.21 3.78 -12.07
N ASN A 31 -1.23 4.13 -12.87
CA ASN A 31 -2.57 3.55 -12.74
C ASN A 31 -2.75 2.26 -13.56
N ASN A 32 -2.04 2.16 -14.69
CA ASN A 32 -1.75 0.98 -15.50
C ASN A 32 -2.93 0.15 -16.06
N LYS A 33 -3.70 -0.52 -15.20
CA LYS A 33 -4.75 -1.51 -15.51
C LYS A 33 -5.66 -1.65 -14.29
N GLU A 34 -6.93 -1.31 -14.48
CA GLU A 34 -8.07 -1.88 -13.78
C GLU A 34 -7.97 -1.90 -12.25
N THR A 35 -8.57 -2.92 -11.64
CA THR A 35 -8.43 -3.23 -10.21
C THR A 35 -7.43 -4.35 -9.97
N GLY A 36 -7.21 -4.68 -8.71
CA GLY A 36 -6.26 -5.72 -8.29
C GLY A 36 -6.11 -5.84 -6.77
N MET A 37 -4.94 -6.31 -6.33
CA MET A 37 -4.63 -6.57 -4.92
C MET A 37 -3.13 -6.49 -4.61
N TYR A 38 -2.84 -6.32 -3.33
CA TYR A 38 -1.53 -6.17 -2.72
C TYR A 38 -1.28 -7.30 -1.70
N HIS A 39 -0.01 -7.65 -1.59
CA HIS A 39 0.52 -8.84 -0.93
C HIS A 39 1.87 -8.51 -0.30
N CYS A 40 2.30 -9.31 0.67
CA CYS A 40 3.70 -9.41 1.02
C CYS A 40 4.50 -10.22 -0.03
N VAL A 41 5.81 -10.08 0.08
CA VAL A 41 6.79 -11.09 -0.39
C VAL A 41 7.78 -11.56 0.69
N CYS A 42 7.81 -10.89 1.85
CA CYS A 42 8.72 -11.18 2.95
C CYS A 42 8.21 -12.32 3.85
N CYS A 43 6.93 -12.29 4.23
CA CYS A 43 6.24 -13.37 4.91
C CYS A 43 5.68 -14.40 3.90
N ASP A 44 4.46 -14.19 3.40
CA ASP A 44 3.71 -15.17 2.59
C ASP A 44 2.75 -14.59 1.53
N SER A 45 1.79 -13.75 1.93
CA SER A 45 0.40 -13.86 1.46
C SER A 45 -0.27 -12.57 0.92
N PRO A 46 -1.30 -12.69 0.05
CA PRO A 46 -2.22 -11.59 -0.26
C PRO A 46 -3.14 -11.24 0.92
N LEU A 47 -3.35 -9.94 1.12
CA LEU A 47 -4.13 -9.40 2.25
C LEU A 47 -4.98 -8.16 1.93
N PHE A 48 -4.72 -7.41 0.84
CA PHE A 48 -5.30 -6.09 0.64
C PHE A 48 -5.82 -5.91 -0.79
N SER A 49 -7.01 -5.38 -0.99
CA SER A 49 -7.66 -5.20 -2.29
C SER A 49 -7.54 -3.75 -2.77
N SER A 50 -6.93 -3.60 -3.95
CA SER A 50 -6.75 -2.32 -4.66
C SER A 50 -8.05 -1.61 -4.99
N GLU A 51 -9.13 -2.37 -4.91
CA GLU A 51 -10.53 -2.04 -5.12
C GLU A 51 -11.03 -0.93 -4.21
N LYS A 52 -10.45 -0.87 -3.01
CA LYS A 52 -10.72 0.14 -2.00
C LYS A 52 -10.10 1.49 -2.35
N LYS A 53 -9.49 1.64 -3.53
CA LYS A 53 -8.92 2.92 -3.95
C LYS A 53 -9.96 4.03 -4.12
N TYR A 54 -9.58 5.20 -3.59
CA TYR A 54 -10.38 6.43 -3.51
C TYR A 54 -9.58 7.64 -4.03
N CYS A 55 -10.19 8.46 -4.90
CA CYS A 55 -9.76 9.78 -5.42
C CYS A 55 -8.25 9.99 -5.69
N SER A 56 -7.58 8.95 -6.19
CA SER A 56 -6.11 8.84 -6.25
C SER A 56 -5.58 8.67 -7.67
N GLY A 57 -5.87 7.52 -8.30
CA GLY A 57 -5.34 7.13 -9.61
C GLY A 57 -3.83 6.90 -9.60
N THR A 58 -3.08 8.01 -9.56
CA THR A 58 -1.60 8.09 -9.53
C THR A 58 -1.12 9.16 -8.56
N GLY A 59 -1.84 10.30 -8.46
CA GLY A 59 -1.38 11.50 -7.79
C GLY A 59 -0.96 11.31 -6.32
N TRP A 60 -1.61 10.38 -5.62
CA TRP A 60 -1.12 9.84 -4.34
C TRP A 60 -1.75 8.46 -4.03
N PRO A 61 -1.02 7.42 -3.59
CA PRO A 61 -1.57 6.08 -3.41
C PRO A 61 -2.37 5.87 -2.11
N SER A 62 -3.65 5.49 -2.22
CA SER A 62 -4.53 5.25 -1.08
C SER A 62 -5.29 3.91 -1.12
N PHE A 63 -6.08 3.67 -0.08
CA PHE A 63 -7.21 2.75 0.07
C PHE A 63 -8.07 3.28 1.21
N SER A 64 -9.40 3.17 1.07
CA SER A 64 -10.34 3.45 2.16
C SER A 64 -10.33 2.35 3.21
N GLU A 65 -10.14 1.08 2.82
CA GLU A 65 -10.00 -0.03 3.77
C GLU A 65 -9.05 -1.15 3.32
N ALA A 66 -8.55 -1.88 4.30
CA ALA A 66 -7.85 -3.15 4.16
C ALA A 66 -8.86 -4.31 4.14
N TYR A 67 -9.66 -4.42 3.07
CA TYR A 67 -10.67 -5.48 2.93
C TYR A 67 -10.06 -6.81 2.49
N GLY A 68 -10.43 -7.85 3.24
CA GLY A 68 -10.23 -9.27 2.94
C GLY A 68 -10.81 -10.15 4.06
N SER A 69 -10.69 -9.72 5.32
CA SER A 69 -11.06 -10.48 6.52
C SER A 69 -12.04 -9.75 7.46
N LYS A 70 -12.97 -10.53 8.01
CA LYS A 70 -13.95 -10.18 9.02
C LYS A 70 -14.08 -11.28 10.06
N GLY A 71 -14.12 -10.88 11.33
CA GLY A 71 -14.67 -11.62 12.48
C GLY A 71 -13.90 -12.88 12.80
N SER A 72 -14.19 -13.93 12.04
CA SER A 72 -13.45 -15.18 11.93
C SER A 72 -11.95 -14.96 11.81
N ASP A 73 -11.55 -13.94 11.05
CA ASP A 73 -10.18 -13.79 10.56
C ASP A 73 -9.47 -12.53 11.05
N GLU A 74 -9.97 -11.94 12.13
CA GLU A 74 -9.43 -10.71 12.72
C GLU A 74 -8.01 -10.90 13.29
N SER A 75 -7.72 -12.08 13.86
CA SER A 75 -6.38 -12.45 14.36
C SER A 75 -5.55 -13.18 13.28
N HIS A 76 -6.24 -13.77 12.30
CA HIS A 76 -5.65 -14.42 11.12
C HIS A 76 -5.06 -13.42 10.11
N THR A 77 -5.39 -12.13 10.28
CA THR A 77 -4.82 -11.00 9.55
C THR A 77 -3.30 -11.02 9.51
N GLY A 78 -2.70 -11.43 10.64
CA GLY A 78 -1.28 -11.27 10.89
C GLY A 78 -0.86 -9.82 11.11
N ILE A 79 -1.78 -8.89 11.42
CA ILE A 79 -1.45 -7.47 11.62
C ILE A 79 -1.75 -6.93 13.04
N LEU A 80 -1.04 -5.86 13.38
CA LEU A 80 -1.10 -5.09 14.62
C LEU A 80 -1.07 -3.57 14.32
N ARG A 81 -1.19 -2.76 15.36
CA ARG A 81 -1.19 -1.29 15.28
C ARG A 81 -0.39 -0.63 16.40
N ARG A 82 0.30 0.45 16.04
CA ARG A 82 1.04 1.34 16.94
C ARG A 82 0.74 2.78 16.55
N LEU A 83 0.05 3.44 17.45
CA LEU A 83 -0.35 4.83 17.36
C LEU A 83 0.80 5.77 17.76
N ASP A 84 0.73 7.01 17.28
CA ASP A 84 1.44 8.13 17.91
C ASP A 84 0.45 9.27 18.08
N THR A 85 0.06 9.55 19.32
CA THR A 85 -0.78 10.70 19.70
C THR A 85 0.00 11.62 20.65
N SER A 86 1.32 11.55 20.58
CA SER A 86 2.28 11.87 21.64
C SER A 86 3.25 12.97 21.28
N LEU A 87 3.20 13.39 20.02
CA LEU A 87 3.89 14.57 19.45
C LEU A 87 2.91 15.74 19.18
N GLY A 88 1.74 15.71 19.83
CA GLY A 88 0.70 16.74 19.71
C GLY A 88 -0.22 16.59 18.49
N CYS A 89 0.11 15.67 17.58
CA CYS A 89 -0.59 15.42 16.32
C CYS A 89 -0.95 13.93 16.21
N PRO A 90 -2.24 13.53 16.24
CA PRO A 90 -2.64 12.13 16.34
C PRO A 90 -2.54 11.36 15.02
N ARG A 91 -1.81 10.24 15.08
CA ARG A 91 -1.47 9.33 13.99
C ARG A 91 -1.79 7.88 14.38
N MET A 92 -2.04 7.05 13.38
CA MET A 92 -2.13 5.60 13.46
C MET A 92 -1.19 5.01 12.41
N GLU A 93 -0.30 4.11 12.80
CA GLU A 93 0.45 3.27 11.85
C GLU A 93 0.23 1.78 12.18
N VAL A 94 0.17 0.96 11.14
CA VAL A 94 -0.12 -0.47 11.23
C VAL A 94 1.12 -1.27 10.82
N VAL A 95 1.32 -2.40 11.49
CA VAL A 95 2.44 -3.30 11.26
C VAL A 95 1.97 -4.73 11.04
N CYS A 96 2.76 -5.48 10.28
CA CYS A 96 2.60 -6.86 10.01
C CYS A 96 3.44 -7.59 11.06
N LYS A 97 2.73 -8.38 11.84
CA LYS A 97 3.27 -9.39 12.77
C LYS A 97 3.92 -10.58 12.03
N GLN A 98 3.65 -10.77 10.73
CA GLN A 98 4.19 -11.86 9.94
C GLN A 98 5.60 -11.59 9.37
N CYS A 99 5.80 -10.40 8.81
CA CYS A 99 7.04 -9.90 8.22
C CYS A 99 7.76 -8.82 9.09
N GLU A 100 7.11 -8.35 10.16
CA GLU A 100 7.63 -7.36 11.12
C GLU A 100 7.91 -5.99 10.49
N ALA A 101 7.03 -5.51 9.60
CA ALA A 101 7.17 -4.28 8.83
C ALA A 101 5.87 -3.45 8.82
N HIS A 102 6.00 -2.15 8.64
CA HIS A 102 4.88 -1.21 8.67
C HIS A 102 4.08 -1.16 7.34
N LEU A 103 3.05 -1.99 7.18
CA LEU A 103 2.28 -2.11 5.93
C LEU A 103 1.30 -0.95 5.63
N GLY A 104 1.33 0.14 6.39
CA GLY A 104 0.71 1.40 6.05
C GLY A 104 0.36 2.26 7.26
N HIS A 105 -0.22 3.42 6.99
CA HIS A 105 -0.56 4.44 7.99
C HIS A 105 -1.87 5.13 7.66
N VAL A 106 -2.49 5.69 8.69
CA VAL A 106 -3.84 6.28 8.60
C VAL A 106 -3.99 7.49 9.53
N PHE A 107 -4.63 8.52 9.01
CA PHE A 107 -4.85 9.80 9.70
C PHE A 107 -6.19 10.46 9.32
N PRO A 108 -6.81 11.25 10.23
CA PRO A 108 -7.88 12.19 9.87
C PRO A 108 -7.24 13.46 9.27
N ASP A 109 -7.76 13.96 8.14
CA ASP A 109 -7.15 15.12 7.45
C ASP A 109 -7.73 16.49 7.80
N GLY A 110 -8.69 16.50 8.72
CA GLY A 110 -9.45 17.69 9.12
C GLY A 110 -10.78 17.38 9.85
N PRO A 111 -11.75 16.70 9.20
CA PRO A 111 -13.06 16.42 9.78
C PRO A 111 -13.03 15.29 10.82
N LYS A 112 -14.21 14.92 11.37
CA LYS A 112 -14.40 13.74 12.21
C LYS A 112 -13.81 12.48 11.56
N PRO A 113 -13.34 11.49 12.35
CA PRO A 113 -12.59 10.34 11.82
C PRO A 113 -13.42 9.41 10.93
N THR A 114 -14.72 9.67 10.78
CA THR A 114 -15.53 9.08 9.69
C THR A 114 -14.91 9.38 8.30
N GLY A 115 -14.23 10.52 8.15
CA GLY A 115 -13.46 10.93 6.97
C GLY A 115 -11.97 10.53 6.92
N GLN A 116 -11.51 9.66 7.82
CA GLN A 116 -10.12 9.17 7.87
C GLN A 116 -9.61 8.63 6.52
N ARG A 117 -8.28 8.78 6.29
CA ARG A 117 -7.62 8.44 5.03
C ARG A 117 -6.37 7.60 5.27
N PHE A 118 -6.25 6.52 4.53
CA PHE A 118 -5.15 5.56 4.62
C PHE A 118 -4.13 5.82 3.49
N CYS A 119 -2.87 6.00 3.88
CA CYS A 119 -1.71 6.17 3.03
C CYS A 119 -0.84 4.91 3.08
N ILE A 120 -0.53 4.32 1.93
CA ILE A 120 0.36 3.16 1.84
C ILE A 120 1.81 3.63 1.60
N ASN A 121 2.76 2.79 1.96
CA ASN A 121 4.18 2.90 1.66
C ASN A 121 4.69 1.58 1.00
N SER A 122 5.85 1.63 0.35
CA SER A 122 6.35 0.52 -0.49
C SER A 122 7.33 -0.44 0.20
N VAL A 123 7.39 -0.47 1.54
CA VAL A 123 8.53 -0.99 2.33
C VAL A 123 9.08 -2.35 1.89
N ALA A 124 8.20 -3.34 1.70
CA ALA A 124 8.57 -4.75 1.46
C ALA A 124 7.48 -5.58 0.73
N LEU A 125 6.61 -4.92 -0.05
CA LEU A 125 5.32 -5.47 -0.48
C LEU A 125 5.15 -5.42 -2.00
N LYS A 126 4.31 -6.32 -2.53
CA LYS A 126 4.11 -6.60 -3.96
C LYS A 126 2.64 -6.55 -4.41
N PHE A 127 2.41 -6.33 -5.69
CA PHE A 127 1.08 -5.99 -6.24
C PHE A 127 0.78 -6.64 -7.60
N LYS A 128 -0.47 -7.05 -7.81
CA LYS A 128 -0.99 -7.66 -9.05
C LYS A 128 -2.37 -7.10 -9.40
N PRO A 129 -2.75 -7.08 -10.69
CA PRO A 129 -4.11 -6.73 -11.10
C PRO A 129 -5.11 -7.85 -10.80
N SER A 130 -6.38 -7.61 -11.14
CA SER A 130 -7.51 -8.53 -10.95
C SER A 130 -7.89 -9.20 -12.26
N LYS A 131 -8.22 -8.35 -13.25
CA LYS A 131 -8.65 -8.72 -14.59
C LYS A 131 -7.52 -9.33 -15.45
N PRO A 132 -7.84 -10.11 -16.50
CA PRO A 132 -6.88 -10.53 -17.54
C PRO A 132 -6.38 -9.36 -18.43
N ALA A 133 -5.62 -9.70 -19.48
CA ALA A 133 -4.93 -8.76 -20.38
C ALA A 133 -3.90 -7.85 -19.67
N ALA A 134 -3.34 -8.37 -18.58
CA ALA A 134 -2.48 -7.68 -17.62
C ALA A 134 -1.55 -8.69 -16.89
N ALA A 135 -0.96 -9.61 -17.66
CA ALA A 135 -0.13 -10.74 -17.21
C ALA A 135 -0.86 -11.70 -16.24
N LEU A 136 -2.15 -11.90 -16.51
CA LEU A 136 -3.11 -12.62 -15.65
C LEU A 136 -4.20 -13.32 -16.50
N GLU A 137 -3.78 -13.86 -17.64
CA GLU A 137 -4.65 -14.47 -18.64
C GLU A 137 -5.07 -15.90 -18.23
N HIS A 138 -4.15 -16.87 -18.32
CA HIS A 138 -4.29 -18.25 -17.85
C HIS A 138 -2.92 -18.99 -17.90
N HIS A 139 -2.92 -20.30 -17.66
CA HIS A 139 -1.84 -21.25 -17.98
C HIS A 139 -0.48 -20.92 -17.31
N HIS A 140 -0.29 -21.40 -16.08
CA HIS A 140 0.91 -21.18 -15.26
C HIS A 140 1.59 -22.50 -14.82
N HIS A 141 1.39 -23.57 -15.58
CA HIS A 141 1.69 -24.95 -15.17
C HIS A 141 1.93 -25.86 -16.39
N HIS A 142 3.08 -26.55 -16.38
CA HIS A 142 3.51 -27.52 -17.40
C HIS A 142 3.47 -26.96 -18.85
N HIS A 143 3.47 -27.87 -19.85
CA HIS A 143 3.50 -27.57 -21.29
C HIS A 143 4.74 -26.77 -21.73
ZN ZN B . 3.15 -9.65 5.98
N MET A 1 20.70 -5.56 -11.40
CA MET A 1 22.05 -5.23 -11.94
C MET A 1 22.49 -6.34 -12.88
N ALA A 2 23.46 -6.08 -13.77
CA ALA A 2 23.85 -6.99 -14.86
C ALA A 2 22.73 -7.36 -15.85
N ASP A 3 21.66 -6.55 -15.90
CA ASP A 3 20.40 -6.84 -16.58
C ASP A 3 19.83 -5.61 -17.32
N TRP A 4 18.71 -5.80 -18.03
CA TRP A 4 17.86 -4.70 -18.52
C TRP A 4 16.45 -4.70 -17.90
N GLN A 5 15.87 -5.86 -17.58
CA GLN A 5 14.48 -6.00 -17.11
C GLN A 5 14.21 -5.31 -15.77
N LYS A 6 14.93 -5.73 -14.74
CA LYS A 6 14.91 -5.14 -13.38
C LYS A 6 15.39 -3.70 -13.36
N LYS A 7 16.28 -3.36 -14.29
CA LYS A 7 16.90 -2.05 -14.49
C LYS A 7 15.91 -1.03 -15.05
N LEU A 8 15.11 -1.48 -16.02
CA LEU A 8 14.04 -0.69 -16.66
C LEU A 8 12.78 -0.61 -15.79
N THR A 9 12.45 -1.66 -15.02
CA THR A 9 11.31 -1.63 -14.09
C THR A 9 11.68 -2.06 -12.65
N PRO A 10 12.32 -1.17 -11.87
CA PRO A 10 12.56 -1.36 -10.43
C PRO A 10 11.29 -1.20 -9.59
N GLU A 11 11.32 -1.74 -8.37
CA GLU A 11 10.26 -1.58 -7.36
C GLU A 11 10.71 -0.67 -6.23
N GLN A 12 11.71 -1.15 -5.48
CA GLN A 12 12.41 -0.43 -4.40
C GLN A 12 12.96 0.95 -4.81
N PHE A 13 13.24 1.11 -6.10
CA PHE A 13 13.73 2.36 -6.71
C PHE A 13 12.62 3.22 -7.33
N TYR A 14 11.43 2.65 -7.58
CA TYR A 14 10.25 3.39 -8.08
C TYR A 14 9.36 3.88 -6.94
N VAL A 15 8.91 3.01 -6.03
CA VAL A 15 7.92 3.36 -4.99
C VAL A 15 8.47 4.39 -3.99
N THR A 16 9.79 4.47 -3.87
CA THR A 16 10.56 5.46 -3.10
C THR A 16 10.47 6.87 -3.71
N ARG A 17 10.19 6.99 -5.01
CA ARG A 17 9.90 8.26 -5.70
C ARG A 17 8.57 8.83 -5.21
N GLU A 18 7.54 8.00 -5.17
CA GLU A 18 6.19 8.37 -4.70
C GLU A 18 6.16 8.54 -3.18
N LYS A 19 7.07 7.87 -2.47
CA LYS A 19 7.32 8.00 -1.03
C LYS A 19 8.02 9.32 -0.66
N GLY A 20 7.34 10.41 -0.95
CA GLY A 20 7.72 11.77 -0.60
C GLY A 20 7.08 12.90 -1.41
N THR A 21 6.34 12.58 -2.47
CA THR A 21 5.75 13.53 -3.42
C THR A 21 4.33 13.11 -3.81
N GLU A 22 3.69 13.91 -4.65
CA GLU A 22 2.44 13.61 -5.32
C GLU A 22 2.65 13.29 -6.81
N ALA A 23 1.78 12.44 -7.35
CA ALA A 23 1.86 11.89 -8.71
C ALA A 23 1.10 12.76 -9.74
N PRO A 24 1.48 12.72 -11.03
CA PRO A 24 0.80 13.47 -12.09
C PRO A 24 -0.60 12.88 -12.37
N PHE A 25 -1.58 13.74 -12.66
CA PHE A 25 -3.02 13.41 -12.61
C PHE A 25 -3.60 12.68 -13.83
N SER A 26 -2.85 11.68 -14.27
CA SER A 26 -3.19 10.65 -15.27
C SER A 26 -4.30 9.67 -14.84
N GLY A 27 -5.18 10.05 -13.94
CA GLY A 27 -6.11 9.19 -13.20
C GLY A 27 -6.85 8.11 -14.00
N MET A 28 -7.58 8.49 -15.05
CA MET A 28 -8.25 7.53 -15.94
C MET A 28 -7.29 6.61 -16.72
N TYR A 29 -6.02 7.00 -16.76
CA TYR A 29 -4.87 6.30 -17.34
C TYR A 29 -4.02 5.56 -16.28
N LEU A 30 -4.37 5.66 -14.99
CA LEU A 30 -3.66 5.05 -13.85
C LEU A 30 -4.37 3.79 -13.29
N ASN A 31 -5.60 3.51 -13.75
CA ASN A 31 -6.30 2.22 -13.60
C ASN A 31 -7.35 1.96 -14.69
N ASN A 32 -8.01 3.01 -15.18
CA ASN A 32 -9.23 2.97 -16.01
C ASN A 32 -10.37 2.18 -15.34
N LYS A 33 -10.33 0.84 -15.45
CA LYS A 33 -11.36 -0.09 -14.94
C LYS A 33 -10.89 -1.49 -14.54
N GLU A 34 -9.59 -1.70 -14.60
CA GLU A 34 -8.93 -2.91 -14.14
C GLU A 34 -8.95 -3.05 -12.61
N THR A 35 -8.43 -4.19 -12.16
CA THR A 35 -8.58 -4.71 -10.79
C THR A 35 -7.33 -5.47 -10.39
N GLY A 36 -7.03 -5.56 -9.09
CA GLY A 36 -5.93 -6.41 -8.61
C GLY A 36 -5.75 -6.46 -7.10
N MET A 37 -4.56 -6.83 -6.63
CA MET A 37 -4.19 -6.93 -5.21
C MET A 37 -2.67 -6.77 -4.97
N TYR A 38 -2.31 -6.59 -3.71
CA TYR A 38 -0.98 -6.88 -3.19
C TYR A 38 -1.01 -7.92 -2.07
N HIS A 39 0.10 -8.66 -1.97
CA HIS A 39 0.44 -9.59 -0.91
C HIS A 39 1.92 -9.43 -0.52
N CYS A 40 2.32 -9.97 0.62
CA CYS A 40 3.68 -9.87 1.09
C CYS A 40 4.73 -10.54 0.18
N VAL A 41 5.97 -10.24 0.55
CA VAL A 41 7.22 -10.85 0.06
C VAL A 41 7.98 -11.60 1.17
N CYS A 42 7.47 -11.57 2.41
CA CYS A 42 8.17 -12.04 3.62
C CYS A 42 7.42 -13.11 4.44
N CYS A 43 6.10 -13.27 4.27
CA CYS A 43 5.28 -14.20 5.02
C CYS A 43 4.48 -15.16 4.09
N ASP A 44 3.20 -14.85 3.90
CA ASP A 44 2.17 -15.66 3.24
C ASP A 44 0.96 -14.85 2.76
N SER A 45 0.58 -13.82 3.52
CA SER A 45 -0.77 -13.24 3.51
C SER A 45 -1.09 -12.34 2.31
N PRO A 46 -2.17 -12.62 1.55
CA PRO A 46 -2.84 -11.61 0.74
C PRO A 46 -3.76 -10.77 1.60
N LEU A 47 -3.55 -9.47 1.49
CA LEU A 47 -3.98 -8.49 2.50
C LEU A 47 -4.83 -7.35 1.92
N PHE A 48 -4.42 -6.78 0.79
CA PHE A 48 -5.04 -5.58 0.24
C PHE A 48 -5.46 -5.83 -1.20
N SER A 49 -6.75 -5.69 -1.52
CA SER A 49 -7.17 -5.61 -2.91
C SER A 49 -6.98 -4.19 -3.40
N SER A 50 -6.35 -4.07 -4.56
CA SER A 50 -6.13 -2.82 -5.32
C SER A 50 -7.44 -2.12 -5.68
N GLU A 51 -8.53 -2.85 -5.53
CA GLU A 51 -9.89 -2.39 -5.56
C GLU A 51 -10.22 -1.31 -4.52
N LYS A 52 -9.75 -1.49 -3.28
CA LYS A 52 -9.91 -0.53 -2.17
C LYS A 52 -9.03 0.72 -2.31
N LYS A 53 -8.22 0.77 -3.38
CA LYS A 53 -7.25 1.84 -3.68
C LYS A 53 -7.97 3.05 -4.28
N TYR A 54 -7.57 4.23 -3.83
CA TYR A 54 -8.13 5.51 -4.28
C TYR A 54 -7.45 6.00 -5.57
N CYS A 55 -7.60 5.21 -6.64
CA CYS A 55 -7.14 5.54 -7.99
C CYS A 55 -8.31 6.02 -8.85
N SER A 56 -8.32 7.31 -9.16
CA SER A 56 -9.35 7.96 -9.99
C SER A 56 -8.86 9.27 -10.62
N GLY A 57 -8.10 10.07 -9.88
CA GLY A 57 -7.52 11.34 -10.32
C GLY A 57 -5.98 11.35 -10.31
N THR A 58 -5.37 10.93 -9.21
CA THR A 58 -3.92 11.08 -8.96
C THR A 58 -3.22 9.73 -8.96
N GLY A 59 -3.97 8.63 -8.74
CA GLY A 59 -3.44 7.28 -8.52
C GLY A 59 -2.54 7.14 -7.29
N TRP A 60 -2.45 8.20 -6.49
CA TRP A 60 -1.49 8.34 -5.39
C TRP A 60 -1.79 7.32 -4.27
N PRO A 61 -0.78 6.72 -3.60
CA PRO A 61 -0.98 5.51 -2.80
C PRO A 61 -1.79 5.75 -1.52
N SER A 62 -3.08 5.46 -1.69
CA SER A 62 -4.18 5.74 -0.79
C SER A 62 -5.28 4.69 -0.98
N PHE A 63 -6.18 4.58 -0.01
CA PHE A 63 -7.18 3.56 0.16
C PHE A 63 -8.27 4.15 1.04
N SER A 64 -9.37 3.44 1.10
CA SER A 64 -10.42 3.62 2.12
C SER A 64 -10.82 2.34 2.86
N GLU A 65 -10.30 1.17 2.43
CA GLU A 65 -10.24 -0.04 3.25
C GLU A 65 -8.88 -0.72 3.14
N ALA A 66 -8.49 -1.35 4.25
CA ALA A 66 -7.42 -2.31 4.37
C ALA A 66 -7.89 -3.33 5.44
N TYR A 67 -8.21 -4.53 4.96
CA TYR A 67 -8.55 -5.77 5.68
C TYR A 67 -7.87 -5.86 7.06
N GLY A 68 -8.60 -5.44 8.10
CA GLY A 68 -8.07 -5.09 9.43
C GLY A 68 -8.38 -6.13 10.51
N SER A 69 -8.72 -7.35 10.09
CA SER A 69 -9.24 -8.46 10.87
C SER A 69 -8.36 -8.88 12.06
N LYS A 70 -9.04 -9.27 13.14
CA LYS A 70 -8.53 -9.87 14.36
C LYS A 70 -9.45 -11.00 14.86
N GLY A 71 -8.86 -12.06 15.40
CA GLY A 71 -9.51 -13.09 16.22
C GLY A 71 -10.37 -14.10 15.44
N SER A 72 -11.34 -13.57 14.73
CA SER A 72 -12.02 -14.24 13.60
C SER A 72 -11.05 -14.62 12.46
N ASP A 73 -9.94 -13.89 12.36
CA ASP A 73 -8.77 -14.18 11.56
C ASP A 73 -7.51 -13.67 12.27
N GLU A 74 -6.49 -14.51 12.26
CA GLU A 74 -5.07 -14.13 12.34
C GLU A 74 -4.13 -14.95 11.41
N SER A 75 -4.69 -15.80 10.54
CA SER A 75 -3.94 -16.61 9.57
C SER A 75 -3.89 -15.97 8.18
N HIS A 76 -5.00 -15.40 7.71
CA HIS A 76 -5.18 -14.82 6.38
C HIS A 76 -4.52 -13.46 6.20
N THR A 77 -4.51 -12.69 7.29
CA THR A 77 -3.90 -11.37 7.40
C THR A 77 -2.77 -11.45 8.41
N GLY A 78 -3.10 -11.92 9.61
CA GLY A 78 -2.21 -11.96 10.77
C GLY A 78 -1.68 -10.58 11.18
N ILE A 79 -2.32 -9.52 10.71
CA ILE A 79 -1.85 -8.14 10.86
C ILE A 79 -2.02 -7.59 12.29
N LEU A 80 -1.57 -6.36 12.48
CA LEU A 80 -1.71 -5.58 13.69
C LEU A 80 -1.91 -4.11 13.36
N ARG A 81 -2.23 -3.32 14.38
CA ARG A 81 -2.41 -1.89 14.33
C ARG A 81 -2.30 -1.26 15.71
N ARG A 82 -2.00 0.03 15.71
CA ARG A 82 -1.79 0.88 16.88
C ARG A 82 -2.20 2.30 16.51
N LEU A 83 -3.13 2.83 17.29
CA LEU A 83 -3.37 4.25 17.37
C LEU A 83 -2.26 4.94 18.15
N ASP A 84 -1.93 6.18 17.78
CA ASP A 84 -0.85 6.97 18.40
C ASP A 84 -1.34 8.27 19.06
N THR A 85 -2.63 8.28 19.42
CA THR A 85 -3.40 9.37 20.06
C THR A 85 -3.01 9.60 21.53
N SER A 86 -1.72 9.55 21.80
CA SER A 86 -1.08 9.72 23.11
C SER A 86 0.14 10.64 23.07
N LEU A 87 0.47 11.15 21.89
CA LEU A 87 1.58 12.06 21.59
C LEU A 87 1.11 13.51 21.40
N GLY A 88 -0.09 13.82 21.92
CA GLY A 88 -0.73 15.14 21.80
C GLY A 88 -1.49 15.36 20.50
N CYS A 89 -1.33 14.47 19.52
CA CYS A 89 -2.00 14.51 18.22
C CYS A 89 -2.52 13.10 17.83
N PRO A 90 -3.77 12.95 17.34
CA PRO A 90 -4.33 11.65 16.98
C PRO A 90 -3.70 11.05 15.71
N ARG A 91 -3.50 9.73 15.73
CA ARG A 91 -3.12 8.88 14.58
C ARG A 91 -3.73 7.49 14.69
N MET A 92 -3.87 6.84 13.55
CA MET A 92 -4.27 5.44 13.40
C MET A 92 -3.33 4.75 12.40
N GLU A 93 -2.61 3.71 12.81
CA GLU A 93 -1.55 3.12 11.96
C GLU A 93 -1.56 1.58 12.00
N VAL A 94 -1.19 0.94 10.90
CA VAL A 94 -1.38 -0.50 10.65
C VAL A 94 -0.11 -1.18 10.11
N VAL A 95 0.13 -2.41 10.56
CA VAL A 95 1.36 -3.18 10.28
C VAL A 95 1.03 -4.64 10.01
N CYS A 96 1.90 -5.37 9.32
CA CYS A 96 1.89 -6.79 9.28
C CYS A 96 2.81 -7.29 10.38
N LYS A 97 2.23 -8.19 11.17
CA LYS A 97 2.90 -9.00 12.20
C LYS A 97 3.36 -10.36 11.66
N GLN A 98 2.79 -10.84 10.55
CA GLN A 98 3.29 -12.02 9.84
C GLN A 98 4.71 -11.82 9.29
N CYS A 99 4.98 -10.62 8.76
CA CYS A 99 6.21 -10.23 8.10
C CYS A 99 6.97 -9.05 8.78
N GLU A 100 6.44 -8.47 9.86
CA GLU A 100 6.98 -7.29 10.56
C GLU A 100 7.23 -6.11 9.59
N ALA A 101 6.16 -5.59 9.00
CA ALA A 101 6.21 -4.52 8.00
C ALA A 101 5.23 -3.39 8.34
N HIS A 102 5.70 -2.15 8.31
CA HIS A 102 4.88 -0.96 8.58
C HIS A 102 4.28 -0.44 7.25
N LEU A 103 2.98 -0.70 7.01
CA LEU A 103 2.42 -0.64 5.65
C LEU A 103 1.58 0.59 5.32
N GLY A 104 0.78 0.99 6.28
CA GLY A 104 -0.37 1.84 6.13
C GLY A 104 -0.67 2.69 7.36
N HIS A 105 -1.21 3.87 7.11
CA HIS A 105 -1.49 4.88 8.11
C HIS A 105 -2.65 5.79 7.70
N VAL A 106 -3.27 6.44 8.69
CA VAL A 106 -4.33 7.44 8.47
C VAL A 106 -4.27 8.54 9.52
N PHE A 107 -4.51 9.76 9.04
CA PHE A 107 -4.56 10.99 9.83
C PHE A 107 -5.56 12.03 9.26
N PRO A 108 -6.10 12.95 10.09
CA PRO A 108 -6.91 14.06 9.62
C PRO A 108 -6.04 15.20 9.06
N ASP A 109 -6.42 15.78 7.92
CA ASP A 109 -5.59 16.78 7.23
C ASP A 109 -5.59 18.17 7.89
N GLY A 110 -6.39 18.34 8.92
CA GLY A 110 -6.63 19.60 9.63
C GLY A 110 -7.87 19.57 10.54
N PRO A 111 -9.10 19.38 10.02
CA PRO A 111 -10.36 19.49 10.78
C PRO A 111 -10.63 18.23 11.65
N LYS A 112 -11.90 17.99 11.99
CA LYS A 112 -12.39 16.75 12.63
C LYS A 112 -11.92 15.49 11.87
N PRO A 113 -11.94 14.30 12.51
CA PRO A 113 -11.61 13.02 11.86
C PRO A 113 -12.49 12.66 10.65
N THR A 114 -13.55 13.44 10.36
CA THR A 114 -14.26 13.41 9.07
C THR A 114 -13.34 13.74 7.88
N GLY A 115 -12.30 14.56 8.10
CA GLY A 115 -11.27 14.93 7.12
C GLY A 115 -10.03 14.06 7.11
N GLN A 116 -10.20 12.78 7.44
CA GLN A 116 -9.15 11.76 7.36
C GLN A 116 -8.80 11.36 5.93
N ARG A 117 -7.51 11.10 5.67
CA ARG A 117 -7.01 10.51 4.43
C ARG A 117 -6.07 9.35 4.76
N PHE A 118 -6.32 8.18 4.19
CA PHE A 118 -5.52 6.98 4.43
C PHE A 118 -4.42 6.86 3.36
N CYS A 119 -3.18 6.70 3.82
CA CYS A 119 -1.97 6.74 3.00
C CYS A 119 -1.14 5.46 3.22
N ILE A 120 -0.64 4.82 2.15
CA ILE A 120 0.00 3.50 2.19
C ILE A 120 1.34 3.52 1.43
N ASN A 121 2.20 2.52 1.63
CA ASN A 121 3.48 2.43 0.93
C ASN A 121 3.78 1.11 0.22
N SER A 122 3.72 -0.02 0.93
CA SER A 122 4.04 -1.38 0.43
C SER A 122 5.35 -1.48 -0.39
N VAL A 123 6.38 -0.69 -0.04
CA VAL A 123 7.52 -0.25 -0.90
C VAL A 123 8.29 -1.34 -1.68
N ALA A 124 8.24 -2.56 -1.18
CA ALA A 124 8.92 -3.74 -1.72
C ALA A 124 8.09 -5.04 -1.69
N LEU A 125 6.76 -4.96 -1.51
CA LEU A 125 5.87 -6.13 -1.50
C LEU A 125 5.55 -6.60 -2.92
N LYS A 126 4.77 -7.66 -3.04
CA LYS A 126 4.37 -8.24 -4.33
C LYS A 126 2.95 -7.83 -4.71
N PHE A 127 2.78 -7.43 -5.97
CA PHE A 127 1.53 -6.84 -6.46
C PHE A 127 1.19 -7.36 -7.87
N LYS A 128 -0.09 -7.67 -8.09
CA LYS A 128 -0.59 -8.38 -9.28
C LYS A 128 -1.97 -7.84 -9.69
N PRO A 129 -2.28 -7.74 -11.00
CA PRO A 129 -3.65 -7.56 -11.45
C PRO A 129 -4.47 -8.84 -11.28
N SER A 130 -5.77 -8.72 -11.43
CA SER A 130 -6.73 -9.84 -11.36
C SER A 130 -7.21 -10.29 -12.74
N LYS A 131 -7.54 -9.33 -13.61
CA LYS A 131 -7.76 -9.55 -15.03
C LYS A 131 -6.66 -10.41 -15.69
N PRO A 132 -6.98 -11.22 -16.71
CA PRO A 132 -6.00 -11.97 -17.48
C PRO A 132 -5.11 -11.08 -18.37
N ALA A 133 -4.26 -11.74 -19.15
CA ALA A 133 -3.12 -11.19 -19.90
C ALA A 133 -1.95 -10.70 -19.01
N ALA A 134 -1.72 -11.36 -17.87
CA ALA A 134 -0.65 -11.05 -16.93
C ALA A 134 0.70 -11.73 -17.26
N ALA A 135 0.67 -12.80 -18.06
CA ALA A 135 1.85 -13.56 -18.52
C ALA A 135 2.79 -14.05 -17.40
N LEU A 136 2.22 -14.58 -16.31
CA LEU A 136 2.91 -14.79 -15.02
C LEU A 136 2.52 -16.14 -14.38
N GLU A 137 2.40 -17.17 -15.22
CA GLU A 137 2.07 -18.54 -14.84
C GLU A 137 3.01 -19.13 -13.77
N HIS A 138 4.33 -18.89 -13.90
CA HIS A 138 5.36 -19.43 -13.03
C HIS A 138 6.44 -18.38 -12.70
N HIS A 139 7.33 -18.71 -11.76
CA HIS A 139 8.31 -17.77 -11.18
C HIS A 139 9.72 -18.42 -11.16
N HIS A 140 10.58 -18.00 -10.23
CA HIS A 140 11.83 -18.72 -9.93
C HIS A 140 11.82 -19.39 -8.55
N HIS A 141 11.30 -18.71 -7.51
CA HIS A 141 11.51 -19.06 -6.10
C HIS A 141 13.00 -19.13 -5.71
N HIS A 142 13.27 -19.33 -4.41
CA HIS A 142 14.58 -19.69 -3.87
C HIS A 142 14.42 -20.94 -2.97
N HIS A 143 15.53 -21.65 -2.77
CA HIS A 143 15.64 -22.77 -1.82
C HIS A 143 16.04 -22.30 -0.42
ZN ZN B . 2.19 -10.30 5.82
#